data_5HJ3
#
_entry.id   5HJ3
#
_cell.length_a   193.103
_cell.length_b   193.103
_cell.length_c   350.320
_cell.angle_alpha   90.000
_cell.angle_beta   90.000
_cell.angle_gamma   120.000
#
_symmetry.space_group_name_H-M   'H 3'
#
loop_
_entity.id
_entity.type
_entity.pdbx_description
1 polymer 'Envelope glycoprotein'
2 polymer 'Envelope glycoprotein'
3 polymer 'KZ52 Antibody Fragment'
4 polymer 'KZ52 Antibody Fragment'
5 branched alpha-D-mannopyranose-(1-2)-alpha-D-mannopyranose-(1-3)-[alpha-D-mannopyranose-(1-6)-alpha-D-mannopyranose-(1-6)]beta-D-mannopyranose-(1-4)-2-acetamido-2-deoxy-beta-D-glucopyranose-(1-4)-2-acetamido-2-deoxy-beta-D-glucopyranose
#
loop_
_entity_poly.entity_id
_entity_poly.type
_entity_poly.pdbx_seq_one_letter_code
_entity_poly.pdbx_strand_id
1 'polypeptide(L)'
;YPYDVPDYAIEGRGARSIPLGVIHNSTLQVSDVDKLVCRDKLSSTNQLRSVGLNLEGNGVATDVPSATKRWGFRSGVPPK
VVNYEAGEWAENCYNLEIKKPDGSECLPAAPDGIRGFPRCRYVHKVSGTGPCAGDFAFHKEGAFFLYDRLASTVIYRGTT
FAEGVVAFLILPQAKKDFF
;
C,G,K,O
2 'polypeptide(L)'
;EAIVNAQPKCNPNLHYWTTQDEGAAIGLAWIPYFGPAAEGIYTEGLMHNQDGLICGLRQLANETTQALQLFLRATTELRT
FSILNRKAIDFLLQRWGGTCHILGPDCCIEPHDWTKNITDKIDQIIHDFVDKTLPD
;
D,H,L,P
3 'polypeptide(L)'
;EVQLLESGGGLVKPGGSLRLSCAASGFTLINYRMNWVRQAPGKGLEWVSSISSSSSYIHYADSVKGRFTISRDNAENSLY
LQMNSLRAEDTAVYYCVREGPRATGYSMADVFDIWGQGTMVTVSSASTKGPSVFPLAPSSKSTSGGTAALGCLVKDYFPE
PVTVSWNSGALTSGVHTFPAVLQSSGLYSLSSVVTVPSSSLGTQTYICNVNHKPSNTKVDKKVEPK
;
E,I,M,A
4 'polypeptide(L)'
;ELVMTQSPDSLAVSLGERATINCKSSQSVLYSSNNKSYLAWYQQKPGQPPKLLIYWASTRESGVPDRFSGSGSGTDFTLT
ISSLQAEDVAVYYCQQYYSAPLTFGGGTKVEIKRTVAAPSVFIFPPSDEQLKSGTASVVCLLNNFYPREAKVQWKVDNAL
QSGNSQESVTEQDSKDSTYSLSSTLTLSKADYEKHKVYACEVTHQGLRSPVTKSFNR
;
F,J,N,B
#
loop_
_chem_comp.id
_chem_comp.type
_chem_comp.name
_chem_comp.formula
BMA D-saccharide, beta linking beta-D-mannopyranose 'C6 H12 O6'
MAN D-saccharide, alpha linking alpha-D-mannopyranose 'C6 H12 O6'
NAG D-saccharide, beta linking 2-acetamido-2-deoxy-beta-D-glucopyranose 'C8 H15 N O6'
#
# COMPACT_ATOMS: atom_id res chain seq x y z
N ARG A 16 23.29 36.37 29.74
CA ARG A 16 23.19 36.77 28.34
C ARG A 16 23.30 38.28 28.22
N SER A 17 22.98 38.81 27.03
CA SER A 17 22.97 40.25 26.81
C SER A 17 21.61 40.80 27.21
N ILE A 18 21.48 42.13 27.13
CA ILE A 18 20.25 42.79 27.58
C ILE A 18 19.08 42.46 26.66
N PRO A 19 18.02 41.86 27.21
CA PRO A 19 16.85 41.54 26.37
C PRO A 19 16.21 42.78 25.76
N LEU A 20 15.75 42.66 24.52
CA LEU A 20 15.10 43.76 23.81
C LEU A 20 13.72 43.33 23.35
N GLY A 21 12.70 44.00 23.87
CA GLY A 21 11.33 43.67 23.52
C GLY A 21 10.91 44.29 22.21
N VAL A 22 10.20 43.52 21.40
CA VAL A 22 9.73 43.98 20.10
C VAL A 22 8.21 43.99 20.08
N ILE A 23 7.63 45.13 19.69
CA ILE A 23 6.19 45.29 19.68
C ILE A 23 5.63 45.34 18.26
N HIS A 24 4.70 44.43 17.97
CA HIS A 24 3.91 44.48 16.75
C HIS A 24 2.44 44.56 17.12
N ASN A 25 1.74 45.55 16.57
CA ASN A 25 0.36 45.81 16.97
C ASN A 25 0.30 45.98 18.49
N SER A 26 -0.30 45.01 19.18
CA SER A 26 -0.34 45.01 20.63
C SER A 26 0.38 43.79 21.20
N THR A 27 0.98 42.99 20.31
CA THR A 27 1.72 41.80 20.71
C THR A 27 3.15 42.16 21.08
N LEU A 28 3.71 41.44 22.05
CA LEU A 28 5.08 41.66 22.50
C LEU A 28 5.93 40.42 22.34
N GLN A 29 7.10 40.57 21.72
CA GLN A 29 8.03 39.48 21.52
C GLN A 29 9.40 39.87 22.06
N VAL A 30 10.27 38.88 22.28
CA VAL A 30 11.61 39.12 22.77
C VAL A 30 12.63 38.73 21.71
N SER A 31 13.22 39.75 21.08
CA SER A 31 14.22 39.56 20.04
C SER A 31 15.33 38.60 20.45
N ASP A 32 15.43 37.49 19.72
CA ASP A 32 16.52 36.53 19.91
C ASP A 32 17.71 36.95 19.06
N VAL A 33 18.92 36.71 19.56
CA VAL A 33 20.12 37.10 18.86
C VAL A 33 20.43 36.13 17.71
N ASP A 34 20.15 34.85 17.94
CA ASP A 34 20.43 33.83 16.95
C ASP A 34 19.42 33.87 15.81
N LYS A 35 18.16 34.06 16.16
CA LYS A 35 17.10 34.16 15.17
C LYS A 35 16.71 35.61 14.94
N LEU A 36 17.01 36.12 13.74
CA LEU A 36 16.65 37.48 13.37
C LEU A 36 15.38 37.49 12.53
N VAL A 37 14.44 38.35 12.91
CA VAL A 37 13.18 38.48 12.20
C VAL A 37 13.22 39.70 11.29
N CYS A 38 13.17 39.47 9.98
CA CYS A 38 13.21 40.56 9.02
C CYS A 38 11.94 41.39 9.07
N ARG A 39 10.87 40.83 9.62
CA ARG A 39 9.64 41.59 9.82
C ARG A 39 9.90 42.75 10.76
N ASP A 40 10.80 42.54 11.72
CA ASP A 40 11.19 43.62 12.61
C ASP A 40 11.83 44.72 11.78
N LYS A 41 11.30 45.93 11.91
CA LYS A 41 11.82 47.07 11.19
C LYS A 41 12.16 48.20 12.16
N LEU A 42 13.32 48.81 11.95
CA LEU A 42 13.76 49.93 12.75
C LEU A 42 14.28 51.00 11.79
N SER A 43 13.48 52.06 11.61
CA SER A 43 13.79 53.09 10.62
C SER A 43 14.43 54.31 11.25
N SER A 44 14.32 54.43 12.57
CA SER A 44 14.87 55.59 13.26
C SER A 44 15.12 55.29 14.73
N THR A 45 16.19 55.85 15.27
CA THR A 45 16.54 55.62 16.66
C THR A 45 15.41 56.07 17.59
N ASN A 46 14.50 56.90 17.07
CA ASN A 46 13.35 57.36 17.83
C ASN A 46 12.33 56.26 18.11
N GLN A 47 12.49 55.12 17.44
CA GLN A 47 11.64 53.96 17.70
C GLN A 47 12.10 53.23 18.95
N LEU A 48 13.39 53.30 19.22
CA LEU A 48 13.93 52.69 20.43
C LEU A 48 13.52 53.50 21.64
N ARG A 49 12.94 52.83 22.63
CA ARG A 49 12.43 53.49 23.81
C ARG A 49 12.77 52.67 25.05
N SER A 50 13.30 53.33 26.07
CA SER A 50 13.64 52.69 27.33
C SER A 50 12.66 53.15 28.41
N VAL A 51 11.94 52.19 28.99
CA VAL A 51 10.85 52.50 29.92
C VAL A 51 11.18 52.06 31.33
N GLY A 52 10.83 52.89 32.31
CA GLY A 52 10.97 52.54 33.70
C GLY A 52 9.63 52.30 34.36
N LEU A 53 9.43 51.09 34.87
CA LEU A 53 8.16 50.69 35.47
C LEU A 53 8.30 50.49 36.97
N ASN A 54 7.34 51.01 37.73
CA ASN A 54 7.38 50.95 39.17
C ASN A 54 7.08 49.56 39.72
N LEU A 55 7.61 49.27 40.90
CA LEU A 55 7.40 47.98 41.54
C LEU A 55 5.98 47.85 42.08
N GLU A 56 5.40 48.96 42.51
CA GLU A 56 4.07 48.94 43.10
C GLU A 56 3.04 48.34 42.16
N GLY A 57 3.34 48.39 40.87
CA GLY A 57 2.46 47.82 39.87
C GLY A 57 2.46 46.31 39.91
N ASN A 58 3.48 45.73 40.55
CA ASN A 58 3.60 44.28 40.67
C ASN A 58 2.94 43.73 41.93
N GLY A 59 2.35 44.62 42.73
CA GLY A 59 1.65 44.20 43.93
C GLY A 59 2.52 44.29 45.18
N VAL A 60 3.69 44.90 45.06
CA VAL A 60 4.58 45.06 46.19
C VAL A 60 3.94 45.95 47.25
N ALA A 61 4.18 45.64 48.52
CA ALA A 61 3.67 46.44 49.62
C ALA A 61 4.31 47.82 49.61
N THR A 62 3.48 48.86 49.67
CA THR A 62 3.96 50.23 49.62
C THR A 62 4.16 50.84 51.00
N ASP A 63 3.78 50.11 52.04
CA ASP A 63 3.95 50.62 53.40
C ASP A 63 5.43 50.81 53.68
N VAL A 64 5.74 51.76 54.57
CA VAL A 64 7.12 52.14 54.82
C VAL A 64 7.97 51.03 55.43
N PRO A 65 7.44 50.35 56.47
CA PRO A 65 8.32 49.34 57.09
C PRO A 65 8.62 48.16 56.16
N SER A 66 7.67 47.81 55.30
CA SER A 66 7.91 46.74 54.34
C SER A 66 8.92 47.19 53.30
N ALA A 67 8.89 48.48 52.98
CA ALA A 67 9.78 49.04 51.98
C ALA A 67 11.21 49.14 52.48
N THR A 68 11.38 49.64 53.69
CA THR A 68 12.70 49.81 54.28
C THR A 68 13.40 48.45 54.40
N LYS A 69 12.60 47.40 54.55
CA LYS A 69 13.13 46.05 54.66
C LYS A 69 13.69 45.57 53.32
N ARG A 70 13.28 46.22 52.24
CA ARG A 70 13.76 45.88 50.90
C ARG A 70 15.06 46.59 50.57
N TRP A 71 15.46 47.52 51.42
CA TRP A 71 16.68 48.29 51.22
C TRP A 71 17.70 47.95 52.29
N GLY A 72 18.98 48.08 51.96
CA GLY A 72 20.04 47.77 52.90
C GLY A 72 21.36 48.42 52.51
N PHE A 73 22.27 48.51 53.48
CA PHE A 73 23.56 49.15 53.25
C PHE A 73 24.63 48.12 52.92
N ARG A 74 25.64 48.55 52.17
CA ARG A 74 26.75 47.68 51.78
C ARG A 74 27.93 48.52 51.29
N SER A 75 29.13 47.96 51.39
CA SER A 75 30.34 48.65 50.93
C SER A 75 31.12 47.76 49.97
N GLY A 76 32.04 48.37 49.23
CA GLY A 76 32.83 47.65 48.26
C GLY A 76 32.12 47.52 46.92
N VAL A 77 31.04 48.28 46.76
CA VAL A 77 30.24 48.26 45.54
C VAL A 77 30.00 49.67 45.04
N PRO A 78 30.73 50.08 43.99
CA PRO A 78 30.53 51.43 43.45
C PRO A 78 29.10 51.65 42.99
N PRO A 79 28.61 52.89 43.03
CA PRO A 79 27.25 53.17 42.56
C PRO A 79 27.18 53.23 41.04
N LYS A 80 26.08 52.79 40.46
CA LYS A 80 25.91 52.82 39.02
C LYS A 80 24.55 53.38 38.62
N VAL A 81 24.51 54.03 37.45
CA VAL A 81 23.34 54.74 36.97
C VAL A 81 23.11 54.52 35.48
N VAL A 82 21.84 54.37 35.12
CA VAL A 82 21.40 54.31 33.72
C VAL A 82 20.37 55.37 33.44
N ASN A 83 20.16 55.63 32.16
CA ASN A 83 19.12 56.56 31.73
C ASN A 83 17.91 55.79 31.21
N TYR A 84 16.73 56.24 31.62
CA TYR A 84 15.49 55.71 31.06
C TYR A 84 14.64 56.88 30.57
N GLU A 85 14.04 56.71 29.41
CA GLU A 85 13.44 57.83 28.68
C GLU A 85 12.03 58.14 29.14
N ALA A 86 11.32 57.13 29.62
CA ALA A 86 9.93 57.31 30.02
C ALA A 86 9.60 56.49 31.25
N GLY A 87 8.69 57.02 32.08
CA GLY A 87 8.33 56.37 33.32
C GLY A 87 6.85 56.45 33.63
N GLU A 88 6.46 55.75 34.69
CA GLU A 88 5.07 55.63 35.08
C GLU A 88 4.73 56.51 36.28
N TRP A 89 3.53 57.05 36.30
CA TRP A 89 3.06 57.81 37.45
C TRP A 89 3.00 56.90 38.67
N ALA A 90 3.61 57.34 39.77
CA ALA A 90 3.69 56.55 40.98
C ALA A 90 2.70 57.02 42.02
N GLU A 91 2.02 56.07 42.66
CA GLU A 91 1.12 56.39 43.76
C GLU A 91 1.92 56.68 45.02
N ASN A 92 2.98 55.90 45.23
CA ASN A 92 3.82 56.01 46.41
C ASN A 92 5.28 56.16 46.05
N CYS A 93 5.89 57.24 46.54
CA CYS A 93 7.33 57.45 46.40
C CYS A 93 7.95 57.56 47.78
N TYR A 94 9.27 57.72 47.85
CA TYR A 94 9.97 57.77 49.12
C TYR A 94 11.10 58.79 49.12
N ASN A 95 11.31 59.43 50.25
CA ASN A 95 12.37 60.42 50.42
C ASN A 95 13.04 60.22 51.77
N LEU A 96 14.28 59.73 51.76
CA LEU A 96 14.99 59.38 52.98
C LEU A 96 15.98 60.45 53.41
N GLU A 97 15.95 60.78 54.70
CA GLU A 97 16.96 61.64 55.32
C GLU A 97 17.35 61.02 56.65
N ILE A 98 18.38 60.20 56.65
CA ILE A 98 18.75 59.43 57.85
C ILE A 98 20.22 59.59 58.21
N LYS A 99 20.50 59.39 59.50
CA LYS A 99 21.83 59.60 60.06
C LYS A 99 22.24 58.43 60.94
N LYS A 100 23.35 58.59 61.65
CA LYS A 100 23.78 57.63 62.65
C LYS A 100 23.85 58.32 64.01
N PRO A 101 23.95 57.56 65.10
CA PRO A 101 23.96 58.10 66.46
C PRO A 101 24.85 59.32 66.65
N ASP A 102 25.98 59.38 65.95
CA ASP A 102 26.89 60.52 66.08
C ASP A 102 26.42 61.72 65.27
N GLY A 103 25.22 61.63 64.71
CA GLY A 103 24.61 62.75 64.03
C GLY A 103 25.03 62.93 62.59
N SER A 104 25.95 62.09 62.13
CA SER A 104 26.48 62.20 60.77
C SER A 104 25.56 61.50 59.76
N GLU A 105 25.48 62.07 58.56
CA GLU A 105 24.66 61.50 57.49
C GLU A 105 25.25 60.19 56.99
N CYS A 106 24.40 59.21 56.74
CA CYS A 106 24.84 57.94 56.16
C CYS A 106 24.38 57.78 54.71
N LEU A 107 23.75 58.80 54.17
CA LEU A 107 23.33 58.81 52.76
C LEU A 107 24.01 59.94 51.99
N PRO A 108 24.47 59.65 50.77
CA PRO A 108 25.18 60.67 49.99
C PRO A 108 24.26 61.70 49.38
N ALA A 109 24.76 62.91 49.19
CA ALA A 109 23.99 63.96 48.55
C ALA A 109 23.82 63.65 47.07
N ALA A 110 22.66 64.00 46.52
CA ALA A 110 22.36 63.72 45.12
C ALA A 110 23.32 64.50 44.23
N PRO A 111 24.15 63.79 43.44
CA PRO A 111 25.09 64.52 42.59
C PRO A 111 24.39 65.36 41.54
N ASP A 112 25.11 66.32 40.96
CA ASP A 112 24.55 67.25 40.00
C ASP A 112 23.91 66.50 38.85
N GLY A 113 22.65 66.80 38.57
CA GLY A 113 21.93 66.21 37.46
C GLY A 113 20.81 65.27 37.87
N ILE A 114 20.88 64.75 39.08
CA ILE A 114 19.85 63.84 39.59
C ILE A 114 18.80 64.59 40.39
N ARG A 115 17.57 64.57 39.88
CA ARG A 115 16.44 65.23 40.52
C ARG A 115 15.43 64.20 41.01
N GLY A 116 14.38 64.66 41.67
CA GLY A 116 13.39 63.75 42.21
C GLY A 116 12.46 63.21 41.14
N PHE A 117 11.86 62.05 41.42
CA PHE A 117 10.93 61.42 40.50
C PHE A 117 9.83 62.42 40.13
N PRO A 118 9.53 62.55 38.82
CA PRO A 118 8.70 63.65 38.35
C PRO A 118 7.23 63.57 38.74
N ARG A 119 6.73 62.36 39.01
CA ARG A 119 5.32 62.17 39.28
C ARG A 119 5.06 61.27 40.49
N CYS A 120 4.55 61.86 41.56
CA CYS A 120 4.20 61.14 42.77
C CYS A 120 2.89 61.66 43.36
N ARG A 121 1.98 60.75 43.67
CA ARG A 121 0.74 61.12 44.36
C ARG A 121 1.05 61.37 45.83
N TYR A 122 1.46 60.31 46.53
CA TYR A 122 1.87 60.40 47.91
C TYR A 122 3.39 60.24 48.02
N VAL A 123 4.03 61.18 48.71
CA VAL A 123 5.47 61.11 48.95
C VAL A 123 5.74 60.85 50.43
N HIS A 124 6.25 59.67 50.73
CA HIS A 124 6.53 59.30 52.12
C HIS A 124 7.87 59.84 52.57
N LYS A 125 7.84 60.98 53.24
CA LYS A 125 9.05 61.59 53.78
C LYS A 125 9.50 60.76 54.98
N VAL A 126 10.74 60.29 54.94
CA VAL A 126 11.25 59.41 55.99
C VAL A 126 12.49 60.00 56.66
N SER A 127 12.46 60.00 57.99
CA SER A 127 13.61 60.40 58.79
C SER A 127 13.86 59.33 59.84
N GLY A 128 15.08 59.27 60.35
CA GLY A 128 15.42 58.30 61.37
C GLY A 128 16.91 58.19 61.59
N THR A 129 17.30 57.29 62.49
CA THR A 129 18.70 57.05 62.79
C THR A 129 18.90 55.56 62.96
N GLY A 130 20.12 55.09 62.69
CA GLY A 130 20.42 53.69 62.82
C GLY A 130 21.86 53.38 62.46
N PRO A 131 22.21 52.09 62.47
CA PRO A 131 23.57 51.63 62.14
C PRO A 131 23.78 51.50 60.64
N CYS A 132 24.20 52.58 59.99
CA CYS A 132 24.53 52.54 58.57
C CYS A 132 25.75 51.64 58.38
N ALA A 133 25.51 50.38 58.06
CA ALA A 133 26.56 49.38 58.00
C ALA A 133 27.30 49.39 56.67
N GLY A 134 27.06 50.40 55.85
CA GLY A 134 27.70 50.49 54.56
C GLY A 134 27.77 51.92 54.04
N ASP A 135 28.60 52.12 53.02
CA ASP A 135 28.77 53.45 52.44
C ASP A 135 27.53 53.85 51.65
N PHE A 136 26.98 52.90 50.88
CA PHE A 136 25.82 53.17 50.04
C PHE A 136 24.69 52.19 50.33
N ALA A 137 23.46 52.63 50.06
CA ALA A 137 22.27 51.83 50.33
C ALA A 137 21.67 51.29 49.04
N PHE A 138 21.74 49.97 48.86
CA PHE A 138 21.29 49.32 47.64
C PHE A 138 19.92 48.68 47.82
N HIS A 139 19.42 48.07 46.76
CA HIS A 139 18.14 47.37 46.80
C HIS A 139 18.37 45.87 46.96
N LYS A 140 17.73 45.28 47.96
CA LYS A 140 17.94 43.88 48.28
C LYS A 140 17.44 42.95 47.19
N GLU A 141 16.35 43.33 46.53
CA GLU A 141 15.75 42.48 45.52
C GLU A 141 16.37 42.70 44.14
N GLY A 142 17.27 43.67 44.04
CA GLY A 142 18.00 43.91 42.81
C GLY A 142 17.37 44.97 41.93
N ALA A 143 16.26 45.55 42.38
CA ALA A 143 15.57 46.57 41.60
C ALA A 143 16.35 47.86 41.58
N PHE A 144 15.79 48.87 40.92
CA PHE A 144 16.43 50.18 40.81
C PHE A 144 15.64 51.22 41.58
N PHE A 145 16.32 52.27 42.02
CA PHE A 145 15.65 53.44 42.57
C PHE A 145 15.51 54.44 41.44
N LEU A 146 14.29 54.60 40.93
CA LEU A 146 14.07 55.46 39.77
C LEU A 146 13.96 56.91 40.18
N TYR A 147 14.80 57.74 39.56
CA TYR A 147 14.76 59.17 39.73
C TYR A 147 14.32 59.81 38.42
N ASP A 148 14.60 61.10 38.25
CA ASP A 148 14.22 61.80 37.03
C ASP A 148 15.01 61.30 35.83
N ARG A 149 14.37 60.45 35.03
CA ARG A 149 14.98 59.87 33.83
C ARG A 149 16.32 59.20 34.11
N LEU A 150 16.53 58.80 35.36
CA LEU A 150 17.75 58.10 35.75
C LEU A 150 17.45 57.05 36.80
N ALA A 151 17.88 55.83 36.54
CA ALA A 151 17.75 54.74 37.50
C ALA A 151 19.10 54.45 38.14
N SER A 152 19.16 54.55 39.46
CA SER A 152 20.39 54.33 40.20
C SER A 152 20.29 53.09 41.06
N THR A 153 21.45 52.55 41.42
CA THR A 153 21.51 51.37 42.29
C THR A 153 21.62 51.77 43.75
N VAL A 154 21.56 53.07 44.02
CA VAL A 154 21.78 53.58 45.37
C VAL A 154 20.79 54.68 45.71
N ILE A 155 20.45 54.79 46.99
CA ILE A 155 19.57 55.85 47.47
C ILE A 155 20.38 57.12 47.72
N TYR A 156 19.87 58.24 47.23
CA TYR A 156 20.51 59.53 47.43
C TYR A 156 19.80 60.30 48.53
N ARG A 157 20.54 61.15 49.22
CA ARG A 157 20.03 61.87 50.36
C ARG A 157 19.00 62.90 49.96
N GLY A 158 17.86 62.90 50.66
CA GLY A 158 16.89 63.98 50.57
C GLY A 158 16.14 64.10 49.27
N THR A 159 16.46 63.25 48.29
CA THR A 159 15.79 63.30 46.99
C THR A 159 14.75 62.21 46.86
N THR A 160 13.51 62.63 46.63
CA THR A 160 12.40 61.71 46.48
C THR A 160 12.65 60.74 45.32
N PHE A 161 12.26 59.48 45.51
CA PHE A 161 12.45 58.47 44.49
C PHE A 161 11.33 57.43 44.50
N ALA A 162 11.23 56.67 43.42
CA ALA A 162 10.32 55.54 43.33
C ALA A 162 11.12 54.34 42.89
N GLU A 163 10.78 53.17 43.41
CA GLU A 163 11.53 51.96 43.13
C GLU A 163 10.90 51.14 42.02
N GLY A 164 11.68 50.84 40.99
CA GLY A 164 11.17 50.16 39.83
C GLY A 164 12.24 49.45 39.04
N VAL A 165 11.90 49.06 37.81
CA VAL A 165 12.82 48.35 36.93
C VAL A 165 12.70 48.88 35.51
N VAL A 166 13.73 48.64 34.69
CA VAL A 166 13.81 49.21 33.35
C VAL A 166 13.65 48.14 32.28
N ALA A 167 12.99 48.51 31.19
CA ALA A 167 12.84 47.65 30.03
C ALA A 167 13.18 48.44 28.77
N PHE A 168 13.69 47.74 27.75
CA PHE A 168 14.07 48.38 26.50
C PHE A 168 13.20 47.87 25.38
N LEU A 169 12.75 48.77 24.52
CA LEU A 169 11.79 48.43 23.48
C LEU A 169 12.17 48.96 22.12
N ILE A 170 11.64 48.31 21.10
CA ILE A 170 11.67 48.82 19.73
C ILE A 170 10.22 48.89 19.28
N LEU A 171 9.69 50.10 19.22
CA LEU A 171 8.27 50.33 19.00
C LEU A 171 7.88 49.98 17.57
N PRO A 172 6.57 49.88 17.30
CA PRO A 172 6.09 49.58 15.95
C PRO A 172 6.31 50.73 14.99
N GLN A 173 6.00 50.50 13.72
CA GLN A 173 6.19 51.52 12.69
C GLN A 173 5.25 52.69 12.92
N ALA A 174 5.84 53.83 13.29
CA ALA A 174 5.07 55.04 13.57
C ALA A 174 5.23 56.05 12.44
N ILE B 3 6.85 36.26 26.53
CA ILE B 3 6.79 36.81 27.89
C ILE B 3 5.44 36.54 28.53
N VAL B 4 5.48 36.11 29.79
CA VAL B 4 4.28 35.79 30.54
C VAL B 4 4.43 36.29 31.96
N ASN B 5 3.56 37.21 32.36
CA ASN B 5 3.65 37.83 33.67
C ASN B 5 3.51 36.79 34.78
N ALA B 6 4.51 36.76 35.66
CA ALA B 6 4.53 35.85 36.80
C ALA B 6 4.43 36.63 38.10
N GLN B 7 4.20 37.93 38.01
CA GLN B 7 4.09 38.78 39.18
C GLN B 7 2.76 38.52 39.86
N PRO B 8 2.70 38.65 41.19
CA PRO B 8 1.46 38.34 41.91
C PRO B 8 0.29 39.22 41.46
N LYS B 9 0.53 40.52 41.32
CA LYS B 9 -0.47 41.44 40.81
C LYS B 9 0.10 42.22 39.64
N CYS B 10 -0.79 42.74 38.80
CA CYS B 10 -0.37 43.52 37.64
C CYS B 10 -1.34 44.63 37.32
N ASN B 11 -0.88 45.87 37.43
CA ASN B 11 -1.69 47.02 37.08
C ASN B 11 -1.81 47.13 35.57
N PRO B 12 -3.02 46.91 35.01
CA PRO B 12 -3.13 46.93 33.56
C PRO B 12 -3.00 48.34 32.99
N ASN B 13 -3.45 49.33 33.74
CA ASN B 13 -3.38 50.71 33.28
C ASN B 13 -1.98 51.31 33.46
N LEU B 14 -1.42 51.82 32.37
CA LEU B 14 -0.13 52.46 32.40
C LEU B 14 -0.26 53.96 32.16
N HIS B 15 -0.32 54.72 33.23
CA HIS B 15 -0.32 56.18 33.15
C HIS B 15 1.12 56.64 33.18
N TYR B 16 1.62 57.07 32.03
CA TYR B 16 3.05 57.32 31.87
C TYR B 16 3.39 58.78 31.62
N TRP B 17 4.68 59.10 31.79
CA TRP B 17 5.21 60.41 31.49
C TRP B 17 6.47 60.25 30.65
N THR B 18 6.78 61.27 29.85
CA THR B 18 7.96 61.24 29.01
C THR B 18 8.37 62.65 28.61
N THR B 19 9.48 62.76 27.91
CA THR B 19 10.04 64.05 27.50
C THR B 19 9.65 64.40 26.07
N GLN B 20 9.85 63.47 25.15
CA GLN B 20 9.58 63.71 23.73
C GLN B 20 8.17 64.25 23.49
N ASP B 21 8.09 65.35 22.77
CA ASP B 21 6.84 66.07 22.55
C ASP B 21 6.32 65.85 21.13
N GLU B 22 5.20 66.49 20.82
CA GLU B 22 4.57 66.36 19.52
C GLU B 22 4.68 67.66 18.73
N GLY B 23 4.11 68.73 19.26
CA GLY B 23 4.04 70.00 18.56
C GLY B 23 5.03 71.00 19.11
N ALA B 24 6.05 71.29 18.32
CA ALA B 24 7.16 72.12 18.78
C ALA B 24 6.79 73.60 18.75
N ALA B 25 5.75 73.92 17.98
CA ALA B 25 5.35 75.31 17.79
C ALA B 25 4.38 75.81 18.87
N ILE B 26 4.94 76.18 20.01
CA ILE B 26 4.18 76.82 21.08
C ILE B 26 4.63 78.27 21.17
N GLY B 27 5.22 78.75 20.08
CA GLY B 27 5.79 80.09 20.04
C GLY B 27 7.26 80.08 20.40
N LEU B 28 7.60 80.79 21.47
CA LEU B 28 8.98 80.90 21.92
C LEU B 28 9.25 80.00 23.13
N ALA B 29 8.31 79.12 23.43
CA ALA B 29 8.40 78.29 24.62
C ALA B 29 9.59 77.32 24.58
N TRP B 30 10.22 77.18 23.42
CA TRP B 30 11.36 76.28 23.28
C TRP B 30 12.62 76.89 23.89
N ILE B 31 12.61 78.20 24.08
CA ILE B 31 13.76 78.89 24.65
C ILE B 31 13.88 78.56 26.14
N PRO B 32 15.09 78.20 26.60
CA PRO B 32 15.25 77.81 28.00
C PRO B 32 14.92 78.92 28.98
N TYR B 33 15.22 80.16 28.63
CA TYR B 33 14.92 81.30 29.50
C TYR B 33 13.43 81.34 29.79
N PHE B 34 12.63 81.17 28.74
CA PHE B 34 11.19 81.01 28.89
C PHE B 34 10.89 79.52 29.04
N GLY B 35 9.66 79.12 28.74
CA GLY B 35 9.33 77.72 28.72
C GLY B 35 9.27 77.08 30.09
N PRO B 36 8.89 75.80 30.15
CA PRO B 36 8.60 75.06 31.38
C PRO B 36 9.76 75.00 32.36
N ALA B 37 9.44 74.91 33.64
CA ALA B 37 10.44 74.66 34.66
C ALA B 37 10.75 73.18 34.68
N ALA B 38 11.57 72.75 35.63
CA ALA B 38 12.05 71.37 35.67
C ALA B 38 10.91 70.35 35.71
N GLU B 39 9.79 70.72 36.32
CA GLU B 39 8.69 69.79 36.52
C GLU B 39 7.57 69.95 35.51
N GLY B 40 7.81 70.70 34.45
CA GLY B 40 6.82 70.95 33.42
C GLY B 40 7.22 70.47 32.04
N ILE B 41 8.43 69.94 31.92
CA ILE B 41 8.96 69.51 30.63
C ILE B 41 8.30 68.25 30.10
N TYR B 42 7.51 67.60 30.96
CA TYR B 42 6.98 66.27 30.64
C TYR B 42 5.64 66.34 29.93
N THR B 43 5.31 65.25 29.23
CA THR B 43 3.99 65.07 28.66
C THR B 43 3.46 63.73 29.16
N GLU B 44 2.16 63.66 29.44
CA GLU B 44 1.57 62.46 29.99
C GLU B 44 0.74 61.74 28.95
N GLY B 45 0.43 60.47 29.22
CA GLY B 45 -0.40 59.68 28.35
C GLY B 45 -0.94 58.48 29.11
N LEU B 46 -1.78 57.70 28.45
CA LEU B 46 -2.35 56.51 29.06
C LEU B 46 -2.43 55.36 28.07
N MET B 47 -1.67 54.30 28.35
CA MET B 47 -1.72 53.08 27.56
C MET B 47 -2.47 52.00 28.31
N HIS B 48 -3.35 51.30 27.60
CA HIS B 48 -4.17 50.25 28.20
C HIS B 48 -3.58 48.87 27.93
N ASN B 49 -3.91 47.92 28.80
CA ASN B 49 -3.41 46.56 28.69
C ASN B 49 -4.07 45.80 27.56
N GLN B 50 -3.72 46.16 26.32
CA GLN B 50 -4.33 45.54 25.16
C GLN B 50 -3.62 44.23 24.83
N ASP B 51 -4.36 43.14 24.91
CA ASP B 51 -3.80 41.81 24.70
C ASP B 51 -2.61 41.58 25.62
N GLY B 52 -2.78 42.00 26.88
CA GLY B 52 -1.77 41.78 27.90
C GLY B 52 -0.45 42.45 27.60
N LEU B 53 -0.48 43.51 26.81
CA LEU B 53 0.73 44.22 26.43
C LEU B 53 1.45 44.77 27.65
N ILE B 54 0.72 45.50 28.49
CA ILE B 54 1.32 46.13 29.66
C ILE B 54 1.89 45.08 30.59
N CYS B 55 1.05 44.11 30.96
CA CYS B 55 1.49 43.02 31.83
C CYS B 55 2.68 42.29 31.23
N GLY B 56 2.80 42.35 29.91
CA GLY B 56 3.97 41.82 29.23
C GLY B 56 5.19 42.68 29.47
N LEU B 57 5.04 43.99 29.27
CA LEU B 57 6.11 44.93 29.52
C LEU B 57 6.61 44.84 30.95
N ARG B 58 5.67 44.74 31.88
CA ARG B 58 5.99 44.67 33.29
C ARG B 58 6.91 43.49 33.59
N GLN B 59 6.60 42.34 33.02
CA GLN B 59 7.42 41.15 33.21
C GLN B 59 8.76 41.33 32.51
N LEU B 60 8.73 41.93 31.33
CA LEU B 60 9.95 42.14 30.56
C LEU B 60 10.93 43.00 31.35
N ALA B 61 10.43 44.04 32.00
CA ALA B 61 11.26 44.92 32.81
C ALA B 61 11.88 44.14 33.96
N ASN B 62 11.17 43.12 34.42
CA ASN B 62 11.65 42.28 35.51
C ASN B 62 12.79 41.38 35.05
N GLU B 63 12.61 40.73 33.91
CA GLU B 63 13.60 39.79 33.40
C GLU B 63 14.84 40.51 32.88
N THR B 64 14.69 41.75 32.45
CA THR B 64 15.82 42.51 31.93
C THR B 64 16.75 42.94 33.04
N THR B 65 16.24 43.01 34.26
CA THR B 65 16.99 43.55 35.38
C THR B 65 18.32 42.83 35.60
N GLN B 66 18.31 41.51 35.53
CA GLN B 66 19.52 40.74 35.77
C GLN B 66 20.63 41.13 34.80
N ALA B 67 20.35 41.01 33.51
CA ALA B 67 21.34 41.31 32.48
C ALA B 67 21.79 42.76 32.55
N LEU B 68 20.87 43.65 32.88
CA LEU B 68 21.17 45.07 32.94
C LEU B 68 22.09 45.39 34.09
N GLN B 69 21.84 44.75 35.23
CA GLN B 69 22.60 45.01 36.44
C GLN B 69 24.04 44.57 36.26
N LEU B 70 24.22 43.48 35.54
CA LEU B 70 25.56 42.95 35.28
C LEU B 70 26.31 43.82 34.28
N PHE B 71 25.58 44.32 33.28
CA PHE B 71 26.17 45.22 32.29
C PHE B 71 26.74 46.44 32.97
N LEU B 72 26.05 46.91 34.00
CA LEU B 72 26.49 48.09 34.74
C LEU B 72 27.71 47.79 35.59
N ARG B 73 27.77 46.57 36.12
CA ARG B 73 28.92 46.14 36.91
C ARG B 73 30.18 46.17 36.06
N ALA B 74 30.03 45.76 34.80
CA ALA B 74 31.16 45.65 33.90
C ALA B 74 31.73 47.03 33.56
N THR B 75 30.84 47.96 33.22
CA THR B 75 31.27 49.30 32.86
C THR B 75 31.74 50.06 34.09
N THR B 76 32.59 51.06 33.87
CA THR B 76 33.14 51.86 34.96
C THR B 76 32.64 53.29 34.94
N GLU B 77 31.85 53.64 33.94
CA GLU B 77 31.28 54.97 33.85
C GLU B 77 30.07 55.09 34.78
N LEU B 78 29.95 56.24 35.42
CA LEU B 78 28.92 56.45 36.42
C LEU B 78 27.52 56.39 35.81
N ARG B 79 27.30 57.20 34.78
CA ARG B 79 26.00 57.29 34.14
C ARG B 79 26.07 56.83 32.69
N THR B 80 25.27 55.82 32.36
CA THR B 80 25.30 55.19 31.05
C THR B 80 24.09 55.58 30.23
N PHE B 81 24.32 56.28 29.13
CA PHE B 81 23.26 56.71 28.23
C PHE B 81 23.35 56.02 26.88
N SER B 82 24.38 55.19 26.70
CA SER B 82 24.72 54.65 25.39
C SER B 82 24.05 53.31 25.07
N ILE B 83 23.14 52.87 25.91
CA ILE B 83 22.53 51.54 25.74
C ILE B 83 21.69 51.46 24.47
N LEU B 84 20.83 52.45 24.27
CA LEU B 84 19.90 52.43 23.14
C LEU B 84 20.61 52.55 21.79
N ASN B 85 21.63 53.40 21.73
CA ASN B 85 22.40 53.52 20.50
C ASN B 85 23.17 52.24 20.23
N ARG B 86 23.63 51.60 21.30
CA ARG B 86 24.32 50.33 21.20
C ARG B 86 23.37 49.26 20.66
N LYS B 87 22.12 49.31 21.10
CA LYS B 87 21.11 48.37 20.64
C LYS B 87 20.78 48.61 19.18
N ALA B 88 20.92 49.85 18.74
CA ALA B 88 20.66 50.21 17.35
C ALA B 88 21.79 49.68 16.46
N ILE B 89 23.01 49.73 16.96
CA ILE B 89 24.16 49.24 16.21
C ILE B 89 24.12 47.71 16.13
N ASP B 90 23.85 47.05 17.25
CA ASP B 90 23.75 45.60 17.27
C ASP B 90 22.65 45.14 16.32
N PHE B 91 21.61 45.95 16.19
CA PHE B 91 20.49 45.63 15.31
C PHE B 91 20.96 45.60 13.86
N LEU B 92 21.79 46.57 13.48
CA LEU B 92 22.30 46.64 12.11
C LEU B 92 23.31 45.54 11.85
N LEU B 93 24.24 45.35 12.77
CA LEU B 93 25.29 44.36 12.62
C LEU B 93 24.68 42.98 12.44
N GLN B 94 23.59 42.73 13.15
CA GLN B 94 22.87 41.46 13.07
C GLN B 94 22.44 41.17 11.64
N ARG B 95 21.98 42.21 10.94
CA ARG B 95 21.48 42.07 9.58
C ARG B 95 22.59 42.24 8.55
N TRP B 96 23.50 43.17 8.80
CA TRP B 96 24.59 43.48 7.87
C TRP B 96 25.94 43.47 8.57
N GLY B 97 26.46 42.28 8.85
CA GLY B 97 27.69 42.17 9.62
C GLY B 97 29.05 42.02 8.93
N GLY B 98 29.16 41.45 7.73
CA GLY B 98 28.08 40.83 6.99
C GLY B 98 28.32 40.75 5.50
N THR B 99 28.20 39.56 4.95
CA THR B 99 28.21 39.37 3.51
C THR B 99 26.81 38.83 3.23
N CYS B 100 26.06 39.54 2.39
CA CYS B 100 24.63 39.28 2.28
C CYS B 100 24.25 38.41 1.09
N HIS B 101 23.78 37.21 1.38
CA HIS B 101 23.26 36.30 0.36
C HIS B 101 21.76 36.51 0.21
N ILE B 102 21.31 36.89 -0.97
CA ILE B 102 19.90 37.25 -1.17
C ILE B 102 18.95 36.09 -0.87
N LEU B 103 19.15 34.96 -1.53
CA LEU B 103 18.26 33.81 -1.38
C LEU B 103 18.34 33.23 0.03
N GLY B 104 19.56 33.17 0.57
CA GLY B 104 19.78 32.57 1.88
C GLY B 104 19.19 33.40 3.00
N PRO B 105 19.16 32.84 4.22
CA PRO B 105 18.67 33.54 5.40
C PRO B 105 19.70 34.51 5.96
N ASP B 106 19.40 35.13 7.10
CA ASP B 106 20.29 36.10 7.73
C ASP B 106 20.63 37.22 6.76
N CYS B 107 19.70 37.50 5.86
CA CYS B 107 19.85 38.58 4.89
C CYS B 107 18.48 39.04 4.42
N CYS B 108 18.19 40.32 4.60
CA CYS B 108 16.88 40.86 4.28
C CYS B 108 16.90 41.61 2.96
N ILE B 109 16.79 40.85 1.87
CA ILE B 109 16.73 41.41 0.52
C ILE B 109 15.74 40.62 -0.32
N GLU B 110 15.03 41.31 -1.21
CA GLU B 110 14.07 40.68 -2.10
C GLU B 110 14.20 41.23 -3.51
N PRO B 111 14.25 40.35 -4.54
CA PRO B 111 14.45 40.82 -5.90
C PRO B 111 13.16 41.11 -6.68
N HIS B 112 12.63 42.31 -6.49
CA HIS B 112 11.35 42.74 -7.10
C HIS B 112 11.12 44.22 -6.81
N GLU C 1 -39.96 -2.48 15.43
CA GLU C 1 -38.50 -2.42 15.71
C GLU C 1 -37.83 -1.31 14.93
N VAL C 2 -37.99 -1.34 13.60
CA VAL C 2 -37.41 -0.33 12.73
C VAL C 2 -38.36 0.86 12.59
N GLN C 3 -37.89 2.04 12.96
CA GLN C 3 -38.69 3.25 12.86
C GLN C 3 -37.86 4.52 13.10
N LEU C 4 -38.50 5.67 12.93
CA LEU C 4 -37.84 6.97 13.06
C LEU C 4 -38.64 7.92 13.96
N LEU C 5 -38.00 8.40 15.03
CA LEU C 5 -38.64 9.32 15.96
C LEU C 5 -38.21 10.76 15.67
N GLU C 6 -39.19 11.62 15.39
CA GLU C 6 -38.90 13.01 15.05
C GLU C 6 -39.19 13.96 16.21
N SER C 7 -38.47 15.08 16.24
CA SER C 7 -38.65 16.10 17.27
C SER C 7 -38.75 17.48 16.64
N GLY C 8 -38.70 18.51 17.47
CA GLY C 8 -38.66 19.88 17.00
C GLY C 8 -39.89 20.29 16.21
N GLY C 9 -39.83 21.48 15.61
CA GLY C 9 -40.92 22.01 14.83
C GLY C 9 -41.78 22.97 15.65
N GLY C 10 -42.96 23.30 15.14
CA GLY C 10 -43.88 24.18 15.82
C GLY C 10 -44.12 25.49 15.10
N LEU C 11 -44.49 26.52 15.86
CA LEU C 11 -44.80 27.83 15.31
C LEU C 11 -43.56 28.71 15.24
N VAL C 12 -43.47 29.51 14.20
CA VAL C 12 -42.36 30.45 14.04
C VAL C 12 -42.77 31.58 13.10
N LYS C 13 -42.31 32.79 13.40
CA LYS C 13 -42.66 33.96 12.59
C LYS C 13 -41.81 33.98 11.32
N PRO C 14 -42.27 34.70 10.29
CA PRO C 14 -41.51 34.78 9.02
C PRO C 14 -40.09 35.28 9.22
N GLY C 15 -39.12 34.57 8.69
CA GLY C 15 -37.73 34.91 8.85
C GLY C 15 -37.07 34.16 10.00
N GLY C 16 -37.90 33.58 10.87
CA GLY C 16 -37.41 32.85 12.01
C GLY C 16 -36.67 31.58 11.60
N SER C 17 -36.19 30.84 12.59
CA SER C 17 -35.43 29.62 12.34
C SER C 17 -35.88 28.47 13.21
N LEU C 18 -35.71 27.26 12.70
CA LEU C 18 -36.09 26.05 13.43
C LEU C 18 -35.18 24.89 13.06
N ARG C 19 -35.08 23.91 13.94
CA ARG C 19 -34.24 22.75 13.71
C ARG C 19 -34.99 21.44 13.97
N LEU C 20 -35.26 20.71 12.90
CA LEU C 20 -35.91 19.42 13.01
C LEU C 20 -34.88 18.35 13.33
N SER C 21 -35.25 17.42 14.21
CA SER C 21 -34.38 16.32 14.59
C SER C 21 -35.06 15.01 14.26
N CYS C 22 -34.26 13.97 14.00
CA CYS C 22 -34.78 12.64 13.69
C CYS C 22 -33.83 11.59 14.21
N ALA C 23 -34.34 10.65 15.00
CA ALA C 23 -33.52 9.61 15.61
C ALA C 23 -33.95 8.24 15.11
N ALA C 24 -33.00 7.49 14.58
CA ALA C 24 -33.30 6.18 14.01
C ALA C 24 -33.17 5.08 15.05
N SER C 25 -33.96 4.02 14.87
CA SER C 25 -33.89 2.85 15.73
C SER C 25 -34.16 1.61 14.90
N GLY C 26 -33.37 0.56 15.12
CA GLY C 26 -33.55 -0.70 14.42
C GLY C 26 -32.61 -0.86 13.24
N PHE C 27 -31.79 0.15 12.98
CA PHE C 27 -30.81 0.07 11.90
C PHE C 27 -29.75 1.17 12.06
N THR C 28 -28.80 1.21 11.13
CA THR C 28 -27.71 2.19 11.17
C THR C 28 -27.80 3.14 10.00
N LEU C 29 -27.75 4.44 10.28
CA LEU C 29 -27.86 5.45 9.23
C LEU C 29 -26.72 5.35 8.22
N ILE C 30 -25.62 4.74 8.61
CA ILE C 30 -24.46 4.63 7.73
C ILE C 30 -24.84 3.85 6.48
N ASN C 31 -25.75 2.90 6.63
CA ASN C 31 -26.12 2.03 5.52
C ASN C 31 -26.98 2.71 4.47
N TYR C 32 -27.76 3.71 4.89
CA TYR C 32 -28.76 4.31 4.02
C TYR C 32 -28.55 5.80 3.81
N ARG C 33 -29.01 6.30 2.66
CA ARG C 33 -29.07 7.73 2.43
C ARG C 33 -30.38 8.28 3.00
N MET C 34 -30.28 9.35 3.79
CA MET C 34 -31.45 9.92 4.44
C MET C 34 -31.99 11.12 3.68
N ASN C 35 -33.29 11.32 3.77
CA ASN C 35 -33.97 12.42 3.08
C ASN C 35 -34.95 13.13 4.00
N TRP C 36 -35.36 14.34 3.59
CA TRP C 36 -36.48 15.03 4.20
C TRP C 36 -37.53 15.31 3.13
N VAL C 37 -38.79 15.04 3.46
CA VAL C 37 -39.88 15.30 2.53
C VAL C 37 -40.99 16.05 3.27
N ARG C 38 -41.50 17.10 2.65
CA ARG C 38 -42.53 17.93 3.28
C ARG C 38 -43.88 17.71 2.59
N GLN C 39 -44.95 18.06 3.29
CA GLN C 39 -46.30 17.94 2.74
C GLN C 39 -47.17 19.09 3.23
N ALA C 40 -47.45 20.03 2.35
CA ALA C 40 -48.30 21.17 2.67
C ALA C 40 -49.70 20.71 3.05
N PRO C 41 -50.46 21.56 3.76
CA PRO C 41 -51.81 21.15 4.17
C PRO C 41 -52.73 20.84 3.00
N GLY C 42 -53.19 19.60 2.94
CA GLY C 42 -54.16 19.19 1.93
C GLY C 42 -53.55 19.07 0.54
N LYS C 43 -52.24 19.18 0.44
CA LYS C 43 -51.54 19.10 -0.84
C LYS C 43 -50.61 17.91 -0.89
N GLY C 44 -49.95 17.72 -2.03
CA GLY C 44 -49.12 16.55 -2.27
C GLY C 44 -47.78 16.62 -1.58
N LEU C 45 -46.90 15.70 -1.95
CA LEU C 45 -45.58 15.58 -1.34
C LEU C 45 -44.51 16.31 -2.15
N GLU C 46 -43.55 16.90 -1.46
CA GLU C 46 -42.44 17.61 -2.09
C GLU C 46 -41.13 17.22 -1.44
N TRP C 47 -40.18 16.74 -2.25
CA TRP C 47 -38.86 16.38 -1.75
C TRP C 47 -38.09 17.65 -1.38
N VAL C 48 -37.44 17.61 -0.23
CA VAL C 48 -36.73 18.77 0.29
C VAL C 48 -35.21 18.64 0.14
N SER C 49 -34.66 17.64 0.82
CA SER C 49 -33.21 17.47 0.85
C SER C 49 -32.80 16.02 1.02
N SER C 50 -31.52 15.75 0.74
CA SER C 50 -30.97 14.41 0.88
C SER C 50 -29.51 14.51 1.30
N ILE C 51 -29.02 13.49 2.00
CA ILE C 51 -27.64 13.47 2.44
C ILE C 51 -27.10 12.04 2.52
N SER C 52 -25.98 11.80 1.87
CA SER C 52 -25.40 10.46 1.82
C SER C 52 -24.84 10.06 3.17
N SER C 53 -24.38 8.81 3.27
CA SER C 53 -23.86 8.28 4.53
C SER C 53 -22.64 9.06 4.98
N SER C 54 -21.71 9.25 4.06
CA SER C 54 -20.45 9.94 4.35
C SER C 54 -20.65 11.45 4.50
N SER C 55 -21.87 11.92 4.27
CA SER C 55 -22.18 13.35 4.29
C SER C 55 -21.41 14.09 3.20
N SER C 56 -20.98 13.35 2.18
CA SER C 56 -20.22 13.94 1.08
C SER C 56 -21.17 14.52 0.04
N TYR C 57 -22.20 13.76 -0.30
CA TYR C 57 -23.17 14.15 -1.33
C TYR C 57 -24.45 14.71 -0.71
N ILE C 58 -24.69 16.00 -0.97
CA ILE C 58 -25.87 16.69 -0.45
C ILE C 58 -26.63 17.35 -1.59
N HIS C 59 -27.95 17.39 -1.46
CA HIS C 59 -28.81 18.00 -2.47
C HIS C 59 -30.01 18.69 -1.81
N TYR C 60 -30.43 19.80 -2.40
CA TYR C 60 -31.62 20.51 -1.94
C TYR C 60 -32.57 20.81 -3.10
N ALA C 61 -33.82 21.08 -2.77
CA ALA C 61 -34.77 21.56 -3.75
C ALA C 61 -34.52 23.03 -4.02
N ASP C 62 -34.65 23.45 -5.28
CA ASP C 62 -34.33 24.81 -5.68
C ASP C 62 -35.06 25.85 -4.83
N SER C 63 -36.29 25.53 -4.43
CA SER C 63 -37.10 26.45 -3.65
C SER C 63 -36.55 26.64 -2.25
N VAL C 64 -35.70 25.70 -1.83
CA VAL C 64 -35.19 25.66 -0.46
C VAL C 64 -33.70 26.03 -0.41
N LYS C 65 -33.01 25.86 -1.53
CA LYS C 65 -31.58 26.09 -1.62
C LYS C 65 -31.13 27.37 -0.90
N GLY C 66 -30.10 27.24 -0.06
CA GLY C 66 -29.50 28.39 0.58
C GLY C 66 -30.13 28.75 1.90
N ARG C 67 -31.36 28.29 2.11
CA ARG C 67 -32.09 28.61 3.32
C ARG C 67 -32.02 27.46 4.33
N PHE C 68 -32.01 26.23 3.84
CA PHE C 68 -31.91 25.05 4.69
C PHE C 68 -30.53 24.44 4.61
N THR C 69 -30.09 23.84 5.71
CA THR C 69 -28.83 23.10 5.75
C THR C 69 -29.04 21.77 6.48
N ILE C 70 -28.94 20.69 5.73
CA ILE C 70 -29.13 19.35 6.28
C ILE C 70 -27.83 18.82 6.88
N SER C 71 -27.96 17.95 7.88
CA SER C 71 -26.80 17.36 8.52
C SER C 71 -27.19 16.05 9.19
N ARG C 72 -26.21 15.23 9.52
CA ARG C 72 -26.46 13.95 10.15
C ARG C 72 -25.34 13.55 11.09
N ASP C 73 -25.65 12.64 12.01
CA ASP C 73 -24.66 12.09 12.93
C ASP C 73 -24.85 10.59 13.04
N ASN C 74 -24.08 9.85 12.25
CA ASN C 74 -24.24 8.40 12.17
C ASN C 74 -23.94 7.72 13.49
N ALA C 75 -22.98 8.26 14.22
CA ALA C 75 -22.60 7.70 15.51
C ALA C 75 -23.77 7.80 16.48
N GLU C 76 -24.46 8.93 16.42
CA GLU C 76 -25.62 9.17 17.26
C GLU C 76 -26.89 8.65 16.60
N ASN C 77 -26.73 8.10 15.39
CA ASN C 77 -27.83 7.50 14.66
C ASN C 77 -28.98 8.49 14.43
N SER C 78 -28.61 9.74 14.15
CA SER C 78 -29.58 10.83 14.05
C SER C 78 -29.49 11.62 12.74
N LEU C 79 -30.59 12.28 12.41
CA LEU C 79 -30.66 13.15 11.24
C LEU C 79 -31.23 14.50 11.65
N TYR C 80 -30.66 15.58 11.13
CA TYR C 80 -31.06 16.93 11.49
C TYR C 80 -31.26 17.81 10.26
N LEU C 81 -32.15 18.79 10.37
CA LEU C 81 -32.37 19.76 9.30
C LEU C 81 -32.56 21.16 9.87
N GLN C 82 -31.59 22.03 9.65
CA GLN C 82 -31.65 23.40 10.11
C GLN C 82 -32.35 24.28 9.10
N MET C 83 -33.47 24.88 9.51
CA MET C 83 -34.27 25.74 8.64
C MET C 83 -34.10 27.21 9.01
N ASN C 84 -33.59 28.00 8.07
CA ASN C 84 -33.40 29.43 8.31
C ASN C 84 -34.24 30.26 7.34
N SER C 85 -34.58 31.48 7.77
CA SER C 85 -35.40 32.38 6.98
C SER C 85 -36.66 31.69 6.46
N LEU C 86 -37.45 31.13 7.36
CA LEU C 86 -38.67 30.43 6.98
C LEU C 86 -39.72 31.42 6.51
N ARG C 87 -40.58 30.97 5.60
CA ARG C 87 -41.67 31.78 5.08
C ARG C 87 -42.94 30.96 5.00
N ALA C 88 -44.03 31.62 4.59
CA ALA C 88 -45.34 30.99 4.57
C ALA C 88 -45.38 29.70 3.74
N GLU C 89 -44.74 29.72 2.57
CA GLU C 89 -44.78 28.58 1.67
C GLU C 89 -44.10 27.34 2.27
N ASP C 90 -43.30 27.54 3.31
CA ASP C 90 -42.64 26.43 3.98
C ASP C 90 -43.55 25.75 5.01
N THR C 91 -44.72 26.34 5.23
CA THR C 91 -45.69 25.77 6.17
C THR C 91 -46.14 24.39 5.70
N ALA C 92 -45.70 23.36 6.41
CA ALA C 92 -46.04 21.99 6.02
C ALA C 92 -45.64 20.97 7.08
N VAL C 93 -45.98 19.72 6.83
CA VAL C 93 -45.55 18.60 7.67
C VAL C 93 -44.29 18.01 7.07
N TYR C 94 -43.20 17.98 7.85
CA TYR C 94 -41.91 17.52 7.37
C TYR C 94 -41.60 16.10 7.84
N TYR C 95 -41.44 15.19 6.88
CA TYR C 95 -41.19 13.78 7.18
C TYR C 95 -39.71 13.41 7.06
N CYS C 96 -39.19 12.78 8.10
CA CYS C 96 -37.85 12.20 8.07
C CYS C 96 -37.93 10.84 7.37
N VAL C 97 -37.06 10.63 6.39
CA VAL C 97 -37.19 9.50 5.49
C VAL C 97 -35.89 8.73 5.24
N ARG C 98 -36.00 7.40 5.23
CA ARG C 98 -34.88 6.54 4.85
C ARG C 98 -35.04 6.10 3.40
N GLU C 99 -33.98 6.26 2.63
CA GLU C 99 -33.97 5.81 1.24
C GLU C 99 -33.35 4.43 1.16
N GLY C 100 -33.63 3.72 0.06
CA GLY C 100 -33.12 2.38 -0.11
C GLY C 100 -31.60 2.35 -0.10
N PRO C 101 -31.03 1.15 0.10
CA PRO C 101 -29.57 1.01 0.23
C PRO C 101 -28.82 1.14 -1.09
N ARG C 102 -29.55 1.12 -2.21
CA ARG C 102 -28.93 1.17 -3.52
C ARG C 102 -28.59 2.60 -3.94
N ALA C 103 -28.96 3.55 -3.10
CA ALA C 103 -28.84 4.97 -3.46
C ALA C 103 -27.45 5.50 -3.16
N THR C 104 -26.90 6.26 -4.10
CA THR C 104 -25.63 6.93 -3.93
C THR C 104 -25.68 8.29 -4.62
N GLY C 105 -25.02 9.28 -4.02
CA GLY C 105 -25.06 10.64 -4.54
C GLY C 105 -24.48 10.78 -5.93
N TYR C 106 -23.67 9.81 -6.34
CA TYR C 106 -22.98 9.87 -7.63
C TYR C 106 -23.62 8.93 -8.66
N SER C 107 -24.77 8.36 -8.32
CA SER C 107 -25.44 7.44 -9.22
C SER C 107 -26.95 7.47 -9.01
N MET C 108 -27.64 6.46 -9.53
CA MET C 108 -29.10 6.40 -9.45
C MET C 108 -29.58 6.31 -8.00
N ALA C 109 -30.78 6.82 -7.77
CA ALA C 109 -31.35 6.88 -6.43
C ALA C 109 -32.07 5.58 -6.09
N ASP C 110 -32.77 5.58 -4.96
CA ASP C 110 -33.60 4.44 -4.55
C ASP C 110 -34.89 4.95 -3.93
N VAL C 111 -35.74 4.03 -3.49
CA VAL C 111 -37.06 4.38 -2.98
C VAL C 111 -37.07 4.75 -1.51
N PHE C 112 -38.09 5.47 -1.09
CA PHE C 112 -38.29 5.84 0.30
C PHE C 112 -39.05 4.75 1.04
N ASP C 113 -38.32 3.81 1.64
CA ASP C 113 -38.94 2.62 2.22
C ASP C 113 -39.44 2.86 3.64
N ILE C 114 -38.95 3.89 4.30
CA ILE C 114 -39.37 4.21 5.66
C ILE C 114 -39.58 5.70 5.86
N TRP C 115 -40.72 6.04 6.44
CA TRP C 115 -41.09 7.44 6.69
C TRP C 115 -41.27 7.68 8.18
N GLY C 116 -40.87 8.85 8.64
CA GLY C 116 -41.02 9.22 10.03
C GLY C 116 -42.46 9.58 10.34
N GLN C 117 -42.74 9.82 11.62
CA GLN C 117 -44.08 10.17 12.06
C GLN C 117 -44.51 11.52 11.49
N GLY C 118 -43.53 12.36 11.19
CA GLY C 118 -43.79 13.69 10.67
C GLY C 118 -43.92 14.71 11.78
N THR C 119 -43.64 15.97 11.46
CA THR C 119 -43.75 17.05 12.42
C THR C 119 -44.29 18.31 11.75
N MET C 120 -45.27 18.94 12.39
CA MET C 120 -45.93 20.12 11.83
C MET C 120 -45.08 21.36 12.01
N VAL C 121 -44.90 22.11 10.93
CA VAL C 121 -44.22 23.40 10.98
C VAL C 121 -45.15 24.47 10.43
N THR C 122 -45.48 25.44 11.26
CA THR C 122 -46.39 26.51 10.88
C THR C 122 -45.67 27.85 10.91
N VAL C 123 -45.57 28.49 9.75
CA VAL C 123 -44.96 29.81 9.65
C VAL C 123 -46.05 30.86 9.56
N SER C 124 -46.21 31.64 10.62
CA SER C 124 -47.27 32.65 10.68
C SER C 124 -46.90 33.78 11.62
N SER C 125 -47.41 34.98 11.32
CA SER C 125 -47.16 36.14 12.15
C SER C 125 -48.04 36.10 13.40
N ALA C 126 -49.06 35.26 13.38
CA ALA C 126 -50.00 35.16 14.49
C ALA C 126 -49.38 34.41 15.66
N SER C 127 -49.70 34.83 16.87
CA SER C 127 -49.17 34.22 18.07
C SER C 127 -49.98 32.99 18.50
N THR C 128 -49.42 32.23 19.44
CA THR C 128 -50.07 31.03 19.94
C THR C 128 -51.30 31.42 20.76
N LYS C 129 -52.34 30.60 20.69
CA LYS C 129 -53.58 30.85 21.42
C LYS C 129 -54.19 29.54 21.90
N GLY C 130 -54.46 29.45 23.20
CA GLY C 130 -55.06 28.26 23.77
C GLY C 130 -56.50 28.14 23.33
N PRO C 131 -57.08 26.93 23.47
CA PRO C 131 -58.46 26.68 23.04
C PRO C 131 -59.51 27.05 24.08
N SER C 132 -60.72 27.36 23.62
CA SER C 132 -61.87 27.54 24.50
C SER C 132 -62.80 26.34 24.34
N VAL C 133 -62.99 25.58 25.42
CA VAL C 133 -63.76 24.35 25.39
C VAL C 133 -65.21 24.55 25.84
N PHE C 134 -66.13 24.48 24.89
CA PHE C 134 -67.56 24.55 25.19
C PHE C 134 -68.19 23.16 25.12
N PRO C 135 -69.09 22.84 26.06
CA PRO C 135 -69.74 21.53 26.02
C PRO C 135 -70.81 21.43 24.94
N LEU C 136 -71.06 20.22 24.46
CA LEU C 136 -72.12 19.96 23.48
C LEU C 136 -73.15 19.00 24.05
N SER C 142 -86.16 14.86 23.63
CA SER C 142 -84.77 14.96 24.05
C SER C 142 -83.95 13.76 23.58
N THR C 143 -84.03 12.66 24.31
CA THR C 143 -83.32 11.45 23.95
C THR C 143 -84.18 10.55 23.06
N SER C 144 -83.65 10.24 21.87
CA SER C 144 -84.36 9.38 20.93
C SER C 144 -83.98 7.92 21.11
N GLY C 145 -84.95 7.10 21.50
CA GLY C 145 -84.71 5.67 21.68
C GLY C 145 -83.85 5.39 22.90
N GLY C 146 -82.82 4.57 22.71
CA GLY C 146 -81.92 4.20 23.78
C GLY C 146 -80.49 4.60 23.50
N THR C 147 -80.31 5.63 22.66
CA THR C 147 -78.98 6.14 22.34
C THR C 147 -79.01 7.67 22.30
N ALA C 148 -77.85 8.27 22.57
CA ALA C 148 -77.71 9.72 22.54
C ALA C 148 -76.33 10.09 22.01
N ALA C 149 -76.16 11.37 21.65
CA ALA C 149 -74.91 11.86 21.10
C ALA C 149 -74.42 13.08 21.88
N LEU C 150 -73.13 13.08 22.20
CA LEU C 150 -72.50 14.15 22.95
C LEU C 150 -71.07 14.38 22.48
N GLY C 151 -70.47 15.49 22.89
CA GLY C 151 -69.13 15.82 22.45
C GLY C 151 -68.59 17.11 23.05
N CYS C 152 -67.45 17.55 22.54
CA CYS C 152 -66.80 18.77 23.00
C CYS C 152 -66.50 19.70 21.83
N LEU C 153 -66.78 20.99 22.01
CA LEU C 153 -66.47 21.99 20.99
C LEU C 153 -65.21 22.77 21.35
N VAL C 154 -64.13 22.52 20.61
CA VAL C 154 -62.88 23.23 20.79
C VAL C 154 -62.79 24.39 19.81
N LYS C 155 -62.92 25.62 20.31
CA LYS C 155 -63.03 26.81 19.47
C LYS C 155 -61.94 27.82 19.75
N ASP C 156 -61.56 28.56 18.71
CA ASP C 156 -60.61 29.66 18.82
C ASP C 156 -59.29 29.22 19.43
N TYR C 157 -58.55 28.40 18.70
CA TYR C 157 -57.23 27.97 19.11
C TYR C 157 -56.27 28.07 17.96
N PHE C 158 -54.98 28.18 18.27
CA PHE C 158 -53.95 28.35 17.25
C PHE C 158 -52.58 28.20 17.88
N PRO C 159 -51.65 27.54 17.18
CA PRO C 159 -51.77 26.89 15.87
C PRO C 159 -52.26 25.45 15.99
N GLU C 160 -52.29 24.73 14.87
CA GLU C 160 -52.55 23.30 14.89
C GLU C 160 -51.31 22.59 15.43
N PRO C 161 -51.45 21.33 15.85
CA PRO C 161 -52.68 20.52 15.94
C PRO C 161 -53.22 20.46 17.35
N VAL C 162 -54.39 19.84 17.50
CA VAL C 162 -54.95 19.55 18.81
C VAL C 162 -55.42 18.11 18.83
N THR C 163 -55.11 17.41 19.92
CA THR C 163 -55.48 16.00 20.05
C THR C 163 -56.62 15.83 21.04
N VAL C 164 -57.54 14.95 20.72
CA VAL C 164 -58.69 14.67 21.56
C VAL C 164 -58.79 13.19 21.86
N SER C 165 -59.10 12.87 23.12
CA SER C 165 -59.33 11.51 23.54
C SER C 165 -60.46 11.53 24.56
N TRP C 166 -61.06 10.36 24.81
CA TRP C 166 -62.17 10.26 25.76
C TRP C 166 -61.85 9.29 26.89
N ASN C 167 -62.00 9.78 28.11
CA ASN C 167 -61.74 8.99 29.31
C ASN C 167 -60.31 8.43 29.30
N SER C 168 -59.36 9.28 28.92
CA SER C 168 -57.94 8.93 28.93
C SER C 168 -57.66 7.70 28.07
N THR C 172 -63.20 4.83 22.57
CA THR C 172 -62.66 4.79 21.21
C THR C 172 -63.78 4.49 20.20
N SER C 173 -64.57 3.47 20.50
CA SER C 173 -65.66 3.07 19.62
C SER C 173 -66.73 4.15 19.53
N GLY C 174 -67.20 4.42 18.32
CA GLY C 174 -68.26 5.38 18.11
C GLY C 174 -67.78 6.82 18.14
N VAL C 175 -66.47 7.02 18.22
CA VAL C 175 -65.89 8.35 18.30
C VAL C 175 -65.61 8.92 16.92
N HIS C 176 -65.98 10.18 16.72
CA HIS C 176 -65.74 10.90 15.47
C HIS C 176 -65.18 12.30 15.73
N THR C 177 -63.89 12.48 15.45
CA THR C 177 -63.24 13.77 15.59
C THR C 177 -63.16 14.48 14.23
N PHE C 178 -63.82 15.63 14.13
CA PHE C 178 -63.90 16.35 12.87
C PHE C 178 -62.60 17.09 12.55
N PRO C 179 -62.28 17.27 11.26
CA PRO C 179 -61.12 18.07 10.90
C PRO C 179 -61.29 19.53 11.32
N ALA C 180 -60.20 20.18 11.69
CA ALA C 180 -60.24 21.57 12.09
C ALA C 180 -60.59 22.46 10.91
N VAL C 181 -61.23 23.59 11.20
CA VAL C 181 -61.53 24.59 10.18
C VAL C 181 -61.03 25.95 10.62
N LEU C 182 -60.41 26.68 9.69
CA LEU C 182 -59.91 28.02 9.98
C LEU C 182 -61.03 29.04 9.88
N GLN C 183 -61.30 29.73 10.98
CA GLN C 183 -62.37 30.72 11.04
C GLN C 183 -61.90 32.03 10.41
N SER C 184 -62.83 32.97 10.27
CA SER C 184 -62.52 34.26 9.68
C SER C 184 -61.51 35.03 10.54
N SER C 185 -61.52 34.74 11.83
CA SER C 185 -60.65 35.42 12.79
C SER C 185 -59.20 34.93 12.70
N GLY C 186 -58.94 34.00 11.79
CA GLY C 186 -57.61 33.45 11.63
C GLY C 186 -57.29 32.39 12.67
N LEU C 187 -58.27 32.06 13.50
CA LEU C 187 -58.11 31.03 14.52
C LEU C 187 -58.86 29.77 14.12
N TYR C 188 -58.37 28.62 14.58
CA TYR C 188 -58.97 27.34 14.23
C TYR C 188 -60.11 26.99 15.16
N SER C 189 -61.02 26.15 14.67
CA SER C 189 -62.13 25.64 15.46
C SER C 189 -62.36 24.18 15.10
N LEU C 190 -62.72 23.37 16.08
CA LEU C 190 -62.86 21.94 15.88
C LEU C 190 -63.86 21.33 16.86
N SER C 191 -64.56 20.29 16.42
CA SER C 191 -65.55 19.61 17.24
C SER C 191 -65.31 18.10 17.23
N SER C 192 -65.46 17.47 18.39
CA SER C 192 -65.31 16.03 18.53
C SER C 192 -66.54 15.44 19.21
N VAL C 193 -67.07 14.36 18.64
CA VAL C 193 -68.32 13.77 19.13
C VAL C 193 -68.23 12.25 19.27
N VAL C 194 -69.13 11.69 20.07
CA VAL C 194 -69.21 10.25 20.24
C VAL C 194 -70.65 9.84 20.55
N THR C 195 -71.05 8.68 20.02
CA THR C 195 -72.39 8.13 20.26
C THR C 195 -72.34 7.08 21.35
N VAL C 196 -73.31 7.12 22.26
CA VAL C 196 -73.41 6.16 23.35
C VAL C 196 -74.86 5.80 23.65
N PRO C 197 -75.09 4.66 24.31
CA PRO C 197 -76.45 4.27 24.71
C PRO C 197 -77.13 5.28 25.62
N ILE C 207 -65.87 12.15 29.87
CA ILE C 207 -64.89 13.22 29.82
C ILE C 207 -63.96 13.07 28.63
N CYS C 208 -63.77 14.16 27.89
CA CYS C 208 -62.87 14.19 26.75
C CYS C 208 -61.54 14.84 27.12
N ASN C 209 -60.45 14.12 26.86
CA ASN C 209 -59.11 14.65 27.11
C ASN C 209 -58.60 15.45 25.93
N VAL C 210 -58.61 16.77 26.07
CA VAL C 210 -58.13 17.68 25.04
C VAL C 210 -56.72 18.14 25.38
N ASN C 211 -55.83 18.11 24.40
CA ASN C 211 -54.44 18.51 24.60
C ASN C 211 -53.91 19.38 23.46
N HIS C 212 -53.51 20.60 23.82
CA HIS C 212 -52.92 21.53 22.86
C HIS C 212 -51.47 21.79 23.25
N LYS C 213 -50.55 21.05 22.66
CA LYS C 213 -49.14 21.13 22.99
C LYS C 213 -48.50 22.50 22.72
N PRO C 214 -48.78 23.08 21.55
CA PRO C 214 -48.21 24.41 21.22
C PRO C 214 -48.44 25.46 22.28
N SER C 215 -49.50 25.31 23.07
CA SER C 215 -49.78 26.21 24.18
C SER C 215 -49.60 25.52 25.52
N ASN C 216 -49.12 24.28 25.49
CA ASN C 216 -48.95 23.47 26.70
C ASN C 216 -50.24 23.42 27.51
N THR C 217 -51.36 23.31 26.80
CA THR C 217 -52.67 23.28 27.43
C THR C 217 -53.24 21.86 27.48
N LYS C 218 -53.66 21.46 28.67
CA LYS C 218 -54.33 20.18 28.88
C LYS C 218 -55.68 20.42 29.53
N VAL C 219 -56.74 19.98 28.86
CA VAL C 219 -58.10 20.15 29.37
C VAL C 219 -58.86 18.83 29.38
N ASP C 220 -59.64 18.62 30.44
CA ASP C 220 -60.52 17.47 30.56
C ASP C 220 -61.93 17.95 30.88
N LYS C 221 -62.81 17.90 29.87
CA LYS C 221 -64.19 18.36 30.03
C LYS C 221 -65.15 17.18 30.14
N GLU D 1 -36.75 18.98 -14.70
CA GLU D 1 -37.67 18.63 -13.59
C GLU D 1 -38.86 17.84 -14.11
N LEU D 2 -38.86 16.54 -13.83
CA LEU D 2 -39.92 15.65 -14.30
C LEU D 2 -41.25 15.95 -13.62
N VAL D 3 -42.31 15.97 -14.40
CA VAL D 3 -43.66 16.19 -13.87
C VAL D 3 -44.48 14.91 -13.94
N MET D 4 -44.83 14.38 -12.78
CA MET D 4 -45.65 13.18 -12.69
C MET D 4 -47.12 13.56 -12.68
N THR D 5 -47.92 12.85 -13.48
CA THR D 5 -49.35 13.12 -13.60
C THR D 5 -50.17 11.88 -13.27
N GLN D 6 -50.99 11.98 -12.24
CA GLN D 6 -51.87 10.89 -11.83
C GLN D 6 -53.28 11.13 -12.34
N SER D 7 -53.99 10.05 -12.64
CA SER D 7 -55.38 10.13 -13.08
C SER D 7 -56.11 8.83 -12.75
N PRO D 8 -57.34 8.93 -12.23
CA PRO D 8 -58.09 10.14 -11.90
C PRO D 8 -57.62 10.79 -10.60
N ASP D 9 -58.10 12.00 -10.32
CA ASP D 9 -57.78 12.68 -9.09
C ASP D 9 -58.50 11.99 -7.93
N SER D 10 -59.74 11.59 -8.18
CA SER D 10 -60.56 10.91 -7.20
C SER D 10 -61.15 9.63 -7.81
N LEU D 11 -61.42 8.64 -6.97
CA LEU D 11 -61.95 7.37 -7.45
C LEU D 11 -62.78 6.67 -6.37
N ALA D 12 -63.95 6.18 -6.77
CA ALA D 12 -64.87 5.51 -5.86
C ALA D 12 -65.30 4.17 -6.43
N VAL D 13 -64.95 3.09 -5.74
CA VAL D 13 -65.22 1.74 -6.20
C VAL D 13 -65.91 0.91 -5.12
N SER D 14 -66.83 0.06 -5.53
CA SER D 14 -67.56 -0.80 -4.61
C SER D 14 -66.63 -1.84 -3.98
N LEU D 15 -66.92 -2.20 -2.74
CA LEU D 15 -66.11 -3.18 -2.02
C LEU D 15 -66.06 -4.50 -2.77
N GLY D 16 -64.86 -5.05 -2.93
CA GLY D 16 -64.68 -6.34 -3.57
C GLY D 16 -64.34 -6.22 -5.04
N GLU D 17 -64.61 -5.05 -5.63
CA GLU D 17 -64.27 -4.80 -7.02
C GLU D 17 -62.85 -4.26 -7.11
N ARG D 18 -62.29 -4.28 -8.32
CA ARG D 18 -60.90 -3.85 -8.51
C ARG D 18 -60.86 -2.39 -8.90
N ALA D 19 -59.76 -1.73 -8.55
CA ALA D 19 -59.56 -0.31 -8.85
C ALA D 19 -58.21 -0.11 -9.51
N THR D 20 -58.21 0.67 -10.59
CA THR D 20 -56.98 0.95 -11.33
C THR D 20 -56.68 2.44 -11.38
N ILE D 21 -55.41 2.78 -11.18
CA ILE D 21 -54.96 4.17 -11.21
C ILE D 21 -53.80 4.32 -12.19
N ASN D 22 -53.85 5.37 -13.00
CA ASN D 22 -52.82 5.60 -14.01
C ASN D 22 -51.79 6.61 -13.51
N CYS D 23 -50.60 6.57 -14.10
CA CYS D 23 -49.54 7.52 -13.79
C CYS D 23 -48.74 7.79 -15.06
N LYS D 24 -48.51 9.06 -15.35
CA LYS D 24 -47.81 9.46 -16.57
C LYS D 24 -46.69 10.44 -16.28
N SER D 25 -45.48 10.11 -16.74
CA SER D 25 -44.32 10.96 -16.56
C SER D 25 -44.02 11.77 -17.81
N SER D 26 -43.47 12.95 -17.62
CA SER D 26 -43.09 13.81 -18.74
C SER D 26 -42.03 13.14 -19.59
N GLN D 27 -41.23 12.29 -18.97
CA GLN D 27 -40.11 11.63 -19.63
C GLN D 27 -40.01 10.17 -19.20
N SER D 28 -39.33 9.37 -19.99
CA SER D 28 -39.13 7.96 -19.68
C SER D 28 -38.26 7.78 -18.44
N VAL D 29 -38.69 6.89 -17.54
CA VAL D 29 -37.91 6.57 -16.36
C VAL D 29 -37.30 5.17 -16.49
N LEU D 30 -37.15 4.71 -17.72
CA LEU D 30 -36.56 3.41 -17.99
C LEU D 30 -35.04 3.52 -18.07
N TYR D 31 -34.35 2.76 -17.23
CA TYR D 31 -32.90 2.74 -17.24
C TYR D 31 -32.42 1.69 -18.24
N SER D 32 -31.65 2.11 -19.23
CA SER D 32 -31.24 1.23 -20.33
C SER D 32 -30.41 0.04 -19.85
N SER D 33 -29.50 0.28 -18.91
CA SER D 33 -28.59 -0.76 -18.45
C SER D 33 -29.32 -1.85 -17.69
N ASN D 34 -30.23 -1.46 -16.82
CA ASN D 34 -30.95 -2.41 -15.97
C ASN D 34 -32.23 -2.92 -16.63
N ASN D 35 -32.73 -2.17 -17.60
CA ASN D 35 -34.04 -2.43 -18.18
C ASN D 35 -35.12 -2.40 -17.09
N LYS D 36 -34.85 -1.62 -16.05
CA LYS D 36 -35.77 -1.43 -14.93
C LYS D 36 -36.37 -0.03 -14.98
N SER D 37 -37.69 0.05 -14.81
CA SER D 37 -38.38 1.33 -14.76
C SER D 37 -38.42 1.85 -13.32
N TYR D 38 -37.70 2.95 -13.07
CA TYR D 38 -37.59 3.49 -11.72
C TYR D 38 -38.82 4.31 -11.32
N LEU D 39 -39.83 3.62 -10.79
CA LEU D 39 -41.04 4.28 -10.32
C LEU D 39 -41.62 3.54 -9.13
N ALA D 40 -42.20 4.29 -8.20
CA ALA D 40 -42.71 3.73 -6.95
C ALA D 40 -44.12 4.22 -6.65
N TRP D 41 -44.85 3.42 -5.87
CA TRP D 41 -46.20 3.76 -5.43
C TRP D 41 -46.26 3.79 -3.90
N TYR D 42 -46.93 4.79 -3.36
CA TYR D 42 -47.08 4.93 -1.91
C TYR D 42 -48.54 5.00 -1.50
N GLN D 43 -48.80 4.60 -0.26
CA GLN D 43 -50.13 4.71 0.34
C GLN D 43 -50.05 5.61 1.55
N GLN D 44 -50.94 6.60 1.63
CA GLN D 44 -50.97 7.51 2.76
C GLN D 44 -52.38 7.64 3.33
N LYS D 45 -52.54 7.18 4.56
CA LYS D 45 -53.79 7.35 5.28
C LYS D 45 -53.77 8.74 5.91
N PRO D 46 -54.96 9.29 6.23
CA PRO D 46 -55.07 10.68 6.69
C PRO D 46 -54.18 11.03 7.90
N GLY D 47 -54.30 10.28 8.99
CA GLY D 47 -53.50 10.54 10.18
C GLY D 47 -52.16 9.84 10.22
N GLN D 48 -51.72 9.32 9.08
CA GLN D 48 -50.47 8.57 9.01
C GLN D 48 -49.53 9.08 7.91
N PRO D 49 -48.22 8.81 8.06
CA PRO D 49 -47.27 9.12 6.99
C PRO D 49 -47.39 8.10 5.88
N PRO D 50 -46.89 8.41 4.68
CA PRO D 50 -46.96 7.45 3.58
C PRO D 50 -46.34 6.10 3.92
N LYS D 51 -46.78 5.05 3.23
CA LYS D 51 -46.21 3.72 3.38
C LYS D 51 -45.89 3.18 2.01
N LEU D 52 -44.69 2.64 1.86
CA LEU D 52 -44.24 2.12 0.57
C LEU D 52 -45.05 0.90 0.17
N LEU D 53 -45.47 0.87 -1.09
CA LEU D 53 -46.21 -0.27 -1.63
C LEU D 53 -45.36 -1.02 -2.65
N ILE D 54 -44.99 -0.30 -3.71
CA ILE D 54 -44.27 -0.88 -4.83
C ILE D 54 -43.00 -0.10 -5.14
N TYR D 55 -41.95 -0.82 -5.54
CA TYR D 55 -40.75 -0.20 -6.07
C TYR D 55 -40.37 -0.87 -7.39
N TRP D 56 -39.67 -0.13 -8.23
CA TRP D 56 -39.36 -0.57 -9.59
C TRP D 56 -40.65 -0.96 -10.32
N ALA D 57 -41.71 -0.22 -10.03
CA ALA D 57 -42.96 -0.27 -10.79
C ALA D 57 -43.77 -1.55 -10.59
N SER D 58 -43.11 -2.68 -10.38
CA SER D 58 -43.80 -3.97 -10.38
C SER D 58 -43.52 -4.83 -9.14
N THR D 59 -42.52 -4.46 -8.35
CA THR D 59 -42.08 -5.30 -7.24
C THR D 59 -42.73 -4.89 -5.91
N ARG D 60 -43.46 -5.83 -5.32
CA ARG D 60 -44.09 -5.62 -4.02
C ARG D 60 -43.07 -5.56 -2.90
N GLU D 61 -43.22 -4.60 -2.00
CA GLU D 61 -42.41 -4.53 -0.81
C GLU D 61 -42.80 -5.64 0.15
N SER D 62 -41.87 -6.05 1.01
CA SER D 62 -42.14 -7.10 1.99
C SER D 62 -43.28 -6.69 2.93
N GLY D 63 -44.24 -7.58 3.12
CA GLY D 63 -45.33 -7.34 4.04
C GLY D 63 -46.59 -6.82 3.34
N VAL D 64 -46.42 -6.30 2.13
CA VAL D 64 -47.55 -5.80 1.35
C VAL D 64 -48.42 -6.97 0.90
N PRO D 65 -49.75 -6.87 1.10
CA PRO D 65 -50.62 -7.98 0.70
C PRO D 65 -50.61 -8.20 -0.81
N ASP D 66 -50.92 -9.43 -1.22
CA ASP D 66 -50.85 -9.82 -2.63
C ASP D 66 -51.73 -9.00 -3.55
N ARG D 67 -52.82 -8.44 -3.01
CA ARG D 67 -53.82 -7.77 -3.83
C ARG D 67 -53.31 -6.49 -4.49
N PHE D 68 -52.22 -5.93 -3.98
CA PHE D 68 -51.60 -4.76 -4.61
C PHE D 68 -50.64 -5.18 -5.71
N SER D 69 -50.75 -4.56 -6.88
CA SER D 69 -49.87 -4.86 -7.99
C SER D 69 -49.78 -3.71 -8.98
N GLY D 70 -48.55 -3.34 -9.33
CA GLY D 70 -48.30 -2.27 -10.28
C GLY D 70 -47.80 -2.83 -11.59
N SER D 71 -47.87 -2.02 -12.65
CA SER D 71 -47.43 -2.45 -13.97
C SER D 71 -47.07 -1.25 -14.83
N GLY D 72 -46.53 -1.53 -16.02
CA GLY D 72 -46.18 -0.48 -16.96
C GLY D 72 -44.67 -0.31 -17.08
N SER D 73 -44.27 0.58 -17.97
CA SER D 73 -42.86 0.88 -18.18
C SER D 73 -42.69 2.18 -18.94
N GLY D 74 -41.52 2.78 -18.84
CA GLY D 74 -41.21 4.00 -19.58
C GLY D 74 -41.99 5.20 -19.09
N THR D 75 -43.03 5.58 -19.84
CA THR D 75 -43.79 6.79 -19.54
C THR D 75 -45.06 6.48 -18.76
N ASP D 76 -45.85 5.53 -19.27
CA ASP D 76 -47.15 5.22 -18.69
C ASP D 76 -47.07 4.04 -17.72
N PHE D 77 -47.70 4.21 -16.57
CA PHE D 77 -47.75 3.16 -15.55
C PHE D 77 -49.16 3.05 -14.99
N THR D 78 -49.44 1.92 -14.34
CA THR D 78 -50.75 1.68 -13.76
C THR D 78 -50.64 0.90 -12.46
N LEU D 79 -51.39 1.33 -11.45
CA LEU D 79 -51.52 0.59 -10.20
C LEU D 79 -52.88 -0.07 -10.13
N THR D 80 -52.90 -1.36 -9.80
CA THR D 80 -54.14 -2.14 -9.76
C THR D 80 -54.34 -2.81 -8.40
N ILE D 81 -55.52 -2.60 -7.82
CA ILE D 81 -55.91 -3.24 -6.58
C ILE D 81 -57.10 -4.17 -6.80
N SER D 82 -56.87 -5.48 -6.72
CA SER D 82 -57.94 -6.46 -6.84
C SER D 82 -58.62 -6.66 -5.50
N SER D 83 -59.95 -6.56 -5.48
CA SER D 83 -60.73 -6.66 -4.24
C SER D 83 -60.35 -5.57 -3.25
N LEU D 84 -61.03 -4.44 -3.35
CA LEU D 84 -60.68 -3.24 -2.59
C LEU D 84 -60.66 -3.46 -1.09
N GLN D 85 -61.76 -3.99 -0.56
CA GLN D 85 -61.96 -4.12 0.89
C GLN D 85 -61.94 -2.77 1.59
N ALA D 86 -61.96 -2.78 2.91
CA ALA D 86 -62.16 -1.56 3.70
C ALA D 86 -60.84 -0.90 4.09
N GLU D 87 -59.82 -1.69 4.39
CA GLU D 87 -58.58 -1.19 4.94
C GLU D 87 -57.71 -0.45 3.92
N ASP D 88 -58.16 -0.43 2.67
CA ASP D 88 -57.37 0.14 1.58
C ASP D 88 -57.77 1.58 1.24
N VAL D 89 -58.69 2.14 2.01
CA VAL D 89 -59.09 3.54 1.81
C VAL D 89 -57.95 4.47 2.19
N ALA D 90 -57.41 5.18 1.21
CA ALA D 90 -56.30 6.08 1.44
C ALA D 90 -56.01 6.93 0.20
N VAL D 91 -54.97 7.74 0.29
CA VAL D 91 -54.48 8.52 -0.84
C VAL D 91 -53.24 7.84 -1.41
N TYR D 92 -53.23 7.63 -2.72
CA TYR D 92 -52.14 6.90 -3.38
C TYR D 92 -51.31 7.82 -4.26
N TYR D 93 -50.02 7.88 -3.96
CA TYR D 93 -49.08 8.71 -4.69
C TYR D 93 -48.13 7.88 -5.53
N CYS D 94 -47.77 8.37 -6.71
CA CYS D 94 -46.73 7.76 -7.51
C CYS D 94 -45.52 8.70 -7.50
N GLN D 95 -44.33 8.12 -7.60
CA GLN D 95 -43.10 8.88 -7.55
C GLN D 95 -42.05 8.29 -8.49
N GLN D 96 -41.32 9.17 -9.15
CA GLN D 96 -40.18 8.76 -9.95
C GLN D 96 -38.92 9.03 -9.17
N TYR D 97 -38.01 8.07 -9.17
CA TYR D 97 -36.69 8.24 -8.56
C TYR D 97 -35.66 7.88 -9.61
N TYR D 98 -35.96 8.26 -10.84
CA TYR D 98 -35.06 8.09 -11.97
C TYR D 98 -33.97 9.14 -11.96
N SER D 99 -34.37 10.40 -11.85
CA SER D 99 -33.43 11.51 -11.86
C SER D 99 -33.87 12.62 -10.91
N ALA D 100 -32.90 13.35 -10.37
CA ALA D 100 -33.20 14.44 -9.45
C ALA D 100 -33.66 15.66 -10.23
N PRO D 101 -34.52 16.49 -9.62
CA PRO D 101 -35.10 16.29 -8.29
C PRO D 101 -36.20 15.25 -8.29
N LEU D 102 -36.27 14.45 -7.23
CA LEU D 102 -37.30 13.42 -7.13
C LEU D 102 -38.65 14.12 -7.00
N THR D 103 -39.63 13.65 -7.76
CA THR D 103 -40.93 14.31 -7.82
C THR D 103 -42.07 13.34 -7.58
N PHE D 104 -43.14 13.86 -7.00
CA PHE D 104 -44.33 13.06 -6.70
C PHE D 104 -45.48 13.44 -7.63
N GLY D 105 -46.44 12.54 -7.75
CA GLY D 105 -47.66 12.83 -8.47
C GLY D 105 -48.57 13.67 -7.61
N GLY D 106 -49.69 14.11 -8.19
CA GLY D 106 -50.64 14.93 -7.47
C GLY D 106 -51.40 14.14 -6.42
N GLY D 107 -51.31 12.82 -6.50
CA GLY D 107 -52.00 11.94 -5.57
C GLY D 107 -53.39 11.59 -6.07
N THR D 108 -53.86 10.40 -5.70
CA THR D 108 -55.19 9.93 -6.08
C THR D 108 -55.97 9.54 -4.84
N LYS D 109 -57.19 10.08 -4.72
CA LYS D 109 -58.04 9.80 -3.58
C LYS D 109 -58.95 8.61 -3.86
N VAL D 110 -58.82 7.57 -3.04
CA VAL D 110 -59.62 6.36 -3.18
C VAL D 110 -60.66 6.26 -2.08
N GLU D 111 -61.93 6.18 -2.48
CA GLU D 111 -63.04 6.07 -1.55
C GLU D 111 -63.88 4.84 -1.88
N ILE D 112 -64.74 4.43 -0.95
CA ILE D 112 -65.58 3.25 -1.14
C ILE D 112 -66.97 3.62 -1.61
N LYS D 113 -67.46 2.91 -2.62
CA LYS D 113 -68.84 3.05 -3.04
C LYS D 113 -69.72 2.18 -2.13
N ARG D 114 -70.74 2.80 -1.54
CA ARG D 114 -71.60 2.11 -0.58
C ARG D 114 -73.08 2.32 -0.92
N THR D 115 -73.91 1.40 -0.43
CA THR D 115 -75.36 1.59 -0.46
C THR D 115 -75.71 2.86 0.30
N VAL D 116 -76.73 3.59 -0.16
CA VAL D 116 -77.14 4.83 0.47
C VAL D 116 -77.45 4.61 1.95
N ALA D 117 -77.11 5.61 2.76
CA ALA D 117 -77.37 5.55 4.20
C ALA D 117 -77.83 6.93 4.70
N ALA D 118 -78.91 6.92 5.47
CA ALA D 118 -79.57 8.14 5.94
C ALA D 118 -78.86 8.77 7.14
N PRO D 119 -78.52 10.07 7.05
CA PRO D 119 -77.81 10.74 8.15
C PRO D 119 -78.64 10.86 9.42
N SER D 120 -78.03 10.56 10.56
CA SER D 120 -78.66 10.78 11.85
C SER D 120 -78.39 12.22 12.31
N VAL D 121 -79.39 13.07 12.18
CA VAL D 121 -79.21 14.50 12.41
C VAL D 121 -79.43 14.87 13.87
N PHE D 122 -78.57 15.74 14.39
CA PHE D 122 -78.71 16.28 15.73
C PHE D 122 -78.40 17.77 15.69
N ILE D 123 -79.07 18.53 16.54
CA ILE D 123 -78.82 19.98 16.64
C ILE D 123 -78.35 20.32 18.06
N PHE D 124 -77.36 21.21 18.14
CA PHE D 124 -76.80 21.63 19.42
C PHE D 124 -76.75 23.16 19.55
N PRO D 125 -77.61 23.73 20.42
CA PRO D 125 -77.50 25.17 20.67
C PRO D 125 -76.27 25.49 21.50
N PRO D 126 -75.81 26.77 21.47
CA PRO D 126 -74.63 27.15 22.24
C PRO D 126 -74.83 27.00 23.74
N SER D 127 -73.75 26.72 24.45
CA SER D 127 -73.79 26.53 25.90
C SER D 127 -73.73 27.86 26.64
N ASP D 128 -73.84 27.80 27.96
CA ASP D 128 -73.84 28.99 28.79
C ASP D 128 -72.49 29.72 28.78
N GLU D 129 -71.40 28.96 28.84
CA GLU D 129 -70.07 29.54 28.91
C GLU D 129 -69.78 30.44 27.70
N GLN D 130 -70.17 29.96 26.52
CA GLN D 130 -69.93 30.71 25.29
C GLN D 130 -70.73 32.01 25.27
N LEU D 131 -71.91 31.98 25.86
CA LEU D 131 -72.77 33.16 25.91
C LEU D 131 -72.13 34.26 26.75
N LYS D 132 -71.30 33.86 27.71
CA LYS D 132 -70.59 34.82 28.54
C LYS D 132 -69.48 35.51 27.75
N SER D 133 -69.10 34.91 26.62
CA SER D 133 -68.03 35.46 25.79
C SER D 133 -68.57 36.46 24.77
N GLY D 134 -69.87 36.72 24.81
CA GLY D 134 -70.48 37.68 23.90
C GLY D 134 -70.49 37.17 22.48
N THR D 135 -70.57 35.84 22.33
CA THR D 135 -70.62 35.21 21.01
C THR D 135 -71.56 34.01 21.05
N ALA D 136 -72.00 33.58 19.87
CA ALA D 136 -72.93 32.46 19.75
C ALA D 136 -72.59 31.58 18.54
N SER D 137 -72.36 30.30 18.80
CA SER D 137 -72.05 29.35 17.73
C SER D 137 -73.04 28.19 17.75
N VAL D 138 -73.87 28.14 16.71
CA VAL D 138 -74.85 27.06 16.55
C VAL D 138 -74.24 25.91 15.78
N VAL D 139 -74.50 24.69 16.24
CA VAL D 139 -73.92 23.49 15.64
C VAL D 139 -74.98 22.49 15.21
N CYS D 140 -74.81 21.93 14.02
CA CYS D 140 -75.68 20.87 13.51
C CYS D 140 -74.85 19.68 13.05
N LEU D 141 -75.15 18.51 13.61
CA LEU D 141 -74.36 17.31 13.35
C LEU D 141 -75.08 16.33 12.43
N LEU D 142 -74.41 15.94 11.35
CA LEU D 142 -74.91 14.91 10.45
C LEU D 142 -74.04 13.66 10.57
N ASN D 143 -74.55 12.64 11.24
CA ASN D 143 -73.74 11.48 11.63
C ASN D 143 -73.96 10.25 10.76
N ASN D 144 -72.85 9.66 10.28
CA ASN D 144 -72.87 8.41 9.54
C ASN D 144 -73.84 8.42 8.36
N PHE D 145 -73.42 8.97 7.23
CA PHE D 145 -74.24 8.98 6.03
C PHE D 145 -73.42 8.78 4.77
N TYR D 146 -74.13 8.48 3.68
CA TYR D 146 -73.51 8.30 2.38
C TYR D 146 -74.50 8.68 1.28
N PRO D 147 -74.03 9.33 0.21
CA PRO D 147 -72.65 9.77 -0.06
C PRO D 147 -72.26 11.04 0.69
N ARG D 148 -71.05 11.52 0.43
CA ARG D 148 -70.53 12.72 1.10
C ARG D 148 -71.36 13.95 0.76
N GLU D 149 -71.92 13.98 -0.44
CA GLU D 149 -72.66 15.14 -0.92
C GLU D 149 -73.86 15.40 -0.02
N ALA D 150 -74.19 16.68 0.16
CA ALA D 150 -75.27 17.10 1.03
C ALA D 150 -75.38 18.62 1.01
N LYS D 151 -76.44 19.14 1.63
CA LYS D 151 -76.71 20.57 1.60
C LYS D 151 -77.76 20.95 2.65
N TRP D 154 -78.93 27.21 6.77
CA TRP D 154 -79.28 27.84 8.04
C TRP D 154 -80.38 28.88 7.85
N LYS D 155 -81.50 28.67 8.53
CA LYS D 155 -82.62 29.60 8.48
C LYS D 155 -82.90 30.17 9.87
N VAL D 156 -82.77 31.48 10.00
CA VAL D 156 -83.05 32.16 11.25
C VAL D 156 -84.38 32.90 11.19
N ASN D 164 -71.68 33.63 6.84
CA ASN D 164 -71.53 33.71 8.28
C ASN D 164 -71.39 32.33 8.93
N SER D 165 -71.30 31.30 8.11
CA SER D 165 -71.19 29.93 8.60
C SER D 165 -70.28 29.10 7.70
N GLN D 166 -69.81 27.98 8.24
CA GLN D 166 -68.96 27.06 7.49
C GLN D 166 -69.08 25.65 8.06
N GLU D 167 -68.76 24.66 7.23
CA GLU D 167 -68.94 23.26 7.59
C GLU D 167 -67.65 22.46 7.50
N SER D 168 -67.61 21.33 8.18
CA SER D 168 -66.45 20.43 8.17
C SER D 168 -66.89 18.98 7.98
N VAL D 169 -66.16 18.26 7.15
CA VAL D 169 -66.51 16.88 6.82
C VAL D 169 -65.41 15.93 7.22
N THR D 170 -65.78 14.83 7.88
CA THR D 170 -64.82 13.82 8.29
C THR D 170 -64.39 12.98 7.09
N GLU D 171 -63.41 12.11 7.31
CA GLU D 171 -62.99 11.17 6.29
C GLU D 171 -63.94 9.98 6.28
N GLN D 172 -63.95 9.23 5.19
CA GLN D 172 -64.79 8.05 5.07
C GLN D 172 -64.41 7.05 6.15
N ASP D 173 -65.41 6.57 6.89
CA ASP D 173 -65.17 5.64 7.98
C ASP D 173 -64.42 4.40 7.48
N SER D 174 -63.42 3.97 8.24
CA SER D 174 -62.57 2.86 7.83
C SER D 174 -63.30 1.52 7.89
N LYS D 175 -64.43 1.48 8.59
CA LYS D 175 -65.18 0.25 8.77
C LYS D 175 -66.50 0.25 7.98
N ASP D 176 -67.41 1.14 8.37
CA ASP D 176 -68.75 1.16 7.78
C ASP D 176 -68.84 2.09 6.58
N SER D 177 -67.75 2.79 6.29
CA SER D 177 -67.66 3.63 5.09
C SER D 177 -68.69 4.75 5.07
N THR D 178 -69.05 5.27 6.25
CA THR D 178 -70.00 6.37 6.34
C THR D 178 -69.29 7.67 6.68
N TYR D 179 -69.64 8.73 5.97
CA TYR D 179 -69.10 10.06 6.25
C TYR D 179 -69.86 10.73 7.38
N SER D 180 -69.25 11.76 7.97
CA SER D 180 -69.91 12.59 8.97
C SER D 180 -69.61 14.06 8.70
N LEU D 181 -70.61 14.91 8.94
CA LEU D 181 -70.49 16.32 8.63
C LEU D 181 -70.98 17.19 9.79
N SER D 182 -70.23 18.25 10.08
CA SER D 182 -70.59 19.22 11.11
C SER D 182 -70.71 20.61 10.51
N SER D 183 -71.84 21.26 10.75
CA SER D 183 -72.09 22.62 10.25
C SER D 183 -72.14 23.62 11.40
N THR D 184 -71.29 24.63 11.34
CA THR D 184 -71.17 25.63 12.39
C THR D 184 -71.65 27.00 11.93
N LEU D 185 -72.70 27.50 12.57
CA LEU D 185 -73.20 28.85 12.34
C LEU D 185 -72.78 29.76 13.48
N THR D 186 -71.98 30.77 13.17
CA THR D 186 -71.42 31.68 14.17
C THR D 186 -71.99 33.08 14.02
N LEU D 187 -72.54 33.60 15.12
CA LEU D 187 -73.04 34.97 15.15
C LEU D 187 -72.78 35.60 16.51
N SER D 188 -72.65 36.92 16.52
CA SER D 188 -72.41 37.66 17.76
C SER D 188 -73.61 37.53 18.70
N HIS D 195 -83.34 35.62 16.30
CA HIS D 195 -83.02 35.99 17.67
C HIS D 195 -83.75 35.04 18.61
N LYS D 196 -84.86 34.51 18.13
CA LYS D 196 -85.73 33.62 18.89
C LYS D 196 -85.80 32.24 18.23
N VAL D 197 -85.98 32.23 16.92
CA VAL D 197 -86.07 30.98 16.17
C VAL D 197 -84.81 30.76 15.33
N TYR D 198 -84.22 29.57 15.47
CA TYR D 198 -83.05 29.18 14.67
C TYR D 198 -83.28 27.82 14.03
N ALA D 199 -83.32 27.80 12.70
CA ALA D 199 -83.55 26.57 11.95
C ALA D 199 -82.34 26.21 11.09
N LYS D 213 -84.49 19.93 11.59
CA LYS D 213 -84.18 20.15 13.00
C LYS D 213 -83.96 21.63 13.31
N SER D 214 -84.44 22.05 14.47
CA SER D 214 -84.37 23.45 14.88
C SER D 214 -84.44 23.56 16.40
N PHE D 215 -84.50 24.79 16.89
CA PHE D 215 -84.69 25.04 18.32
C PHE D 215 -85.18 26.47 18.53
N ASN D 216 -85.28 26.88 19.80
CA ASN D 216 -85.82 28.19 20.14
C ASN D 216 -85.02 28.88 21.24
N ARG D 217 -85.65 29.83 21.93
CA ARG D 217 -85.01 30.59 23.00
C ARG D 217 -83.94 31.53 22.47
N ARG E 16 -15.44 -9.40 -23.37
CA ARG E 16 -14.35 -8.53 -22.94
C ARG E 16 -13.55 -9.18 -21.83
N SER E 17 -12.70 -8.40 -21.18
CA SER E 17 -11.91 -8.88 -20.06
C SER E 17 -12.68 -8.75 -18.76
N ILE E 18 -12.07 -9.23 -17.67
CA ILE E 18 -12.73 -9.25 -16.36
C ILE E 18 -12.87 -7.84 -15.81
N PRO E 19 -14.11 -7.40 -15.52
CA PRO E 19 -14.25 -6.06 -14.94
C PRO E 19 -13.52 -5.92 -13.61
N LEU E 20 -12.90 -4.77 -13.40
CA LEU E 20 -12.18 -4.49 -12.17
C LEU E 20 -12.72 -3.23 -11.51
N GLY E 21 -13.25 -3.36 -10.31
CA GLY E 21 -13.81 -2.23 -9.60
C GLY E 21 -12.74 -1.41 -8.90
N VAL E 22 -12.88 -0.08 -8.99
CA VAL E 22 -11.92 0.83 -8.37
C VAL E 22 -12.60 1.65 -7.29
N ILE E 23 -12.02 1.66 -6.10
CA ILE E 23 -12.59 2.37 -4.96
C ILE E 23 -11.78 3.60 -4.57
N HIS E 24 -12.47 4.73 -4.57
CA HIS E 24 -11.97 5.97 -4.00
C HIS E 24 -12.94 6.41 -2.91
N ASN E 25 -12.41 6.70 -1.72
CA ASN E 25 -13.24 7.00 -0.57
C ASN E 25 -14.28 5.90 -0.32
N SER E 26 -15.55 6.20 -0.55
CA SER E 26 -16.61 5.21 -0.46
C SER E 26 -17.30 5.05 -1.81
N THR E 27 -16.78 5.76 -2.80
CA THR E 27 -17.33 5.72 -4.15
C THR E 27 -16.72 4.54 -4.90
N LEU E 28 -17.51 3.93 -5.78
CA LEU E 28 -17.07 2.79 -6.56
C LEU E 28 -17.14 3.10 -8.05
N GLN E 29 -16.05 2.84 -8.76
CA GLN E 29 -15.97 3.06 -10.19
C GLN E 29 -15.54 1.77 -10.88
N VAL E 30 -15.76 1.70 -12.19
CA VAL E 30 -15.37 0.55 -12.98
C VAL E 30 -14.29 0.95 -13.97
N SER E 31 -13.05 0.54 -13.67
CA SER E 31 -11.90 0.83 -14.51
C SER E 31 -12.14 0.49 -15.97
N ASP E 32 -12.12 1.52 -16.82
CA ASP E 32 -12.22 1.32 -18.26
C ASP E 32 -10.82 1.08 -18.83
N VAL E 33 -10.75 0.23 -19.85
CA VAL E 33 -9.47 -0.12 -20.45
C VAL E 33 -9.00 0.99 -21.37
N ASP E 34 -9.95 1.64 -22.04
CA ASP E 34 -9.64 2.69 -23.00
C ASP E 34 -9.18 3.96 -22.28
N LYS E 35 -9.88 4.33 -21.21
CA LYS E 35 -9.52 5.50 -20.41
C LYS E 35 -8.83 5.09 -19.11
N LEU E 36 -7.56 5.45 -19.00
CA LEU E 36 -6.80 5.17 -17.79
C LEU E 36 -6.80 6.40 -16.90
N VAL E 37 -7.06 6.19 -15.61
CA VAL E 37 -7.07 7.27 -14.64
C VAL E 37 -5.76 7.26 -13.84
N CYS E 38 -4.95 8.29 -14.02
CA CYS E 38 -3.68 8.39 -13.32
C CYS E 38 -3.89 8.66 -11.83
N ARG E 39 -5.08 9.12 -11.49
CA ARG E 39 -5.45 9.32 -10.09
C ARG E 39 -5.42 7.97 -9.37
N ASP E 40 -5.77 6.92 -10.09
CA ASP E 40 -5.67 5.56 -9.56
C ASP E 40 -4.22 5.25 -9.21
N LYS E 41 -4.01 4.83 -7.96
CA LYS E 41 -2.68 4.49 -7.48
C LYS E 41 -2.65 3.07 -6.96
N LEU E 42 -1.62 2.33 -7.36
CA LEU E 42 -1.43 0.97 -6.90
C LEU E 42 0.03 0.80 -6.53
N SER E 43 0.32 0.79 -5.23
CA SER E 43 1.70 0.79 -4.74
C SER E 43 2.15 -0.60 -4.34
N SER E 44 1.22 -1.52 -4.16
CA SER E 44 1.53 -2.88 -3.76
C SER E 44 0.40 -3.83 -4.11
N THR E 45 0.75 -5.05 -4.49
CA THR E 45 -0.24 -6.04 -4.89
C THR E 45 -1.24 -6.32 -3.77
N ASN E 46 -0.89 -5.94 -2.56
CA ASN E 46 -1.78 -6.11 -1.40
C ASN E 46 -2.99 -5.18 -1.46
N GLN E 47 -2.97 -4.23 -2.39
CA GLN E 47 -4.11 -3.36 -2.59
C GLN E 47 -5.19 -4.06 -3.40
N LEU E 48 -4.76 -4.98 -4.26
CA LEU E 48 -5.69 -5.78 -5.06
C LEU E 48 -6.37 -6.83 -4.19
N ARG E 49 -7.69 -6.88 -4.26
CA ARG E 49 -8.48 -7.79 -3.43
C ARG E 49 -9.60 -8.44 -4.22
N SER E 50 -9.73 -9.76 -4.09
CA SER E 50 -10.79 -10.51 -4.74
C SER E 50 -11.78 -10.98 -3.68
N VAL E 51 -13.03 -10.55 -3.82
CA VAL E 51 -14.07 -10.80 -2.82
C VAL E 51 -15.15 -11.70 -3.36
N GLY E 52 -15.62 -12.62 -2.51
CA GLY E 52 -16.75 -13.47 -2.83
C GLY E 52 -17.97 -13.06 -2.02
N LEU E 53 -19.05 -12.71 -2.72
CA LEU E 53 -20.27 -12.25 -2.09
C LEU E 53 -21.40 -13.27 -2.28
N ASN E 54 -22.14 -13.54 -1.21
CA ASN E 54 -23.19 -14.55 -1.22
C ASN E 54 -24.44 -14.10 -1.97
N LEU E 55 -25.17 -15.06 -2.52
CA LEU E 55 -26.39 -14.76 -3.27
C LEU E 55 -27.53 -14.36 -2.34
N GLU E 56 -27.54 -14.93 -1.14
CA GLU E 56 -28.61 -14.68 -0.19
C GLU E 56 -28.72 -13.19 0.11
N GLY E 57 -27.61 -12.47 -0.09
CA GLY E 57 -27.59 -11.04 0.11
C GLY E 57 -28.35 -10.31 -0.97
N ASN E 58 -28.60 -11.00 -2.08
CA ASN E 58 -29.32 -10.42 -3.21
C ASN E 58 -30.83 -10.63 -3.13
N GLY E 59 -31.27 -11.30 -2.06
CA GLY E 59 -32.68 -11.52 -1.83
C GLY E 59 -33.16 -12.88 -2.33
N VAL E 60 -32.23 -13.73 -2.73
CA VAL E 60 -32.56 -15.08 -3.19
C VAL E 60 -33.15 -15.90 -2.06
N ALA E 61 -34.12 -16.74 -2.39
CA ALA E 61 -34.72 -17.64 -1.40
C ALA E 61 -33.70 -18.67 -0.92
N THR E 62 -33.59 -18.81 0.39
CA THR E 62 -32.61 -19.72 0.99
C THR E 62 -33.21 -21.08 1.28
N ASP E 63 -34.51 -21.25 1.04
CA ASP E 63 -35.17 -22.51 1.29
C ASP E 63 -34.55 -23.60 0.41
N VAL E 64 -34.61 -24.84 0.89
CA VAL E 64 -33.94 -25.95 0.21
C VAL E 64 -34.53 -26.27 -1.16
N PRO E 65 -35.86 -26.33 -1.28
CA PRO E 65 -36.41 -26.73 -2.58
C PRO E 65 -36.14 -25.70 -3.69
N SER E 66 -36.12 -24.43 -3.36
CA SER E 66 -35.82 -23.39 -4.33
C SER E 66 -34.36 -23.45 -4.75
N ALA E 67 -33.50 -23.85 -3.82
CA ALA E 67 -32.07 -23.92 -4.06
C ALA E 67 -31.73 -25.07 -5.00
N THR E 68 -32.32 -26.23 -4.75
CA THR E 68 -32.04 -27.40 -5.57
C THR E 68 -32.45 -27.15 -7.02
N LYS E 69 -33.47 -26.32 -7.21
CA LYS E 69 -33.94 -25.99 -8.54
C LYS E 69 -32.96 -25.10 -9.28
N ARG E 70 -32.09 -24.43 -8.53
CA ARG E 70 -31.09 -23.55 -9.12
C ARG E 70 -29.82 -24.31 -9.51
N TRP E 71 -29.75 -25.57 -9.10
CA TRP E 71 -28.60 -26.42 -9.41
C TRP E 71 -29.03 -27.53 -10.35
N GLY E 72 -28.11 -28.02 -11.16
CA GLY E 72 -28.44 -29.07 -12.12
C GLY E 72 -27.22 -29.83 -12.60
N PHE E 73 -27.46 -31.01 -13.17
CA PHE E 73 -26.38 -31.86 -13.65
C PHE E 73 -26.14 -31.66 -15.14
N ARG E 74 -24.90 -31.88 -15.57
CA ARG E 74 -24.53 -31.77 -16.97
C ARG E 74 -23.17 -32.44 -17.19
N SER E 75 -22.93 -32.89 -18.41
CA SER E 75 -21.66 -33.53 -18.76
C SER E 75 -21.03 -32.86 -19.98
N GLY E 76 -19.75 -33.13 -20.19
CA GLY E 76 -19.02 -32.55 -21.30
C GLY E 76 -18.47 -31.18 -20.96
N VAL E 77 -18.51 -30.83 -19.68
CA VAL E 77 -18.02 -29.54 -19.21
C VAL E 77 -17.09 -29.76 -18.01
N PRO E 78 -15.76 -29.68 -18.23
CA PRO E 78 -14.82 -29.89 -17.13
C PRO E 78 -15.04 -28.92 -15.99
N PRO E 79 -14.70 -29.32 -14.76
CA PRO E 79 -14.87 -28.40 -13.63
C PRO E 79 -13.76 -27.36 -13.57
N LYS E 80 -14.09 -26.15 -13.15
CA LYS E 80 -13.11 -25.08 -13.06
C LYS E 80 -13.23 -24.37 -11.71
N VAL E 81 -12.10 -23.87 -11.21
CA VAL E 81 -12.04 -23.28 -9.88
C VAL E 81 -11.18 -22.02 -9.87
N VAL E 82 -11.63 -21.01 -9.13
CA VAL E 82 -10.84 -19.80 -8.89
C VAL E 82 -10.65 -19.58 -7.41
N ASN E 83 -9.66 -18.76 -7.07
CA ASN E 83 -9.39 -18.40 -5.69
C ASN E 83 -9.91 -17.00 -5.37
N TYR E 84 -10.55 -16.87 -4.22
CA TYR E 84 -10.98 -15.57 -3.72
C TYR E 84 -10.45 -15.36 -2.31
N GLU E 85 -9.99 -14.15 -2.04
CA GLU E 85 -9.20 -13.88 -0.85
C GLU E 85 -10.03 -13.60 0.39
N ALA E 86 -11.25 -13.08 0.19
CA ALA E 86 -12.12 -12.74 1.30
C ALA E 86 -13.58 -13.03 0.97
N GLY E 87 -14.36 -13.41 1.97
CA GLY E 87 -15.75 -13.77 1.78
C GLY E 87 -16.65 -13.26 2.89
N GLU E 88 -17.95 -13.45 2.70
CA GLU E 88 -18.96 -12.94 3.63
C GLU E 88 -19.53 -14.04 4.51
N TRP E 89 -19.86 -13.70 5.75
CA TRP E 89 -20.52 -14.63 6.65
C TRP E 89 -21.88 -14.99 6.09
N ALA E 90 -22.15 -16.30 6.02
CA ALA E 90 -23.39 -16.79 5.43
C ALA E 90 -24.39 -17.22 6.50
N GLU E 91 -25.64 -16.84 6.30
CA GLU E 91 -26.72 -17.27 7.18
C GLU E 91 -27.11 -18.70 6.83
N ASN E 92 -27.12 -19.00 5.53
CA ASN E 92 -27.53 -20.30 5.04
C ASN E 92 -26.48 -20.92 4.12
N CYS E 93 -26.02 -22.11 4.47
CA CYS E 93 -25.13 -22.90 3.62
C CYS E 93 -25.79 -24.22 3.29
N TYR E 94 -25.12 -25.04 2.49
CA TYR E 94 -25.66 -26.32 2.05
C TYR E 94 -24.57 -27.38 2.00
N ASN E 95 -24.94 -28.61 2.34
CA ASN E 95 -24.02 -29.74 2.28
C ASN E 95 -24.74 -30.94 1.71
N LEU E 96 -24.36 -31.32 0.49
CA LEU E 96 -25.07 -32.38 -0.22
C LEU E 96 -24.36 -33.72 -0.13
N GLU E 97 -25.15 -34.76 0.16
CA GLU E 97 -24.68 -36.14 0.07
C GLU E 97 -25.76 -36.98 -0.58
N ILE E 98 -25.68 -37.12 -1.90
CA ILE E 98 -26.74 -37.78 -2.66
C ILE E 98 -26.22 -38.87 -3.59
N LYS E 99 -27.10 -39.83 -3.87
CA LYS E 99 -26.75 -41.00 -4.67
C LYS E 99 -27.81 -41.25 -5.72
N LYS E 100 -27.72 -42.39 -6.39
CA LYS E 100 -28.77 -42.83 -7.32
C LYS E 100 -29.32 -44.17 -6.86
N PRO E 101 -30.47 -44.59 -7.41
CA PRO E 101 -31.14 -45.83 -7.01
C PRO E 101 -30.22 -47.02 -6.84
N ASP E 102 -29.17 -47.11 -7.66
CA ASP E 102 -28.23 -48.22 -7.57
C ASP E 102 -27.23 -48.04 -6.42
N GLY E 103 -27.45 -47.00 -5.61
CA GLY E 103 -26.67 -46.80 -4.40
C GLY E 103 -25.34 -46.09 -4.61
N SER E 104 -25.00 -45.81 -5.87
CA SER E 104 -23.73 -45.16 -6.19
C SER E 104 -23.80 -43.65 -6.05
N GLU E 105 -22.72 -43.03 -5.61
CA GLU E 105 -22.64 -41.59 -5.46
C GLU E 105 -22.64 -40.92 -6.82
N CYS E 106 -23.35 -39.81 -6.95
CA CYS E 106 -23.35 -39.03 -8.18
C CYS E 106 -22.59 -37.71 -8.01
N LEU E 107 -21.99 -37.51 -6.84
CA LEU E 107 -21.18 -36.32 -6.59
C LEU E 107 -19.73 -36.71 -6.28
N PRO E 108 -18.76 -35.98 -6.85
CA PRO E 108 -17.35 -36.32 -6.63
C PRO E 108 -16.85 -35.83 -5.28
N ALA E 109 -15.87 -36.53 -4.72
CA ALA E 109 -15.27 -36.10 -3.47
C ALA E 109 -14.44 -34.85 -3.69
N ALA E 110 -14.47 -33.94 -2.72
CA ALA E 110 -13.72 -32.70 -2.84
C ALA E 110 -12.22 -33.00 -2.89
N PRO E 111 -11.58 -32.67 -4.01
CA PRO E 111 -10.15 -32.97 -4.12
C PRO E 111 -9.32 -32.22 -3.08
N ASP E 112 -8.09 -32.69 -2.86
CA ASP E 112 -7.23 -32.14 -1.83
C ASP E 112 -7.06 -30.64 -1.95
N GLY E 113 -7.31 -29.93 -0.86
CA GLY E 113 -7.15 -28.49 -0.80
C GLY E 113 -8.47 -27.75 -0.67
N ILE E 114 -9.56 -28.40 -1.05
CA ILE E 114 -10.88 -27.79 -0.97
C ILE E 114 -11.54 -28.16 0.35
N ARG E 115 -11.78 -27.14 1.18
CA ARG E 115 -12.42 -27.31 2.48
C ARG E 115 -13.80 -26.64 2.46
N GLY E 116 -14.52 -26.77 3.57
CA GLY E 116 -15.85 -26.21 3.68
C GLY E 116 -15.83 -24.71 3.90
N PHE E 117 -16.92 -24.06 3.53
CA PHE E 117 -17.07 -22.62 3.74
C PHE E 117 -16.80 -22.27 5.20
N PRO E 118 -15.96 -21.27 5.46
CA PRO E 118 -15.45 -21.04 6.81
C PRO E 118 -16.47 -20.52 7.81
N ARG E 119 -17.52 -19.85 7.33
CA ARG E 119 -18.50 -19.23 8.23
C ARG E 119 -19.93 -19.49 7.80
N CYS E 120 -20.63 -20.28 8.60
CA CYS E 120 -22.04 -20.59 8.38
C CYS E 120 -22.81 -20.60 9.70
N ARG E 121 -23.93 -19.91 9.75
CA ARG E 121 -24.81 -19.98 10.91
C ARG E 121 -25.58 -21.30 10.88
N TYR E 122 -26.43 -21.43 9.87
CA TYR E 122 -27.16 -22.67 9.64
C TYR E 122 -26.59 -23.40 8.44
N VAL E 123 -26.26 -24.68 8.63
CA VAL E 123 -25.78 -25.52 7.54
C VAL E 123 -26.84 -26.55 7.20
N HIS E 124 -27.43 -26.43 6.02
CA HIS E 124 -28.47 -27.35 5.60
C HIS E 124 -27.86 -28.62 5.04
N LYS E 125 -27.73 -29.63 5.89
CA LYS E 125 -27.21 -30.92 5.43
C LYS E 125 -28.30 -31.61 4.64
N VAL E 126 -27.97 -32.00 3.42
CA VAL E 126 -28.93 -32.57 2.49
C VAL E 126 -28.55 -33.97 2.06
N SER E 127 -29.53 -34.87 2.14
CA SER E 127 -29.37 -36.23 1.63
C SER E 127 -30.54 -36.54 0.73
N GLY E 128 -30.35 -37.48 -0.19
CA GLY E 128 -31.41 -37.87 -1.09
C GLY E 128 -30.91 -38.72 -2.24
N THR E 129 -31.82 -39.09 -3.13
CA THR E 129 -31.48 -39.89 -4.31
C THR E 129 -32.28 -39.41 -5.51
N GLY E 130 -31.73 -39.64 -6.70
CA GLY E 130 -32.39 -39.22 -7.92
C GLY E 130 -31.60 -39.60 -9.16
N PRO E 131 -32.10 -39.21 -10.33
CA PRO E 131 -31.44 -39.47 -11.61
C PRO E 131 -30.33 -38.48 -11.90
N CYS E 132 -29.12 -38.76 -11.44
CA CYS E 132 -27.98 -37.92 -11.74
C CYS E 132 -27.70 -38.01 -13.24
N ALA E 133 -28.24 -37.05 -13.99
CA ALA E 133 -28.19 -37.10 -15.44
C ALA E 133 -26.88 -36.56 -16.01
N GLY E 134 -25.90 -36.32 -15.15
CA GLY E 134 -24.62 -35.80 -15.58
C GLY E 134 -23.50 -36.15 -14.63
N ASP E 135 -22.26 -35.98 -15.09
CA ASP E 135 -21.10 -36.28 -14.28
C ASP E 135 -20.93 -35.25 -13.17
N PHE E 136 -21.14 -33.98 -13.50
CA PHE E 136 -20.93 -32.89 -12.53
C PHE E 136 -22.19 -32.04 -12.38
N ALA E 137 -22.32 -31.42 -11.21
CA ALA E 137 -23.48 -30.60 -10.88
C ALA E 137 -23.13 -29.11 -10.89
N PHE E 138 -23.67 -28.38 -11.85
CA PHE E 138 -23.36 -26.96 -12.02
C PHE E 138 -24.48 -26.06 -11.49
N HIS E 139 -24.29 -24.76 -11.61
CA HIS E 139 -25.29 -23.78 -11.20
C HIS E 139 -26.04 -23.28 -12.43
N LYS E 140 -27.36 -23.36 -12.40
CA LYS E 140 -28.18 -23.01 -13.55
C LYS E 140 -28.13 -21.52 -13.87
N GLU E 141 -28.03 -20.68 -12.84
CA GLU E 141 -28.05 -19.24 -13.04
C GLU E 141 -26.66 -18.70 -13.36
N GLY E 142 -25.66 -19.57 -13.30
CA GLY E 142 -24.29 -19.20 -13.66
C GLY E 142 -23.43 -18.80 -12.49
N ALA E 143 -23.99 -18.84 -11.28
CA ALA E 143 -23.25 -18.44 -10.10
C ALA E 143 -22.18 -19.48 -9.75
N PHE E 144 -21.46 -19.21 -8.66
CA PHE E 144 -20.41 -20.11 -8.19
C PHE E 144 -20.77 -20.76 -6.88
N PHE E 145 -20.21 -21.93 -6.63
CA PHE E 145 -20.31 -22.58 -5.34
C PHE E 145 -19.08 -22.22 -4.52
N LEU E 146 -19.26 -21.37 -3.52
CA LEU E 146 -18.13 -20.87 -2.75
C LEU E 146 -17.69 -21.85 -1.67
N TYR E 147 -16.41 -22.20 -1.70
CA TYR E 147 -15.79 -23.02 -0.68
C TYR E 147 -14.75 -22.19 0.07
N ASP E 148 -13.82 -22.85 0.74
CA ASP E 148 -12.78 -22.16 1.47
C ASP E 148 -11.82 -21.42 0.54
N ARG E 149 -12.03 -20.11 0.41
CA ARG E 149 -11.20 -19.28 -0.45
C ARG E 149 -11.08 -19.83 -1.85
N LEU E 150 -12.07 -20.62 -2.26
CA LEU E 150 -12.10 -21.20 -3.59
C LEU E 150 -13.53 -21.27 -4.10
N ALA E 151 -13.76 -20.71 -5.28
CA ALA E 151 -15.05 -20.77 -5.93
C ALA E 151 -14.98 -21.77 -7.08
N SER E 152 -15.83 -22.78 -7.04
CA SER E 152 -15.86 -23.83 -8.06
C SER E 152 -17.14 -23.75 -8.87
N THR E 153 -17.12 -24.30 -10.07
CA THR E 153 -18.30 -24.34 -10.93
C THR E 153 -19.10 -25.61 -10.71
N VAL E 154 -18.67 -26.43 -9.76
CA VAL E 154 -19.28 -27.73 -9.53
C VAL E 154 -19.41 -28.03 -8.04
N ILE E 155 -20.45 -28.79 -7.68
CA ILE E 155 -20.66 -29.22 -6.31
C ILE E 155 -19.83 -30.46 -5.98
N TYR E 156 -19.16 -30.42 -4.84
CA TYR E 156 -18.37 -31.54 -4.36
C TYR E 156 -19.12 -32.27 -3.25
N ARG E 157 -18.85 -33.57 -3.13
CA ARG E 157 -19.56 -34.42 -2.20
C ARG E 157 -19.25 -34.10 -0.74
N GLY E 158 -20.30 -33.97 0.06
CA GLY E 158 -20.17 -33.93 1.51
C GLY E 158 -19.50 -32.70 2.09
N THR E 159 -19.08 -31.78 1.23
CA THR E 159 -18.40 -30.57 1.69
C THR E 159 -19.34 -29.37 1.66
N THR E 160 -19.55 -28.76 2.82
CA THR E 160 -20.42 -27.60 2.94
C THR E 160 -19.97 -26.46 2.03
N PHE E 161 -20.94 -25.79 1.42
CA PHE E 161 -20.65 -24.68 0.53
C PHE E 161 -21.76 -23.63 0.59
N ALA E 162 -21.46 -22.44 0.09
CA ALA E 162 -22.43 -21.37 -0.06
C ALA E 162 -22.39 -20.86 -1.48
N GLU E 163 -23.54 -20.47 -2.01
CA GLU E 163 -23.61 -20.06 -3.41
C GLU E 163 -23.51 -18.55 -3.53
N GLY E 164 -22.55 -18.10 -4.34
CA GLY E 164 -22.28 -16.69 -4.47
C GLY E 164 -21.56 -16.34 -5.77
N VAL E 165 -21.03 -15.13 -5.81
CA VAL E 165 -20.35 -14.62 -6.99
C VAL E 165 -19.09 -13.86 -6.58
N VAL E 166 -18.18 -13.67 -7.53
CA VAL E 166 -16.87 -13.08 -7.24
C VAL E 166 -16.72 -11.69 -7.85
N ALA E 167 -16.03 -10.82 -7.12
CA ALA E 167 -15.70 -9.48 -7.59
C ALA E 167 -14.23 -9.18 -7.30
N PHE E 168 -13.61 -8.40 -8.17
CA PHE E 168 -12.21 -8.02 -8.02
C PHE E 168 -12.09 -6.51 -7.81
N LEU E 169 -11.22 -6.12 -6.88
CA LEU E 169 -11.11 -4.72 -6.46
C LEU E 169 -9.67 -4.23 -6.39
N ILE E 170 -9.52 -2.91 -6.45
CA ILE E 170 -8.25 -2.26 -6.13
C ILE E 170 -8.53 -1.25 -5.02
N LEU E 171 -8.08 -1.59 -3.82
CA LEU E 171 -8.41 -0.82 -2.62
C LEU E 171 -7.64 0.50 -2.56
N PRO E 172 -8.07 1.41 -1.67
CA PRO E 172 -7.35 2.68 -1.48
C PRO E 172 -6.00 2.48 -0.80
N GLN E 173 -5.23 3.56 -0.69
CA GLN E 173 -3.91 3.51 -0.06
C GLN E 173 -4.03 3.23 1.43
N ILE F 3 -21.92 1.78 -11.70
CA ILE F 3 -22.55 0.59 -11.13
C ILE F 3 -23.88 0.94 -10.47
N VAL F 4 -24.89 0.13 -10.73
CA VAL F 4 -26.23 0.36 -10.19
C VAL F 4 -26.87 -0.94 -9.77
N ASN F 5 -27.13 -1.09 -8.48
CA ASN F 5 -27.72 -2.32 -7.98
C ASN F 5 -29.09 -2.53 -8.61
N ALA F 6 -29.25 -3.68 -9.24
CA ALA F 6 -30.50 -4.06 -9.88
C ALA F 6 -31.12 -5.26 -9.18
N GLN F 7 -30.53 -5.66 -8.06
CA GLN F 7 -31.01 -6.81 -7.31
C GLN F 7 -32.29 -6.46 -6.57
N PRO F 8 -33.20 -7.44 -6.41
CA PRO F 8 -34.47 -7.18 -5.73
C PRO F 8 -34.27 -6.72 -4.29
N LYS F 9 -33.40 -7.40 -3.57
CA LYS F 9 -33.04 -7.00 -2.21
C LYS F 9 -31.53 -6.86 -2.10
N CYS F 10 -31.07 -6.08 -1.13
CA CYS F 10 -29.64 -5.87 -0.92
C CYS F 10 -29.29 -5.70 0.54
N ASN F 11 -28.52 -6.62 1.08
CA ASN F 11 -28.06 -6.53 2.46
C ASN F 11 -26.97 -5.45 2.57
N PRO F 12 -27.27 -4.34 3.25
CA PRO F 12 -26.27 -3.27 3.31
C PRO F 12 -25.06 -3.64 4.17
N ASN F 13 -25.28 -4.43 5.21
CA ASN F 13 -24.21 -4.85 6.10
C ASN F 13 -23.40 -5.98 5.51
N LEU F 14 -22.09 -5.78 5.41
CA LEU F 14 -21.17 -6.80 4.92
C LEU F 14 -20.28 -7.31 6.04
N HIS F 15 -20.69 -8.41 6.66
CA HIS F 15 -19.89 -9.06 7.69
C HIS F 15 -18.97 -10.07 7.00
N TYR F 16 -17.70 -9.75 6.91
CA TYR F 16 -16.76 -10.49 6.08
C TYR F 16 -15.69 -11.22 6.88
N TRP F 17 -15.03 -12.17 6.23
CA TRP F 17 -13.90 -12.89 6.80
C TRP F 17 -12.76 -12.89 5.80
N THR F 18 -11.53 -13.02 6.31
CA THR F 18 -10.36 -13.03 5.44
C THR F 18 -9.17 -13.69 6.11
N THR F 19 -8.09 -13.81 5.35
CA THR F 19 -6.86 -14.46 5.81
C THR F 19 -5.85 -13.44 6.31
N GLN F 20 -5.60 -12.41 5.52
CA GLN F 20 -4.59 -11.40 5.85
C GLN F 20 -4.79 -10.84 7.26
N ASP F 21 -3.72 -10.87 8.05
CA ASP F 21 -3.76 -10.46 9.45
C ASP F 21 -3.05 -9.13 9.64
N GLU F 22 -2.99 -8.66 10.89
CA GLU F 22 -2.35 -7.38 11.20
C GLU F 22 -1.07 -7.55 12.00
N GLY F 23 -1.17 -8.14 13.19
CA GLY F 23 -0.05 -8.24 14.10
C GLY F 23 0.55 -9.63 14.10
N ALA F 24 1.76 -9.75 13.57
CA ALA F 24 2.39 -11.04 13.36
C ALA F 24 2.99 -11.58 14.67
N ALA F 25 3.20 -10.68 15.63
CA ALA F 25 3.85 -11.04 16.89
C ALA F 25 2.86 -11.53 17.95
N ILE F 26 2.49 -12.80 17.86
CA ILE F 26 1.66 -13.44 18.88
C ILE F 26 2.51 -14.50 19.60
N GLY F 27 3.83 -14.36 19.50
CA GLY F 27 4.75 -15.34 20.06
C GLY F 27 5.16 -16.36 19.03
N LEU F 28 4.85 -17.62 19.29
CA LEU F 28 5.18 -18.72 18.37
C LEU F 28 3.99 -19.16 17.55
N ALA F 29 2.91 -18.39 17.61
CA ALA F 29 1.65 -18.79 16.97
C ALA F 29 1.78 -18.88 15.45
N TRP F 30 2.88 -18.37 14.91
CA TRP F 30 3.08 -18.41 13.46
C TRP F 30 3.49 -19.80 12.99
N ILE F 31 3.99 -20.62 13.92
CA ILE F 31 4.44 -21.96 13.59
C ILE F 31 3.23 -22.85 13.31
N PRO F 32 3.26 -23.63 12.21
CA PRO F 32 2.11 -24.46 11.88
C PRO F 32 1.82 -25.53 12.92
N TYR F 33 2.85 -26.08 13.55
CA TYR F 33 2.66 -27.09 14.59
C TYR F 33 1.79 -26.55 15.70
N PHE F 34 2.10 -25.32 16.13
CA PHE F 34 1.26 -24.60 17.07
C PHE F 34 0.27 -23.77 16.26
N GLY F 35 -0.27 -22.73 16.87
CA GLY F 35 -1.11 -21.80 16.13
C GLY F 35 -2.46 -22.38 15.74
N PRO F 36 -3.31 -21.55 15.13
CA PRO F 36 -4.70 -21.89 14.84
C PRO F 36 -4.86 -23.11 13.94
N ALA F 37 -5.98 -23.82 14.11
CA ALA F 37 -6.35 -24.90 13.22
C ALA F 37 -6.97 -24.31 11.96
N ALA F 38 -7.43 -25.18 11.06
CA ALA F 38 -7.92 -24.76 9.75
C ALA F 38 -9.05 -23.73 9.85
N GLU F 39 -9.85 -23.81 10.91
CA GLU F 39 -11.03 -22.96 11.04
C GLU F 39 -10.80 -21.75 11.94
N GLY F 40 -9.55 -21.51 12.32
CA GLY F 40 -9.21 -20.40 13.20
C GLY F 40 -8.25 -19.40 12.59
N ILE F 41 -7.80 -19.67 11.37
CA ILE F 41 -6.82 -18.81 10.71
C ILE F 41 -7.41 -17.50 10.24
N TYR F 42 -8.74 -17.39 10.28
CA TYR F 42 -9.43 -16.25 9.69
C TYR F 42 -9.60 -15.11 10.67
N THR F 43 -9.80 -13.91 10.13
CA THR F 43 -10.15 -12.73 10.90
C THR F 43 -11.41 -12.13 10.31
N GLU F 44 -12.27 -11.59 11.17
CA GLU F 44 -13.54 -11.04 10.72
C GLU F 44 -13.55 -9.52 10.77
N GLY F 45 -14.51 -8.92 10.09
CA GLY F 45 -14.67 -7.47 10.10
C GLY F 45 -16.07 -7.08 9.67
N LEU F 46 -16.36 -5.78 9.70
CA LEU F 46 -17.66 -5.27 9.30
C LEU F 46 -17.55 -3.97 8.52
N MET F 47 -17.95 -4.01 7.26
CA MET F 47 -18.02 -2.82 6.41
C MET F 47 -19.47 -2.39 6.22
N HIS F 48 -19.72 -1.09 6.33
CA HIS F 48 -21.07 -0.57 6.19
C HIS F 48 -21.33 -0.03 4.79
N ASN F 49 -22.61 -0.01 4.40
CA ASN F 49 -22.99 0.46 3.07
C ASN F 49 -22.89 1.98 2.97
N GLN F 50 -21.66 2.47 2.94
CA GLN F 50 -21.41 3.90 2.87
C GLN F 50 -21.50 4.38 1.43
N ASP F 51 -22.45 5.28 1.17
CA ASP F 51 -22.71 5.78 -0.17
C ASP F 51 -22.96 4.62 -1.13
N GLY F 52 -23.74 3.65 -0.66
CA GLY F 52 -24.12 2.52 -1.47
C GLY F 52 -22.95 1.68 -1.95
N LEU F 53 -21.86 1.73 -1.19
CA LEU F 53 -20.65 1.01 -1.56
C LEU F 53 -20.89 -0.49 -1.66
N ILE F 54 -21.48 -1.07 -0.62
CA ILE F 54 -21.72 -2.51 -0.58
C ILE F 54 -22.65 -2.93 -1.70
N CYS F 55 -23.81 -2.27 -1.79
CA CYS F 55 -24.77 -2.57 -2.84
C CYS F 55 -24.13 -2.41 -4.22
N GLY F 56 -23.09 -1.59 -4.29
CA GLY F 56 -22.31 -1.46 -5.51
C GLY F 56 -21.49 -2.72 -5.72
N LEU F 57 -20.78 -3.14 -4.68
CA LEU F 57 -19.99 -4.36 -4.72
C LEU F 57 -20.84 -5.56 -5.08
N ARG F 58 -22.03 -5.62 -4.49
CA ARG F 58 -22.95 -6.72 -4.75
C ARG F 58 -23.27 -6.81 -6.23
N GLN F 59 -23.55 -5.67 -6.86
CA GLN F 59 -23.84 -5.64 -8.29
C GLN F 59 -22.61 -5.95 -9.11
N LEU F 60 -21.47 -5.43 -8.68
CA LEU F 60 -20.22 -5.64 -9.39
C LEU F 60 -19.89 -7.12 -9.46
N ALA F 61 -20.10 -7.82 -8.34
CA ALA F 61 -19.82 -9.25 -8.27
C ALA F 61 -20.72 -10.01 -9.24
N ASN F 62 -21.92 -9.47 -9.47
CA ASN F 62 -22.86 -10.09 -10.37
C ASN F 62 -22.45 -9.94 -11.84
N GLU F 63 -22.08 -8.73 -12.22
CA GLU F 63 -21.75 -8.44 -13.61
C GLU F 63 -20.41 -9.05 -14.02
N THR F 64 -19.52 -9.26 -13.05
CA THR F 64 -18.21 -9.82 -13.33
C THR F 64 -18.30 -11.30 -13.67
N THR F 65 -19.38 -11.94 -13.22
CA THR F 65 -19.51 -13.39 -13.33
C THR F 65 -19.38 -13.88 -14.77
N GLN F 66 -20.03 -13.19 -15.70
CA GLN F 66 -20.02 -13.62 -17.10
C GLN F 66 -18.60 -13.70 -17.64
N ALA F 67 -17.88 -12.58 -17.57
CA ALA F 67 -16.52 -12.53 -18.09
C ALA F 67 -15.62 -13.54 -17.38
N LEU F 68 -15.86 -13.72 -16.09
CA LEU F 68 -15.06 -14.64 -15.30
C LEU F 68 -15.32 -16.08 -15.72
N GLN F 69 -16.58 -16.38 -15.96
CA GLN F 69 -16.97 -17.74 -16.32
C GLN F 69 -16.39 -18.12 -17.67
N LEU F 70 -16.31 -17.14 -18.56
CA LEU F 70 -15.76 -17.36 -19.89
C LEU F 70 -14.25 -17.52 -19.84
N PHE F 71 -13.60 -16.73 -18.99
CA PHE F 71 -12.16 -16.82 -18.82
C PHE F 71 -11.76 -18.21 -18.36
N LEU F 72 -12.59 -18.80 -17.51
CA LEU F 72 -12.31 -20.13 -16.97
C LEU F 72 -12.51 -21.20 -18.02
N ARG F 73 -13.46 -20.98 -18.91
CA ARG F 73 -13.71 -21.90 -20.01
C ARG F 73 -12.48 -21.96 -20.89
N ALA F 74 -11.83 -20.82 -21.08
CA ALA F 74 -10.69 -20.70 -21.96
C ALA F 74 -9.48 -21.47 -21.43
N THR F 75 -9.19 -21.27 -20.14
CA THR F 75 -8.04 -21.92 -19.52
C THR F 75 -8.32 -23.40 -19.31
N THR F 76 -7.24 -24.18 -19.22
CA THR F 76 -7.35 -25.61 -19.01
C THR F 76 -6.81 -26.02 -17.65
N GLU F 77 -6.27 -25.07 -16.89
CA GLU F 77 -5.77 -25.38 -15.57
C GLU F 77 -6.94 -25.46 -14.59
N LEU F 78 -6.86 -26.42 -13.69
CA LEU F 78 -7.96 -26.71 -12.78
C LEU F 78 -8.23 -25.56 -11.83
N ARG F 79 -7.21 -25.12 -11.12
CA ARG F 79 -7.35 -24.05 -10.12
C ARG F 79 -6.53 -22.84 -10.51
N THR F 80 -7.20 -21.70 -10.67
CA THR F 80 -6.58 -20.48 -11.15
C THR F 80 -6.39 -19.45 -10.03
N PHE F 81 -5.14 -19.13 -9.75
CA PHE F 81 -4.78 -18.15 -8.72
C PHE F 81 -4.13 -16.90 -9.31
N SER F 82 -3.93 -16.90 -10.62
CA SER F 82 -3.11 -15.90 -11.27
C SER F 82 -3.89 -14.67 -11.75
N ILE F 83 -5.16 -14.57 -11.38
CA ILE F 83 -6.00 -13.49 -11.90
C ILE F 83 -5.53 -12.12 -11.40
N LEU F 84 -5.32 -12.00 -10.10
CA LEU F 84 -4.98 -10.71 -9.50
C LEU F 84 -3.62 -10.20 -9.97
N ASN F 85 -2.66 -11.10 -10.09
CA ASN F 85 -1.34 -10.71 -10.59
C ASN F 85 -1.43 -10.30 -12.05
N ARG F 86 -2.31 -10.96 -12.80
CA ARG F 86 -2.52 -10.62 -14.19
C ARG F 86 -3.10 -9.22 -14.30
N LYS F 87 -3.99 -8.88 -13.38
CA LYS F 87 -4.59 -7.56 -13.34
C LYS F 87 -3.56 -6.52 -12.94
N ALA F 88 -2.58 -6.93 -12.15
CA ALA F 88 -1.52 -6.03 -11.72
C ALA F 88 -0.57 -5.74 -12.87
N ILE F 89 -0.30 -6.76 -13.68
CA ILE F 89 0.58 -6.60 -14.83
C ILE F 89 -0.13 -5.77 -15.90
N ASP F 90 -1.38 -6.08 -16.16
CA ASP F 90 -2.16 -5.31 -17.13
C ASP F 90 -2.26 -3.86 -16.71
N PHE F 91 -2.26 -3.62 -15.40
CA PHE F 91 -2.32 -2.27 -14.88
C PHE F 91 -1.06 -1.49 -15.26
N LEU F 92 0.08 -2.14 -15.15
CA LEU F 92 1.34 -1.49 -15.48
C LEU F 92 1.47 -1.28 -16.98
N LEU F 93 1.14 -2.30 -17.75
CA LEU F 93 1.26 -2.23 -19.20
C LEU F 93 0.42 -1.10 -19.77
N GLN F 94 -0.76 -0.89 -19.20
CA GLN F 94 -1.66 0.16 -19.63
C GLN F 94 -0.99 1.53 -19.49
N ARG F 95 -0.23 1.70 -18.42
CA ARG F 95 0.44 2.98 -18.15
C ARG F 95 1.80 3.04 -18.86
N TRP F 96 2.50 1.92 -18.93
CA TRP F 96 3.82 1.90 -19.54
C TRP F 96 3.93 0.81 -20.62
N GLY F 97 3.26 1.05 -21.75
CA GLY F 97 3.22 0.09 -22.85
C GLY F 97 3.96 0.36 -24.17
N GLY F 98 5.19 0.89 -24.22
CA GLY F 98 5.98 1.35 -23.08
C GLY F 98 6.49 2.76 -23.24
N THR F 99 6.48 3.29 -24.47
CA THR F 99 6.90 4.68 -24.68
C THR F 99 5.92 5.69 -24.09
N CYS F 100 6.42 6.50 -23.16
CA CYS F 100 5.58 7.41 -22.39
C CYS F 100 5.77 8.85 -22.88
N HIS F 101 4.73 9.46 -23.42
CA HIS F 101 4.79 10.86 -23.85
C HIS F 101 4.37 11.78 -22.70
N ILE F 102 5.28 12.65 -22.28
CA ILE F 102 5.06 13.48 -21.10
C ILE F 102 3.85 14.39 -21.22
N LEU F 103 3.85 15.27 -22.23
CA LEU F 103 2.74 16.20 -22.40
C LEU F 103 1.48 15.47 -22.79
N GLY F 104 1.62 14.46 -23.64
CA GLY F 104 0.48 13.71 -24.14
C GLY F 104 -0.17 12.86 -23.07
N PRO F 105 -1.33 12.28 -23.38
CA PRO F 105 -2.04 11.40 -22.46
C PRO F 105 -1.44 10.00 -22.43
N ASP F 106 -2.10 9.08 -21.73
CA ASP F 106 -1.61 7.72 -21.60
C ASP F 106 -0.20 7.69 -21.02
N CYS F 107 0.10 8.66 -20.17
CA CYS F 107 1.40 8.75 -19.51
C CYS F 107 1.30 9.54 -18.21
N CYS F 108 1.69 8.92 -17.12
CA CYS F 108 1.57 9.52 -15.79
C CYS F 108 2.91 10.08 -15.31
N ILE F 109 3.26 11.27 -15.78
CA ILE F 109 4.48 11.94 -15.36
C ILE F 109 4.24 13.45 -15.22
N GLU F 110 4.87 14.05 -14.22
CA GLU F 110 4.75 15.49 -14.01
C GLU F 110 6.12 16.10 -13.65
N PRO F 111 6.51 17.19 -14.33
CA PRO F 111 7.81 17.81 -14.06
C PRO F 111 7.70 18.91 -13.01
N HIS F 112 7.87 18.56 -11.73
CA HIS F 112 7.68 19.49 -10.61
C HIS F 112 8.12 18.81 -9.32
N GLU G 1 -18.43 48.27 43.47
CA GLU G 1 -17.89 49.19 42.43
C GLU G 1 -17.66 48.45 41.12
N VAL G 2 -16.87 47.38 41.19
CA VAL G 2 -16.58 46.55 40.02
C VAL G 2 -17.63 45.46 39.84
N GLN G 3 -18.24 45.40 38.65
CA GLN G 3 -19.27 44.40 38.40
C GLN G 3 -19.64 44.27 36.93
N LEU G 4 -20.47 43.27 36.63
CA LEU G 4 -20.93 43.01 35.28
C LEU G 4 -22.44 42.77 35.27
N LEU G 5 -23.17 43.61 34.55
CA LEU G 5 -24.62 43.47 34.46
C LEU G 5 -24.99 42.80 33.14
N GLU G 6 -25.69 41.68 33.21
CA GLU G 6 -26.04 40.92 32.01
C GLU G 6 -27.50 41.11 31.60
N SER G 7 -27.76 40.93 30.30
CA SER G 7 -29.10 41.06 29.75
C SER G 7 -29.41 39.87 28.86
N GLY G 8 -30.52 39.95 28.13
CA GLY G 8 -30.88 38.93 27.15
C GLY G 8 -31.15 37.57 27.76
N GLY G 9 -31.31 36.57 26.90
CA GLY G 9 -31.59 35.21 27.33
C GLY G 9 -33.08 34.90 27.29
N GLY G 10 -33.47 33.80 27.91
CA GLY G 10 -34.87 33.40 27.97
C GLY G 10 -35.17 32.14 27.20
N LEU G 11 -36.42 32.02 26.76
CA LEU G 11 -36.88 30.84 26.03
C LEU G 11 -36.65 31.00 24.53
N VAL G 12 -36.32 29.89 23.88
CA VAL G 12 -36.12 29.88 22.44
C VAL G 12 -36.28 28.47 21.90
N LYS G 13 -36.86 28.34 20.72
CA LYS G 13 -37.11 27.04 20.13
C LYS G 13 -35.83 26.49 19.52
N PRO G 14 -35.75 25.16 19.35
CA PRO G 14 -34.57 24.55 18.73
C PRO G 14 -34.29 25.12 17.35
N GLY G 15 -33.06 25.56 17.10
CA GLY G 15 -32.72 26.18 15.84
C GLY G 15 -32.83 27.68 15.91
N GLY G 16 -33.51 28.17 16.95
CA GLY G 16 -33.69 29.59 17.15
C GLY G 16 -32.40 30.31 17.45
N SER G 17 -32.50 31.62 17.67
CA SER G 17 -31.33 32.45 17.93
C SER G 17 -31.56 33.39 19.09
N LEU G 18 -30.48 33.74 19.79
CA LEU G 18 -30.55 34.67 20.92
C LEU G 18 -29.24 35.43 21.04
N ARG G 19 -29.28 36.60 21.67
CA ARG G 19 -28.10 37.42 21.84
C ARG G 19 -27.94 37.88 23.28
N LEU G 20 -26.94 37.32 23.96
CA LEU G 20 -26.64 37.71 25.33
C LEU G 20 -25.79 38.98 25.35
N SER G 21 -26.10 39.87 26.28
CA SER G 21 -25.34 41.10 26.45
C SER G 21 -24.75 41.17 27.85
N CYS G 22 -23.65 41.89 27.99
CA CYS G 22 -22.99 42.06 29.27
C CYS G 22 -22.34 43.44 29.32
N ALA G 23 -22.65 44.20 30.35
CA ALA G 23 -22.15 45.58 30.48
C ALA G 23 -21.28 45.70 31.71
N ALA G 24 -20.05 46.18 31.52
CA ALA G 24 -19.08 46.27 32.60
C ALA G 24 -19.15 47.61 33.31
N SER G 25 -18.81 47.59 34.60
CA SER G 25 -18.73 48.79 35.41
C SER G 25 -17.58 48.66 36.40
N GLY G 26 -16.81 49.73 36.56
CA GLY G 26 -15.71 49.72 37.51
C GLY G 26 -14.36 49.44 36.88
N PHE G 27 -14.35 49.21 35.58
CA PHE G 27 -13.11 48.99 34.84
C PHE G 27 -13.34 49.12 33.34
N THR G 28 -12.27 48.96 32.57
CA THR G 28 -12.35 49.09 31.12
C THR G 28 -12.07 47.75 30.46
N LEU G 29 -12.96 47.33 29.57
CA LEU G 29 -12.82 46.04 28.92
C LEU G 29 -11.52 45.92 28.11
N ILE G 30 -10.97 47.07 27.73
CA ILE G 30 -9.77 47.08 26.91
C ILE G 30 -8.60 46.40 27.63
N ASN G 31 -8.58 46.53 28.95
CA ASN G 31 -7.46 46.02 29.72
C ASN G 31 -7.48 44.50 29.86
N TYR G 32 -8.68 43.91 29.80
CA TYR G 32 -8.85 42.48 30.11
C TYR G 32 -9.40 41.70 28.93
N ARG G 33 -9.08 40.41 28.89
CA ARG G 33 -9.70 39.49 27.94
C ARG G 33 -11.00 38.96 28.53
N MET G 34 -12.07 39.04 27.75
CA MET G 34 -13.39 38.61 28.22
C MET G 34 -13.73 37.21 27.73
N ASN G 35 -14.53 36.51 28.52
CA ASN G 35 -14.94 35.15 28.22
C ASN G 35 -16.43 34.94 28.45
N TRP G 36 -16.95 33.85 27.89
CA TRP G 36 -18.28 33.37 28.24
C TRP G 36 -18.17 31.95 28.78
N VAL G 37 -18.85 31.69 29.89
CA VAL G 37 -18.85 30.37 30.51
C VAL G 37 -20.28 29.96 30.83
N ARG G 38 -20.63 28.72 30.49
CA ARG G 38 -21.98 28.22 30.69
C ARG G 38 -22.01 27.17 31.79
N GLN G 39 -23.20 26.93 32.35
CA GLN G 39 -23.39 25.91 33.38
C GLN G 39 -24.75 25.26 33.22
N ALA G 40 -24.75 24.03 32.73
CA ALA G 40 -26.00 23.29 32.54
C ALA G 40 -26.66 23.05 33.88
N PRO G 41 -27.98 22.76 33.87
CA PRO G 41 -28.68 22.55 35.14
C PRO G 41 -28.11 21.39 35.94
N GLY G 42 -27.63 21.69 37.14
CA GLY G 42 -27.14 20.67 38.04
C GLY G 42 -25.82 20.05 37.65
N LYS G 43 -25.20 20.59 36.60
CA LYS G 43 -23.92 20.07 36.13
C LYS G 43 -22.81 21.12 36.26
N GLY G 44 -21.60 20.73 35.88
CA GLY G 44 -20.43 21.56 36.07
C GLY G 44 -20.31 22.70 35.09
N LEU G 45 -19.14 23.33 35.06
CA LEU G 45 -18.89 24.49 34.22
C LEU G 45 -18.22 24.10 32.91
N GLU G 46 -18.58 24.79 31.84
CA GLU G 46 -18.00 24.55 30.52
C GLU G 46 -17.65 25.89 29.88
N TRP G 47 -16.39 26.04 29.50
CA TRP G 47 -15.94 27.25 28.83
C TRP G 47 -16.52 27.29 27.42
N VAL G 48 -17.03 28.46 27.02
CA VAL G 48 -17.68 28.61 25.73
C VAL G 48 -16.80 29.35 24.74
N SER G 49 -16.50 30.60 25.05
CA SER G 49 -15.74 31.46 24.14
C SER G 49 -14.89 32.50 24.86
N SER G 50 -13.96 33.08 24.13
CA SER G 50 -13.07 34.11 24.64
C SER G 50 -12.76 35.11 23.56
N ILE G 51 -12.47 36.35 23.94
CA ILE G 51 -12.13 37.38 22.97
C ILE G 51 -11.15 38.39 23.55
N SER G 52 -10.05 38.61 22.86
CA SER G 52 -8.99 39.50 23.34
C SER G 52 -9.42 40.96 23.29
N SER G 53 -8.58 41.84 23.82
CA SER G 53 -8.87 43.26 23.86
C SER G 53 -9.04 43.84 22.46
N SER G 54 -8.07 43.54 21.60
CA SER G 54 -8.07 44.06 20.24
C SER G 54 -9.10 43.36 19.36
N SER G 55 -9.78 42.36 19.92
CA SER G 55 -10.74 41.55 19.17
C SER G 55 -10.04 40.81 18.03
N SER G 56 -8.73 40.66 18.14
CA SER G 56 -7.93 39.98 17.13
C SER G 56 -7.95 38.48 17.34
N TYR G 57 -7.75 38.06 18.59
CA TYR G 57 -7.67 36.65 18.93
C TYR G 57 -8.98 36.17 19.54
N ILE G 58 -9.65 35.26 18.83
CA ILE G 58 -10.93 34.71 19.24
C ILE G 58 -10.87 33.19 19.25
N HIS G 59 -11.60 32.58 20.19
CA HIS G 59 -11.64 31.13 20.32
C HIS G 59 -13.02 30.65 20.78
N TYR G 60 -13.42 29.48 20.29
CA TYR G 60 -14.66 28.86 20.71
C TYR G 60 -14.40 27.42 21.15
N ALA G 61 -15.33 26.86 21.91
CA ALA G 61 -15.26 25.46 22.26
C ALA G 61 -15.71 24.63 21.08
N ASP G 62 -15.06 23.49 20.87
CA ASP G 62 -15.33 22.64 19.71
C ASP G 62 -16.82 22.32 19.58
N SER G 63 -17.50 22.17 20.71
CA SER G 63 -18.91 21.84 20.72
C SER G 63 -19.77 22.99 20.20
N VAL G 64 -19.20 24.19 20.21
CA VAL G 64 -19.93 25.41 19.88
C VAL G 64 -19.48 25.99 18.54
N LYS G 65 -18.27 25.65 18.10
CA LYS G 65 -17.68 26.21 16.89
C LYS G 65 -18.66 26.32 15.74
N GLY G 66 -18.70 27.51 15.13
CA GLY G 66 -19.48 27.73 13.93
C GLY G 66 -20.91 28.16 14.20
N ARG G 67 -21.40 27.92 15.41
CA ARG G 67 -22.78 28.26 15.76
C ARG G 67 -22.86 29.56 16.54
N PHE G 68 -21.87 29.82 17.38
CA PHE G 68 -21.84 31.05 18.17
C PHE G 68 -20.80 32.01 17.61
N THR G 69 -21.06 33.31 17.74
CA THR G 69 -20.10 34.32 17.35
C THR G 69 -20.00 35.39 18.42
N ILE G 70 -18.85 35.44 19.08
CA ILE G 70 -18.61 36.40 20.16
C ILE G 70 -18.16 37.74 19.61
N SER G 71 -18.47 38.81 20.34
CA SER G 71 -18.10 40.15 19.95
C SER G 71 -18.05 41.06 21.16
N ARG G 72 -17.41 42.21 21.02
CA ARG G 72 -17.29 43.15 22.12
C ARG G 72 -17.27 44.59 21.63
N ASP G 73 -17.57 45.51 22.54
CA ASP G 73 -17.54 46.94 22.25
C ASP G 73 -16.82 47.66 23.38
N ASN G 74 -15.54 47.91 23.21
CA ASN G 74 -14.71 48.50 24.25
C ASN G 74 -15.16 49.91 24.61
N ALA G 75 -15.59 50.66 23.61
CA ALA G 75 -16.05 52.03 23.82
C ALA G 75 -17.30 52.04 24.67
N GLU G 76 -18.20 51.11 24.39
CA GLU G 76 -19.44 50.99 25.14
C GLU G 76 -19.24 50.10 26.37
N ASN G 77 -18.02 49.59 26.54
CA ASN G 77 -17.66 48.80 27.71
C ASN G 77 -18.56 47.57 27.84
N SER G 78 -18.88 46.96 26.71
CA SER G 78 -19.84 45.86 26.67
C SER G 78 -19.30 44.62 25.99
N LEU G 79 -19.89 43.48 26.33
CA LEU G 79 -19.56 42.19 25.73
C LEU G 79 -20.83 41.52 25.24
N TYR G 80 -20.76 40.90 24.06
CA TYR G 80 -21.93 40.28 23.45
C TYR G 80 -21.62 38.89 22.92
N LEU G 81 -22.60 38.00 22.97
CA LEU G 81 -22.46 36.71 22.32
C LEU G 81 -23.69 36.34 21.50
N GLN G 82 -23.57 36.18 20.21
CA GLN G 82 -24.70 35.81 19.37
C GLN G 82 -24.72 34.36 19.18
N MET G 83 -25.84 33.72 19.52
CA MET G 83 -25.94 32.28 19.42
C MET G 83 -26.99 31.87 18.36
N ASN G 84 -26.62 30.96 17.52
CA ASN G 84 -27.48 30.53 16.42
C ASN G 84 -27.59 29.02 16.36
N SER G 85 -28.68 28.54 15.76
CA SER G 85 -28.96 27.12 15.68
C SER G 85 -28.83 26.48 17.04
N LEU G 86 -29.58 27.01 18.01
CA LEU G 86 -29.53 26.51 19.37
C LEU G 86 -30.19 25.15 19.47
N ARG G 87 -29.71 24.34 20.40
CA ARG G 87 -30.26 23.02 20.65
C ARG G 87 -30.36 22.77 22.14
N ALA G 88 -30.92 21.62 22.50
CA ALA G 88 -31.18 21.28 23.89
C ALA G 88 -29.91 21.33 24.74
N GLU G 89 -28.82 20.79 24.22
CA GLU G 89 -27.57 20.71 24.99
C GLU G 89 -27.01 22.07 25.34
N ASP G 90 -27.46 23.12 24.64
CA ASP G 90 -27.03 24.47 24.93
C ASP G 90 -27.84 25.10 26.06
N THR G 91 -28.87 24.39 26.50
CA THR G 91 -29.70 24.85 27.61
C THR G 91 -28.86 24.96 28.88
N ALA G 92 -28.61 26.18 29.31
CA ALA G 92 -27.76 26.38 30.48
C ALA G 92 -27.79 27.82 30.96
N VAL G 93 -27.09 28.08 32.05
CA VAL G 93 -26.90 29.43 32.57
C VAL G 93 -25.59 29.96 32.01
N TYR G 94 -25.66 31.10 31.32
CA TYR G 94 -24.48 31.67 30.66
C TYR G 94 -23.91 32.84 31.45
N TYR G 95 -22.66 32.68 31.87
CA TYR G 95 -21.98 33.70 32.68
C TYR G 95 -21.03 34.55 31.86
N CYS G 96 -21.17 35.86 32.02
CA CYS G 96 -20.21 36.82 31.47
C CYS G 96 -19.03 36.89 32.42
N VAL G 97 -17.82 36.70 31.90
CA VAL G 97 -16.66 36.50 32.76
C VAL G 97 -15.45 37.32 32.33
N ARG G 98 -14.77 37.90 33.31
CA ARG G 98 -13.53 38.63 33.08
C ARG G 98 -12.34 37.76 33.42
N GLU G 99 -11.38 37.69 32.50
CA GLU G 99 -10.14 36.95 32.74
C GLU G 99 -9.09 37.91 33.25
N GLY G 100 -8.06 37.37 33.89
CA GLY G 100 -6.99 38.19 34.45
C GLY G 100 -6.30 39.03 33.41
N PRO G 101 -5.53 40.04 33.86
CA PRO G 101 -4.89 40.95 32.92
C PRO G 101 -3.68 40.35 32.23
N ARG G 102 -3.22 39.19 32.70
CA ARG G 102 -2.03 38.54 32.15
C ARG G 102 -2.34 37.71 30.91
N ALA G 103 -3.60 37.64 30.53
CA ALA G 103 -4.02 36.77 29.44
C ALA G 103 -3.82 37.44 28.09
N THR G 104 -3.27 36.70 27.13
CA THR G 104 -3.09 37.19 25.78
C THR G 104 -3.33 36.06 24.79
N GLY G 105 -3.91 36.40 23.64
CA GLY G 105 -4.25 35.39 22.64
C GLY G 105 -3.06 34.64 22.10
N TYR G 106 -1.87 35.22 22.25
CA TYR G 106 -0.65 34.64 21.70
C TYR G 106 0.23 34.01 22.77
N SER G 107 -0.27 33.91 24.00
CA SER G 107 0.51 33.34 25.08
C SER G 107 -0.39 32.69 26.13
N MET G 108 0.16 32.47 27.32
CA MET G 108 -0.57 31.82 28.40
C MET G 108 -1.78 32.62 28.84
N ALA G 109 -2.79 31.91 29.35
CA ALA G 109 -4.05 32.51 29.76
C ALA G 109 -3.96 33.00 31.20
N ASP G 110 -5.10 33.41 31.76
CA ASP G 110 -5.17 33.81 33.16
C ASP G 110 -6.48 33.34 33.78
N VAL G 111 -6.69 33.68 35.05
CA VAL G 111 -7.84 33.19 35.79
C VAL G 111 -9.07 34.05 35.59
N PHE G 112 -10.23 33.47 35.86
CA PHE G 112 -11.50 34.18 35.80
C PHE G 112 -11.79 34.86 37.13
N ASP G 113 -11.35 36.10 37.28
CA ASP G 113 -11.40 36.77 38.58
C ASP G 113 -12.75 37.44 38.86
N ILE G 114 -13.55 37.69 37.83
CA ILE G 114 -14.86 38.30 38.01
C ILE G 114 -15.91 37.62 37.14
N TRP G 115 -17.02 37.26 37.77
CA TRP G 115 -18.12 36.55 37.10
C TRP G 115 -19.40 37.36 37.14
N GLY G 116 -20.16 37.31 36.06
CA GLY G 116 -21.42 38.02 35.98
C GLY G 116 -22.50 37.32 36.78
N GLN G 117 -23.66 37.96 36.87
CA GLN G 117 -24.79 37.41 37.60
C GLN G 117 -25.33 36.14 36.95
N GLY G 118 -25.09 36.01 35.64
CA GLY G 118 -25.57 34.87 34.90
C GLY G 118 -26.94 35.12 34.30
N THR G 119 -27.25 34.42 33.22
CA THR G 119 -28.55 34.55 32.56
C THR G 119 -29.01 33.19 32.05
N MET G 120 -30.28 32.86 32.32
CA MET G 120 -30.84 31.56 31.96
C MET G 120 -31.18 31.50 30.48
N VAL G 121 -30.74 30.43 29.82
CA VAL G 121 -31.12 30.15 28.45
C VAL G 121 -31.77 28.78 28.36
N THR G 122 -33.02 28.75 27.93
CA THR G 122 -33.78 27.50 27.86
C THR G 122 -34.19 27.20 26.42
N VAL G 123 -33.67 26.08 25.91
CA VAL G 123 -34.02 25.62 24.57
C VAL G 123 -35.04 24.49 24.67
N SER G 124 -36.27 24.78 24.28
CA SER G 124 -37.35 23.81 24.35
C SER G 124 -38.43 24.10 23.32
N SER G 125 -39.09 23.04 22.85
CA SER G 125 -40.15 23.18 21.87
C SER G 125 -41.43 23.67 22.55
N ALA G 126 -41.48 23.55 23.87
CA ALA G 126 -42.66 23.93 24.63
C ALA G 126 -42.76 25.44 24.77
N SER G 127 -43.99 25.96 24.71
CA SER G 127 -44.23 27.40 24.83
C SER G 127 -44.31 27.83 26.28
N THR G 128 -44.31 29.14 26.51
CA THR G 128 -44.38 29.68 27.86
C THR G 128 -45.76 29.42 28.47
N LYS G 129 -45.77 29.15 29.77
CA LYS G 129 -47.00 28.88 30.49
C LYS G 129 -46.93 29.44 31.91
N GLY G 130 -47.91 30.24 32.28
CA GLY G 130 -47.94 30.83 33.61
C GLY G 130 -48.23 29.78 34.67
N PRO G 131 -47.95 30.10 35.94
CA PRO G 131 -48.14 29.17 37.05
C PRO G 131 -49.56 29.16 37.60
N SER G 132 -49.94 28.05 38.22
CA SER G 132 -51.18 27.96 38.98
C SER G 132 -50.85 27.94 40.47
N VAL G 133 -51.31 28.95 41.20
CA VAL G 133 -50.96 29.10 42.61
C VAL G 133 -52.05 28.54 43.51
N PHE G 134 -51.76 27.40 44.13
CA PHE G 134 -52.68 26.78 45.08
C PHE G 134 -52.19 27.01 46.52
N PRO G 135 -53.10 27.32 47.45
CA PRO G 135 -52.66 27.50 48.82
C PRO G 135 -52.39 26.18 49.53
N LEU G 136 -51.49 26.21 50.52
CA LEU G 136 -51.20 25.04 51.35
C LEU G 136 -51.51 25.36 52.80
N ALA G 137 -52.64 24.83 53.29
CA ALA G 137 -53.08 25.09 54.65
C ALA G 137 -53.80 23.88 55.23
N LEU G 150 -47.64 26.29 56.75
CA LEU G 150 -48.40 26.79 55.60
C LEU G 150 -47.46 27.14 54.45
N GLY G 151 -48.03 27.33 53.27
CA GLY G 151 -47.23 27.64 52.10
C GLY G 151 -48.05 27.82 50.84
N CYS G 152 -47.36 27.93 49.70
CA CYS G 152 -48.00 28.06 48.40
C CYS G 152 -47.45 27.02 47.43
N LEU G 153 -48.33 26.38 46.68
CA LEU G 153 -47.92 25.41 45.66
C LEU G 153 -47.99 26.03 44.28
N VAL G 154 -46.82 26.28 43.68
CA VAL G 154 -46.74 26.81 42.33
C VAL G 154 -46.58 25.66 41.35
N LYS G 155 -47.64 25.36 40.60
CA LYS G 155 -47.67 24.17 39.75
C LYS G 155 -47.90 24.49 38.28
N ASP G 156 -47.35 23.65 37.42
CA ASP G 156 -47.56 23.73 35.98
C ASP G 156 -47.21 25.10 35.43
N TYR G 157 -45.91 25.41 35.45
CA TYR G 157 -45.40 26.65 34.87
C TYR G 157 -44.16 26.34 34.06
N PHE G 158 -43.86 27.22 33.10
CA PHE G 158 -42.74 27.02 32.20
C PHE G 158 -42.51 28.28 31.38
N PRO G 159 -41.25 28.65 31.14
CA PRO G 159 -40.00 28.02 31.61
C PRO G 159 -39.57 28.55 32.96
N GLU G 160 -38.39 28.13 33.41
CA GLU G 160 -37.80 28.70 34.61
C GLU G 160 -37.31 30.10 34.31
N PRO G 161 -37.05 30.91 35.36
CA PRO G 161 -37.25 30.65 36.78
C PRO G 161 -38.50 31.32 37.34
N VAL G 162 -38.81 31.03 38.60
CA VAL G 162 -39.88 31.71 39.33
C VAL G 162 -39.37 32.09 40.71
N THR G 163 -39.64 33.32 41.12
CA THR G 163 -39.18 33.82 42.42
C THR G 163 -40.34 33.92 43.40
N VAL G 164 -40.08 33.56 44.65
CA VAL G 164 -41.10 33.61 45.70
C VAL G 164 -40.63 34.43 46.89
N SER G 165 -41.54 35.26 47.40
CA SER G 165 -41.30 36.04 48.60
C SER G 165 -42.60 36.10 49.38
N TRP G 166 -42.52 36.47 50.66
CA TRP G 166 -43.71 36.53 51.50
C TRP G 166 -43.95 37.95 52.03
N ASN G 167 -45.17 38.44 51.79
CA ASN G 167 -45.57 39.77 52.22
C ASN G 167 -44.64 40.84 51.68
N SER G 168 -44.29 40.71 50.39
CA SER G 168 -43.49 41.71 49.70
C SER G 168 -42.12 41.93 50.35
N GLY G 169 -41.48 40.85 50.76
CA GLY G 169 -40.12 40.91 51.27
C GLY G 169 -40.04 41.16 52.76
N ALA G 170 -41.14 40.88 53.47
CA ALA G 170 -41.17 41.06 54.92
C ALA G 170 -40.74 39.77 55.63
N LEU G 171 -41.57 38.73 55.51
CA LEU G 171 -41.28 37.45 56.15
C LEU G 171 -40.12 36.75 55.45
N THR G 172 -39.08 36.44 56.22
CA THR G 172 -37.88 35.78 55.69
C THR G 172 -37.46 34.60 56.57
N SER G 173 -37.40 34.84 57.87
CA SER G 173 -36.99 33.81 58.81
C SER G 173 -37.97 32.64 58.82
N GLY G 174 -37.44 31.42 58.83
CA GLY G 174 -38.25 30.22 58.88
C GLY G 174 -38.84 29.85 57.54
N VAL G 175 -38.46 30.58 56.50
CA VAL G 175 -38.96 30.33 55.15
C VAL G 175 -38.07 29.35 54.40
N HIS G 176 -38.67 28.37 53.74
CA HIS G 176 -37.95 27.41 52.91
C HIS G 176 -38.63 27.24 51.55
N THR G 177 -38.02 27.79 50.51
CA THR G 177 -38.53 27.66 49.16
C THR G 177 -37.81 26.52 48.45
N PHE G 178 -38.56 25.49 48.06
CA PHE G 178 -37.98 24.30 47.48
C PHE G 178 -37.57 24.51 46.02
N PRO G 179 -36.55 23.79 45.56
CA PRO G 179 -36.17 23.85 44.14
C PRO G 179 -37.28 23.33 43.24
N ALA G 180 -37.40 23.89 42.05
CA ALA G 180 -38.42 23.46 41.11
C ALA G 180 -38.14 22.05 40.62
N VAL G 181 -39.19 21.33 40.26
CA VAL G 181 -39.08 19.99 39.69
C VAL G 181 -39.84 19.90 38.38
N LEU G 182 -39.23 19.26 37.39
CA LEU G 182 -39.86 19.07 36.09
C LEU G 182 -40.82 17.90 36.15
N GLN G 183 -42.09 18.17 35.91
CA GLN G 183 -43.13 17.15 35.95
C GLN G 183 -43.13 16.31 34.68
N SER G 184 -43.95 15.26 34.67
CA SER G 184 -44.05 14.38 33.52
C SER G 184 -44.63 15.14 32.32
N SER G 185 -45.41 16.17 32.59
CA SER G 185 -46.06 16.96 31.55
C SER G 185 -45.10 17.92 30.86
N GLY G 186 -43.84 17.92 31.28
CA GLY G 186 -42.85 18.81 30.70
C GLY G 186 -42.93 20.22 31.27
N LEU G 187 -43.81 20.40 32.24
CA LEU G 187 -43.98 21.69 32.92
C LEU G 187 -43.39 21.62 34.32
N TYR G 188 -42.92 22.76 34.83
CA TYR G 188 -42.30 22.80 36.14
C TYR G 188 -43.33 22.95 37.25
N SER G 189 -42.95 22.50 38.45
CA SER G 189 -43.77 22.64 39.64
C SER G 189 -42.88 22.94 40.83
N LEU G 190 -43.37 23.76 41.75
CA LEU G 190 -42.57 24.21 42.87
C LEU G 190 -43.46 24.52 44.08
N SER G 191 -42.91 24.31 45.27
CA SER G 191 -43.64 24.57 46.51
C SER G 191 -42.80 25.44 47.44
N SER G 192 -43.45 26.41 48.08
CA SER G 192 -42.78 27.30 49.02
C SER G 192 -43.52 27.29 50.35
N VAL G 193 -42.77 27.13 51.44
CA VAL G 193 -43.35 27.01 52.77
C VAL G 193 -42.64 27.87 53.81
N VAL G 194 -43.33 28.14 54.90
CA VAL G 194 -42.75 28.87 56.03
C VAL G 194 -43.42 28.42 57.33
N THR G 195 -42.63 28.39 58.40
CA THR G 195 -43.13 28.02 59.72
C THR G 195 -43.44 29.26 60.54
N ILE G 207 -49.22 36.41 52.98
CA ILE G 207 -49.31 36.42 51.52
C ILE G 207 -47.95 36.14 50.90
N CYS G 208 -47.92 35.24 49.93
CA CYS G 208 -46.70 34.92 49.19
C CYS G 208 -46.69 35.62 47.83
N ASN G 209 -45.63 36.38 47.57
CA ASN G 209 -45.47 37.07 46.30
C ASN G 209 -44.81 36.20 45.24
N VAL G 210 -45.60 35.75 44.27
CA VAL G 210 -45.11 34.93 43.19
C VAL G 210 -44.88 35.76 41.93
N ASN G 211 -43.74 35.56 41.29
CA ASN G 211 -43.38 36.31 40.09
C ASN G 211 -42.75 35.40 39.04
N HIS G 212 -43.40 35.32 37.88
CA HIS G 212 -42.91 34.53 36.75
C HIS G 212 -42.57 35.45 35.58
N LYS G 213 -41.29 35.80 35.46
CA LYS G 213 -40.84 36.75 34.44
C LYS G 213 -41.06 36.28 33.01
N PRO G 214 -40.73 35.02 32.71
CA PRO G 214 -40.91 34.51 31.34
C PRO G 214 -42.32 34.71 30.79
N SER G 215 -43.32 34.78 31.67
CA SER G 215 -44.69 35.02 31.25
C SER G 215 -45.20 36.38 31.73
N ASN G 216 -44.30 37.16 32.35
CA ASN G 216 -44.66 38.46 32.92
C ASN G 216 -45.88 38.34 33.85
N THR G 217 -45.92 37.25 34.61
CA THR G 217 -47.03 37.00 35.53
C THR G 217 -46.61 37.28 36.96
N LYS G 218 -47.42 38.07 37.65
CA LYS G 218 -47.23 38.35 39.07
C LYS G 218 -48.48 37.99 39.84
N VAL G 219 -48.34 37.10 40.81
CA VAL G 219 -49.47 36.65 41.63
C VAL G 219 -49.15 36.79 43.11
N ASP G 220 -50.16 37.19 43.88
CA ASP G 220 -50.06 37.28 45.33
C ASP G 220 -51.20 36.50 45.98
N LYS G 221 -50.88 35.33 46.52
CA LYS G 221 -51.86 34.46 47.14
C LYS G 221 -51.76 34.52 48.67
N LYS G 222 -52.90 34.72 49.32
CA LYS G 222 -52.94 34.83 50.78
C LYS G 222 -53.15 33.46 51.42
N GLU H 1 -7.07 17.95 24.92
CA GLU H 1 -8.12 18.41 25.87
C GLU H 1 -7.90 17.84 27.26
N LEU H 2 -7.43 18.68 28.18
CA LEU H 2 -7.19 18.23 29.55
C LEU H 2 -8.48 17.94 30.28
N VAL H 3 -8.49 16.82 30.98
CA VAL H 3 -9.61 16.42 31.83
C VAL H 3 -9.23 16.54 33.30
N MET H 4 -9.87 17.47 34.00
CA MET H 4 -9.63 17.68 35.42
C MET H 4 -10.54 16.79 36.24
N THR H 5 -9.98 16.14 37.25
CA THR H 5 -10.74 15.21 38.10
C THR H 5 -10.65 15.59 39.57
N GLN H 6 -11.80 15.89 40.17
CA GLN H 6 -11.86 16.23 41.59
C GLN H 6 -12.32 15.05 42.43
N SER H 7 -11.84 15.00 43.67
CA SER H 7 -12.24 13.97 44.61
C SER H 7 -12.10 14.46 46.05
N PRO H 8 -13.10 14.19 46.90
CA PRO H 8 -14.34 13.47 46.63
C PRO H 8 -15.37 14.31 45.91
N ASP H 9 -16.43 13.69 45.41
CA ASP H 9 -17.51 14.43 44.77
C ASP H 9 -18.33 15.16 45.83
N SER H 10 -18.53 14.51 46.97
CA SER H 10 -19.25 15.09 48.09
C SER H 10 -18.44 14.95 49.37
N LEU H 11 -18.63 15.87 50.30
CA LEU H 11 -17.88 15.85 51.55
C LEU H 11 -18.65 16.54 52.66
N ALA H 12 -18.71 15.91 53.83
CA ALA H 12 -19.44 16.44 54.98
C ALA H 12 -18.55 16.43 56.22
N VAL H 13 -18.24 17.61 56.73
CA VAL H 13 -17.30 17.76 57.83
C VAL H 13 -17.89 18.59 58.97
N SER H 14 -17.57 18.22 60.20
CA SER H 14 -18.05 18.93 61.37
C SER H 14 -17.47 20.34 61.42
N LEU H 15 -18.26 21.27 61.94
CA LEU H 15 -17.84 22.66 62.04
C LEU H 15 -16.56 22.78 62.86
N GLY H 16 -15.59 23.52 62.31
CA GLY H 16 -14.35 23.77 63.01
C GLY H 16 -13.25 22.80 62.63
N GLU H 17 -13.63 21.67 62.05
CA GLU H 17 -12.67 20.70 61.58
C GLU H 17 -12.27 20.99 60.13
N ARG H 18 -11.19 20.38 59.68
CA ARG H 18 -10.65 20.69 58.35
C ARG H 18 -11.14 19.75 57.25
N ALA H 19 -11.24 20.31 56.04
CA ALA H 19 -11.70 19.59 54.86
C ALA H 19 -10.75 19.81 53.69
N THR H 20 -10.40 18.72 53.00
CA THR H 20 -9.49 18.78 51.86
C THR H 20 -10.15 18.26 50.60
N ILE H 21 -9.91 18.94 49.48
CA ILE H 21 -10.45 18.55 48.18
C ILE H 21 -9.29 18.37 47.23
N ASN H 22 -9.32 17.25 46.49
CA ASN H 22 -8.23 16.95 45.56
C ASN H 22 -8.58 17.34 44.14
N CYS H 23 -7.55 17.49 43.32
CA CYS H 23 -7.71 17.80 41.90
C CYS H 23 -6.61 17.11 41.11
N LYS H 24 -6.98 16.44 40.03
CA LYS H 24 -6.01 15.71 39.20
C LYS H 24 -6.23 16.06 37.74
N SER H 25 -5.16 16.50 37.09
CA SER H 25 -5.20 16.87 35.68
C SER H 25 -4.66 15.75 34.81
N SER H 26 -5.19 15.66 33.59
CA SER H 26 -4.76 14.65 32.64
C SER H 26 -3.29 14.82 32.31
N GLN H 27 -2.82 16.06 32.40
CA GLN H 27 -1.46 16.40 32.01
C GLN H 27 -0.90 17.41 33.00
N SER H 28 0.41 17.55 33.03
CA SER H 28 1.05 18.51 33.90
C SER H 28 0.67 19.92 33.48
N VAL H 29 0.30 20.74 34.45
CA VAL H 29 -0.04 22.14 34.20
C VAL H 29 1.07 23.04 34.73
N LEU H 30 2.26 22.48 34.85
CA LEU H 30 3.43 23.22 35.32
C LEU H 30 4.12 23.90 34.15
N TYR H 31 4.27 25.23 34.24
CA TYR H 31 4.96 25.98 33.21
C TYR H 31 6.45 26.04 33.54
N SER H 32 7.26 25.55 32.62
CA SER H 32 8.69 25.40 32.84
C SER H 32 9.37 26.74 33.12
N SER H 33 8.97 27.77 32.37
CA SER H 33 9.60 29.08 32.48
C SER H 33 9.33 29.73 33.83
N ASN H 34 8.09 29.66 34.28
CA ASN H 34 7.68 30.32 35.53
C ASN H 34 7.84 29.46 36.77
N ASN H 35 7.88 28.14 36.57
CA ASN H 35 7.79 27.19 37.67
C ASN H 35 6.50 27.46 38.45
N LYS H 36 5.50 27.97 37.74
CA LYS H 36 4.19 28.25 38.31
C LYS H 36 3.22 27.21 37.78
N SER H 37 2.41 26.62 38.67
CA SER H 37 1.41 25.66 38.26
C SER H 37 0.11 26.39 37.93
N TYR H 38 -0.26 26.37 36.66
CA TYR H 38 -1.44 27.12 36.21
C TYR H 38 -2.71 26.39 36.55
N LEU H 39 -3.20 26.61 37.76
CA LEU H 39 -4.44 26.00 38.22
C LEU H 39 -5.16 26.95 39.16
N ALA H 40 -6.48 26.94 39.11
CA ALA H 40 -7.29 27.87 39.89
C ALA H 40 -8.41 27.15 40.61
N TRP H 41 -8.86 27.73 41.73
CA TRP H 41 -9.95 27.20 42.53
C TRP H 41 -11.07 28.21 42.64
N TYR H 42 -12.30 27.75 42.50
CA TYR H 42 -13.46 28.62 42.60
C TYR H 42 -14.44 28.10 43.65
N GLN H 43 -15.24 29.02 44.20
CA GLN H 43 -16.30 28.68 45.13
C GLN H 43 -17.63 29.12 44.56
N GLN H 44 -18.60 28.22 44.54
CA GLN H 44 -19.93 28.54 44.04
C GLN H 44 -20.99 28.14 45.04
N LYS H 45 -21.64 29.13 45.64
CA LYS H 45 -22.75 28.89 46.55
C LYS H 45 -24.03 28.79 45.74
N PRO H 46 -25.04 28.11 46.31
CA PRO H 46 -26.31 27.90 45.57
C PRO H 46 -26.95 29.21 45.13
N GLY H 47 -27.23 29.31 43.83
CA GLY H 47 -27.89 30.47 43.27
C GLY H 47 -26.96 31.65 43.05
N GLN H 48 -25.66 31.40 43.12
CA GLN H 48 -24.67 32.46 42.91
C GLN H 48 -23.64 32.01 41.88
N PRO H 49 -22.98 32.99 41.22
CA PRO H 49 -21.90 32.64 40.31
C PRO H 49 -20.65 32.26 41.07
N PRO H 50 -19.71 31.56 40.43
CA PRO H 50 -18.46 31.19 41.09
C PRO H 50 -17.71 32.39 41.64
N LYS H 51 -16.86 32.15 42.62
CA LYS H 51 -16.00 33.18 43.19
C LYS H 51 -14.58 32.67 43.22
N LEU H 52 -13.65 33.48 42.74
CA LEU H 52 -12.25 33.06 42.68
C LEU H 52 -11.69 32.91 44.08
N LEU H 53 -11.00 31.80 44.33
CA LEU H 53 -10.35 31.55 45.62
C LEU H 53 -8.84 31.60 45.47
N ILE H 54 -8.31 30.72 44.63
CA ILE H 54 -6.88 30.56 44.47
C ILE H 54 -6.47 30.68 43.01
N TYR H 55 -5.33 31.30 42.75
CA TYR H 55 -4.73 31.28 41.43
C TYR H 55 -3.26 30.87 41.55
N TRP H 56 -2.73 30.30 40.47
CA TRP H 56 -1.40 29.71 40.49
C TRP H 56 -1.27 28.69 41.62
N ALA H 57 -2.36 27.96 41.85
CA ALA H 57 -2.38 26.79 42.72
C ALA H 57 -2.25 27.08 44.21
N SER H 58 -1.50 28.11 44.57
CA SER H 58 -1.16 28.36 45.98
C SER H 58 -1.46 29.78 46.45
N THR H 59 -1.70 30.69 45.52
CA THR H 59 -1.82 32.12 45.87
C THR H 59 -3.28 32.53 46.11
N ARG H 60 -3.54 33.01 47.32
CA ARG H 60 -4.87 33.50 47.68
C ARG H 60 -5.21 34.79 46.96
N GLU H 61 -6.42 34.86 46.42
CA GLU H 61 -6.92 36.11 45.86
C GLU H 61 -7.18 37.09 46.99
N SER H 62 -7.16 38.38 46.67
CA SER H 62 -7.42 39.40 47.67
C SER H 62 -8.82 39.24 48.24
N GLY H 63 -8.92 39.24 49.57
CA GLY H 63 -10.20 39.14 50.24
C GLY H 63 -10.55 37.75 50.71
N VAL H 64 -9.90 36.73 50.15
CA VAL H 64 -10.15 35.36 50.58
C VAL H 64 -9.57 35.17 51.99
N PRO H 65 -10.38 34.62 52.91
CA PRO H 65 -9.87 34.43 54.27
C PRO H 65 -8.71 33.45 54.34
N ASP H 66 -7.88 33.59 55.37
CA ASP H 66 -6.65 32.82 55.51
C ASP H 66 -6.86 31.31 55.54
N ARG H 67 -8.03 30.87 55.98
CA ARG H 67 -8.27 29.45 56.20
C ARG H 67 -8.29 28.66 54.89
N PHE H 68 -8.45 29.36 53.77
CA PHE H 68 -8.36 28.73 52.46
C PHE H 68 -6.91 28.69 52.01
N SER H 69 -6.46 27.54 51.53
CA SER H 69 -5.09 27.40 51.06
C SER H 69 -4.96 26.25 50.09
N GLY H 70 -4.32 26.51 48.95
CA GLY H 70 -4.10 25.49 47.94
C GLY H 70 -2.64 25.10 47.88
N SER H 71 -2.37 23.93 47.30
CA SER H 71 -1.00 23.44 47.18
C SER H 71 -0.90 22.42 46.06
N GLY H 72 0.33 22.01 45.77
CA GLY H 72 0.59 21.02 44.75
C GLY H 72 1.22 21.62 43.52
N SER H 73 1.59 20.75 42.57
CA SER H 73 2.18 21.18 41.32
C SER H 73 2.08 20.05 40.30
N GLY H 74 2.19 20.40 39.03
CA GLY H 74 2.18 19.40 37.98
C GLY H 74 0.82 18.74 37.80
N THR H 75 0.67 17.53 38.33
CA THR H 75 -0.54 16.74 38.14
C THR H 75 -1.52 16.81 39.31
N ASP H 76 -1.04 16.57 40.52
CA ASP H 76 -1.91 16.52 41.69
C ASP H 76 -1.95 17.85 42.44
N PHE H 77 -3.15 18.29 42.78
CA PHE H 77 -3.35 19.53 43.54
C PHE H 77 -4.40 19.31 44.62
N THR H 78 -4.40 20.18 45.63
CA THR H 78 -5.36 20.06 46.73
C THR H 78 -5.81 21.41 47.26
N LEU H 79 -7.10 21.53 47.53
CA LEU H 79 -7.66 22.68 48.22
C LEU H 79 -8.01 22.28 49.64
N THR H 80 -7.57 23.08 50.60
CA THR H 80 -7.75 22.77 52.02
C THR H 80 -8.46 23.88 52.77
N ILE H 81 -9.50 23.51 53.51
CA ILE H 81 -10.22 24.45 54.35
C ILE H 81 -10.05 24.06 55.82
N SER H 82 -9.26 24.84 56.55
CA SER H 82 -9.09 24.61 57.98
C SER H 82 -10.20 25.33 58.75
N SER H 83 -10.88 24.61 59.63
CA SER H 83 -12.02 25.15 60.37
C SER H 83 -13.10 25.57 59.38
N LEU H 84 -13.98 24.64 59.06
CA LEU H 84 -14.96 24.81 57.99
C LEU H 84 -15.89 26.01 58.19
N GLN H 85 -16.51 26.11 59.36
CA GLN H 85 -17.51 27.14 59.63
C GLN H 85 -18.71 27.01 58.69
N ALA H 86 -19.62 27.99 58.78
CA ALA H 86 -20.90 27.90 58.08
C ALA H 86 -20.85 28.54 56.71
N GLU H 87 -20.11 29.64 56.59
CA GLU H 87 -20.11 30.45 55.38
C GLU H 87 -19.34 29.78 54.25
N ASP H 88 -18.73 28.63 54.53
CA ASP H 88 -17.88 27.94 53.57
C ASP H 88 -18.62 26.82 52.86
N VAL H 89 -19.91 26.67 53.16
CA VAL H 89 -20.73 25.68 52.48
C VAL H 89 -20.95 26.10 51.04
N ALA H 90 -20.41 25.32 50.11
CA ALA H 90 -20.53 25.64 48.69
C ALA H 90 -20.04 24.49 47.83
N VAL H 91 -20.05 24.70 46.53
CA VAL H 91 -19.47 23.76 45.59
C VAL H 91 -18.14 24.33 45.14
N TYR H 92 -17.08 23.53 45.22
CA TYR H 92 -15.74 24.00 44.90
C TYR H 92 -15.22 23.36 43.62
N TYR H 93 -14.86 24.20 42.66
CA TYR H 93 -14.37 23.77 41.37
C TYR H 93 -12.88 24.08 41.23
N CYS H 94 -12.16 23.20 40.55
CA CYS H 94 -10.78 23.45 40.18
C CYS H 94 -10.74 23.66 38.67
N GLN H 95 -9.80 24.49 38.22
CA GLN H 95 -9.70 24.82 36.79
C GLN H 95 -8.24 24.95 36.40
N GLN H 96 -7.91 24.45 35.22
CA GLN H 96 -6.60 24.66 34.63
C GLN H 96 -6.67 25.74 33.56
N TYR H 97 -5.71 26.64 33.57
CA TYR H 97 -5.58 27.65 32.53
C TYR H 97 -4.15 27.60 31.98
N TYR H 98 -3.64 26.37 31.87
CA TYR H 98 -2.35 26.11 31.27
C TYR H 98 -2.44 26.15 29.75
N SER H 99 -3.41 25.42 29.21
CA SER H 99 -3.60 25.35 27.77
C SER H 99 -5.07 25.28 27.40
N ALA H 100 -5.42 25.82 26.23
CA ALA H 100 -6.79 25.81 25.77
C ALA H 100 -7.14 24.45 25.21
N PRO H 101 -8.42 24.05 25.30
CA PRO H 101 -9.51 24.80 25.94
C PRO H 101 -9.44 24.72 27.45
N LEU H 102 -9.76 25.81 28.14
CA LEU H 102 -9.74 25.80 29.59
C LEU H 102 -10.82 24.87 30.09
N THR H 103 -10.49 24.03 31.06
CA THR H 103 -11.40 23.00 31.53
C THR H 103 -11.55 23.03 33.05
N PHE H 104 -12.74 22.65 33.52
CA PHE H 104 -13.05 22.63 34.93
C PHE H 104 -13.14 21.21 35.45
N GLY H 105 -12.99 21.06 36.76
CA GLY H 105 -13.19 19.78 37.41
C GLY H 105 -14.67 19.50 37.56
N GLY H 106 -15.01 18.32 38.04
CA GLY H 106 -16.40 17.94 38.20
C GLY H 106 -17.06 18.68 39.36
N GLY H 107 -16.24 19.29 40.20
CA GLY H 107 -16.73 20.04 41.35
C GLY H 107 -16.91 19.16 42.57
N THR H 108 -16.73 19.75 43.74
CA THR H 108 -16.89 19.05 45.01
C THR H 108 -17.85 19.82 45.90
N LYS H 109 -18.86 19.13 46.42
CA LYS H 109 -19.84 19.75 47.30
C LYS H 109 -19.41 19.60 48.74
N VAL H 110 -19.25 20.73 49.43
CA VAL H 110 -18.83 20.74 50.81
C VAL H 110 -20.03 21.07 51.70
N GLU H 111 -20.34 20.16 52.61
CA GLU H 111 -21.46 20.31 53.52
C GLU H 111 -20.97 20.18 54.96
N ILE H 112 -21.81 20.58 55.90
CA ILE H 112 -21.44 20.54 57.31
C ILE H 112 -22.05 19.32 57.99
N LYS H 113 -21.25 18.65 58.80
CA LYS H 113 -21.75 17.58 59.65
C LYS H 113 -22.38 18.18 60.89
N ARG H 114 -23.61 17.76 61.18
CA ARG H 114 -24.37 18.32 62.29
C ARG H 114 -24.87 17.20 63.19
N THR H 115 -25.20 17.54 64.43
CA THR H 115 -25.88 16.60 65.30
C THR H 115 -27.20 16.22 64.64
N VAL H 116 -27.58 14.96 64.78
CA VAL H 116 -28.81 14.46 64.16
C VAL H 116 -29.99 15.30 64.61
N ALA H 117 -30.93 15.53 63.70
CA ALA H 117 -32.14 16.29 64.01
C ALA H 117 -33.36 15.66 63.36
N ALA H 118 -34.42 15.49 64.15
CA ALA H 118 -35.62 14.81 63.72
C ALA H 118 -36.53 15.73 62.91
N PRO H 119 -36.98 15.28 61.72
CA PRO H 119 -37.83 16.13 60.89
C PRO H 119 -39.21 16.41 61.49
N SER H 120 -39.63 17.66 61.44
CA SER H 120 -40.99 18.05 61.84
C SER H 120 -41.91 17.89 60.64
N VAL H 121 -42.72 16.84 60.66
CA VAL H 121 -43.54 16.49 59.49
C VAL H 121 -44.88 17.21 59.50
N PHE H 122 -45.29 17.67 58.33
CA PHE H 122 -46.60 18.30 58.14
C PHE H 122 -47.25 17.78 56.86
N ILE H 123 -48.57 17.67 56.87
CA ILE H 123 -49.32 17.25 55.70
C ILE H 123 -50.28 18.34 55.25
N PHE H 124 -50.40 18.52 53.93
CA PHE H 124 -51.26 19.53 53.35
C PHE H 124 -52.17 18.93 52.28
N PRO H 125 -53.48 18.84 52.55
CA PRO H 125 -54.38 18.36 51.49
C PRO H 125 -54.55 19.39 50.38
N PRO H 126 -54.98 18.96 49.19
CA PRO H 126 -55.17 19.89 48.07
C PRO H 126 -56.23 20.94 48.35
N SER H 127 -56.09 22.12 47.75
CA SER H 127 -57.00 23.23 47.98
C SER H 127 -58.23 23.15 47.08
N ASP H 128 -59.16 24.07 47.28
CA ASP H 128 -60.38 24.12 46.49
C ASP H 128 -60.07 24.52 45.06
N GLU H 129 -59.17 25.48 44.91
CA GLU H 129 -58.82 26.02 43.58
C GLU H 129 -58.30 24.94 42.65
N GLN H 130 -57.43 24.08 43.17
CA GLN H 130 -56.84 23.01 42.38
C GLN H 130 -57.87 21.99 41.95
N LEU H 131 -58.87 21.76 42.80
CA LEU H 131 -59.92 20.81 42.51
C LEU H 131 -60.74 21.27 41.32
N LYS H 132 -60.79 22.58 41.10
CA LYS H 132 -61.50 23.13 39.96
C LYS H 132 -60.74 22.83 38.66
N SER H 133 -59.47 22.49 38.79
CA SER H 133 -58.63 22.19 37.64
C SER H 133 -58.69 20.71 37.25
N GLY H 134 -59.51 19.95 37.97
CA GLY H 134 -59.68 18.54 37.68
C GLY H 134 -58.44 17.73 38.02
N THR H 135 -57.69 18.19 39.02
CA THR H 135 -56.49 17.50 39.47
C THR H 135 -56.35 17.59 40.98
N ALA H 136 -55.54 16.71 41.56
CA ALA H 136 -55.32 16.70 43.01
C ALA H 136 -53.86 16.39 43.31
N SER H 137 -53.21 17.31 44.03
CA SER H 137 -51.82 17.16 44.42
C SER H 137 -51.64 17.23 45.93
N VAL H 138 -51.28 16.11 46.54
CA VAL H 138 -51.03 16.06 47.97
C VAL H 138 -49.57 16.35 48.27
N VAL H 139 -49.33 17.15 49.30
CA VAL H 139 -47.98 17.58 49.66
C VAL H 139 -47.66 17.23 51.12
N CYS H 140 -46.46 16.72 51.35
CA CYS H 140 -45.99 16.42 52.70
C CYS H 140 -44.62 17.07 52.93
N LEU H 141 -44.53 17.88 53.98
CA LEU H 141 -43.34 18.66 54.27
C LEU H 141 -42.53 18.11 55.45
N LEU H 142 -41.25 17.86 55.22
CA LEU H 142 -40.32 17.46 56.27
C LEU H 142 -39.38 18.63 56.53
N ASN H 143 -39.61 19.33 57.65
CA ASN H 143 -38.94 20.61 57.90
C ASN H 143 -37.78 20.51 58.88
N ASN H 144 -36.64 21.08 58.48
CA ASN H 144 -35.44 21.16 59.32
C ASN H 144 -35.03 19.82 59.92
N PHE H 145 -34.29 19.04 59.13
CA PHE H 145 -33.80 17.75 59.60
C PHE H 145 -32.39 17.46 59.10
N TYR H 146 -31.75 16.48 59.73
CA TYR H 146 -30.42 16.05 59.33
C TYR H 146 -30.24 14.58 59.70
N PRO H 147 -29.59 13.79 58.83
CA PRO H 147 -29.00 14.12 57.52
C PRO H 147 -30.03 14.20 56.41
N ARG H 148 -29.54 14.41 55.18
CA ARG H 148 -30.39 14.54 54.01
C ARG H 148 -31.17 13.25 53.76
N GLU H 149 -30.54 12.12 54.10
CA GLU H 149 -31.13 10.81 53.86
C GLU H 149 -32.41 10.63 54.66
N ALA H 150 -33.41 10.02 54.01
CA ALA H 150 -34.69 9.67 54.60
C ALA H 150 -35.60 9.22 53.46
N LYS H 151 -36.62 8.44 53.77
CA LYS H 151 -37.53 7.92 52.74
C LYS H 151 -38.75 7.28 53.40
N LYS H 155 -49.05 6.51 51.45
CA LYS H 155 -50.02 5.43 51.56
C LYS H 155 -51.46 5.96 51.47
N VAL H 156 -52.17 5.52 50.44
CA VAL H 156 -53.57 5.89 50.24
C VAL H 156 -54.47 4.72 50.62
N ASP H 157 -55.31 4.92 51.62
CA ASP H 157 -56.18 3.86 52.13
C ASP H 157 -55.36 2.62 52.46
N ASN H 158 -54.22 2.85 53.11
CA ASN H 158 -53.31 1.77 53.48
C ASN H 158 -52.84 0.98 52.26
N ALA H 159 -52.67 1.67 51.14
CA ALA H 159 -52.15 1.07 49.92
C ALA H 159 -51.00 1.90 49.37
N LEU H 160 -49.87 1.25 49.10
CA LEU H 160 -48.67 1.95 48.65
C LEU H 160 -48.75 2.34 47.18
N GLN H 161 -48.30 3.55 46.88
CA GLN H 161 -48.28 4.07 45.51
C GLN H 161 -46.91 3.88 44.87
N SER H 162 -46.81 4.21 43.59
CA SER H 162 -45.54 4.09 42.88
C SER H 162 -45.54 4.86 41.55
N GLY H 163 -44.48 5.62 41.33
CA GLY H 163 -44.29 6.32 40.07
C GLY H 163 -45.16 7.54 39.87
N ASN H 164 -46.10 7.76 40.79
CA ASN H 164 -47.05 8.85 40.67
C ASN H 164 -46.68 10.07 41.54
N SER H 165 -45.50 10.02 42.14
CA SER H 165 -45.05 11.11 43.00
C SER H 165 -43.54 11.34 42.86
N GLN H 166 -43.10 12.51 43.30
CA GLN H 166 -41.68 12.86 43.26
C GLN H 166 -41.40 13.91 44.34
N GLU H 167 -40.15 14.01 44.75
CA GLU H 167 -39.77 14.86 45.87
C GLU H 167 -38.70 15.90 45.50
N SER H 168 -38.62 16.95 46.30
CA SER H 168 -37.64 18.02 46.12
C SER H 168 -37.00 18.37 47.45
N VAL H 169 -35.68 18.58 47.43
CA VAL H 169 -34.92 18.85 48.66
C VAL H 169 -34.23 20.20 48.58
N THR H 170 -34.33 20.97 49.66
CA THR H 170 -33.66 22.27 49.72
C THR H 170 -32.18 22.07 49.95
N GLU H 171 -31.43 23.17 49.89
CA GLU H 171 -30.01 23.13 50.20
C GLU H 171 -29.82 23.20 51.70
N GLN H 172 -28.63 22.81 52.16
CA GLN H 172 -28.32 22.85 53.58
C GLN H 172 -28.46 24.27 54.10
N ASP H 173 -29.20 24.43 55.19
CA ASP H 173 -29.44 25.74 55.77
C ASP H 173 -28.13 26.44 56.12
N SER H 174 -28.03 27.72 55.79
CA SER H 174 -26.79 28.46 56.00
C SER H 174 -26.53 28.73 57.48
N LYS H 175 -27.56 28.56 58.31
CA LYS H 175 -27.46 28.83 59.73
C LYS H 175 -27.46 27.56 60.57
N ASP H 176 -28.58 26.85 60.57
CA ASP H 176 -28.74 25.67 61.43
C ASP H 176 -28.31 24.37 60.73
N SER H 177 -27.94 24.48 59.46
CA SER H 177 -27.41 23.34 58.71
C SER H 177 -28.42 22.20 58.62
N THR H 178 -29.70 22.53 58.58
CA THR H 178 -30.75 21.53 58.47
C THR H 178 -31.36 21.51 57.06
N TYR H 179 -31.57 20.32 56.53
CA TYR H 179 -32.22 20.16 55.24
C TYR H 179 -33.73 20.25 55.40
N SER H 180 -34.42 20.47 54.28
CA SER H 180 -35.87 20.43 54.23
C SER H 180 -36.28 19.66 52.99
N LEU H 181 -37.37 18.89 53.09
CA LEU H 181 -37.79 18.03 52.00
C LEU H 181 -39.27 18.19 51.69
N SER H 182 -39.59 18.25 50.40
CA SER H 182 -40.97 18.34 49.92
C SER H 182 -41.30 17.15 49.03
N SER H 183 -42.39 16.46 49.36
CA SER H 183 -42.88 15.33 48.58
C SER H 183 -44.22 15.66 47.95
N THR H 184 -44.29 15.57 46.62
CA THR H 184 -45.50 15.90 45.89
C THR H 184 -46.11 14.66 45.24
N LEU H 185 -47.31 14.31 45.67
CA LEU H 185 -48.07 13.21 45.07
C LEU H 185 -49.17 13.77 44.18
N THR H 186 -49.07 13.49 42.88
CA THR H 186 -50.02 14.03 41.91
C THR H 186 -50.86 12.93 41.28
N LEU H 187 -52.18 13.09 41.36
CA LEU H 187 -53.13 12.19 40.72
C LEU H 187 -54.35 12.96 40.24
N SER H 188 -55.01 12.43 39.21
CA SER H 188 -56.22 13.05 38.68
C SER H 188 -57.31 13.09 39.75
N LYS H 189 -58.12 14.13 39.71
CA LYS H 189 -59.16 14.33 40.71
C LYS H 189 -60.15 13.17 40.75
N ALA H 190 -60.23 12.42 39.66
CA ALA H 190 -61.11 11.25 39.59
C ALA H 190 -60.70 10.21 40.61
N ASP H 191 -59.40 9.90 40.67
CA ASP H 191 -58.89 8.90 41.60
C ASP H 191 -58.90 9.42 43.04
N TYR H 192 -58.87 10.74 43.18
CA TYR H 192 -58.82 11.37 44.49
C TYR H 192 -60.08 11.10 45.31
N GLU H 193 -61.24 11.28 44.69
CA GLU H 193 -62.52 11.14 45.37
C GLU H 193 -62.81 9.69 45.72
N LYS H 194 -62.16 8.76 45.02
CA LYS H 194 -62.36 7.33 45.26
C LYS H 194 -61.87 6.93 46.65
N HIS H 195 -61.03 7.77 47.24
CA HIS H 195 -60.42 7.46 48.54
C HIS H 195 -60.59 8.63 49.51
N LYS H 196 -60.91 8.28 50.75
CA LYS H 196 -61.17 9.27 51.80
C LYS H 196 -59.93 9.48 52.67
N VAL H 197 -59.10 8.46 52.76
CA VAL H 197 -57.94 8.46 53.66
C VAL H 197 -56.61 8.56 52.90
N TYR H 198 -55.76 9.49 53.35
CA TYR H 198 -54.41 9.64 52.81
C TYR H 198 -53.39 9.69 53.95
N ALA H 199 -52.52 8.69 54.02
CA ALA H 199 -51.54 8.61 55.09
C ALA H 199 -50.10 8.71 54.59
N CYS H 200 -49.33 9.56 55.25
CA CYS H 200 -47.91 9.78 54.95
C CYS H 200 -47.00 9.07 55.95
N GLU H 201 -46.23 8.08 55.50
CA GLU H 201 -45.28 7.40 56.39
C GLU H 201 -43.86 7.90 56.14
N VAL H 202 -43.21 8.31 57.22
CA VAL H 202 -41.83 8.81 57.16
C VAL H 202 -40.88 7.92 57.95
N THR H 203 -39.83 7.45 57.28
CA THR H 203 -38.78 6.67 57.92
C THR H 203 -37.47 7.44 57.87
N HIS H 204 -36.75 7.47 58.99
CA HIS H 204 -35.52 8.24 59.10
C HIS H 204 -34.59 7.62 60.14
N GLN H 205 -33.29 7.87 60.01
CA GLN H 205 -32.30 7.36 60.95
C GLN H 205 -32.34 8.22 62.20
N GLY H 206 -32.83 9.45 62.04
CA GLY H 206 -32.94 10.39 63.13
C GLY H 206 -34.17 10.12 63.98
N LEU H 207 -34.88 9.03 63.66
CA LEU H 207 -36.02 8.62 64.45
C LEU H 207 -35.82 7.18 64.91
N ARG H 208 -36.27 6.86 66.12
CA ARG H 208 -36.13 5.52 66.66
C ARG H 208 -37.05 4.55 65.92
N SER H 209 -38.20 5.07 65.50
CA SER H 209 -39.16 4.30 64.74
C SER H 209 -39.95 5.22 63.82
N PRO H 210 -40.48 4.69 62.71
CA PRO H 210 -41.20 5.50 61.72
C PRO H 210 -42.35 6.32 62.29
N VAL H 211 -42.40 7.60 61.91
CA VAL H 211 -43.52 8.48 62.25
C VAL H 211 -44.47 8.54 61.06
N THR H 212 -45.76 8.55 61.35
CA THR H 212 -46.79 8.63 60.31
C THR H 212 -47.77 9.76 60.59
N SER I 17 5.18 -8.26 5.56
CA SER I 17 5.31 -9.10 4.38
C SER I 17 6.67 -9.80 4.36
N ILE I 18 6.88 -10.62 3.34
CA ILE I 18 8.09 -11.43 3.25
C ILE I 18 9.31 -10.55 3.00
N PRO I 19 10.30 -10.58 3.90
CA PRO I 19 11.52 -9.78 3.67
C PRO I 19 12.26 -10.19 2.41
N LEU I 20 12.80 -9.20 1.70
CA LEU I 20 13.57 -9.44 0.49
C LEU I 20 14.97 -8.86 0.63
N GLY I 21 15.98 -9.72 0.57
CA GLY I 21 17.35 -9.29 0.73
C GLY I 21 17.91 -8.75 -0.56
N VAL I 22 18.66 -7.65 -0.47
CA VAL I 22 19.26 -7.03 -1.64
C VAL I 22 20.78 -7.09 -1.55
N ILE I 23 21.42 -7.60 -2.60
CA ILE I 23 22.87 -7.76 -2.61
C ILE I 23 23.54 -6.79 -3.58
N HIS I 24 24.46 -5.99 -3.05
CA HIS I 24 25.37 -5.18 -3.85
C HIS I 24 26.80 -5.56 -3.50
N ASN I 25 27.59 -5.87 -4.52
CA ASN I 25 28.94 -6.40 -4.30
C ASN I 25 28.87 -7.62 -3.38
N SER I 26 29.36 -7.47 -2.16
CA SER I 26 29.28 -8.53 -1.16
C SER I 26 28.45 -8.09 0.04
N THR I 27 27.87 -6.89 -0.06
CA THR I 27 27.05 -6.34 1.02
C THR I 27 25.61 -6.83 0.90
N LEU I 28 24.98 -7.07 2.05
CA LEU I 28 23.58 -7.49 2.08
C LEU I 28 22.75 -6.54 2.94
N GLN I 29 21.68 -6.02 2.36
CA GLN I 29 20.76 -5.14 3.07
C GLN I 29 19.33 -5.65 2.87
N VAL I 30 18.41 -5.17 3.69
CA VAL I 30 17.01 -5.61 3.62
C VAL I 30 16.10 -4.51 3.11
N SER I 31 15.68 -4.63 1.86
CA SER I 31 14.76 -3.68 1.25
C SER I 31 13.53 -3.47 2.13
N ASP I 32 13.44 -2.29 2.74
CA ASP I 32 12.26 -1.89 3.49
C ASP I 32 11.33 -1.11 2.56
N VAL I 33 10.02 -1.27 2.77
CA VAL I 33 9.05 -0.55 1.94
C VAL I 33 8.96 0.89 2.45
N ASP I 34 8.04 1.66 1.87
CA ASP I 34 7.88 3.09 2.18
C ASP I 34 9.07 3.90 1.66
N LYS I 35 10.28 3.40 1.90
CA LYS I 35 11.49 4.01 1.38
C LYS I 35 11.99 3.16 0.23
N LEU I 36 11.89 3.67 -0.99
CA LEU I 36 12.39 2.95 -2.16
C LEU I 36 13.76 3.46 -2.55
N VAL I 37 14.66 2.52 -2.80
CA VAL I 37 16.02 2.86 -3.22
C VAL I 37 16.13 2.69 -4.73
N CYS I 38 16.31 3.80 -5.43
CA CYS I 38 16.41 3.78 -6.88
C CYS I 38 17.73 3.16 -7.32
N ARG I 39 18.70 3.12 -6.41
CA ARG I 39 19.97 2.45 -6.68
C ARG I 39 19.74 0.96 -6.93
N ASP I 40 18.77 0.40 -6.21
CA ASP I 40 18.38 -0.99 -6.43
C ASP I 40 17.88 -1.13 -7.86
N LYS I 41 18.47 -2.05 -8.61
CA LYS I 41 18.10 -2.26 -10.00
C LYS I 41 17.72 -3.72 -10.26
N LEU I 42 16.63 -3.91 -10.98
CA LEU I 42 16.16 -5.23 -11.37
C LEU I 42 15.78 -5.21 -12.84
N SER I 43 16.62 -5.81 -13.68
CA SER I 43 16.43 -5.74 -15.13
C SER I 43 15.78 -7.02 -15.67
N SER I 44 15.81 -8.08 -14.88
CA SER I 44 15.26 -9.36 -15.30
C SER I 44 14.96 -10.25 -14.10
N THR I 45 13.88 -11.02 -14.18
CA THR I 45 13.49 -11.91 -13.09
C THR I 45 14.58 -12.93 -12.78
N ASN I 46 15.51 -13.09 -13.71
CA ASN I 46 16.64 -13.99 -13.51
C ASN I 46 17.59 -13.47 -12.44
N GLN I 47 17.39 -12.21 -12.03
CA GLN I 47 18.15 -11.63 -10.93
C GLN I 47 17.55 -12.08 -9.60
N LEU I 48 16.24 -12.31 -9.59
CA LEU I 48 15.57 -12.79 -8.39
C LEU I 48 15.91 -14.25 -8.17
N ARG I 49 16.35 -14.56 -6.96
CA ARG I 49 16.78 -15.90 -6.60
C ARG I 49 16.26 -16.26 -5.23
N SER I 50 15.66 -17.43 -5.12
CA SER I 50 15.14 -17.95 -3.85
C SER I 50 15.99 -19.12 -3.38
N VAL I 51 16.63 -18.96 -2.23
CA VAL I 51 17.59 -19.95 -1.74
C VAL I 51 17.09 -20.67 -0.49
N GLY I 52 17.32 -21.97 -0.43
CA GLY I 52 17.03 -22.76 0.74
C GLY I 52 18.31 -23.18 1.45
N LEU I 53 18.44 -22.78 2.70
CA LEU I 53 19.66 -23.04 3.48
C LEU I 53 19.38 -24.01 4.60
N ASN I 54 20.29 -24.97 4.78
CA ASN I 54 20.13 -26.03 5.76
C ASN I 54 20.35 -25.51 7.17
N LEU I 55 19.71 -26.17 8.14
CA LEU I 55 19.85 -25.77 9.54
C LEU I 55 21.20 -26.14 10.12
N GLU I 56 21.78 -27.24 9.63
CA GLU I 56 23.05 -27.72 10.16
C GLU I 56 24.13 -26.65 10.07
N GLY I 57 23.94 -25.70 9.15
CA GLY I 57 24.85 -24.60 9.01
C GLY I 57 24.75 -23.62 10.16
N ASN I 58 23.66 -23.71 10.91
CA ASN I 58 23.44 -22.82 12.05
C ASN I 58 23.98 -23.42 13.35
N GLY I 59 24.56 -24.61 13.26
CA GLY I 59 25.17 -25.25 14.40
C GLY I 59 24.25 -26.22 15.12
N VAL I 60 23.09 -26.49 14.52
CA VAL I 60 22.14 -27.43 15.10
C VAL I 60 22.73 -28.83 15.13
N ALA I 61 22.40 -29.57 16.17
CA ALA I 61 22.86 -30.95 16.32
C ALA I 61 22.23 -31.82 15.24
N THR I 62 23.07 -32.61 14.56
CA THR I 62 22.61 -33.43 13.44
C THR I 62 22.27 -34.86 13.87
N ASP I 63 22.51 -35.18 15.14
CA ASP I 63 22.19 -36.50 15.65
C ASP I 63 20.70 -36.77 15.55
N VAL I 64 20.34 -38.04 15.40
CA VAL I 64 18.94 -38.43 15.16
C VAL I 64 18.01 -38.11 16.33
N PRO I 65 18.42 -38.45 17.57
CA PRO I 65 17.47 -38.21 18.67
C PRO I 65 17.18 -36.73 18.88
N SER I 66 18.15 -35.87 18.62
CA SER I 66 17.93 -34.43 18.73
C SER I 66 17.03 -33.96 17.61
N ALA I 67 17.12 -34.63 16.46
CA ALA I 67 16.33 -34.24 15.29
C ALA I 67 14.86 -34.59 15.48
N THR I 68 14.59 -35.80 15.94
CA THR I 68 13.22 -36.25 16.15
C THR I 68 12.51 -35.36 17.17
N LYS I 69 13.29 -34.80 18.09
CA LYS I 69 12.75 -33.94 19.14
C LYS I 69 12.30 -32.60 18.57
N ARG I 70 12.82 -32.25 17.40
CA ARG I 70 12.45 -31.00 16.73
C ARG I 70 11.21 -31.17 15.86
N TRP I 71 10.77 -32.41 15.68
CA TRP I 71 9.61 -32.71 14.86
C TRP I 71 8.48 -33.24 15.74
N GLY I 72 7.24 -33.03 15.30
CA GLY I 72 6.08 -33.46 16.06
C GLY I 72 4.85 -33.58 15.19
N PHE I 73 3.85 -34.31 15.68
CA PHE I 73 2.61 -34.54 14.94
C PHE I 73 1.52 -33.55 15.35
N ARG I 74 0.63 -33.25 14.40
CA ARG I 74 -0.49 -32.36 14.66
C ARG I 74 -1.52 -32.50 13.55
N SER I 75 -2.78 -32.20 13.86
CA SER I 75 -3.85 -32.26 12.88
C SER I 75 -4.65 -30.96 12.88
N GLY I 76 -5.43 -30.76 11.84
CA GLY I 76 -6.23 -29.56 11.68
C GLY I 76 -5.45 -28.43 11.06
N VAL I 77 -4.28 -28.76 10.53
CA VAL I 77 -3.40 -27.79 9.88
C VAL I 77 -3.00 -28.35 8.53
N PRO I 78 -3.62 -27.85 7.45
CA PRO I 78 -3.29 -28.35 6.11
C PRO I 78 -1.82 -28.19 5.75
N PRO I 79 -1.29 -29.05 4.88
CA PRO I 79 0.11 -28.93 4.49
C PRO I 79 0.32 -27.83 3.45
N LYS I 80 1.45 -27.15 3.50
CA LYS I 80 1.75 -26.08 2.56
C LYS I 80 3.16 -26.25 2.00
N VAL I 81 3.35 -25.83 0.75
CA VAL I 81 4.61 -26.06 0.05
C VAL I 81 5.02 -24.84 -0.78
N VAL I 82 6.31 -24.53 -0.78
CA VAL I 82 6.87 -23.48 -1.63
C VAL I 82 7.97 -24.03 -2.51
N ASN I 83 8.31 -23.28 -3.56
CA ASN I 83 9.43 -23.62 -4.43
C ASN I 83 10.64 -22.77 -4.14
N TYR I 84 11.81 -23.40 -4.07
CA TYR I 84 13.07 -22.67 -3.96
C TYR I 84 14.01 -23.15 -5.06
N GLU I 85 14.71 -22.21 -5.68
CA GLU I 85 15.43 -22.47 -6.91
C GLU I 85 16.81 -23.07 -6.71
N ALA I 86 17.43 -22.78 -5.56
CA ALA I 86 18.77 -23.25 -5.26
C ALA I 86 18.91 -23.59 -3.79
N GLY I 87 19.72 -24.60 -3.50
CA GLY I 87 19.91 -25.08 -2.14
C GLY I 87 21.35 -25.46 -1.86
N GLU I 88 21.62 -25.80 -0.60
CA GLU I 88 22.98 -26.11 -0.16
C GLU I 88 23.20 -27.60 0.01
N TRP I 89 24.42 -28.05 -0.28
CA TRP I 89 24.81 -29.44 -0.06
C TRP I 89 24.74 -29.76 1.43
N ALA I 90 24.05 -30.84 1.76
CA ALA I 90 23.83 -31.21 3.15
C ALA I 90 24.73 -32.37 3.58
N GLU I 91 25.33 -32.23 4.76
CA GLU I 91 26.13 -33.30 5.33
C GLU I 91 25.23 -34.38 5.90
N ASN I 92 24.14 -33.96 6.53
CA ASN I 92 23.21 -34.87 7.17
C ASN I 92 21.79 -34.64 6.68
N CYS I 93 21.18 -35.69 6.14
CA CYS I 93 19.79 -35.66 5.73
C CYS I 93 19.00 -36.72 6.51
N TYR I 94 17.70 -36.78 6.27
CA TYR I 94 16.84 -37.72 6.97
C TYR I 94 15.78 -38.31 6.07
N ASN I 95 15.45 -39.57 6.30
CA ASN I 95 14.41 -40.28 5.56
C ASN I 95 13.61 -41.13 6.53
N LEU I 96 12.36 -40.75 6.76
CA LEU I 96 11.53 -41.41 7.75
C LEU I 96 10.55 -42.41 7.15
N GLU I 97 10.49 -43.59 7.76
CA GLU I 97 9.48 -44.60 7.45
C GLU I 97 8.96 -45.18 8.74
N ILE I 98 7.88 -44.60 9.28
CA ILE I 98 7.38 -45.01 10.60
C ILE I 98 5.89 -45.32 10.58
N LYS I 99 5.49 -46.17 11.51
CA LYS I 99 4.11 -46.66 11.60
C LYS I 99 3.61 -46.58 13.03
N LYS I 100 2.45 -47.16 13.29
CA LYS I 100 1.91 -47.29 14.64
C LYS I 100 1.72 -48.76 14.96
N PRO I 101 1.51 -49.09 16.25
CA PRO I 101 1.39 -50.49 16.69
C PRO I 101 0.52 -51.38 15.82
N ASP I 102 -0.54 -50.82 15.24
CA ASP I 102 -1.44 -51.60 14.39
C ASP I 102 -0.86 -51.79 12.98
N GLY I 103 0.37 -51.36 12.78
CA GLY I 103 1.08 -51.63 11.54
C GLY I 103 0.79 -50.64 10.42
N SER I 104 -0.13 -49.71 10.65
CA SER I 104 -0.51 -48.75 9.62
C SER I 104 0.45 -47.56 9.60
N GLU I 105 0.70 -47.05 8.41
CA GLU I 105 1.60 -45.89 8.25
C GLU I 105 0.97 -44.64 8.83
N CYS I 106 1.77 -43.82 9.50
CA CYS I 106 1.31 -42.54 10.02
C CYS I 106 1.88 -41.36 9.23
N LEU I 107 2.63 -41.66 8.17
CA LEU I 107 3.17 -40.63 7.28
C LEU I 107 2.61 -40.82 5.86
N PRO I 108 2.25 -39.71 5.20
CA PRO I 108 1.67 -39.82 3.86
C PRO I 108 2.73 -40.06 2.78
N ALA I 109 2.34 -40.71 1.70
CA ALA I 109 3.24 -40.94 0.58
C ALA I 109 3.51 -39.62 -0.14
N ALA I 110 4.74 -39.46 -0.62
CA ALA I 110 5.13 -38.23 -1.30
C ALA I 110 4.31 -38.03 -2.58
N PRO I 111 3.48 -36.97 -2.62
CA PRO I 111 2.66 -36.78 -3.82
C PRO I 111 3.49 -36.55 -5.07
N ASP I 112 2.87 -36.72 -6.23
CA ASP I 112 3.57 -36.61 -7.51
C ASP I 112 4.29 -35.28 -7.63
N GLY I 113 5.58 -35.34 -7.94
CA GLY I 113 6.38 -34.14 -8.17
C GLY I 113 7.41 -33.86 -7.10
N ILE I 114 7.19 -34.41 -5.90
CA ILE I 114 8.11 -34.21 -4.78
C ILE I 114 9.13 -35.34 -4.73
N ARG I 115 10.40 -34.98 -4.92
CA ARG I 115 11.50 -35.93 -4.91
C ARG I 115 12.40 -35.69 -3.71
N GLY I 116 13.41 -36.54 -3.55
CA GLY I 116 14.31 -36.42 -2.42
C GLY I 116 15.32 -35.30 -2.61
N PHE I 117 15.84 -34.78 -1.51
CA PHE I 117 16.84 -33.72 -1.54
C PHE I 117 17.99 -34.15 -2.44
N PRO I 118 18.40 -33.27 -3.37
CA PRO I 118 19.31 -33.70 -4.44
C PRO I 118 20.72 -34.01 -4.00
N ARG I 119 21.16 -33.44 -2.88
CA ARG I 119 22.54 -33.59 -2.44
C ARG I 119 22.65 -33.89 -0.95
N CYS I 120 23.08 -35.11 -0.63
CA CYS I 120 23.30 -35.54 0.74
C CYS I 120 24.55 -36.40 0.83
N ARG I 121 25.43 -36.06 1.76
CA ARG I 121 26.61 -36.88 2.03
C ARG I 121 26.21 -38.09 2.84
N TYR I 122 25.71 -37.85 4.05
CA TYR I 122 25.21 -38.90 4.91
C TYR I 122 23.70 -38.85 4.95
N VAL I 123 23.06 -39.99 4.69
CA VAL I 123 21.60 -40.10 4.75
C VAL I 123 21.18 -40.97 5.92
N HIS I 124 20.54 -40.36 6.90
CA HIS I 124 20.10 -41.09 8.09
C HIS I 124 18.76 -41.76 7.83
N LYS I 125 18.82 -43.04 7.48
CA LYS I 125 17.61 -43.83 7.27
C LYS I 125 17.01 -44.14 8.63
N VAL I 126 15.74 -43.78 8.80
CA VAL I 126 15.06 -43.93 10.08
C VAL I 126 13.83 -44.82 9.95
N SER I 127 13.73 -45.80 10.85
CA SER I 127 12.54 -46.63 10.96
C SER I 127 12.13 -46.68 12.41
N GLY I 128 10.85 -46.97 12.65
CA GLY I 128 10.35 -47.05 14.01
C GLY I 128 8.83 -47.07 14.08
N THR I 129 8.32 -47.13 15.30
CA THR I 129 6.88 -47.11 15.54
C THR I 129 6.57 -46.27 16.76
N GLY I 130 5.37 -45.70 16.81
CA GLY I 130 4.99 -44.87 17.93
C GLY I 130 3.57 -44.32 17.80
N PRO I 131 3.17 -43.47 18.74
CA PRO I 131 1.85 -42.83 18.76
C PRO I 131 1.79 -41.60 17.85
N CYS I 132 1.46 -41.81 16.59
CA CYS I 132 1.27 -40.70 15.67
C CYS I 132 0.04 -39.91 16.09
N ALA I 133 0.26 -38.84 16.84
CA ALA I 133 -0.82 -38.07 17.45
C ALA I 133 -1.43 -37.06 16.49
N GLY I 134 -1.08 -37.16 15.21
CA GLY I 134 -1.60 -36.24 14.21
C GLY I 134 -1.57 -36.81 12.81
N ASP I 135 -2.28 -36.16 11.90
CA ASP I 135 -2.31 -36.60 10.51
C ASP I 135 -0.97 -36.35 9.83
N PHE I 136 -0.40 -35.18 10.12
CA PHE I 136 0.85 -34.77 9.49
C PHE I 136 1.92 -34.42 10.52
N ALA I 137 3.18 -34.56 10.13
CA ALA I 137 4.32 -34.30 11.02
C ALA I 137 5.02 -33.00 10.64
N PHE I 138 4.93 -32.01 11.52
CA PHE I 138 5.49 -30.68 11.25
C PHE I 138 6.82 -30.48 11.98
N HIS I 139 7.39 -29.30 11.80
CA HIS I 139 8.63 -28.91 12.49
C HIS I 139 8.29 -28.01 13.67
N LYS I 140 8.78 -28.38 14.85
CA LYS I 140 8.43 -27.66 16.07
C LYS I 140 8.97 -26.24 16.11
N GLU I 141 10.13 -26.03 15.51
CA GLU I 141 10.77 -24.71 15.55
C GLU I 141 10.26 -23.80 14.44
N GLY I 142 9.43 -24.34 13.57
CA GLY I 142 8.82 -23.55 12.51
C GLY I 142 9.57 -23.62 11.20
N ALA I 143 10.66 -24.38 11.18
CA ALA I 143 11.47 -24.49 9.98
C ALA I 143 10.76 -25.30 8.92
N PHE I 144 11.42 -25.49 7.79
CA PHE I 144 10.87 -26.25 6.68
C PHE I 144 11.61 -27.55 6.46
N PHE I 145 10.93 -28.54 5.88
CA PHE I 145 11.57 -29.76 5.44
C PHE I 145 11.90 -29.61 3.96
N LEU I 146 13.17 -29.43 3.65
CA LEU I 146 13.58 -29.14 2.28
C LEU I 146 13.67 -30.41 1.44
N TYR I 147 12.95 -30.42 0.33
CA TYR I 147 13.01 -31.50 -0.64
C TYR I 147 13.62 -30.98 -1.93
N ASP I 148 13.40 -31.69 -3.02
CA ASP I 148 13.94 -31.29 -4.31
C ASP I 148 13.27 -30.01 -4.81
N ARG I 149 13.95 -28.88 -4.65
CA ARG I 149 13.44 -27.59 -5.08
C ARG I 149 12.04 -27.31 -4.52
N LEU I 150 11.71 -27.96 -3.41
CA LEU I 150 10.44 -27.74 -2.76
C LEU I 150 10.58 -27.85 -1.25
N ALA I 151 10.12 -26.81 -0.55
CA ALA I 151 10.10 -26.81 0.90
C ALA I 151 8.68 -27.01 1.39
N SER I 152 8.46 -28.04 2.18
CA SER I 152 7.15 -28.36 2.71
C SER I 152 7.11 -28.17 4.23
N THR I 153 5.91 -28.01 4.76
CA THR I 153 5.72 -27.87 6.21
C THR I 153 5.51 -29.22 6.87
N VAL I 154 5.61 -30.28 6.06
CA VAL I 154 5.29 -31.63 6.53
C VAL I 154 6.30 -32.67 6.03
N ILE I 155 6.49 -33.72 6.81
CA ILE I 155 7.35 -34.83 6.43
C ILE I 155 6.59 -35.80 5.54
N TYR I 156 7.21 -36.19 4.43
CA TYR I 156 6.63 -37.17 3.53
C TYR I 156 7.27 -38.53 3.73
N ARG I 157 6.51 -39.59 3.47
CA ARG I 157 6.95 -40.95 3.72
C ARG I 157 8.06 -41.37 2.76
N GLY I 158 9.13 -41.93 3.33
CA GLY I 158 10.14 -42.63 2.57
C GLY I 158 11.02 -41.77 1.66
N THR I 159 10.77 -40.47 1.62
CA THR I 159 11.54 -39.57 0.78
C THR I 159 12.56 -38.79 1.58
N THR I 160 13.83 -38.96 1.23
CA THR I 160 14.93 -38.28 1.91
C THR I 160 14.75 -36.77 1.89
N PHE I 161 15.07 -36.12 2.99
CA PHE I 161 14.93 -34.67 3.09
C PHE I 161 16.00 -34.08 3.99
N ALA I 162 16.17 -32.76 3.88
CA ALA I 162 17.04 -32.00 4.76
C ALA I 162 16.23 -30.86 5.34
N GLU I 163 16.51 -30.51 6.59
CA GLU I 163 15.74 -29.49 7.28
C GLU I 163 16.44 -28.15 7.21
N GLY I 164 15.72 -27.15 6.71
CA GLY I 164 16.30 -25.83 6.51
C GLY I 164 15.28 -24.72 6.44
N VAL I 165 15.73 -23.56 5.97
CA VAL I 165 14.89 -22.38 5.88
C VAL I 165 15.15 -21.63 4.57
N VAL I 166 14.20 -20.78 4.18
CA VAL I 166 14.24 -20.10 2.89
C VAL I 166 14.48 -18.61 3.02
N ALA I 167 15.24 -18.07 2.07
CA ALA I 167 15.48 -16.63 1.96
C ALA I 167 15.32 -16.23 0.50
N PHE I 168 14.87 -14.99 0.28
CA PHE I 168 14.67 -14.47 -1.08
C PHE I 168 15.62 -13.31 -1.36
N LEU I 169 16.18 -13.32 -2.57
CA LEU I 169 17.22 -12.36 -2.93
C LEU I 169 16.99 -11.72 -4.29
N ILE I 170 17.63 -10.56 -4.49
CA ILE I 170 17.74 -9.95 -5.79
C ILE I 170 19.22 -9.77 -6.10
N LEU I 171 19.75 -10.61 -6.98
CA LEU I 171 21.18 -10.66 -7.23
C LEU I 171 21.64 -9.43 -8.00
N PRO I 172 22.97 -9.19 -8.03
CA PRO I 172 23.49 -8.07 -8.79
C PRO I 172 23.42 -8.30 -10.30
N GLN I 173 23.72 -7.26 -11.08
CA GLN I 173 23.73 -7.38 -12.53
C GLN I 173 24.91 -8.23 -12.97
N ILE J 3 21.36 -6.62 8.90
CA ILE J 3 21.31 -8.02 9.27
C ILE J 3 22.50 -8.40 10.15
N VAL J 4 22.23 -9.16 11.21
CA VAL J 4 23.28 -9.57 12.13
C VAL J 4 23.04 -11.01 12.56
N ASN J 5 23.97 -11.89 12.21
CA ASN J 5 23.84 -13.30 12.54
C ASN J 5 23.80 -13.51 14.04
N ALA J 6 22.73 -14.15 14.51
CA ALA J 6 22.56 -14.44 15.93
C ALA J 6 22.61 -15.95 16.18
N GLN J 7 22.93 -16.72 15.15
CA GLN J 7 22.97 -18.17 15.27
C GLN J 7 24.23 -18.59 16.05
N PRO J 8 24.14 -19.71 16.78
CA PRO J 8 25.29 -20.14 17.59
C PRO J 8 26.53 -20.39 16.73
N LYS J 9 26.37 -21.09 15.62
CA LYS J 9 27.46 -21.34 14.68
C LYS J 9 27.03 -20.91 13.28
N CYS J 10 28.01 -20.65 12.40
CA CYS J 10 27.72 -20.27 11.03
C CYS J 10 28.79 -20.81 10.08
N ASN J 11 28.36 -21.69 9.18
CA ASN J 11 29.26 -22.23 8.17
C ASN J 11 29.55 -21.19 7.09
N PRO J 12 30.81 -20.72 7.01
CA PRO J 12 31.10 -19.67 6.04
C PRO J 12 31.07 -20.18 4.60
N ASN J 13 31.45 -21.43 4.38
CA ASN J 13 31.44 -21.99 3.04
C ASN J 13 30.04 -22.41 2.61
N LEU J 14 29.59 -21.88 1.48
CA LEU J 14 28.30 -22.25 0.91
C LEU J 14 28.48 -23.02 -0.38
N HIS J 15 28.46 -24.34 -0.27
CA HIS J 15 28.53 -25.22 -1.43
C HIS J 15 27.10 -25.48 -1.87
N TYR J 16 26.71 -24.89 -2.99
CA TYR J 16 25.30 -24.87 -3.39
C TYR J 16 25.03 -25.67 -4.66
N TRP J 17 23.76 -25.95 -4.88
CA TRP J 17 23.30 -26.62 -6.09
C TRP J 17 22.15 -25.81 -6.67
N THR J 18 21.95 -25.92 -7.97
CA THR J 18 20.87 -25.17 -8.61
C THR J 18 20.45 -25.78 -9.93
N THR J 19 19.44 -25.17 -10.52
CA THR J 19 18.85 -25.62 -11.77
C THR J 19 19.42 -24.83 -12.95
N GLN J 20 19.41 -23.52 -12.82
CA GLN J 20 19.86 -22.62 -13.88
C GLN J 20 21.26 -22.99 -14.38
N ASP J 21 21.38 -23.11 -15.70
CA ASP J 21 22.61 -23.61 -16.33
C ASP J 21 23.38 -22.47 -17.00
N GLU J 22 24.49 -22.83 -17.64
CA GLU J 22 25.37 -21.86 -18.29
C GLU J 22 25.32 -21.94 -19.81
N GLY J 23 25.58 -23.13 -20.36
CA GLY J 23 25.72 -23.29 -21.79
C GLY J 23 24.88 -24.44 -22.30
N ALA J 24 23.87 -24.08 -23.08
CA ALA J 24 22.83 -25.00 -23.51
C ALA J 24 23.28 -25.92 -24.64
N ALA J 25 24.37 -25.55 -25.31
CA ALA J 25 24.84 -26.30 -26.46
C ALA J 25 25.76 -27.44 -26.04
N ILE J 26 25.15 -28.54 -25.62
CA ILE J 26 25.86 -29.77 -25.31
C ILE J 26 25.50 -30.82 -26.34
N GLY J 27 25.02 -30.36 -27.49
CA GLY J 27 24.54 -31.25 -28.53
C GLY J 27 23.04 -31.45 -28.41
N LEU J 28 22.63 -32.70 -28.19
CA LEU J 28 21.22 -33.03 -28.08
C LEU J 28 20.80 -33.25 -26.62
N ALA J 29 21.69 -32.92 -25.69
CA ALA J 29 21.45 -33.20 -24.28
C ALA J 29 20.25 -32.44 -23.72
N TRP J 30 19.74 -31.49 -24.49
CA TRP J 30 18.59 -30.72 -24.05
C TRP J 30 17.31 -31.53 -24.21
N ILE J 31 17.37 -32.56 -25.05
CA ILE J 31 16.22 -33.42 -25.28
C ILE J 31 15.95 -34.29 -24.06
N PRO J 32 14.68 -34.36 -23.62
CA PRO J 32 14.38 -35.16 -22.41
C PRO J 32 14.69 -36.63 -22.58
N TYR J 33 14.47 -37.18 -23.78
CA TYR J 33 14.77 -38.58 -24.06
C TYR J 33 16.23 -38.86 -23.79
N PHE J 34 17.10 -37.98 -24.26
CA PHE J 34 18.51 -38.04 -23.93
C PHE J 34 18.74 -37.18 -22.69
N GLY J 35 19.97 -36.75 -22.48
CA GLY J 35 20.28 -35.82 -21.41
C GLY J 35 20.19 -36.43 -20.03
N PRO J 36 20.55 -35.64 -19.00
CA PRO J 36 20.70 -36.10 -17.62
C PRO J 36 19.43 -36.69 -17.02
N ALA J 37 19.62 -37.62 -16.08
CA ALA J 37 18.52 -38.17 -15.31
C ALA J 37 18.16 -37.20 -14.18
N ALA J 38 17.22 -37.60 -13.33
CA ALA J 38 16.69 -36.72 -12.30
C ALA J 38 17.76 -36.18 -11.37
N GLU J 39 18.82 -36.95 -11.14
CA GLU J 39 19.85 -36.57 -10.18
C GLU J 39 21.08 -35.96 -10.84
N GLY J 40 20.97 -35.66 -12.13
CA GLY J 40 22.09 -35.09 -12.88
C GLY J 40 21.80 -33.73 -13.48
N ILE J 41 20.57 -33.24 -13.29
CA ILE J 41 20.15 -31.99 -13.90
C ILE J 41 20.80 -30.77 -13.24
N TYR J 42 21.44 -30.98 -12.10
CA TYR J 42 21.92 -29.87 -11.29
C TYR J 42 23.34 -29.45 -11.66
N THR J 43 23.67 -28.22 -11.33
CA THR J 43 25.02 -27.71 -11.44
C THR J 43 25.45 -27.14 -10.10
N GLU J 44 26.72 -27.33 -9.75
CA GLU J 44 27.23 -26.91 -8.45
C GLU J 44 28.15 -25.71 -8.54
N GLY J 45 28.37 -25.07 -7.39
CA GLY J 45 29.27 -23.95 -7.28
C GLY J 45 29.64 -23.74 -5.83
N LEU J 46 30.53 -22.78 -5.55
CA LEU J 46 30.96 -22.51 -4.19
C LEU J 46 31.10 -21.02 -3.94
N MET J 47 30.29 -20.50 -3.04
CA MET J 47 30.36 -19.11 -2.63
C MET J 47 31.03 -18.98 -1.27
N HIS J 48 31.95 -18.03 -1.15
CA HIS J 48 32.69 -17.82 0.09
C HIS J 48 32.07 -16.70 0.92
N ASN J 49 32.30 -16.73 2.22
CA ASN J 49 31.75 -15.73 3.13
C ASN J 49 32.47 -14.40 2.98
N GLN J 50 32.21 -13.73 1.86
CA GLN J 50 32.86 -12.46 1.57
C GLN J 50 32.13 -11.34 2.29
N ASP J 51 32.83 -10.68 3.21
CA ASP J 51 32.24 -9.62 4.02
C ASP J 51 30.98 -10.12 4.73
N GLY J 52 31.06 -11.33 5.27
CA GLY J 52 29.98 -11.89 6.06
C GLY J 52 28.69 -12.06 5.29
N LEU J 53 28.79 -12.20 3.97
CA LEU J 53 27.63 -12.34 3.12
C LEU J 53 26.80 -13.56 3.49
N ILE J 54 27.45 -14.70 3.61
CA ILE J 54 26.76 -15.95 3.88
C ILE J 54 26.08 -15.93 5.23
N CYS J 55 26.82 -15.58 6.28
CA CYS J 55 26.25 -15.51 7.62
C CYS J 55 25.08 -14.55 7.68
N GLY J 56 25.06 -13.58 6.77
CA GLY J 56 23.93 -12.69 6.64
C GLY J 56 22.76 -13.42 6.02
N LEU J 57 23.01 -14.10 4.91
CA LEU J 57 22.00 -14.89 4.23
C LEU J 57 21.39 -15.90 5.18
N ARG J 58 22.25 -16.53 5.96
CA ARG J 58 21.81 -17.53 6.93
C ARG J 58 20.82 -16.93 7.91
N GLN J 59 21.15 -15.73 8.40
CA GLN J 59 20.28 -15.05 9.35
C GLN J 59 19.00 -14.60 8.66
N LEU J 60 19.13 -14.13 7.42
CA LEU J 60 17.98 -13.66 6.67
C LEU J 60 16.95 -14.78 6.52
N ALA J 61 17.44 -15.98 6.23
CA ALA J 61 16.56 -17.12 6.06
C ALA J 61 15.82 -17.44 7.35
N ASN J 62 16.44 -17.11 8.48
CA ASN J 62 15.81 -17.35 9.78
C ASN J 62 14.67 -16.37 10.00
N GLU J 63 14.95 -15.09 9.73
CA GLU J 63 13.96 -14.04 9.97
C GLU J 63 12.84 -14.04 8.93
N THR J 64 13.11 -14.54 7.74
CA THR J 64 12.11 -14.57 6.68
C THR J 64 11.05 -15.64 6.92
N THR J 65 11.39 -16.65 7.71
CA THR J 65 10.53 -17.81 7.89
C THR J 65 9.15 -17.44 8.40
N GLN J 66 9.09 -16.56 9.39
CA GLN J 66 7.82 -16.18 10.00
C GLN J 66 6.85 -15.62 8.97
N ALA J 67 7.26 -14.57 8.27
CA ALA J 67 6.40 -13.93 7.28
C ALA J 67 6.04 -14.91 6.18
N LEU J 68 6.97 -15.79 5.85
CA LEU J 68 6.75 -16.78 4.80
C LEU J 68 5.73 -17.81 5.25
N GLN J 69 5.82 -18.23 6.50
CA GLN J 69 4.95 -19.26 7.04
C GLN J 69 3.51 -18.78 7.11
N LEU J 70 3.33 -17.50 7.44
CA LEU J 70 2.00 -16.91 7.53
C LEU J 70 1.40 -16.72 6.15
N PHE J 71 2.24 -16.34 5.19
CA PHE J 71 1.80 -16.18 3.82
C PHE J 71 1.23 -17.48 3.31
N LEU J 72 1.85 -18.58 3.73
CA LEU J 72 1.42 -19.90 3.32
C LEU J 72 0.10 -20.28 4.00
N ARG J 73 -0.06 -19.83 5.24
CA ARG J 73 -1.29 -20.08 5.96
C ARG J 73 -2.46 -19.41 5.25
N ALA J 74 -2.22 -18.21 4.75
CA ALA J 74 -3.26 -17.41 4.12
C ALA J 74 -3.72 -18.04 2.82
N THR J 75 -2.78 -18.44 1.98
CA THR J 75 -3.12 -19.03 0.70
C THR J 75 -3.69 -20.43 0.91
N THR J 76 -4.48 -20.89 -0.05
CA THR J 76 -5.10 -22.20 0.03
C THR J 76 -4.57 -23.17 -1.02
N GLU J 77 -3.68 -22.69 -1.88
CA GLU J 77 -3.09 -23.54 -2.89
C GLU J 77 -1.99 -24.39 -2.27
N LEU J 78 -1.90 -25.63 -2.71
CA LEU J 78 -0.98 -26.58 -2.12
C LEU J 78 0.48 -26.17 -2.36
N ARG J 79 0.82 -25.94 -3.62
CA ARG J 79 2.19 -25.60 -3.99
C ARG J 79 2.27 -24.21 -4.61
N THR J 80 3.06 -23.33 -4.00
CA THR J 80 3.17 -21.93 -4.39
C THR J 80 4.49 -21.62 -5.09
N PHE J 81 4.41 -21.24 -6.37
CA PHE J 81 5.58 -20.90 -7.15
C PHE J 81 5.60 -19.42 -7.53
N SER J 82 4.56 -18.70 -7.15
CA SER J 82 4.33 -17.35 -7.63
C SER J 82 4.94 -16.26 -6.76
N ILE J 83 5.76 -16.66 -5.78
CA ILE J 83 6.30 -15.70 -4.82
C ILE J 83 7.25 -14.71 -5.50
N LEU J 84 8.19 -15.22 -6.29
CA LEU J 84 9.21 -14.37 -6.90
C LEU J 84 8.61 -13.40 -7.92
N ASN J 85 7.63 -13.87 -8.70
CA ASN J 85 6.96 -13.00 -9.65
C ASN J 85 6.16 -11.92 -8.93
N ARG J 86 5.57 -12.28 -7.79
CA ARG J 86 4.83 -11.33 -6.98
C ARG J 86 5.78 -10.26 -6.45
N LYS J 87 6.99 -10.69 -6.08
CA LYS J 87 8.01 -9.78 -5.58
C LYS J 87 8.50 -8.87 -6.70
N ALA J 88 8.45 -9.36 -7.93
CA ALA J 88 8.88 -8.58 -9.08
C ALA J 88 7.85 -7.51 -9.42
N ILE J 89 6.58 -7.85 -9.31
CA ILE J 89 5.52 -6.91 -9.60
C ILE J 89 5.43 -5.84 -8.53
N ASP J 90 5.52 -6.25 -7.26
CA ASP J 90 5.50 -5.30 -6.16
C ASP J 90 6.66 -4.32 -6.30
N PHE J 91 7.76 -4.80 -6.87
CA PHE J 91 8.93 -3.96 -7.09
C PHE J 91 8.61 -2.85 -8.08
N LEU J 92 7.88 -3.20 -9.14
CA LEU J 92 7.50 -2.23 -10.16
C LEU J 92 6.47 -1.25 -9.65
N LEU J 93 5.45 -1.77 -8.98
CA LEU J 93 4.37 -0.94 -8.47
C LEU J 93 4.90 0.13 -7.50
N GLN J 94 5.90 -0.25 -6.71
CA GLN J 94 6.51 0.66 -5.77
C GLN J 94 7.07 1.89 -6.49
N ARG J 95 7.66 1.65 -7.66
CA ARG J 95 8.27 2.72 -8.44
C ARG J 95 7.28 3.39 -9.37
N TRP J 96 6.38 2.60 -9.97
CA TRP J 96 5.43 3.12 -10.94
C TRP J 96 4.00 2.69 -10.61
N GLY J 97 3.44 3.32 -9.59
CA GLY J 97 2.14 2.93 -9.08
C GLY J 97 0.93 3.74 -9.53
N GLY J 98 0.94 5.07 -9.41
CA GLY J 98 2.03 5.83 -8.81
C GLY J 98 2.57 6.86 -9.77
N THR J 99 1.72 7.83 -10.13
CA THR J 99 2.14 8.93 -10.99
C THR J 99 3.46 9.52 -10.50
N CYS J 100 4.42 9.56 -11.40
CA CYS J 100 5.81 9.81 -11.05
C CYS J 100 6.22 11.27 -11.27
N HIS J 101 6.58 11.94 -10.19
CA HIS J 101 7.06 13.31 -10.24
C HIS J 101 8.57 13.33 -10.41
N ILE J 102 9.04 13.96 -11.48
CA ILE J 102 10.45 13.92 -11.85
C ILE J 102 11.34 14.50 -10.76
N LEU J 103 11.09 15.74 -10.39
CA LEU J 103 11.92 16.41 -9.38
C LEU J 103 11.74 15.75 -8.02
N GLY J 104 10.50 15.38 -7.71
CA GLY J 104 10.18 14.80 -6.42
C GLY J 104 10.74 13.40 -6.25
N PRO J 105 10.66 12.87 -5.01
CA PRO J 105 11.11 11.51 -4.70
C PRO J 105 10.09 10.47 -5.15
N ASP J 106 10.33 9.22 -4.78
CA ASP J 106 9.45 8.12 -5.18
C ASP J 106 9.29 8.08 -6.70
N CYS J 107 10.35 8.49 -7.38
CA CYS J 107 10.37 8.48 -8.84
C CYS J 107 11.81 8.43 -9.35
N CYS J 108 12.11 7.42 -10.16
CA CYS J 108 13.47 7.20 -10.64
C CYS J 108 13.65 7.70 -12.07
N ILE J 109 13.86 9.00 -12.21
CA ILE J 109 14.10 9.60 -13.53
C ILE J 109 15.17 10.69 -13.45
N GLU J 110 15.99 10.78 -14.50
CA GLU J 110 17.03 11.79 -14.60
C GLU J 110 17.08 12.33 -16.03
N PRO J 111 17.16 13.66 -16.20
CA PRO J 111 17.11 14.24 -17.55
C PRO J 111 18.46 14.41 -18.24
N HIS J 112 19.56 14.17 -17.52
CA HIS J 112 20.88 14.36 -18.10
C HIS J 112 21.13 13.40 -19.25
N GLU K 1 46.41 -28.38 13.05
CA GLU K 1 46.01 -28.27 11.62
C GLU K 1 45.68 -26.82 11.26
N VAL K 2 44.77 -26.22 11.99
CA VAL K 2 44.40 -24.82 11.77
C VAL K 2 45.33 -23.91 12.57
N GLN K 3 45.99 -22.98 11.87
CA GLN K 3 46.93 -22.09 12.54
C GLN K 3 47.35 -20.91 11.68
N LEU K 4 48.13 -20.01 12.29
CA LEU K 4 48.61 -18.80 11.62
C LEU K 4 50.10 -18.65 11.86
N LEU K 5 50.89 -18.64 10.78
CA LEU K 5 52.34 -18.49 10.89
C LEU K 5 52.73 -17.06 10.60
N GLU K 6 53.38 -16.41 11.56
CA GLU K 6 53.75 -15.01 11.42
C GLU K 6 55.23 -14.87 11.08
N SER K 7 55.58 -13.78 10.41
CA SER K 7 56.96 -13.51 10.04
C SER K 7 57.32 -12.08 10.41
N GLY K 8 58.49 -11.63 9.95
CA GLY K 8 58.90 -10.26 10.13
C GLY K 8 59.07 -9.84 11.57
N GLY K 9 59.28 -8.55 11.78
CA GLY K 9 59.47 -7.99 13.11
C GLY K 9 60.95 -7.81 13.41
N GLY K 10 61.26 -7.55 14.68
CA GLY K 10 62.63 -7.39 15.11
C GLY K 10 62.94 -5.98 15.57
N LEU K 11 64.21 -5.60 15.48
CA LEU K 11 64.66 -4.28 15.90
C LEU K 11 64.56 -3.29 14.76
N VAL K 12 64.20 -2.05 15.09
CA VAL K 12 64.13 -0.98 14.11
C VAL K 12 64.22 0.36 14.82
N LYS K 13 64.87 1.32 14.20
CA LYS K 13 65.05 2.63 14.81
C LYS K 13 63.79 3.46 14.69
N PRO K 14 63.62 4.47 15.57
CA PRO K 14 62.44 5.32 15.50
C PRO K 14 62.33 6.01 14.15
N GLY K 15 61.16 5.92 13.53
CA GLY K 15 60.94 6.47 12.21
C GLY K 15 61.12 5.43 11.13
N GLY K 16 61.76 4.32 11.48
CA GLY K 16 62.00 3.24 10.54
C GLY K 16 60.69 2.59 10.12
N SER K 17 60.80 1.56 9.26
CA SER K 17 59.63 0.88 8.74
C SER K 17 59.80 -0.63 8.78
N LEU K 18 58.68 -1.34 8.91
CA LEU K 18 58.69 -2.80 8.96
C LEU K 18 57.41 -3.36 8.37
N ARG K 19 57.46 -4.60 7.91
CA ARG K 19 56.30 -5.26 7.33
C ARG K 19 56.10 -6.63 7.95
N LEU K 20 55.04 -6.77 8.76
CA LEU K 20 54.70 -8.04 9.37
C LEU K 20 53.92 -8.87 8.38
N SER K 21 54.19 -10.17 8.34
CA SER K 21 53.49 -11.09 7.46
C SER K 21 52.79 -12.15 8.28
N CYS K 22 51.71 -12.70 7.74
CA CYS K 22 50.96 -13.74 8.41
C CYS K 22 50.35 -14.67 7.37
N ALA K 23 50.61 -15.97 7.52
CA ALA K 23 50.13 -16.97 6.59
C ALA K 23 49.19 -17.93 7.29
N ALA K 24 47.99 -18.08 6.74
CA ALA K 24 46.97 -18.92 7.35
C ALA K 24 47.06 -20.34 6.79
N SER K 25 46.67 -21.30 7.62
CA SER K 25 46.62 -22.70 7.21
C SER K 25 45.42 -23.38 7.87
N GLY K 26 44.71 -24.19 7.10
CA GLY K 26 43.56 -24.92 7.62
C GLY K 26 42.24 -24.25 7.28
N PHE K 27 42.30 -23.11 6.61
CA PHE K 27 41.10 -22.41 6.18
C PHE K 27 41.43 -21.36 5.12
N THR K 28 40.41 -20.66 4.64
CA THR K 28 40.59 -19.63 3.61
C THR K 28 40.26 -18.25 4.17
N LEU K 29 41.18 -17.30 3.96
CA LEU K 29 40.99 -15.95 4.48
C LEU K 29 39.74 -15.27 3.92
N ILE K 30 39.28 -15.74 2.77
CA ILE K 30 38.13 -15.13 2.10
C ILE K 30 36.90 -15.16 3.01
N ASN K 31 36.80 -16.19 3.83
CA ASN K 31 35.62 -16.38 4.66
C ASN K 31 35.56 -15.43 5.86
N TYR K 32 36.73 -14.99 6.34
CA TYR K 32 36.81 -14.25 7.59
C TYR K 32 37.40 -12.85 7.44
N ARG K 33 37.02 -11.96 8.35
CA ARG K 33 37.67 -10.67 8.48
C ARG K 33 38.89 -10.81 9.38
N MET K 34 40.03 -10.32 8.91
CA MET K 34 41.28 -10.44 9.66
C MET K 34 41.60 -9.17 10.42
N ASN K 35 42.30 -9.33 11.54
CA ASN K 35 42.67 -8.21 12.40
C ASN K 35 44.11 -8.31 12.85
N TRP K 36 44.65 -7.19 13.34
CA TRP K 36 45.94 -7.17 14.04
C TRP K 36 45.74 -6.61 15.44
N VAL K 37 46.31 -7.29 16.43
CA VAL K 37 46.25 -6.83 17.81
C VAL K 37 47.64 -6.86 18.43
N ARG K 38 48.00 -5.78 19.11
CA ARG K 38 49.32 -5.67 19.72
C ARG K 38 49.22 -5.72 21.24
N GLN K 39 50.34 -6.03 21.89
CA GLN K 39 50.41 -6.11 23.34
C GLN K 39 51.75 -5.61 23.86
N ALA K 40 51.76 -4.44 24.48
CA ALA K 40 52.98 -3.89 25.04
C ALA K 40 53.48 -4.81 26.14
N PRO K 41 54.78 -4.72 26.49
CA PRO K 41 55.34 -5.61 27.51
C PRO K 41 54.66 -5.46 28.87
N GLY K 42 54.07 -6.56 29.35
CA GLY K 42 53.47 -6.59 30.67
C GLY K 42 52.17 -5.82 30.78
N LYS K 43 51.66 -5.35 29.64
CA LYS K 43 50.42 -4.58 29.62
C LYS K 43 49.35 -5.33 28.84
N GLY K 44 48.15 -4.75 28.77
CA GLY K 44 47.01 -5.42 28.17
C GLY K 44 47.05 -5.43 26.65
N LEU K 45 45.93 -5.82 26.04
CA LEU K 45 45.82 -5.94 24.59
C LEU K 45 45.21 -4.68 23.98
N GLU K 46 45.70 -4.33 22.79
CA GLU K 46 45.19 -3.16 22.07
C GLU K 46 44.98 -3.50 20.60
N TRP K 47 43.76 -3.29 20.13
CA TRP K 47 43.43 -3.54 18.73
C TRP K 47 44.10 -2.53 17.82
N VAL K 48 44.64 -3.01 16.70
CA VAL K 48 45.38 -2.16 15.78
C VAL K 48 44.58 -1.86 14.52
N SER K 49 44.28 -2.89 13.74
CA SER K 49 43.62 -2.71 12.45
C SER K 49 42.75 -3.90 12.07
N SER K 50 41.90 -3.68 11.07
CA SER K 50 41.00 -4.72 10.56
C SER K 50 40.79 -4.54 9.06
N ILE K 51 40.53 -5.64 8.36
CA ILE K 51 40.29 -5.61 6.93
C ILE K 51 39.31 -6.70 6.51
N SER K 52 38.26 -6.32 5.79
CA SER K 52 37.23 -7.26 5.39
C SER K 52 37.74 -8.22 4.34
N SER K 53 36.92 -9.20 3.97
CA SER K 53 37.31 -10.20 3.00
C SER K 53 37.61 -9.58 1.64
N SER K 54 36.71 -8.74 1.17
CA SER K 54 36.85 -8.09 -0.12
C SER K 54 37.89 -6.99 -0.10
N SER K 55 38.45 -6.73 1.09
CA SER K 55 39.41 -5.65 1.29
C SER K 55 38.78 -4.30 1.00
N SER K 56 37.45 -4.24 1.07
CA SER K 56 36.71 -3.01 0.82
C SER K 56 36.65 -2.16 2.09
N TYR K 57 36.33 -2.82 3.20
CA TYR K 57 36.20 -2.16 4.49
C TYR K 57 37.44 -2.33 5.34
N ILE K 58 38.12 -1.22 5.61
CA ILE K 58 39.35 -1.21 6.40
C ILE K 58 39.21 -0.20 7.53
N HIS K 59 39.82 -0.51 8.67
CA HIS K 59 39.77 0.37 9.83
C HIS K 59 41.09 0.33 10.58
N TYR K 60 41.49 1.46 11.15
CA TYR K 60 42.68 1.53 11.98
C TYR K 60 42.37 2.17 13.32
N ALA K 61 43.24 1.93 14.31
CA ALA K 61 43.13 2.60 15.59
C ALA K 61 43.67 4.01 15.47
N ASP K 62 43.02 4.95 16.14
CA ASP K 62 43.38 6.37 16.04
C ASP K 62 44.85 6.59 16.35
N SER K 63 45.39 5.81 17.28
CA SER K 63 46.77 5.95 17.68
C SER K 63 47.73 5.50 16.57
N VAL K 64 47.19 4.74 15.62
CA VAL K 64 47.99 4.14 14.56
C VAL K 64 47.72 4.77 13.20
N LYS K 65 46.56 5.38 13.04
CA LYS K 65 46.13 5.96 11.76
C LYS K 65 47.21 6.72 11.03
N GLY K 66 47.37 6.41 9.74
CA GLY K 66 48.27 7.15 8.88
C GLY K 66 49.66 6.60 8.85
N ARG K 67 50.01 5.82 9.87
CA ARG K 67 51.35 5.25 9.98
C ARG K 67 51.40 3.80 9.51
N PHE K 68 50.33 3.06 9.75
CA PHE K 68 50.26 1.65 9.34
C PHE K 68 49.35 1.45 8.14
N THR K 69 49.68 0.45 7.34
CA THR K 69 48.86 0.08 6.18
C THR K 69 48.62 -1.43 6.14
N ILE K 70 47.39 -1.85 6.37
CA ILE K 70 47.04 -3.26 6.36
C ILE K 70 46.70 -3.72 4.94
N SER K 71 46.96 -4.98 4.65
CA SER K 71 46.68 -5.54 3.34
C SER K 71 46.56 -7.06 3.42
N ARG K 72 45.96 -7.68 2.40
CA ARG K 72 45.79 -9.13 2.40
C ARG K 72 45.86 -9.71 0.99
N ASP K 73 46.15 -11.01 0.93
CA ASP K 73 46.18 -11.75 -0.33
C ASP K 73 45.46 -13.07 -0.12
N ASN K 74 44.17 -13.11 -0.48
CA ASN K 74 43.34 -14.27 -0.24
C ASN K 74 43.79 -15.50 -1.01
N ALA K 75 44.28 -15.29 -2.22
CA ALA K 75 44.74 -16.41 -3.05
C ALA K 75 45.92 -17.10 -2.38
N GLU K 76 46.82 -16.29 -1.82
CA GLU K 76 47.98 -16.82 -1.12
C GLU K 76 47.66 -17.05 0.35
N ASN K 77 46.42 -16.76 0.73
CA ASN K 77 45.93 -17.01 2.08
C ASN K 77 46.78 -16.30 3.14
N SER K 78 47.19 -15.08 2.84
CA SER K 78 48.11 -14.34 3.69
C SER K 78 47.57 -12.97 4.08
N LEU K 79 48.10 -12.45 5.20
CA LEU K 79 47.76 -11.13 5.71
C LEU K 79 49.03 -10.35 5.97
N TYR K 80 49.04 -9.06 5.62
CA TYR K 80 50.23 -8.24 5.76
C TYR K 80 49.91 -6.91 6.44
N LEU K 81 50.88 -6.35 7.15
CA LEU K 81 50.73 -5.04 7.78
C LEU K 81 52.00 -4.22 7.64
N GLN K 82 51.94 -3.18 6.82
CA GLN K 82 53.10 -2.31 6.61
C GLN K 82 53.12 -1.23 7.67
N MET K 83 54.17 -1.21 8.48
CA MET K 83 54.31 -0.24 9.58
C MET K 83 55.35 0.81 9.23
N ASN K 84 54.92 2.06 9.15
CA ASN K 84 55.81 3.18 8.82
C ASN K 84 55.88 4.19 9.95
N SER K 85 56.99 4.95 10.00
CA SER K 85 57.20 5.94 11.04
C SER K 85 56.98 5.37 12.43
N LEU K 86 57.69 4.30 12.74
CA LEU K 86 57.55 3.63 14.03
C LEU K 86 58.13 4.45 15.17
N ARG K 87 57.56 4.28 16.36
CA ARG K 87 58.06 4.96 17.55
C ARG K 87 58.07 4.00 18.74
N ALA K 88 58.58 4.48 19.87
CA ALA K 88 58.74 3.67 21.07
C ALA K 88 57.43 3.05 21.51
N GLU K 89 56.36 3.85 21.50
CA GLU K 89 55.07 3.38 21.98
C GLU K 89 54.53 2.24 21.13
N ASP K 90 55.08 2.08 19.94
CA ASP K 90 54.68 0.97 19.07
C ASP K 90 55.42 -0.31 19.43
N THR K 91 56.38 -0.22 20.35
CA THR K 91 57.09 -1.41 20.82
C THR K 91 56.16 -2.38 21.51
N ALA K 92 55.91 -3.51 20.86
CA ALA K 92 54.98 -4.49 21.42
C ALA K 92 55.02 -5.81 20.65
N VAL K 93 54.26 -6.79 21.12
CA VAL K 93 54.07 -8.05 20.43
C VAL K 93 52.82 -7.97 19.57
N TYR K 94 52.97 -8.18 18.27
CA TYR K 94 51.87 -8.05 17.32
C TYR K 94 51.30 -9.38 16.89
N TYR K 95 50.03 -9.62 17.20
CA TYR K 95 49.36 -10.87 16.89
C TYR K 95 48.45 -10.70 15.68
N CYS K 96 48.61 -11.55 14.67
CA CYS K 96 47.66 -11.60 13.57
C CYS K 96 46.47 -12.46 14.01
N VAL K 97 45.27 -11.94 13.82
CA VAL K 97 44.08 -12.52 14.43
C VAL K 97 42.93 -12.65 13.45
N ARG K 98 42.23 -13.78 13.53
CA ARG K 98 41.03 -14.02 12.74
C ARG K 98 39.77 -13.73 13.54
N GLU K 99 38.87 -12.96 12.95
CA GLU K 99 37.60 -12.64 13.59
C GLU K 99 36.53 -13.62 13.11
N GLY K 100 35.45 -13.74 13.87
CA GLY K 100 34.38 -14.66 13.54
C GLY K 100 33.76 -14.39 12.19
N PRO K 101 33.03 -15.36 11.65
CA PRO K 101 32.46 -15.23 10.31
C PRO K 101 31.26 -14.29 10.25
N ARG K 102 30.73 -13.90 11.41
CA ARG K 102 29.57 -13.03 11.45
C ARG K 102 29.96 -11.56 11.32
N ALA K 103 31.27 -11.31 11.27
CA ALA K 103 31.78 -9.95 11.30
C ALA K 103 31.83 -9.33 9.92
N THR K 104 31.36 -8.08 9.81
CA THR K 104 31.46 -7.33 8.57
C THR K 104 31.70 -5.84 8.84
N GLY K 105 32.44 -5.21 7.95
CA GLY K 105 32.81 -3.82 8.11
C GLY K 105 31.64 -2.85 8.18
N TYR K 106 30.48 -3.27 7.67
CA TYR K 106 29.32 -2.38 7.64
C TYR K 106 28.29 -2.76 8.68
N SER K 107 28.64 -3.65 9.60
CA SER K 107 27.72 -4.12 10.62
C SER K 107 28.44 -4.52 11.89
N MET K 108 27.75 -5.26 12.75
CA MET K 108 28.31 -5.67 14.03
C MET K 108 29.52 -6.58 13.84
N ALA K 109 30.43 -6.55 14.82
CA ALA K 109 31.66 -7.32 14.75
C ALA K 109 31.45 -8.73 15.27
N ASP K 110 32.54 -9.49 15.40
CA ASP K 110 32.50 -10.82 15.99
C ASP K 110 33.75 -11.03 16.83
N VAL K 111 33.88 -12.22 17.41
CA VAL K 111 34.97 -12.50 18.34
C VAL K 111 36.25 -12.97 17.66
N PHE K 112 37.36 -12.81 18.37
CA PHE K 112 38.67 -13.25 17.90
C PHE K 112 38.94 -14.70 18.29
N ASP K 113 38.57 -15.63 17.41
CA ASP K 113 38.61 -17.05 17.76
C ASP K 113 39.98 -17.68 17.53
N ILE K 114 40.82 -17.05 16.71
CA ILE K 114 42.15 -17.59 16.43
C ILE K 114 43.21 -16.51 16.45
N TRP K 115 44.28 -16.78 17.18
CA TRP K 115 45.40 -15.85 17.33
C TRP K 115 46.68 -16.47 16.80
N GLY K 116 47.52 -15.66 16.18
CA GLY K 116 48.80 -16.13 15.68
C GLY K 116 49.77 -16.29 16.83
N GLN K 117 50.95 -16.83 16.54
CA GLN K 117 51.96 -17.03 17.57
C GLN K 117 52.47 -15.69 18.11
N GLY K 118 52.37 -14.65 17.27
CA GLY K 118 52.83 -13.32 17.66
C GLY K 118 54.27 -13.10 17.26
N THR K 119 54.63 -11.83 17.08
CA THR K 119 56.00 -11.45 16.72
C THR K 119 56.40 -10.18 17.44
N MET K 120 57.59 -10.21 18.04
CA MET K 120 58.08 -9.08 18.83
C MET K 120 58.63 -7.99 17.92
N VAL K 121 58.19 -6.76 18.17
CA VAL K 121 58.72 -5.59 17.48
C VAL K 121 59.25 -4.62 18.52
N THR K 122 60.55 -4.34 18.45
CA THR K 122 61.20 -3.46 19.41
C THR K 122 61.73 -2.22 18.73
N VAL K 123 61.19 -1.07 19.11
CA VAL K 123 61.62 0.22 18.56
C VAL K 123 62.56 0.93 19.52
N SER K 124 63.83 1.01 19.14
CA SER K 124 64.84 1.63 19.99
C SER K 124 66.01 2.15 19.16
N SER K 125 66.65 3.20 19.65
CA SER K 125 67.79 3.80 18.96
C SER K 125 69.05 2.96 19.16
N ALA K 126 69.02 2.07 20.14
CA ALA K 126 70.19 1.26 20.48
C ALA K 126 70.37 0.14 19.45
N SER K 127 71.62 -0.18 19.15
CA SER K 127 71.93 -1.23 18.19
C SER K 127 71.91 -2.61 18.83
N THR K 128 71.92 -3.64 18.01
CA THR K 128 71.89 -5.02 18.48
C THR K 128 73.20 -5.40 19.13
N LYS K 129 73.11 -6.23 20.18
CA LYS K 129 74.30 -6.70 20.89
C LYS K 129 74.08 -8.14 21.35
N GLY K 130 75.02 -9.01 20.98
CA GLY K 130 74.93 -10.42 21.35
C GLY K 130 75.18 -10.65 22.83
N PRO K 131 74.77 -11.81 23.34
CA PRO K 131 74.90 -12.13 24.77
C PRO K 131 76.27 -12.71 25.12
N SER K 132 76.66 -12.56 26.37
CA SER K 132 77.83 -13.23 26.91
C SER K 132 77.36 -14.35 27.83
N VAL K 133 77.65 -15.59 27.46
CA VAL K 133 77.14 -16.74 28.21
C VAL K 133 78.19 -17.21 29.20
N PHE K 134 77.92 -16.96 30.48
CA PHE K 134 78.78 -17.42 31.56
C PHE K 134 78.17 -18.62 32.26
N PRO K 135 78.99 -19.62 32.63
CA PRO K 135 78.45 -20.79 33.32
C PRO K 135 78.13 -20.50 34.79
N GLY K 151 73.55 -23.87 35.92
CA GLY K 151 72.80 -23.09 34.95
C GLY K 151 73.72 -22.22 34.11
N CYS K 152 73.11 -21.34 33.32
CA CYS K 152 73.85 -20.42 32.47
C CYS K 152 73.39 -18.98 32.69
N LEU K 153 74.35 -18.07 32.79
CA LEU K 153 74.07 -16.64 32.94
C LEU K 153 74.22 -15.93 31.60
N VAL K 154 73.10 -15.49 31.04
CA VAL K 154 73.09 -14.74 29.79
C VAL K 154 73.16 -13.26 30.10
N LYS K 155 74.29 -12.64 29.79
CA LYS K 155 74.57 -11.27 30.20
C LYS K 155 74.79 -10.32 29.03
N ASP K 156 74.37 -9.07 29.21
CA ASP K 156 74.62 -8.00 28.27
C ASP K 156 74.18 -8.35 26.85
N TYR K 157 72.86 -8.45 26.64
CA TYR K 157 72.33 -8.71 25.31
C TYR K 157 71.16 -7.79 25.01
N PHE K 158 70.91 -7.58 23.72
CA PHE K 158 69.86 -6.68 23.26
C PHE K 158 69.67 -6.84 21.76
N PRO K 159 68.41 -6.81 21.30
CA PRO K 159 67.15 -6.72 22.05
C PRO K 159 66.64 -8.08 22.48
N GLU K 160 65.46 -8.11 23.07
CA GLU K 160 64.78 -9.36 23.36
C GLU K 160 64.23 -9.93 22.05
N PRO K 161 63.88 -11.23 22.04
CA PRO K 161 64.02 -12.22 23.10
C PRO K 161 65.23 -13.14 22.92
N VAL K 162 65.46 -13.99 23.92
CA VAL K 162 66.48 -15.03 23.84
C VAL K 162 65.88 -16.33 24.33
N THR K 163 66.13 -17.41 23.60
CA THR K 163 65.58 -18.71 23.94
C THR K 163 66.67 -19.63 24.49
N VAL K 164 66.32 -20.39 25.52
CA VAL K 164 67.24 -21.31 26.16
C VAL K 164 66.65 -22.71 26.18
N SER K 165 67.49 -23.70 25.90
CA SER K 165 67.10 -25.10 25.97
C SER K 165 68.26 -25.91 26.54
N TRP K 166 67.97 -27.12 27.01
CA TRP K 166 68.98 -27.98 27.61
C TRP K 166 69.10 -29.30 26.86
N ASN K 167 70.33 -29.62 26.45
CA ASN K 167 70.62 -30.85 25.73
C ASN K 167 69.79 -30.96 24.46
N SER K 168 69.68 -29.85 23.74
CA SER K 168 69.00 -29.80 22.45
C SER K 168 67.54 -30.25 22.54
N GLY K 169 66.87 -29.81 23.60
CA GLY K 169 65.44 -30.05 23.76
C GLY K 169 65.11 -31.35 24.46
N ALA K 170 66.09 -31.89 25.19
CA ALA K 170 65.89 -33.14 25.93
C ALA K 170 65.41 -32.85 27.35
N LEU K 171 66.29 -32.25 28.15
CA LEU K 171 65.97 -31.93 29.54
C LEU K 171 64.96 -30.79 29.62
N THR K 172 63.84 -31.05 30.30
CA THR K 172 62.77 -30.08 30.45
C THR K 172 62.32 -29.96 31.90
N SER K 173 62.11 -31.11 32.54
CA SER K 173 61.66 -31.15 33.93
C SER K 173 62.68 -30.53 34.88
N GLY K 174 62.17 -29.73 35.83
CA GLY K 174 63.01 -29.11 36.84
C GLY K 174 63.75 -27.89 36.33
N VAL K 175 63.44 -27.47 35.10
CA VAL K 175 64.08 -26.32 34.49
C VAL K 175 63.29 -25.04 34.80
N HIS K 176 64.00 -23.99 35.17
CA HIS K 176 63.39 -22.69 35.44
C HIS K 176 64.19 -21.56 34.80
N THR K 177 63.64 -21.00 33.72
CA THR K 177 64.27 -19.87 33.04
C THR K 177 63.63 -18.57 33.52
N PHE K 178 64.43 -17.72 34.15
CA PHE K 178 63.93 -16.49 34.74
C PHE K 178 63.67 -15.41 33.69
N PRO K 179 62.70 -14.52 33.97
CA PRO K 179 62.48 -13.40 33.05
C PRO K 179 63.67 -12.45 32.97
N ALA K 180 63.89 -11.87 31.80
CA ALA K 180 64.98 -10.93 31.60
C ALA K 180 64.72 -9.64 32.37
N VAL K 181 65.79 -8.95 32.75
CA VAL K 181 65.68 -7.66 33.42
C VAL K 181 66.53 -6.62 32.69
N LEU K 182 65.96 -5.43 32.53
CA LEU K 182 66.67 -4.34 31.87
C LEU K 182 67.60 -3.64 32.85
N GLN K 183 68.89 -3.68 32.56
CA GLN K 183 69.89 -3.06 33.42
C GLN K 183 69.99 -1.56 33.16
N SER K 184 70.78 -0.88 33.99
CA SER K 184 70.97 0.56 33.86
C SER K 184 71.64 0.92 32.55
N SER K 185 72.43 -0.03 32.02
CA SER K 185 73.15 0.20 30.77
C SER K 185 72.24 0.08 29.55
N GLY K 186 70.96 -0.20 29.79
CA GLY K 186 70.01 -0.35 28.72
C GLY K 186 70.06 -1.71 28.05
N LEU K 187 70.91 -2.60 28.58
CA LEU K 187 71.05 -3.96 28.06
C LEU K 187 70.39 -4.94 29.00
N TYR K 188 69.88 -6.04 28.44
CA TYR K 188 69.16 -7.04 29.21
C TYR K 188 70.09 -8.06 29.84
N SER K 189 69.62 -8.68 30.92
CA SER K 189 70.34 -9.75 31.59
C SER K 189 69.34 -10.81 32.05
N LEU K 190 69.75 -12.07 31.97
CA LEU K 190 68.85 -13.19 32.26
C LEU K 190 69.63 -14.41 32.74
N SER K 191 69.01 -15.19 33.62
CA SER K 191 69.62 -16.41 34.15
C SER K 191 68.66 -17.58 34.05
N SER K 192 69.20 -18.74 33.67
CA SER K 192 68.41 -19.97 33.55
C SER K 192 69.06 -21.10 34.34
N VAL K 193 68.25 -21.79 35.13
CA VAL K 193 68.75 -22.83 36.03
C VAL K 193 67.92 -24.10 35.95
N VAL K 194 68.52 -25.21 36.39
CA VAL K 194 67.82 -26.49 36.46
C VAL K 194 68.38 -27.34 37.60
N THR K 195 67.51 -28.09 38.26
CA THR K 195 67.92 -28.98 39.34
C THR K 195 68.05 -30.41 38.82
N VAL K 196 69.14 -31.07 39.21
CA VAL K 196 69.37 -32.46 38.83
C VAL K 196 70.05 -33.23 39.96
N PRO K 197 69.95 -34.58 39.91
CA PRO K 197 70.64 -35.42 40.91
C PRO K 197 72.15 -35.21 40.90
N SER K 198 72.76 -35.18 42.08
CA SER K 198 74.20 -34.99 42.19
C SER K 198 74.97 -36.18 41.63
N SER K 199 74.29 -37.30 41.46
CA SER K 199 74.92 -38.52 40.96
C SER K 199 75.30 -38.39 39.49
N SER K 200 74.47 -37.71 38.71
CA SER K 200 74.67 -37.60 37.27
C SER K 200 75.62 -36.46 36.89
N LEU K 201 76.34 -35.93 37.88
CA LEU K 201 77.30 -34.85 37.63
C LEU K 201 78.37 -35.27 36.63
N GLY K 202 78.84 -36.51 36.75
CA GLY K 202 79.84 -37.03 35.85
C GLY K 202 79.23 -37.86 34.74
N ILE K 207 74.55 -29.59 28.84
CA ILE K 207 74.78 -28.44 27.97
C ILE K 207 73.48 -27.69 27.72
N CYS K 208 73.52 -26.37 27.84
CA CYS K 208 72.37 -25.52 27.57
C CYS K 208 72.48 -24.89 26.20
N ASN K 209 71.47 -25.08 25.36
CA ASN K 209 71.43 -24.49 24.04
C ASN K 209 70.83 -23.08 24.08
N VAL K 210 71.70 -22.07 23.94
CA VAL K 210 71.27 -20.68 23.94
C VAL K 210 71.20 -20.16 22.50
N ASN K 211 70.11 -19.47 22.18
CA ASN K 211 69.92 -18.92 20.84
C ASN K 211 69.38 -17.50 20.87
N HIS K 212 70.14 -16.57 20.30
CA HIS K 212 69.74 -15.18 20.19
C HIS K 212 69.58 -14.81 18.72
N LYS K 213 68.35 -14.89 18.23
CA LYS K 213 68.06 -14.66 16.81
C LYS K 213 68.40 -13.25 16.34
N PRO K 214 68.02 -12.22 17.12
CA PRO K 214 68.32 -10.84 16.74
C PRO K 214 69.78 -10.59 16.38
N SER K 215 70.68 -11.39 16.93
CA SER K 215 72.11 -11.29 16.62
C SER K 215 72.59 -12.51 15.84
N ASN K 216 71.67 -13.40 15.50
CA ASN K 216 71.99 -14.65 14.82
C ASN K 216 73.09 -15.42 15.54
N THR K 217 73.04 -15.39 16.87
CA THR K 217 74.03 -16.04 17.70
C THR K 217 73.47 -17.32 18.29
N LYS K 218 74.22 -18.42 18.13
CA LYS K 218 73.88 -19.69 18.74
C LYS K 218 75.05 -20.17 19.59
N VAL K 219 74.78 -20.37 20.88
CA VAL K 219 75.80 -20.81 21.83
C VAL K 219 75.33 -22.04 22.58
N ASP K 220 76.27 -22.96 22.82
CA ASP K 220 76.02 -24.14 23.63
C ASP K 220 77.06 -24.22 24.72
N LYS K 221 76.63 -23.90 25.94
CA LYS K 221 77.53 -23.87 27.10
C LYS K 221 77.32 -25.10 27.97
N LYS K 222 78.41 -25.78 28.30
CA LYS K 222 78.35 -26.99 29.10
C LYS K 222 78.44 -26.68 30.58
N GLU L 1 34.50 5.81 22.54
CA GLU L 1 35.48 4.72 22.85
C GLU L 1 35.15 4.07 24.19
N LEU L 2 34.61 2.85 24.14
CA LEU L 2 34.22 2.14 25.34
C LEU L 2 35.43 1.72 26.16
N VAL L 3 35.33 1.91 27.47
CA VAL L 3 36.41 1.53 28.40
C VAL L 3 35.98 0.34 29.27
N MET L 4 36.68 -0.78 29.10
CA MET L 4 36.40 -1.98 29.88
C MET L 4 37.17 -1.94 31.20
N THR L 5 36.47 -2.27 32.28
CA THR L 5 37.06 -2.25 33.62
C THR L 5 36.90 -3.60 34.30
N GLN L 6 38.03 -4.25 34.60
CA GLN L 6 38.02 -5.53 35.30
C GLN L 6 38.36 -5.36 36.76
N SER L 7 37.80 -6.22 37.61
CA SER L 7 38.09 -6.21 39.03
C SER L 7 37.85 -7.60 39.62
N PRO L 8 38.76 -8.08 40.47
CA PRO L 8 40.01 -7.45 40.93
C PRO L 8 41.12 -7.53 39.90
N ASP L 9 42.22 -6.82 40.13
CA ASP L 9 43.37 -6.88 39.25
C ASP L 9 44.09 -8.21 39.42
N SER L 10 44.18 -8.67 40.67
CA SER L 10 44.81 -9.94 40.99
C SER L 10 43.89 -10.77 41.89
N LEU L 11 44.02 -12.09 41.81
CA LEU L 11 43.18 -12.98 42.59
C LEU L 11 43.89 -14.31 42.86
N ALA L 12 43.82 -14.78 44.10
CA ALA L 12 44.47 -16.02 44.51
C ALA L 12 43.48 -16.94 45.24
N VAL L 13 43.22 -18.10 44.64
CA VAL L 13 42.23 -19.04 45.17
C VAL L 13 42.82 -20.44 45.30
N SER L 14 42.40 -21.15 46.34
CA SER L 14 42.86 -22.52 46.58
C SER L 14 42.36 -23.48 45.50
N LEU L 15 43.16 -24.50 45.21
CA LEU L 15 42.82 -25.48 44.19
C LEU L 15 41.49 -26.16 44.53
N GLY L 16 40.60 -26.24 43.55
CA GLY L 16 39.32 -26.91 43.72
C GLY L 16 38.20 -25.97 44.10
N GLU L 17 38.56 -24.78 44.57
CA GLU L 17 37.57 -23.75 44.92
C GLU L 17 37.21 -22.91 43.70
N ARG L 18 36.15 -22.11 43.82
CA ARG L 18 35.64 -21.35 42.70
C ARG L 18 36.32 -19.99 42.65
N ALA L 19 36.46 -19.45 41.44
CA ALA L 19 37.05 -18.12 41.25
C ALA L 19 36.15 -17.30 40.34
N THR L 20 35.86 -16.07 40.74
CA THR L 20 34.99 -15.18 39.98
C THR L 20 35.68 -13.86 39.63
N ILE L 21 35.48 -13.41 38.39
CA ILE L 21 36.05 -12.16 37.91
C ILE L 21 34.96 -11.28 37.29
N ASN L 22 34.97 -10.00 37.64
CA ASN L 22 33.97 -9.06 37.15
C ASN L 22 34.46 -8.23 35.96
N CYS L 23 33.53 -7.71 35.18
CA CYS L 23 33.84 -6.82 34.07
C CYS L 23 32.74 -5.78 33.92
N LYS L 24 33.11 -4.51 33.77
CA LYS L 24 32.14 -3.43 33.66
C LYS L 24 32.47 -2.51 32.49
N SER L 25 31.48 -2.28 31.64
CA SER L 25 31.63 -1.41 30.47
C SER L 25 31.09 -0.02 30.75
N SER L 26 31.69 0.98 30.11
CA SER L 26 31.23 2.36 30.25
C SER L 26 29.82 2.50 29.73
N GLN L 27 29.47 1.66 28.76
CA GLN L 27 28.17 1.70 28.11
C GLN L 27 27.65 0.30 27.86
N SER L 28 26.34 0.19 27.63
CA SER L 28 25.71 -1.10 27.37
C SER L 28 26.17 -1.68 26.04
N VAL L 29 26.49 -2.98 26.05
CA VAL L 29 26.87 -3.69 24.84
C VAL L 29 25.75 -4.62 24.40
N LEU L 30 24.52 -4.31 24.84
CA LEU L 30 23.35 -5.10 24.49
C LEU L 30 22.76 -4.64 23.17
N TYR L 31 22.67 -5.56 22.22
CA TYR L 31 22.08 -5.27 20.92
C TYR L 31 20.58 -5.52 20.97
N SER L 32 19.80 -4.48 20.68
CA SER L 32 18.34 -4.55 20.81
C SER L 32 17.72 -5.62 19.92
N SER L 33 18.20 -5.71 18.69
CA SER L 33 17.63 -6.64 17.71
C SER L 33 17.86 -8.09 18.12
N ASN L 34 19.07 -8.39 18.55
CA ASN L 34 19.45 -9.75 18.90
C ASN L 34 19.17 -10.09 20.36
N ASN L 35 19.05 -9.05 21.19
CA ASN L 35 18.99 -9.22 22.63
C ASN L 35 20.23 -9.96 23.12
N LYS L 36 21.32 -9.82 22.38
CA LYS L 36 22.60 -10.42 22.72
C LYS L 36 23.59 -9.38 23.19
N SER L 37 24.26 -9.66 24.30
CA SER L 37 25.31 -8.79 24.81
C SER L 37 26.64 -9.20 24.19
N TYR L 38 27.18 -8.32 23.34
CA TYR L 38 28.40 -8.62 22.61
C TYR L 38 29.64 -8.43 23.47
N LEU L 39 30.01 -9.49 24.19
CA LEU L 39 31.18 -9.46 25.05
C LEU L 39 31.87 -10.81 25.07
N ALA L 40 33.20 -10.80 25.16
CA ALA L 40 33.99 -12.01 25.09
C ALA L 40 35.01 -12.11 26.21
N TRP L 41 35.40 -13.34 26.55
CA TRP L 41 36.41 -13.59 27.58
C TRP L 41 37.57 -14.37 26.99
N TYR L 42 38.79 -13.98 27.33
CA TYR L 42 40.00 -14.63 26.83
C TYR L 42 40.91 -15.13 27.95
N GLN L 43 41.72 -16.13 27.62
CA GLN L 43 42.74 -16.66 28.51
C GLN L 43 44.11 -16.52 27.87
N GLN L 44 45.07 -15.97 28.61
CA GLN L 44 46.43 -15.82 28.12
C GLN L 44 47.46 -16.36 29.10
N LYS L 45 48.11 -17.46 28.71
CA LYS L 45 49.18 -18.03 29.52
C LYS L 45 50.51 -17.35 29.20
N PRO L 46 51.46 -17.39 30.16
CA PRO L 46 52.75 -16.73 29.97
C PRO L 46 53.49 -17.22 28.72
N GLY L 47 54.06 -16.29 27.96
CA GLY L 47 54.81 -16.63 26.77
C GLY L 47 53.97 -17.25 25.67
N GLN L 48 52.65 -17.14 25.81
CA GLN L 48 51.73 -17.68 24.82
C GLN L 48 50.72 -16.63 24.38
N PRO L 49 50.13 -16.80 23.18
CA PRO L 49 49.07 -15.89 22.75
C PRO L 49 47.76 -16.17 23.47
N PRO L 50 46.85 -15.20 23.50
CA PRO L 50 45.53 -15.40 24.11
C PRO L 50 44.75 -16.56 23.50
N LYS L 51 43.82 -17.12 24.26
CA LYS L 51 42.94 -18.17 23.77
C LYS L 51 41.50 -17.82 24.10
N LEU L 52 40.61 -17.92 23.11
CA LEU L 52 39.21 -17.58 23.30
C LEU L 52 38.52 -18.56 24.22
N LEU L 53 37.74 -18.02 25.16
CA LEU L 53 36.97 -18.85 26.09
C LEU L 53 35.47 -18.74 25.81
N ILE L 54 34.94 -17.52 25.90
CA ILE L 54 33.51 -17.28 25.79
C ILE L 54 33.21 -16.23 24.73
N TYR L 55 32.10 -16.42 24.01
CA TYR L 55 31.58 -15.39 23.12
C TYR L 55 30.10 -15.17 23.42
N TRP L 56 29.61 -13.98 23.09
CA TRP L 56 28.24 -13.59 23.45
C TRP L 56 28.01 -13.76 24.94
N ALA L 57 29.06 -13.49 25.72
CA ALA L 57 28.97 -13.37 27.17
C ALA L 57 28.73 -14.67 27.93
N SER L 58 27.99 -15.61 27.35
CA SER L 58 27.56 -16.81 28.07
C SER L 58 27.88 -18.11 27.36
N THR L 59 28.24 -18.03 26.08
CA THR L 59 28.42 -19.21 25.25
C THR L 59 29.86 -19.70 25.22
N ARG L 60 30.08 -20.95 25.66
CA ARG L 60 31.41 -21.55 25.61
C ARG L 60 31.83 -21.83 24.18
N GLU L 61 33.09 -21.53 23.87
CA GLU L 61 33.66 -21.89 22.59
C GLU L 61 33.89 -23.39 22.54
N SER L 62 33.93 -23.95 21.34
CA SER L 62 34.14 -25.38 21.15
C SER L 62 35.49 -25.78 21.74
N GLY L 63 35.48 -26.85 22.55
CA GLY L 63 36.69 -27.38 23.14
C GLY L 63 36.93 -26.89 24.56
N VAL L 64 36.27 -25.79 24.92
CA VAL L 64 36.41 -25.23 26.27
C VAL L 64 35.74 -26.15 27.30
N PRO L 65 36.44 -26.47 28.39
CA PRO L 65 35.84 -27.36 29.40
C PRO L 65 34.62 -26.75 30.07
N ASP L 66 33.74 -27.61 30.57
CA ASP L 66 32.47 -27.18 31.16
C ASP L 66 32.65 -26.23 32.33
N ARG L 67 33.80 -26.32 32.99
CA ARG L 67 34.02 -25.57 34.23
C ARG L 67 34.05 -24.05 34.01
N PHE L 68 34.26 -23.63 32.77
CA PHE L 68 34.20 -22.22 32.42
C PHE L 68 32.77 -21.82 32.09
N SER L 69 32.32 -20.71 32.66
CA SER L 69 30.98 -20.20 32.40
C SER L 69 30.90 -18.71 32.66
N GLY L 70 30.35 -17.98 31.69
CA GLY L 70 30.17 -16.55 31.80
C GLY L 70 28.72 -16.19 32.00
N SER L 71 28.48 -14.97 32.47
CA SER L 71 27.12 -14.50 32.73
C SER L 71 27.05 -12.99 32.71
N GLY L 72 25.83 -12.45 32.80
CA GLY L 72 25.62 -11.02 32.83
C GLY L 72 24.99 -10.50 31.55
N SER L 73 24.67 -9.20 31.55
CA SER L 73 24.11 -8.55 30.39
C SER L 73 24.25 -7.04 30.50
N GLY L 74 24.16 -6.34 29.38
CA GLY L 74 24.22 -4.90 29.37
C GLY L 74 25.58 -4.35 29.75
N THR L 75 25.71 -3.88 30.99
CA THR L 75 26.94 -3.25 31.46
C THR L 75 27.82 -4.21 32.25
N ASP L 76 27.24 -4.88 33.24
CA ASP L 76 28.01 -5.73 34.15
C ASP L 76 28.01 -7.19 33.71
N PHE L 77 29.19 -7.79 33.72
CA PHE L 77 29.37 -9.19 33.37
C PHE L 77 30.29 -9.87 34.37
N THR L 78 30.27 -11.20 34.41
CA THR L 78 31.11 -11.95 35.33
C THR L 78 31.60 -13.25 34.71
N LEU L 79 32.88 -13.55 34.93
CA LEU L 79 33.46 -14.83 34.54
C LEU L 79 33.68 -15.69 35.77
N THR L 80 33.24 -16.95 35.69
CA THR L 80 33.32 -17.87 36.82
C THR L 80 34.02 -19.17 36.45
N ILE L 81 35.00 -19.55 37.26
CA ILE L 81 35.71 -20.81 37.09
C ILE L 81 35.46 -21.73 38.29
N SER L 82 34.69 -22.78 38.08
CA SER L 82 34.44 -23.77 39.13
C SER L 82 35.55 -24.81 39.14
N SER L 83 36.11 -25.05 40.32
CA SER L 83 37.24 -25.97 40.49
C SER L 83 38.44 -25.48 39.68
N LEU L 84 39.27 -24.66 40.31
CA LEU L 84 40.37 -23.99 39.63
C LEU L 84 41.34 -24.95 38.95
N GLN L 85 41.82 -25.93 39.70
CA GLN L 85 42.85 -26.84 39.22
C GLN L 85 44.14 -26.08 38.88
N ALA L 86 45.11 -26.80 38.31
CA ALA L 86 46.44 -26.25 38.11
C ALA L 86 46.61 -25.57 36.75
N GLU L 87 45.99 -26.15 35.73
CA GLU L 87 46.20 -25.70 34.36
C GLU L 87 45.51 -24.38 34.04
N ASP L 88 44.79 -23.82 35.01
CA ASP L 88 44.01 -22.61 34.78
C ASP L 88 44.74 -21.35 35.22
N VAL L 89 45.98 -21.48 35.64
CA VAL L 89 46.79 -20.32 36.00
C VAL L 89 47.11 -19.52 34.74
N ALA L 90 46.56 -18.30 34.66
CA ALA L 90 46.78 -17.45 33.50
C ALA L 90 46.23 -16.05 33.74
N VAL L 91 46.33 -15.21 32.71
CA VAL L 91 45.73 -13.88 32.74
C VAL L 91 44.45 -13.88 31.92
N TYR L 92 43.38 -13.36 32.51
CA TYR L 92 42.06 -13.38 31.87
C TYR L 92 41.58 -11.98 31.50
N TYR L 93 41.29 -11.81 30.21
CA TYR L 93 40.85 -10.52 29.67
C TYR L 93 39.38 -10.58 29.24
N CYS L 94 38.68 -9.46 29.42
CA CYS L 94 37.33 -9.31 28.88
C CYS L 94 37.38 -8.33 27.72
N GLN L 95 36.50 -8.52 26.74
CA GLN L 95 36.49 -7.67 25.56
C GLN L 95 35.07 -7.42 25.07
N GLN L 96 34.81 -6.18 24.66
CA GLN L 96 33.57 -5.84 23.99
C GLN L 96 33.82 -5.72 22.50
N TYR L 97 32.92 -6.29 21.71
CA TYR L 97 32.96 -6.13 20.26
C TYR L 97 31.59 -5.65 19.79
N TYR L 98 31.02 -4.77 20.60
CA TYR L 98 29.74 -4.14 20.31
C TYR L 98 29.91 -3.03 19.29
N SER L 99 30.87 -2.14 19.55
CA SER L 99 31.13 -1.02 18.66
C SER L 99 32.62 -0.72 18.58
N ALA L 100 33.06 -0.20 17.43
CA ALA L 100 34.46 0.12 17.23
C ALA L 100 34.80 1.44 17.92
N PRO L 101 36.04 1.60 18.37
CA PRO L 101 37.13 0.61 18.34
C PRO L 101 36.97 -0.45 19.42
N LEU L 102 37.28 -1.70 19.08
CA LEU L 102 37.19 -2.79 20.05
C LEU L 102 38.22 -2.59 21.14
N THR L 103 37.79 -2.78 22.39
CA THR L 103 38.65 -2.52 23.54
C THR L 103 38.71 -3.69 24.52
N PHE L 104 39.85 -3.83 25.18
CA PHE L 104 40.06 -4.89 26.16
C PHE L 104 40.10 -4.35 27.58
N GLY L 105 39.87 -5.24 28.54
CA GLY L 105 40.01 -4.90 29.94
C GLY L 105 41.46 -4.86 30.34
N GLY L 106 41.73 -4.44 31.57
CA GLY L 106 43.08 -4.34 32.08
C GLY L 106 43.73 -5.69 32.33
N GLY L 107 42.92 -6.74 32.33
CA GLY L 107 43.40 -8.08 32.59
C GLY L 107 43.36 -8.41 34.07
N THR L 108 43.16 -9.69 34.37
CA THR L 108 43.10 -10.16 35.75
C THR L 108 44.11 -11.28 35.97
N LYS L 109 44.91 -11.15 37.03
CA LYS L 109 45.93 -12.15 37.35
C LYS L 109 45.37 -13.22 38.30
N VAL L 110 45.40 -14.47 37.86
CA VAL L 110 44.91 -15.59 38.64
C VAL L 110 46.07 -16.44 39.18
N GLU L 111 46.12 -16.60 40.50
CA GLU L 111 47.18 -17.40 41.14
C GLU L 111 46.57 -18.47 42.04
N ILE L 112 47.39 -19.45 42.43
CA ILE L 112 46.95 -20.56 43.27
C ILE L 112 47.36 -20.38 44.73
N LYS L 113 46.44 -20.68 45.64
CA LYS L 113 46.76 -20.75 47.07
C LYS L 113 47.41 -22.08 47.41
N ARG L 114 48.69 -22.05 47.73
CA ARG L 114 49.42 -23.26 48.10
C ARG L 114 49.59 -23.35 49.62
N THR L 115 50.01 -24.51 50.10
CA THR L 115 50.14 -24.75 51.53
C THR L 115 51.48 -24.25 52.08
N VAL L 116 52.56 -24.73 51.49
CA VAL L 116 53.91 -24.39 51.94
C VAL L 116 54.17 -22.89 51.82
N ALA L 118 58.89 -22.18 51.13
CA ALA L 118 59.76 -23.33 51.35
C ALA L 118 60.90 -23.38 50.35
N PRO L 119 61.67 -22.28 50.23
CA PRO L 119 62.75 -22.16 49.24
C PRO L 119 63.98 -23.04 49.49
N SER L 120 64.42 -23.72 48.43
CA SER L 120 65.71 -24.42 48.44
C SER L 120 66.78 -23.46 47.91
N VAL L 121 67.61 -22.92 48.80
CA VAL L 121 68.54 -21.87 48.42
C VAL L 121 69.88 -22.42 47.91
N PHE L 122 70.38 -21.82 46.84
CA PHE L 122 71.69 -22.15 46.28
C PHE L 122 72.43 -20.87 45.92
N ILE L 123 73.76 -20.89 46.03
CA ILE L 123 74.58 -19.73 45.69
C ILE L 123 75.55 -20.07 44.55
N PHE L 124 75.72 -19.15 43.63
CA PHE L 124 76.62 -19.33 42.48
C PHE L 124 77.59 -18.16 42.34
N PRO L 125 78.88 -18.38 42.63
CA PRO L 125 79.86 -17.32 42.38
C PRO L 125 80.14 -17.15 40.89
N PRO L 126 80.70 -15.99 40.49
CA PRO L 126 81.00 -15.71 39.08
C PRO L 126 82.05 -16.68 38.52
N SER L 127 81.98 -16.93 37.22
CA SER L 127 82.89 -17.86 36.56
C SER L 127 84.19 -17.17 36.15
N ASP L 128 85.12 -17.95 35.62
CA ASP L 128 86.42 -17.43 35.20
C ASP L 128 86.28 -16.51 34.00
N GLU L 129 85.45 -16.90 33.04
CA GLU L 129 85.27 -16.15 31.80
C GLU L 129 84.80 -14.72 32.09
N GLN L 130 83.85 -14.59 33.00
CA GLN L 130 83.29 -13.30 33.34
C GLN L 130 84.33 -12.41 34.02
N LEU L 131 85.23 -13.03 34.78
CA LEU L 131 86.29 -12.28 35.45
C LEU L 131 87.24 -11.67 34.44
N LYS L 132 87.37 -12.29 33.28
CA LYS L 132 88.20 -11.76 32.21
C LYS L 132 87.55 -10.53 31.58
N SER L 133 86.24 -10.37 31.83
CA SER L 133 85.50 -9.24 31.28
C SER L 133 85.58 -8.03 32.21
N GLY L 134 86.34 -8.17 33.30
CA GLY L 134 86.52 -7.08 34.25
C GLY L 134 85.26 -6.78 35.03
N THR L 135 84.45 -7.81 35.25
CA THR L 135 83.21 -7.67 36.02
C THR L 135 82.97 -8.91 36.88
N ALA L 136 82.12 -8.76 37.89
CA ALA L 136 81.80 -9.85 38.80
C ALA L 136 80.32 -9.84 39.13
N SER L 137 79.67 -10.97 38.88
CA SER L 137 78.23 -11.11 39.14
C SER L 137 77.95 -12.29 40.07
N VAL L 138 77.49 -11.98 41.28
CA VAL L 138 77.12 -12.99 42.25
C VAL L 138 75.64 -13.34 42.08
N VAL L 139 75.34 -14.64 42.16
CA VAL L 139 73.97 -15.11 41.94
C VAL L 139 73.48 -15.94 43.12
N CYS L 140 72.24 -15.68 43.53
CA CYS L 140 71.59 -16.44 44.59
C CYS L 140 70.24 -16.94 44.10
N LEU L 141 70.04 -18.26 44.15
CA LEU L 141 68.85 -18.90 43.61
C LEU L 141 67.90 -19.38 44.69
N LEU L 142 66.64 -18.96 44.61
CA LEU L 142 65.58 -19.45 45.48
C LEU L 142 64.61 -20.31 44.68
N ASN L 143 64.69 -21.62 44.85
CA ASN L 143 63.98 -22.56 43.98
C ASN L 143 62.73 -23.15 44.63
N ASN L 144 61.61 -23.07 43.91
CA ASN L 144 60.35 -23.67 44.32
C ASN L 144 59.93 -23.31 45.74
N PHE L 145 59.30 -22.14 45.89
CA PHE L 145 58.82 -21.71 47.20
C PHE L 145 57.47 -21.02 47.08
N TYR L 146 56.81 -20.86 48.23
CA TYR L 146 55.52 -20.20 48.30
C TYR L 146 55.35 -19.57 49.68
N PRO L 147 54.77 -18.36 49.74
CA PRO L 147 54.27 -17.51 48.66
C PRO L 147 55.37 -16.74 47.94
N ARG L 148 54.97 -15.88 47.01
CA ARG L 148 55.91 -15.08 46.22
C ARG L 148 56.71 -14.15 47.12
N GLU L 149 56.09 -13.70 48.20
CA GLU L 149 56.70 -12.73 49.10
C GLU L 149 57.95 -13.31 49.75
N GLN L 153 68.73 -10.23 51.03
CA GLN L 153 69.68 -9.18 51.38
C GLN L 153 71.11 -9.62 51.08
N TRP L 154 71.81 -8.80 50.30
CA TRP L 154 73.21 -9.06 49.98
C TRP L 154 74.13 -8.43 51.03
N LYS L 155 74.93 -9.28 51.67
CA LYS L 155 75.90 -8.82 52.67
C LYS L 155 77.32 -9.15 52.21
N VAL L 156 78.12 -8.11 52.03
CA VAL L 156 79.51 -8.27 51.62
C VAL L 156 80.44 -8.03 52.81
N ASN L 164 72.74 -1.71 43.84
CA ASN L 164 73.77 -2.35 43.04
C ASN L 164 73.41 -3.78 42.65
N SER L 165 72.18 -4.18 42.97
CA SER L 165 71.71 -5.52 42.67
C SER L 165 70.23 -5.49 42.30
N GLN L 166 69.76 -6.56 41.66
CA GLN L 166 68.37 -6.66 41.26
C GLN L 166 67.97 -8.12 41.14
N GLU L 167 66.67 -8.39 41.26
CA GLU L 167 66.15 -9.75 41.29
C GLU L 167 65.09 -9.97 40.21
N SER L 168 64.87 -11.24 39.88
CA SER L 168 63.88 -11.62 38.88
C SER L 168 63.06 -12.80 39.39
N VAL L 169 61.75 -12.75 39.17
CA VAL L 169 60.83 -13.77 39.67
C VAL L 169 60.11 -14.48 38.53
N THR L 170 60.09 -15.80 38.59
CA THR L 170 59.38 -16.60 37.58
C THR L 170 57.88 -16.53 37.81
N GLU L 171 57.12 -17.09 36.88
CA GLU L 171 55.68 -17.21 37.05
C GLU L 171 55.40 -18.44 37.90
N GLN L 172 54.19 -18.49 38.46
CA GLN L 172 53.79 -19.62 39.29
C GLN L 172 53.85 -20.92 38.50
N ASP L 173 54.52 -21.93 39.06
CA ASP L 173 54.71 -23.22 38.40
C ASP L 173 53.37 -23.85 38.03
N SER L 174 53.29 -24.39 36.82
CA SER L 174 52.05 -24.96 36.30
C SER L 174 51.67 -26.27 36.99
N LYS L 175 52.63 -26.87 37.69
CA LYS L 175 52.42 -28.16 38.35
C LYS L 175 52.35 -28.02 39.87
N ASP L 176 53.47 -27.63 40.48
CA ASP L 176 53.58 -27.58 41.93
C ASP L 176 53.18 -26.22 42.52
N SER L 177 52.88 -25.26 41.65
CA SER L 177 52.40 -23.95 42.06
C SER L 177 53.41 -23.23 42.96
N THR L 178 54.69 -23.49 42.72
CA THR L 178 55.76 -22.83 43.47
C THR L 178 56.47 -21.80 42.61
N TYR L 179 56.71 -20.62 43.19
CA TYR L 179 57.46 -19.59 42.51
C TYR L 179 58.96 -19.83 42.63
N SER L 180 59.73 -19.18 41.76
CA SER L 180 61.19 -19.23 41.83
C SER L 180 61.73 -17.81 41.66
N LEU L 181 62.81 -17.51 42.38
CA LEU L 181 63.37 -16.16 42.37
C LEU L 181 64.88 -16.21 42.19
N SER L 182 65.38 -15.30 41.36
CA SER L 182 66.81 -15.16 41.11
C SER L 182 67.28 -13.77 41.51
N SER L 183 68.31 -13.72 42.34
CA SER L 183 68.89 -12.45 42.79
C SER L 183 70.31 -12.28 42.25
N THR L 184 70.52 -11.19 41.52
CA THR L 184 71.81 -10.92 40.89
C THR L 184 72.50 -9.71 41.49
N LEU L 185 73.67 -9.93 42.10
CA LEU L 185 74.49 -8.85 42.61
C LEU L 185 75.66 -8.59 41.67
N THR L 186 75.70 -7.40 41.09
CA THR L 186 76.71 -7.04 40.10
C THR L 186 77.63 -5.94 40.62
N LEU L 187 78.94 -6.21 40.57
CA LEU L 187 79.95 -5.22 40.92
C LEU L 187 81.17 -5.37 40.04
N SER L 188 81.89 -4.26 39.83
CA SER L 188 83.10 -4.28 39.03
C SER L 188 84.15 -5.16 39.69
N LYS L 189 84.96 -5.82 38.88
CA LYS L 189 85.97 -6.74 39.38
C LYS L 189 86.95 -6.04 40.32
N ALA L 190 87.07 -4.73 40.18
CA ALA L 190 87.94 -3.94 41.06
C ALA L 190 87.47 -4.03 42.50
N ASP L 191 86.18 -3.82 42.71
CA ASP L 191 85.59 -3.86 44.05
C ASP L 191 85.49 -5.29 44.55
N TYR L 192 85.44 -6.24 43.62
CA TYR L 192 85.25 -7.64 43.94
C TYR L 192 86.42 -8.21 44.75
N GLU L 193 87.64 -7.95 44.29
CA GLU L 193 88.84 -8.50 44.93
C GLU L 193 89.12 -7.85 46.29
N LYS L 194 88.59 -6.66 46.51
CA LYS L 194 88.80 -5.93 47.75
C LYS L 194 88.16 -6.62 48.95
N HIS L 195 87.22 -7.53 48.68
CA HIS L 195 86.49 -8.22 49.74
C HIS L 195 86.52 -9.73 49.54
N LYS L 196 86.70 -10.44 50.65
CA LYS L 196 86.84 -11.90 50.62
C LYS L 196 85.50 -12.59 50.89
N VAL L 197 84.61 -11.91 51.60
CA VAL L 197 83.35 -12.52 52.04
C VAL L 197 82.15 -11.97 51.27
N TYR L 198 81.34 -12.89 50.74
CA TYR L 198 80.08 -12.54 50.08
C TYR L 198 78.98 -13.41 50.64
N ALA L 199 78.01 -12.81 51.33
CA ALA L 199 76.95 -13.58 51.97
C ALA L 199 75.55 -13.29 51.42
N CYS L 200 74.82 -14.37 51.14
CA CYS L 200 73.44 -14.30 50.69
C CYS L 200 72.50 -14.63 51.84
N GLU L 201 71.73 -13.65 52.30
CA GLU L 201 70.75 -13.88 53.36
C GLU L 201 69.34 -13.96 52.80
N VAL L 202 68.62 -15.02 53.16
CA VAL L 202 67.25 -15.23 52.70
C VAL L 202 66.28 -15.15 53.87
N THR L 203 65.28 -14.28 53.74
CA THR L 203 64.22 -14.15 54.73
C THR L 203 62.90 -14.57 54.13
N HIS L 204 62.14 -15.38 54.87
CA HIS L 204 60.87 -15.91 54.40
C HIS L 204 59.97 -16.21 55.60
N GLN L 205 58.66 -16.24 55.35
CA GLN L 205 57.69 -16.53 56.41
C GLN L 205 57.66 -18.04 56.68
N GLY L 206 58.07 -18.82 55.69
CA GLY L 206 58.09 -20.26 55.83
C GLY L 206 59.34 -20.74 56.54
N PRO L 210 65.51 -18.46 59.89
CA PRO L 210 66.37 -17.73 58.96
C PRO L 210 67.49 -18.62 58.43
N VAL L 211 68.00 -18.27 57.25
CA VAL L 211 69.07 -19.03 56.62
C VAL L 211 70.01 -18.11 55.85
N THR L 212 71.30 -18.41 55.91
CA THR L 212 72.32 -17.64 55.19
C THR L 212 73.21 -18.57 54.38
N LYS L 213 73.31 -18.29 53.08
CA LYS L 213 74.23 -19.00 52.20
C LYS L 213 75.35 -18.06 51.79
N SER L 214 76.57 -18.57 51.67
CA SER L 214 77.71 -17.72 51.37
C SER L 214 78.85 -18.49 50.69
N PHE L 215 79.94 -17.77 50.45
CA PHE L 215 81.17 -18.36 49.92
C PHE L 215 82.32 -17.40 50.18
N ASN L 216 83.51 -17.71 49.65
CA ASN L 216 84.69 -16.89 49.90
C ASN L 216 85.52 -16.68 48.64
N ARG L 217 86.81 -16.35 48.83
CA ARG L 217 87.74 -16.10 47.73
C ARG L 217 87.41 -14.82 46.98
N SER M 17 17.72 -17.68 -22.49
CA SER M 17 16.32 -17.71 -22.07
C SER M 17 15.41 -17.98 -23.27
N ILE M 18 14.11 -18.07 -23.00
CA ILE M 18 13.14 -18.42 -24.03
C ILE M 18 12.99 -17.32 -25.08
N PRO M 19 13.27 -17.62 -26.35
CA PRO M 19 13.08 -16.61 -27.39
C PRO M 19 11.65 -16.14 -27.50
N LEU M 20 11.46 -14.84 -27.73
CA LEU M 20 10.13 -14.25 -27.87
C LEU M 20 10.02 -13.52 -29.20
N GLY M 21 9.09 -13.97 -30.03
CA GLY M 21 8.90 -13.38 -31.35
C GLY M 21 8.04 -12.13 -31.30
N VAL M 22 8.45 -11.11 -32.06
CA VAL M 22 7.72 -9.83 -32.11
C VAL M 22 7.18 -9.59 -33.52
N ILE M 23 5.89 -9.29 -33.60
CA ILE M 23 5.24 -9.07 -34.89
C ILE M 23 4.87 -7.61 -35.13
N HIS M 24 5.39 -7.07 -36.23
CA HIS M 24 4.98 -5.78 -36.75
C HIS M 24 4.48 -5.99 -38.16
N ASN M 25 3.27 -5.50 -38.45
CA ASN M 25 2.61 -5.78 -39.73
C ASN M 25 2.56 -7.29 -39.93
N SER M 26 3.32 -7.80 -40.89
CA SER M 26 3.45 -9.23 -41.12
C SER M 26 4.90 -9.68 -40.93
N THR M 27 5.76 -8.76 -40.51
CA THR M 27 7.17 -9.06 -40.32
C THR M 27 7.38 -9.66 -38.94
N LEU M 28 8.33 -10.59 -38.85
CA LEU M 28 8.65 -11.26 -37.58
C LEU M 28 10.10 -11.05 -37.19
N GLN M 29 10.32 -10.61 -35.96
CA GLN M 29 11.65 -10.38 -35.42
C GLN M 29 11.82 -11.13 -34.10
N VAL M 30 13.06 -11.31 -33.67
CA VAL M 30 13.36 -11.97 -32.41
C VAL M 30 13.97 -10.99 -31.43
N SER M 31 13.16 -10.56 -30.47
CA SER M 31 13.57 -9.62 -29.43
C SER M 31 14.89 -9.97 -28.78
N ASP M 32 15.86 -9.08 -28.90
CA ASP M 32 17.15 -9.23 -28.24
C ASP M 32 17.02 -8.69 -26.82
N VAL M 33 17.75 -9.32 -25.90
CA VAL M 33 17.70 -8.94 -24.50
C VAL M 33 18.50 -7.65 -24.29
N ASP M 34 19.72 -7.63 -24.82
CA ASP M 34 20.60 -6.48 -24.69
C ASP M 34 19.99 -5.24 -25.34
N LYS M 35 19.40 -5.44 -26.52
CA LYS M 35 18.78 -4.34 -27.26
C LYS M 35 17.27 -4.32 -27.11
N LEU M 36 16.76 -3.28 -26.45
CA LEU M 36 15.33 -3.10 -26.29
C LEU M 36 14.83 -2.15 -27.36
N VAL M 37 13.73 -2.53 -28.01
CA VAL M 37 13.13 -1.70 -29.05
C VAL M 37 11.92 -0.97 -28.48
N CYS M 38 12.01 0.35 -28.39
CA CYS M 38 10.92 1.15 -27.84
C CYS M 38 9.73 1.17 -28.79
N ARG M 39 9.96 0.87 -30.07
CA ARG M 39 8.88 0.76 -31.03
C ARG M 39 7.93 -0.38 -30.63
N ASP M 40 8.49 -1.41 -30.02
CA ASP M 40 7.68 -2.51 -29.48
C ASP M 40 6.74 -1.98 -28.41
N LYS M 41 5.45 -2.24 -28.58
CA LYS M 41 4.45 -1.81 -27.61
C LYS M 41 3.65 -3.00 -27.10
N LEU M 42 3.44 -3.02 -25.79
CA LEU M 42 2.65 -4.05 -25.14
C LEU M 42 1.72 -3.38 -24.15
N SER M 43 0.44 -3.29 -24.50
CA SER M 43 -0.53 -2.56 -23.70
C SER M 43 -1.36 -3.48 -22.81
N SER M 44 -1.37 -4.76 -23.13
CA SER M 44 -2.16 -5.73 -22.36
C SER M 44 -1.64 -7.14 -22.56
N THR M 45 -1.70 -7.95 -21.51
CA THR M 45 -1.20 -9.33 -21.57
C THR M 45 -1.93 -10.14 -22.63
N ASN M 46 -3.08 -9.65 -23.07
CA ASN M 46 -3.84 -10.31 -24.13
C ASN M 46 -3.12 -10.19 -25.47
N GLN M 47 -2.08 -9.37 -25.52
CA GLN M 47 -1.24 -9.26 -26.71
C GLN M 47 -0.26 -10.41 -26.77
N LEU M 48 0.14 -10.90 -25.61
CA LEU M 48 1.02 -12.06 -25.54
C LEU M 48 0.25 -13.32 -25.89
N ARG M 49 0.80 -14.10 -26.82
CA ARG M 49 0.15 -15.30 -27.32
C ARG M 49 1.16 -16.42 -27.45
N SER M 50 0.82 -17.59 -26.92
CA SER M 50 1.66 -18.79 -27.03
C SER M 50 1.00 -19.79 -27.96
N VAL M 51 1.70 -20.11 -29.05
CA VAL M 51 1.15 -20.95 -30.11
C VAL M 51 1.87 -22.28 -30.19
N GLY M 52 1.10 -23.34 -30.42
CA GLY M 52 1.65 -24.66 -30.67
C GLY M 52 1.48 -25.06 -32.12
N LEU M 53 2.59 -25.32 -32.80
CA LEU M 53 2.56 -25.63 -34.23
C LEU M 53 2.93 -27.10 -34.48
N ASN M 54 2.17 -27.76 -35.34
CA ASN M 54 2.37 -29.18 -35.61
C ASN M 54 3.59 -29.42 -36.48
N LEU M 55 4.20 -30.59 -36.32
CA LEU M 55 5.40 -30.95 -37.09
C LEU M 55 5.07 -31.31 -38.54
N GLU M 56 3.89 -31.88 -38.78
CA GLU M 56 3.53 -32.33 -40.11
C GLU M 56 3.62 -31.19 -41.11
N GLY M 57 3.51 -29.96 -40.62
CA GLY M 57 3.62 -28.79 -41.46
C GLY M 57 5.05 -28.57 -41.93
N ASN M 58 6.00 -29.21 -41.25
CA ASN M 58 7.41 -29.09 -41.59
C ASN M 58 7.87 -30.15 -42.58
N GLY M 59 6.94 -30.99 -43.02
CA GLY M 59 7.25 -32.01 -44.01
C GLY M 59 7.57 -33.37 -43.43
N VAL M 60 7.37 -33.52 -42.13
CA VAL M 60 7.59 -34.80 -41.47
C VAL M 60 6.60 -35.83 -41.98
N ALA M 61 7.06 -37.07 -42.11
CA ALA M 61 6.20 -38.16 -42.54
C ALA M 61 5.15 -38.45 -41.49
N THR M 62 3.89 -38.55 -41.92
CA THR M 62 2.77 -38.78 -41.01
C THR M 62 2.41 -40.26 -40.90
N ASP M 63 3.07 -41.10 -41.69
CA ASP M 63 2.80 -42.53 -41.63
C ASP M 63 3.16 -43.05 -40.25
N VAL M 64 2.48 -44.12 -39.83
CA VAL M 64 2.62 -44.64 -38.48
C VAL M 64 4.01 -45.20 -38.18
N PRO M 65 4.57 -46.01 -39.09
CA PRO M 65 5.88 -46.61 -38.75
C PRO M 65 7.01 -45.60 -38.65
N SER M 66 6.98 -44.55 -39.47
CA SER M 66 8.01 -43.52 -39.41
C SER M 66 7.87 -42.70 -38.13
N ALA M 67 6.63 -42.55 -37.68
CA ALA M 67 6.33 -41.76 -36.49
C ALA M 67 6.80 -42.48 -35.22
N THR M 68 6.50 -43.77 -35.14
CA THR M 68 6.85 -44.56 -33.97
C THR M 68 8.35 -44.59 -33.74
N LYS M 69 9.11 -44.47 -34.82
CA LYS M 69 10.56 -44.48 -34.74
C LYS M 69 11.09 -43.20 -34.11
N ARG M 70 10.27 -42.15 -34.10
CA ARG M 70 10.66 -40.88 -33.52
C ARG M 70 10.39 -40.81 -32.01
N TRP M 71 9.71 -41.83 -31.48
CA TRP M 71 9.39 -41.89 -30.06
C TRP M 71 10.13 -43.04 -29.39
N GLY M 72 10.40 -42.89 -28.09
CA GLY M 72 11.12 -43.91 -27.35
C GLY M 72 10.90 -43.80 -25.84
N PHE M 73 11.20 -44.88 -25.12
CA PHE M 73 11.00 -44.92 -23.68
C PHE M 73 12.29 -44.57 -22.93
N ARG M 74 12.12 -44.01 -21.73
CA ARG M 74 13.26 -43.66 -20.89
C ARG M 74 12.77 -43.43 -19.47
N SER M 75 13.66 -43.60 -18.49
CA SER M 75 13.34 -43.40 -17.09
C SER M 75 14.32 -42.45 -16.43
N GLY M 76 13.94 -41.95 -15.25
CA GLY M 76 14.77 -41.02 -14.51
C GLY M 76 14.55 -39.59 -14.97
N VAL M 77 13.49 -39.39 -15.75
CA VAL M 77 13.15 -38.07 -16.26
C VAL M 77 11.67 -37.78 -15.99
N PRO M 78 11.38 -36.94 -14.99
CA PRO M 78 9.99 -36.63 -14.68
C PRO M 78 9.26 -36.02 -15.87
N PRO M 79 7.93 -36.21 -15.95
CA PRO M 79 7.19 -35.61 -17.07
C PRO M 79 6.95 -34.13 -16.83
N LYS M 80 6.97 -33.34 -17.89
CA LYS M 80 6.78 -31.90 -17.77
C LYS M 80 5.74 -31.41 -18.77
N VAL M 81 5.01 -30.37 -18.40
CA VAL M 81 3.91 -29.86 -19.21
C VAL M 81 3.87 -28.34 -19.22
N VAL M 82 3.57 -27.77 -20.39
CA VAL M 82 3.35 -26.34 -20.53
C VAL M 82 1.98 -26.08 -21.14
N ASN M 83 1.50 -24.86 -20.99
CA ASN M 83 0.26 -24.45 -21.60
C ASN M 83 0.52 -23.61 -22.84
N TYR M 84 -0.21 -23.91 -23.90
CA TYR M 84 -0.18 -23.08 -25.10
C TYR M 84 -1.60 -22.69 -25.45
N GLU M 85 -1.76 -21.44 -25.86
CA GLU M 85 -3.07 -20.81 -25.95
C GLU M 85 -3.82 -21.12 -27.24
N ALA M 86 -3.07 -21.37 -28.31
CA ALA M 86 -3.67 -21.63 -29.62
C ALA M 86 -2.86 -22.68 -30.37
N GLY M 87 -3.52 -23.47 -31.19
CA GLY M 87 -2.88 -24.54 -31.93
C GLY M 87 -3.40 -24.66 -33.34
N GLU M 88 -2.78 -25.53 -34.13
CA GLU M 88 -3.13 -25.70 -35.53
C GLU M 88 -3.95 -26.95 -35.77
N TRP M 89 -4.87 -26.87 -36.72
CA TRP M 89 -5.65 -28.02 -37.14
C TRP M 89 -4.73 -29.07 -37.75
N ALA M 90 -4.83 -30.30 -37.28
CA ALA M 90 -3.95 -31.38 -37.70
C ALA M 90 -4.62 -32.35 -38.66
N GLU M 91 -3.91 -32.74 -39.71
CA GLU M 91 -4.39 -33.75 -40.64
C GLU M 91 -4.23 -35.13 -40.02
N ASN M 92 -3.12 -35.34 -39.33
CA ASN M 92 -2.80 -36.64 -38.74
C ASN M 92 -2.47 -36.55 -37.26
N CYS M 93 -3.21 -37.30 -36.46
CA CYS M 93 -2.95 -37.43 -35.03
C CYS M 93 -2.67 -38.88 -34.69
N TYR M 94 -2.37 -39.15 -33.43
CA TYR M 94 -2.05 -40.50 -32.98
C TYR M 94 -2.62 -40.77 -31.60
N ASN M 95 -3.04 -42.01 -31.38
CA ASN M 95 -3.56 -42.43 -30.09
C ASN M 95 -3.06 -43.83 -29.74
N LEU M 96 -2.22 -43.90 -28.72
CA LEU M 96 -1.57 -45.15 -28.33
C LEU M 96 -2.27 -45.87 -27.18
N GLU M 97 -2.47 -47.16 -27.38
CA GLU M 97 -2.90 -48.06 -26.32
C GLU M 97 -2.09 -49.34 -26.46
N ILE M 98 -0.95 -49.39 -25.76
CA ILE M 98 -0.01 -50.49 -25.92
C ILE M 98 0.38 -51.08 -24.58
N LYS M 99 0.76 -52.35 -24.59
CA LYS M 99 1.07 -53.09 -23.37
C LYS M 99 2.38 -53.86 -23.51
N LYS M 100 2.66 -54.71 -22.53
CA LYS M 100 3.80 -55.62 -22.59
C LYS M 100 3.31 -57.06 -22.49
N PRO M 101 4.17 -58.04 -22.81
CA PRO M 101 3.79 -59.45 -22.81
C PRO M 101 2.99 -59.90 -21.60
N ASP M 102 3.27 -59.32 -20.44
CA ASP M 102 2.56 -59.68 -19.21
C ASP M 102 1.19 -59.00 -19.15
N GLY M 103 0.82 -58.31 -20.23
CA GLY M 103 -0.50 -57.72 -20.35
C GLY M 103 -0.63 -56.35 -19.69
N SER M 104 0.43 -55.91 -19.04
CA SER M 104 0.41 -54.63 -18.33
C SER M 104 0.66 -53.44 -19.26
N GLU M 105 0.02 -52.32 -18.96
CA GLU M 105 0.13 -51.10 -19.74
C GLU M 105 1.52 -50.45 -19.58
N CYS M 106 2.04 -49.88 -20.66
CA CYS M 106 3.30 -49.16 -20.61
C CYS M 106 3.11 -47.65 -20.70
N LEU M 107 1.86 -47.22 -20.78
CA LEU M 107 1.53 -45.80 -20.82
C LEU M 107 0.65 -45.39 -19.65
N PRO M 108 0.95 -44.24 -19.02
CA PRO M 108 0.14 -43.79 -17.89
C PRO M 108 -1.17 -43.17 -18.34
N ALA M 109 -2.19 -43.23 -17.49
CA ALA M 109 -3.46 -42.60 -17.80
C ALA M 109 -3.30 -41.10 -17.74
N ALA M 110 -3.99 -40.39 -18.62
CA ALA M 110 -3.90 -38.94 -18.68
C ALA M 110 -4.42 -38.33 -17.39
N PRO M 111 -3.55 -37.65 -16.63
CA PRO M 111 -4.02 -37.07 -15.36
C PRO M 111 -5.12 -36.04 -15.57
N ASP M 112 -5.84 -35.73 -14.50
CA ASP M 112 -6.99 -34.84 -14.57
C ASP M 112 -6.63 -33.51 -15.23
N GLY M 113 -7.38 -33.14 -16.26
CA GLY M 113 -7.19 -31.87 -16.94
C GLY M 113 -6.65 -32.01 -18.35
N ILE M 114 -6.02 -33.14 -18.64
CA ILE M 114 -5.45 -33.38 -19.97
C ILE M 114 -6.43 -34.11 -20.87
N ARG M 115 -6.84 -33.45 -21.94
CA ARG M 115 -7.77 -34.00 -22.91
C ARG M 115 -7.06 -34.19 -24.25
N GLY M 116 -7.77 -34.76 -25.22
CA GLY M 116 -7.21 -35.02 -26.52
C GLY M 116 -7.11 -33.76 -27.37
N PHE M 117 -6.21 -33.77 -28.34
CA PHE M 117 -6.04 -32.65 -29.27
C PHE M 117 -7.40 -32.32 -29.89
N PRO M 118 -7.78 -31.03 -29.89
CA PRO M 118 -9.16 -30.67 -30.21
C PRO M 118 -9.54 -30.84 -31.68
N ARG M 119 -8.57 -30.82 -32.59
CA ARG M 119 -8.87 -30.86 -34.02
C ARG M 119 -7.95 -31.83 -34.75
N CYS M 120 -8.53 -32.93 -35.24
CA CYS M 120 -7.81 -33.92 -36.01
C CYS M 120 -8.70 -34.41 -37.15
N ARG M 121 -8.15 -34.43 -38.36
CA ARG M 121 -8.87 -34.99 -39.49
C ARG M 121 -8.80 -36.51 -39.41
N TYR M 122 -7.59 -37.05 -39.51
CA TYR M 122 -7.34 -38.48 -39.35
C TYR M 122 -6.70 -38.75 -38.00
N VAL M 123 -7.27 -39.68 -37.24
CA VAL M 123 -6.70 -40.10 -35.97
C VAL M 123 -6.18 -41.52 -36.10
N HIS M 124 -4.86 -41.68 -36.07
CA HIS M 124 -4.24 -42.98 -36.20
C HIS M 124 -4.18 -43.73 -34.88
N LYS M 125 -5.14 -44.62 -34.66
CA LYS M 125 -5.15 -45.45 -33.47
C LYS M 125 -4.08 -46.53 -33.59
N VAL M 126 -3.21 -46.60 -32.60
CA VAL M 126 -2.09 -47.53 -32.61
C VAL M 126 -2.16 -48.45 -31.40
N SER M 127 -2.05 -49.75 -31.66
CA SER M 127 -1.96 -50.74 -30.60
C SER M 127 -0.77 -51.65 -30.88
N GLY M 128 -0.27 -52.30 -29.84
CA GLY M 128 0.85 -53.21 -30.00
C GLY M 128 1.45 -53.61 -28.67
N THR M 129 2.51 -54.42 -28.74
CA THR M 129 3.22 -54.86 -27.55
C THR M 129 4.70 -54.85 -27.81
N GLY M 130 5.49 -54.67 -26.74
CA GLY M 130 6.92 -54.62 -26.87
C GLY M 130 7.61 -54.41 -25.54
N PRO M 131 8.94 -54.29 -25.56
CA PRO M 131 9.76 -54.06 -24.37
C PRO M 131 9.80 -52.58 -23.96
N CYS M 132 8.85 -52.16 -23.14
CA CYS M 132 8.84 -50.81 -22.61
C CYS M 132 10.04 -50.61 -21.70
N ALA M 133 11.11 -50.05 -22.26
CA ALA M 133 12.39 -49.95 -21.57
C ALA M 133 12.45 -48.74 -20.63
N GLY M 134 11.31 -48.10 -20.41
CA GLY M 134 11.26 -46.93 -19.55
C GLY M 134 9.89 -46.69 -18.97
N ASP M 135 9.82 -45.85 -17.94
CA ASP M 135 8.55 -45.52 -17.30
C ASP M 135 7.68 -44.68 -18.23
N PHE M 136 8.30 -43.72 -18.90
CA PHE M 136 7.58 -42.77 -19.76
C PHE M 136 8.15 -42.75 -21.18
N ALA M 137 7.31 -42.36 -22.13
CA ALA M 137 7.68 -42.32 -23.54
C ALA M 137 7.87 -40.89 -24.03
N PHE M 138 9.11 -40.55 -24.35
CA PHE M 138 9.46 -39.19 -24.79
C PHE M 138 9.62 -39.10 -26.30
N HIS M 139 9.96 -37.89 -26.77
CA HIS M 139 10.19 -37.65 -28.19
C HIS M 139 11.68 -37.61 -28.46
N LYS M 140 12.14 -38.40 -29.42
CA LYS M 140 13.57 -38.51 -29.71
C LYS M 140 14.16 -37.23 -30.28
N GLU M 141 13.37 -36.52 -31.08
CA GLU M 141 13.86 -35.31 -31.74
C GLU M 141 13.72 -34.07 -30.86
N GLY M 142 13.11 -34.24 -29.69
CA GLY M 142 13.00 -33.16 -28.72
C GLY M 142 11.70 -32.40 -28.78
N ALA M 143 10.81 -32.80 -29.69
CA ALA M 143 9.53 -32.12 -29.85
C ALA M 143 8.59 -32.39 -28.66
N PHE M 144 7.40 -31.83 -28.74
CA PHE M 144 6.39 -31.99 -27.71
C PHE M 144 5.20 -32.79 -28.25
N PHE M 145 4.48 -33.44 -27.35
CA PHE M 145 3.21 -34.06 -27.69
C PHE M 145 2.09 -33.10 -27.33
N LEU M 146 1.48 -32.49 -28.34
CA LEU M 146 0.48 -31.46 -28.12
C LEU M 146 -0.88 -32.06 -27.81
N TYR M 147 -1.43 -31.68 -26.67
CA TYR M 147 -2.77 -32.07 -26.28
C TYR M 147 -3.67 -30.84 -26.25
N ASP M 148 -4.79 -30.94 -25.56
CA ASP M 148 -5.73 -29.83 -25.45
C ASP M 148 -5.14 -28.68 -24.65
N ARG M 149 -4.68 -27.65 -25.36
CA ARG M 149 -4.08 -26.47 -24.74
C ARG M 149 -2.97 -26.82 -23.75
N LEU M 150 -2.37 -27.99 -23.95
CA LEU M 150 -1.25 -28.41 -23.11
C LEU M 150 -0.25 -29.20 -23.92
N ALA M 151 1.02 -28.79 -23.85
CA ALA M 151 2.09 -29.52 -24.50
C ALA M 151 2.88 -30.27 -23.44
N SER M 152 2.98 -31.58 -23.58
CA SER M 152 3.68 -32.43 -22.64
C SER M 152 4.92 -33.04 -23.28
N THR M 153 5.87 -33.47 -22.45
CA THR M 153 7.09 -34.10 -22.95
C THR M 153 6.93 -35.61 -23.03
N VAL M 154 5.74 -36.10 -22.70
CA VAL M 154 5.49 -37.54 -22.60
C VAL M 154 4.15 -37.93 -23.21
N ILE M 155 4.08 -39.14 -23.74
CA ILE M 155 2.84 -39.68 -24.28
C ILE M 155 1.95 -40.26 -23.20
N TYR M 156 0.67 -39.90 -23.23
CA TYR M 156 -0.30 -40.44 -22.28
C TYR M 156 -1.16 -41.52 -22.94
N ARG M 157 -1.62 -42.46 -22.13
CA ARG M 157 -2.36 -43.61 -22.62
C ARG M 157 -3.73 -43.23 -23.15
N GLY M 158 -4.05 -43.73 -24.34
CA GLY M 158 -5.41 -43.68 -24.86
C GLY M 158 -5.92 -42.30 -25.24
N THR M 159 -5.11 -41.28 -25.04
CA THR M 159 -5.51 -39.91 -25.37
C THR M 159 -4.87 -39.47 -26.67
N THR M 160 -5.72 -39.12 -27.64
CA THR M 160 -5.26 -38.66 -28.94
C THR M 160 -4.36 -37.44 -28.82
N PHE M 161 -3.30 -37.41 -29.62
CA PHE M 161 -2.36 -36.28 -29.59
C PHE M 161 -1.78 -36.01 -30.95
N ALA M 162 -1.20 -34.82 -31.09
CA ALA M 162 -0.46 -34.44 -32.28
C ALA M 162 0.88 -33.92 -31.82
N GLU M 163 1.93 -34.20 -32.59
CA GLU M 163 3.28 -33.84 -32.20
C GLU M 163 3.71 -32.53 -32.85
N GLY M 164 4.16 -31.60 -32.03
CA GLY M 164 4.51 -30.27 -32.50
C GLY M 164 5.46 -29.54 -31.56
N VAL M 165 5.58 -28.24 -31.77
CA VAL M 165 6.47 -27.39 -31.01
C VAL M 165 5.78 -26.08 -30.66
N VAL M 166 6.31 -25.36 -29.67
CA VAL M 166 5.67 -24.17 -29.14
C VAL M 166 6.45 -22.90 -29.47
N ALA M 167 5.72 -21.81 -29.73
CA ALA M 167 6.32 -20.50 -29.95
C ALA M 167 5.58 -19.46 -29.14
N PHE M 168 6.29 -18.42 -28.70
CA PHE M 168 5.69 -17.34 -27.93
C PHE M 168 5.76 -16.04 -28.69
N LEU M 169 4.67 -15.27 -28.66
CA LEU M 169 4.56 -14.07 -29.48
C LEU M 169 4.05 -12.87 -28.71
N ILE M 170 4.38 -11.68 -29.22
CA ILE M 170 3.77 -10.43 -28.77
C ILE M 170 3.15 -9.75 -29.98
N LEU M 171 1.83 -9.84 -30.07
CA LEU M 171 1.10 -9.38 -31.24
C LEU M 171 1.01 -7.87 -31.31
N PRO M 172 0.62 -7.33 -32.48
CA PRO M 172 0.44 -5.88 -32.63
C PRO M 172 -0.78 -5.37 -31.89
N GLN M 173 -0.98 -4.06 -31.87
CA GLN M 173 -2.13 -3.46 -31.18
C GLN M 173 -3.42 -3.82 -31.89
N ILE N 3 14.63 -14.16 -38.86
CA ILE N 3 14.19 -15.55 -38.92
C ILE N 3 14.21 -16.06 -40.35
N VAL N 4 14.72 -17.28 -40.53
CA VAL N 4 14.81 -17.90 -41.83
C VAL N 4 14.49 -19.39 -41.72
N ASN N 5 13.41 -19.81 -42.36
CA ASN N 5 12.96 -21.19 -42.30
C ASN N 5 13.99 -22.14 -42.90
N ALA N 6 14.39 -23.13 -42.11
CA ALA N 6 15.37 -24.13 -42.55
C ALA N 6 14.75 -25.51 -42.67
N GLN N 7 13.43 -25.59 -42.52
CA GLN N 7 12.72 -26.86 -42.61
C GLN N 7 12.63 -27.32 -44.05
N PRO N 8 12.61 -28.64 -44.29
CA PRO N 8 12.58 -29.16 -45.66
C PRO N 8 11.35 -28.71 -46.41
N LYS N 9 10.18 -28.79 -45.78
CA LYS N 9 8.94 -28.30 -46.34
C LYS N 9 8.27 -27.34 -45.37
N CYS N 10 7.40 -26.48 -45.89
CA CYS N 10 6.70 -25.51 -45.04
C CYS N 10 5.29 -25.23 -45.55
N ASN N 11 4.30 -25.60 -44.74
CA ASN N 11 2.91 -25.32 -45.05
C ASN N 11 2.59 -23.84 -44.82
N PRO N 12 2.29 -23.10 -45.89
CA PRO N 12 2.07 -21.67 -45.69
C PRO N 12 0.77 -21.35 -44.97
N ASN N 13 -0.26 -22.15 -45.18
CA ASN N 13 -1.56 -21.91 -44.56
C ASN N 13 -1.62 -22.35 -43.10
N LEU N 14 -2.02 -21.43 -42.23
CA LEU N 14 -2.19 -21.72 -40.81
C LEU N 14 -3.66 -21.72 -40.43
N HIS N 15 -4.26 -22.90 -40.42
CA HIS N 15 -5.63 -23.07 -39.96
C HIS N 15 -5.58 -23.36 -38.47
N TYR N 16 -5.96 -22.38 -37.66
CA TYR N 16 -5.71 -22.44 -36.21
C TYR N 16 -6.99 -22.51 -35.39
N TRP N 17 -6.85 -22.90 -34.12
CA TRP N 17 -7.94 -22.88 -33.18
C TRP N 17 -7.50 -22.23 -31.87
N THR N 18 -8.44 -21.60 -31.17
CA THR N 18 -8.15 -20.99 -29.88
C THR N 18 -9.43 -20.77 -29.09
N THR N 19 -9.29 -20.32 -27.85
CA THR N 19 -10.45 -20.05 -27.01
C THR N 19 -10.74 -18.55 -26.96
N GLN N 20 -9.89 -17.81 -26.25
CA GLN N 20 -10.03 -16.37 -26.12
C GLN N 20 -9.89 -15.63 -27.47
N ASP N 21 -10.82 -14.75 -27.84
CA ASP N 21 -12.19 -14.68 -27.35
C ASP N 21 -13.12 -15.12 -28.47
N GLU N 22 -14.42 -15.13 -28.18
CA GLU N 22 -15.44 -15.52 -29.15
C GLU N 22 -16.34 -14.36 -29.51
N GLY N 23 -17.01 -13.86 -28.48
CA GLY N 23 -18.07 -12.87 -28.59
C GLY N 23 -18.94 -13.17 -27.40
N ALA N 24 -19.00 -12.25 -26.45
CA ALA N 24 -19.61 -12.55 -25.16
C ALA N 24 -21.13 -12.60 -25.21
N ALA N 25 -21.73 -11.98 -26.22
CA ALA N 25 -23.19 -11.93 -26.32
C ALA N 25 -23.75 -13.13 -27.10
N ILE N 26 -23.84 -14.28 -26.44
CA ILE N 26 -24.49 -15.45 -27.03
C ILE N 26 -25.75 -15.81 -26.23
N GLY N 27 -26.22 -14.87 -25.42
CA GLY N 27 -27.37 -15.13 -24.56
C GLY N 27 -26.93 -15.64 -23.20
N LEU N 28 -27.36 -16.85 -22.87
CA LEU N 28 -27.02 -17.47 -21.58
C LEU N 28 -25.94 -18.53 -21.74
N ALA N 29 -25.35 -18.60 -22.93
CA ALA N 29 -24.38 -19.65 -23.25
C ALA N 29 -23.10 -19.55 -22.43
N TRP N 30 -22.93 -18.45 -21.69
CA TRP N 30 -21.73 -18.27 -20.88
C TRP N 30 -21.78 -19.15 -19.64
N ILE N 31 -22.99 -19.58 -19.27
CA ILE N 31 -23.17 -20.43 -18.10
C ILE N 31 -22.66 -21.84 -18.37
N PRO N 32 -21.87 -22.41 -17.44
CA PRO N 32 -21.30 -23.74 -17.70
C PRO N 32 -22.35 -24.83 -17.85
N TYR N 33 -23.45 -24.72 -17.10
CA TYR N 33 -24.54 -25.69 -17.20
C TYR N 33 -25.05 -25.75 -18.62
N PHE N 34 -25.24 -24.58 -19.22
CA PHE N 34 -25.59 -24.49 -20.63
C PHE N 34 -24.31 -24.38 -21.43
N GLY N 35 -24.41 -23.84 -22.64
CA GLY N 35 -23.23 -23.56 -23.44
C GLY N 35 -22.52 -24.79 -23.96
N PRO N 36 -21.47 -24.58 -24.77
CA PRO N 36 -20.75 -25.63 -25.49
C PRO N 36 -20.11 -26.67 -24.58
N ALA N 37 -19.95 -27.88 -25.11
CA ALA N 37 -19.21 -28.93 -24.42
C ALA N 37 -17.72 -28.72 -24.60
N ALA N 38 -16.92 -29.65 -24.10
CA ALA N 38 -15.47 -29.52 -24.10
C ALA N 38 -14.90 -29.29 -25.49
N GLU N 39 -15.56 -29.86 -26.50
CA GLU N 39 -15.06 -29.81 -27.86
C GLU N 39 -15.73 -28.73 -28.70
N GLY N 40 -16.47 -27.84 -28.04
CA GLY N 40 -17.18 -26.76 -28.72
C GLY N 40 -16.74 -25.38 -28.29
N ILE N 41 -15.82 -25.33 -27.34
CA ILE N 41 -15.36 -24.06 -26.77
C ILE N 41 -14.47 -23.28 -27.72
N TYR N 42 -14.04 -23.91 -28.82
CA TYR N 42 -13.03 -23.32 -29.69
C TYR N 42 -13.62 -22.48 -30.81
N THR N 43 -12.78 -21.58 -31.33
CA THR N 43 -13.09 -20.81 -32.53
C THR N 43 -11.96 -20.99 -33.54
N GLU N 44 -12.31 -21.03 -34.82
CA GLU N 44 -11.32 -21.26 -35.86
C GLU N 44 -11.05 -19.99 -36.64
N GLY N 45 -9.93 -19.99 -37.36
CA GLY N 45 -9.56 -18.88 -38.21
C GLY N 45 -8.52 -19.33 -39.21
N LEU N 46 -8.13 -18.43 -40.11
CA LEU N 46 -7.14 -18.75 -41.12
C LEU N 46 -6.20 -17.57 -41.36
N MET N 47 -4.93 -17.77 -41.03
CA MET N 47 -3.90 -16.78 -41.31
C MET N 47 -3.06 -17.25 -42.48
N HIS N 48 -2.78 -16.34 -43.40
CA HIS N 48 -2.02 -16.68 -44.61
C HIS N 48 -0.56 -16.31 -44.46
N ASN N 49 0.29 -17.00 -45.21
CA ASN N 49 1.73 -16.76 -45.16
C ASN N 49 2.09 -15.44 -45.83
N GLN N 50 1.72 -14.35 -45.18
CA GLN N 50 1.95 -13.01 -45.71
C GLN N 50 3.37 -12.57 -45.42
N ASP N 51 4.14 -12.34 -46.48
CA ASP N 51 5.54 -11.97 -46.34
C ASP N 51 6.29 -12.99 -45.51
N GLY N 52 5.99 -14.26 -45.76
CA GLY N 52 6.68 -15.36 -45.10
C GLY N 52 6.49 -15.37 -43.60
N LEU N 53 5.40 -14.78 -43.12
CA LEU N 53 5.12 -14.71 -41.70
C LEU N 53 5.00 -16.09 -41.06
N ILE N 54 4.18 -16.95 -41.66
CA ILE N 54 3.94 -18.27 -41.10
C ILE N 54 5.20 -19.11 -41.06
N CYS N 55 5.89 -19.22 -42.20
CA CYS N 55 7.12 -19.99 -42.27
C CYS N 55 8.13 -19.46 -41.24
N GLY N 56 7.97 -18.20 -40.87
CA GLY N 56 8.77 -17.61 -39.81
C GLY N 56 8.34 -18.17 -38.47
N LEU N 57 7.03 -18.14 -38.20
CA LEU N 57 6.48 -18.70 -36.97
C LEU N 57 6.88 -20.15 -36.79
N ARG N 58 6.79 -20.91 -37.88
CA ARG N 58 7.14 -22.30 -37.86
C ARG N 58 8.58 -22.49 -37.39
N GLN N 59 9.49 -21.68 -37.94
CA GLN N 59 10.88 -21.76 -37.56
C GLN N 59 11.09 -21.31 -36.13
N LEU N 60 10.40 -20.26 -35.72
CA LEU N 60 10.53 -19.75 -34.37
C LEU N 60 10.15 -20.83 -33.37
N ALA N 61 9.07 -21.55 -33.66
CA ALA N 61 8.60 -22.60 -32.78
C ALA N 61 9.65 -23.70 -32.67
N ASN N 62 10.42 -23.88 -33.72
CA ASN N 62 11.47 -24.89 -33.75
C ASN N 62 12.65 -24.46 -32.88
N GLU N 63 13.09 -23.23 -33.05
CA GLU N 63 14.27 -22.71 -32.36
C GLU N 63 13.99 -22.47 -30.89
N THR N 64 12.73 -22.22 -30.56
CA THR N 64 12.33 -21.98 -29.17
C THR N 64 12.34 -23.24 -28.34
N THR N 65 12.22 -24.39 -29.00
CA THR N 65 12.05 -25.66 -28.31
C THR N 65 13.17 -25.95 -27.32
N GLN N 66 14.42 -25.71 -27.74
CA GLN N 66 15.56 -26.02 -26.89
C GLN N 66 15.50 -25.28 -25.56
N ALA N 67 15.43 -23.96 -25.62
CA ALA N 67 15.40 -23.15 -24.40
C ALA N 67 14.21 -23.50 -23.53
N LEU N 68 13.08 -23.82 -24.17
CA LEU N 68 11.86 -24.14 -23.44
C LEU N 68 12.02 -25.46 -22.70
N GLN N 69 12.67 -26.42 -23.36
CA GLN N 69 12.82 -27.74 -22.80
C GLN N 69 13.71 -27.70 -21.56
N LEU N 70 14.71 -26.83 -21.59
CA LEU N 70 15.61 -26.66 -20.47
C LEU N 70 14.94 -25.91 -19.34
N PHE N 71 14.12 -24.93 -19.71
CA PHE N 71 13.36 -24.17 -18.72
C PHE N 71 12.49 -25.10 -17.91
N LEU N 72 11.92 -26.09 -18.58
CA LEU N 72 11.05 -27.06 -17.93
C LEU N 72 11.84 -27.99 -17.04
N ARG N 73 13.05 -28.31 -17.44
CA ARG N 73 13.92 -29.16 -16.64
C ARG N 73 14.19 -28.49 -15.30
N ALA N 74 14.38 -27.18 -15.33
CA ALA N 74 14.73 -26.44 -14.13
C ALA N 74 13.59 -26.43 -13.13
N THR N 75 12.38 -26.11 -13.59
CA THR N 75 11.24 -26.08 -12.70
C THR N 75 10.84 -27.49 -12.33
N THR N 76 10.18 -27.65 -11.20
CA THR N 76 9.76 -28.97 -10.72
C THR N 76 8.25 -29.11 -10.72
N GLU N 77 7.54 -28.05 -11.07
CA GLU N 77 6.09 -28.10 -11.11
C GLU N 77 5.65 -28.83 -12.38
N LEU N 78 4.61 -29.64 -12.24
CA LEU N 78 4.16 -30.51 -13.32
C LEU N 78 3.67 -29.69 -14.50
N ARG N 79 2.76 -28.77 -14.23
CA ARG N 79 2.16 -27.93 -15.27
C ARG N 79 2.49 -26.47 -15.05
N THR N 80 3.14 -25.87 -16.05
CA THR N 80 3.61 -24.49 -15.96
C THR N 80 2.75 -23.57 -16.81
N PHE N 81 2.07 -22.62 -16.18
CA PHE N 81 1.23 -21.66 -16.88
C PHE N 81 1.77 -20.24 -16.78
N SER N 82 2.87 -20.07 -16.05
CA SER N 82 3.35 -18.75 -15.68
C SER N 82 4.33 -18.14 -16.68
N ILE N 83 4.51 -18.77 -17.84
CA ILE N 83 5.51 -18.29 -18.79
C ILE N 83 5.17 -16.92 -19.37
N LEU N 84 3.96 -16.76 -19.85
CA LEU N 84 3.58 -15.53 -20.54
C LEU N 84 3.58 -14.33 -19.61
N ASN N 85 3.11 -14.53 -18.39
CA ASN N 85 3.13 -13.45 -17.40
C ASN N 85 4.56 -13.10 -17.01
N ARG N 86 5.42 -14.11 -16.99
CA ARG N 86 6.83 -13.90 -16.68
C ARG N 86 7.46 -13.05 -17.78
N LYS N 87 7.05 -13.30 -19.01
CA LYS N 87 7.54 -12.53 -20.15
C LYS N 87 7.05 -11.09 -20.08
N ALA N 88 5.89 -10.89 -19.47
CA ALA N 88 5.34 -9.55 -19.33
C ALA N 88 6.11 -8.76 -18.29
N ILE N 89 6.53 -9.44 -17.23
CA ILE N 89 7.29 -8.79 -16.17
C ILE N 89 8.70 -8.45 -16.64
N ASP N 90 9.36 -9.40 -17.29
CA ASP N 90 10.70 -9.14 -17.82
C ASP N 90 10.67 -7.99 -18.82
N PHE N 91 9.55 -7.87 -19.55
CA PHE N 91 9.40 -6.81 -20.52
C PHE N 91 9.39 -5.45 -19.83
N LEU N 92 8.68 -5.39 -18.71
CA LEU N 92 8.59 -4.15 -17.95
C LEU N 92 9.92 -3.85 -17.26
N LEU N 93 10.51 -4.87 -16.66
CA LEU N 93 11.77 -4.70 -15.94
C LEU N 93 12.86 -4.17 -16.85
N GLN N 94 12.87 -4.64 -18.10
CA GLN N 94 13.87 -4.21 -19.06
C GLN N 94 13.84 -2.70 -19.27
N ARG N 95 12.64 -2.14 -19.29
CA ARG N 95 12.45 -0.72 -19.54
C ARG N 95 12.54 0.11 -18.26
N TRP N 96 12.00 -0.43 -17.18
CA TRP N 96 11.94 0.28 -15.90
C TRP N 96 12.50 -0.59 -14.77
N GLY N 97 13.82 -0.72 -14.74
CA GLY N 97 14.48 -1.61 -13.81
C GLY N 97 15.05 -0.98 -12.56
N GLY N 98 15.93 0.02 -12.67
CA GLY N 98 16.45 0.50 -13.93
C GLY N 98 16.15 1.98 -14.10
N THR N 99 16.69 2.79 -13.19
CA THR N 99 16.58 4.25 -13.27
C THR N 99 16.69 4.71 -14.71
N CYS N 100 15.68 5.43 -15.18
CA CYS N 100 15.54 5.73 -16.59
C CYS N 100 16.03 7.14 -16.92
N HIS N 101 17.09 7.21 -17.72
CA HIS N 101 17.65 8.47 -18.18
C HIS N 101 17.00 8.89 -19.50
N ILE N 102 16.39 10.08 -19.49
CA ILE N 102 15.60 10.54 -20.63
C ILE N 102 16.41 10.64 -21.92
N LEU N 103 17.49 11.42 -21.91
CA LEU N 103 18.29 11.60 -23.11
C LEU N 103 19.00 10.32 -23.51
N GLY N 104 19.48 9.58 -22.51
CA GLY N 104 20.23 8.36 -22.79
C GLY N 104 19.36 7.25 -23.34
N PRO N 105 20.00 6.17 -23.81
CA PRO N 105 19.30 4.99 -24.33
C PRO N 105 18.78 4.10 -23.21
N ASP N 106 18.24 2.94 -23.57
CA ASP N 106 17.70 2.01 -22.58
C ASP N 106 16.64 2.71 -21.72
N CYS N 107 15.93 3.65 -22.32
CA CYS N 107 14.88 4.39 -21.64
C CYS N 107 13.88 4.92 -22.65
N CYS N 108 12.62 4.54 -22.49
CA CYS N 108 11.58 4.90 -23.43
C CYS N 108 10.71 6.05 -22.94
N ILE N 109 11.21 7.27 -23.10
CA ILE N 109 10.45 8.47 -22.75
C ILE N 109 10.69 9.54 -23.79
N GLU N 110 9.64 10.29 -24.12
CA GLU N 110 9.75 11.37 -25.09
C GLU N 110 8.95 12.60 -24.63
N PRO N 111 9.56 13.80 -24.66
CA PRO N 111 8.81 14.98 -24.24
C PRO N 111 8.08 15.64 -25.41
N HIS N 112 7.70 16.90 -25.25
CA HIS N 112 7.00 17.65 -26.28
C HIS N 112 5.75 16.92 -26.78
N GLU O 1 -2.96 -29.53 -61.70
CA GLU O 1 -3.88 -28.77 -60.80
C GLU O 1 -3.31 -27.39 -60.49
N VAL O 2 -2.09 -27.37 -59.95
CA VAL O 2 -1.41 -26.11 -59.63
C VAL O 2 -0.64 -25.61 -60.84
N GLN O 3 -0.93 -24.39 -61.26
CA GLN O 3 -0.28 -23.81 -62.44
C GLN O 3 -0.56 -22.32 -62.59
N LEU O 4 0.08 -21.70 -63.58
CA LEU O 4 -0.01 -20.27 -63.81
C LEU O 4 -0.31 -19.94 -65.28
N LEU O 5 -1.43 -19.26 -65.52
CA LEU O 5 -1.83 -18.88 -66.86
C LEU O 5 -1.48 -17.43 -67.15
N GLU O 6 -0.69 -17.21 -68.20
CA GLU O 6 -0.22 -15.87 -68.56
C GLU O 6 -0.98 -15.31 -69.76
N SER O 7 -1.06 -13.99 -69.83
CA SER O 7 -1.73 -13.30 -70.93
C SER O 7 -0.85 -12.18 -71.46
N GLY O 8 -1.41 -11.35 -72.34
CA GLY O 8 -0.71 -10.18 -72.82
C GLY O 8 0.55 -10.50 -73.60
N GLY O 9 1.33 -9.47 -73.91
CA GLY O 9 2.56 -9.63 -74.67
C GLY O 9 2.34 -9.34 -76.13
N GLY O 10 3.31 -9.71 -76.97
CA GLY O 10 3.21 -9.53 -78.40
C GLY O 10 4.21 -8.54 -78.96
N LEU O 11 3.86 -7.93 -80.08
CA LEU O 11 4.72 -6.97 -80.77
C LEU O 11 4.52 -5.55 -80.26
N VAL O 12 5.61 -4.81 -80.19
CA VAL O 12 5.55 -3.41 -79.76
C VAL O 12 6.77 -2.66 -80.26
N LYS O 13 6.59 -1.40 -80.65
CA LYS O 13 7.70 -0.63 -81.16
C LYS O 13 8.56 -0.11 -80.01
N PRO O 14 9.84 0.23 -80.29
CA PRO O 14 10.72 0.72 -79.23
C PRO O 14 10.16 1.98 -78.56
N GLY O 15 10.13 1.96 -77.23
CA GLY O 15 9.56 3.06 -76.47
C GLY O 15 8.11 2.79 -76.13
N GLY O 16 7.50 1.85 -76.82
CA GLY O 16 6.11 1.50 -76.59
C GLY O 16 5.91 0.89 -75.22
N SER O 17 4.67 0.51 -74.91
CA SER O 17 4.35 -0.04 -73.60
C SER O 17 3.45 -1.28 -73.72
N LEU O 18 3.59 -2.17 -72.75
CA LEU O 18 2.80 -3.40 -72.71
C LEU O 18 2.59 -3.83 -71.27
N ARG O 19 1.56 -4.64 -71.04
CA ARG O 19 1.24 -5.12 -69.70
C ARG O 19 1.04 -6.63 -69.68
N LEU O 20 1.96 -7.33 -69.04
CA LEU O 20 1.87 -8.77 -68.88
C LEU O 20 0.96 -9.10 -67.71
N SER O 21 0.13 -10.13 -67.89
CA SER O 21 -0.77 -10.58 -66.84
C SER O 21 -0.50 -12.05 -66.51
N CYS O 22 -0.81 -12.43 -65.27
CA CYS O 22 -0.63 -13.81 -64.83
C CYS O 22 -1.70 -14.17 -63.81
N ALA O 23 -2.40 -15.27 -64.05
CA ALA O 23 -3.48 -15.72 -63.18
C ALA O 23 -3.13 -17.07 -62.58
N ALA O 24 -3.15 -17.14 -61.25
CA ALA O 24 -2.77 -18.36 -60.55
C ALA O 24 -3.97 -19.27 -60.32
N SER O 25 -3.71 -20.56 -60.26
CA SER O 25 -4.72 -21.56 -59.97
C SER O 25 -4.13 -22.68 -59.12
N GLY O 26 -4.86 -23.11 -58.10
CA GLY O 26 -4.41 -24.19 -57.25
C GLY O 26 -3.77 -23.71 -55.96
N PHE O 27 -3.71 -22.39 -55.78
CA PHE O 27 -3.16 -21.82 -54.55
C PHE O 27 -3.53 -20.35 -54.44
N THR O 28 -3.10 -19.72 -53.35
CA THR O 28 -3.39 -18.32 -53.10
C THR O 28 -2.12 -17.48 -53.13
N LEU O 29 -2.12 -16.41 -53.92
CA LEU O 29 -0.93 -15.57 -54.08
C LEU O 29 -0.50 -14.95 -52.76
N ILE O 30 -1.42 -14.85 -51.81
CA ILE O 30 -1.12 -14.23 -50.53
C ILE O 30 -0.01 -14.96 -49.81
N ASN O 31 0.07 -16.27 -50.01
CA ASN O 31 1.02 -17.11 -49.31
C ASN O 31 2.45 -16.98 -49.83
N TYR O 32 2.60 -16.63 -51.11
CA TYR O 32 3.90 -16.65 -51.76
C TYR O 32 4.34 -15.30 -52.30
N ARG O 33 5.65 -15.11 -52.41
CA ARG O 33 6.21 -13.96 -53.11
C ARG O 33 6.30 -14.26 -54.60
N MET O 34 5.78 -13.35 -55.41
CA MET O 34 5.75 -13.55 -56.85
C MET O 34 6.88 -12.83 -57.55
N ASN O 35 7.34 -13.40 -58.65
CA ASN O 35 8.42 -12.85 -59.45
C ASN O 35 8.12 -12.88 -60.93
N TRP O 36 8.87 -12.10 -61.70
CA TRP O 36 8.87 -12.20 -63.15
C TRP O 36 10.30 -12.52 -63.59
N VAL O 37 10.44 -13.48 -64.49
CA VAL O 37 11.75 -13.85 -65.03
C VAL O 37 11.68 -13.91 -66.54
N ARG O 38 12.67 -13.32 -67.19
CA ARG O 38 12.70 -13.24 -68.66
C ARG O 38 13.79 -14.13 -69.23
N GLN O 39 13.64 -14.47 -70.51
CA GLN O 39 14.64 -15.28 -71.21
C GLN O 39 14.75 -14.84 -72.65
N ALA O 40 15.84 -14.15 -73.00
CA ALA O 40 16.05 -13.70 -74.37
C ALA O 40 16.15 -14.90 -75.30
N PRO O 41 15.93 -14.68 -76.60
CA PRO O 41 15.98 -15.81 -77.54
C PRO O 41 17.33 -16.50 -77.57
N GLY O 42 17.34 -17.78 -77.20
CA GLY O 42 18.56 -18.56 -77.26
C GLY O 42 19.57 -18.22 -76.18
N LYS O 43 19.16 -17.38 -75.24
CA LYS O 43 20.04 -16.97 -74.15
C LYS O 43 19.52 -17.44 -72.81
N GLY O 44 20.27 -17.16 -71.75
CA GLY O 44 19.95 -17.65 -70.42
C GLY O 44 18.83 -16.90 -69.75
N LEU O 45 18.65 -17.12 -68.46
CA LEU O 45 17.57 -16.51 -67.70
C LEU O 45 18.04 -15.26 -66.97
N GLU O 46 17.16 -14.27 -66.87
CA GLU O 46 17.45 -13.03 -66.17
C GLU O 46 16.27 -12.64 -65.30
N TRP O 47 16.51 -12.49 -64.00
CA TRP O 47 15.46 -12.07 -63.08
C TRP O 47 15.10 -10.60 -63.31
N VAL O 48 13.81 -10.32 -63.31
CA VAL O 48 13.30 -8.98 -63.61
C VAL O 48 12.84 -8.23 -62.37
N SER O 49 11.80 -8.76 -61.73
CA SER O 49 11.20 -8.09 -60.57
C SER O 49 10.57 -9.06 -59.59
N SER O 50 10.27 -8.55 -58.40
CA SER O 50 9.66 -9.35 -57.34
C SER O 50 8.71 -8.50 -56.50
N ILE O 51 7.69 -9.12 -55.93
CA ILE O 51 6.75 -8.41 -55.09
C ILE O 51 6.20 -9.30 -53.99
N SER O 52 6.29 -8.84 -52.75
CA SER O 52 5.85 -9.62 -51.60
C SER O 52 4.34 -9.74 -51.54
N SER O 53 3.85 -10.51 -50.57
CA SER O 53 2.42 -10.74 -50.42
C SER O 53 1.69 -9.44 -50.12
N SER O 54 2.19 -8.71 -49.15
CA SER O 54 1.56 -7.45 -48.74
C SER O 54 1.84 -6.33 -49.72
N SER O 55 2.65 -6.62 -50.74
CA SER O 55 3.06 -5.61 -51.71
C SER O 55 3.86 -4.50 -51.03
N SER O 56 4.40 -4.80 -49.86
CA SER O 56 5.16 -3.82 -49.09
C SER O 56 6.60 -3.76 -49.60
N TYR O 57 7.19 -4.94 -49.80
CA TYR O 57 8.57 -5.05 -50.25
C TYR O 57 8.62 -5.35 -51.74
N ILE O 58 9.17 -4.40 -52.50
CA ILE O 58 9.29 -4.52 -53.95
C ILE O 58 10.73 -4.33 -54.38
N HIS O 59 11.13 -5.04 -55.42
CA HIS O 59 12.49 -4.96 -55.95
C HIS O 59 12.51 -5.12 -57.47
N TYR O 60 13.43 -4.41 -58.11
CA TYR O 60 13.62 -4.53 -59.56
C TYR O 60 15.07 -4.79 -59.89
N ALA O 61 15.32 -5.30 -61.09
CA ALA O 61 16.67 -5.44 -61.59
C ALA O 61 17.16 -4.08 -62.08
N ASP O 62 18.43 -3.77 -61.82
CA ASP O 62 18.98 -2.46 -62.17
C ASP O 62 18.76 -2.11 -63.64
N SER O 63 18.83 -3.12 -64.51
CA SER O 63 18.68 -2.90 -65.94
C SER O 63 17.27 -2.48 -66.29
N VAL O 64 16.34 -2.75 -65.37
CA VAL O 64 14.92 -2.55 -65.61
C VAL O 64 14.35 -1.38 -64.78
N LYS O 65 15.02 -1.05 -63.67
CA LYS O 65 14.55 -0.01 -62.75
C LYS O 65 14.02 1.22 -63.47
N GLY O 66 12.84 1.67 -63.06
CA GLY O 66 12.28 2.92 -63.55
C GLY O 66 11.45 2.74 -64.81
N ARG O 67 11.67 1.64 -65.51
CA ARG O 67 10.95 1.37 -66.76
C ARG O 67 9.80 0.41 -66.52
N PHE O 68 9.99 -0.54 -65.61
CA PHE O 68 8.94 -1.50 -65.27
C PHE O 68 8.35 -1.22 -63.89
N THR O 69 7.07 -1.51 -63.73
CA THR O 69 6.40 -1.42 -62.44
C THR O 69 5.55 -2.65 -62.20
N ILE O 70 5.93 -3.46 -61.23
CA ILE O 70 5.23 -4.69 -60.89
C ILE O 70 4.06 -4.41 -59.95
N SER O 71 3.03 -5.25 -60.03
CA SER O 71 1.86 -5.09 -59.18
C SER O 71 1.14 -6.43 -59.06
N ARG O 72 0.28 -6.54 -58.05
CA ARG O 72 -0.46 -7.78 -57.83
C ARG O 72 -1.84 -7.51 -57.25
N ASP O 73 -2.73 -8.49 -57.42
CA ASP O 73 -4.07 -8.44 -56.87
C ASP O 73 -4.39 -9.80 -56.25
N ASN O 74 -4.20 -9.89 -54.93
CA ASN O 74 -4.36 -11.16 -54.25
C ASN O 74 -5.79 -11.67 -54.31
N ALA O 75 -6.76 -10.75 -54.24
CA ALA O 75 -8.16 -11.11 -54.28
C ALA O 75 -8.52 -11.75 -55.62
N GLU O 76 -7.97 -11.19 -56.70
CA GLU O 76 -8.22 -11.70 -58.03
C GLU O 76 -7.20 -12.78 -58.37
N ASN O 77 -6.29 -13.04 -57.43
CA ASN O 77 -5.31 -14.12 -57.57
C ASN O 77 -4.45 -13.93 -58.81
N SER O 78 -4.09 -12.69 -59.10
CA SER O 78 -3.35 -12.37 -60.32
C SER O 78 -2.09 -11.58 -60.06
N LEU O 79 -1.16 -11.65 -61.01
CA LEU O 79 0.08 -10.90 -60.98
C LEU O 79 0.25 -10.15 -62.28
N TYR O 80 0.70 -8.90 -62.20
CA TYR O 80 0.82 -8.04 -63.37
C TYR O 80 2.16 -7.32 -63.42
N LEU O 81 2.63 -7.04 -64.63
CA LEU O 81 3.87 -6.29 -64.81
C LEU O 81 3.72 -5.28 -65.95
N GLN O 82 3.70 -4.01 -65.59
CA GLN O 82 3.58 -2.94 -66.56
C GLN O 82 4.96 -2.58 -67.08
N MET O 83 5.19 -2.76 -68.37
CA MET O 83 6.48 -2.46 -68.99
C MET O 83 6.39 -1.20 -69.83
N ASN O 84 7.16 -0.19 -69.45
CA ASN O 84 7.18 1.08 -70.17
C ASN O 84 8.54 1.37 -70.76
N SER O 85 8.56 2.18 -71.82
CA SER O 85 9.79 2.52 -72.52
C SER O 85 10.56 1.27 -72.89
N LEU O 86 9.91 0.36 -73.61
CA LEU O 86 10.55 -0.88 -74.01
C LEU O 86 11.60 -0.64 -75.07
N ARG O 87 12.63 -1.49 -75.07
CA ARG O 87 13.71 -1.41 -76.04
C ARG O 87 14.05 -2.80 -76.54
N ALA O 88 14.96 -2.89 -77.50
CA ALA O 88 15.32 -4.15 -78.11
C ALA O 88 15.79 -5.17 -77.09
N GLU O 89 16.60 -4.73 -76.13
CA GLU O 89 17.18 -5.64 -75.15
C GLU O 89 16.10 -6.29 -74.28
N ASP O 90 14.90 -5.74 -74.29
CA ASP O 90 13.78 -6.30 -73.53
C ASP O 90 13.10 -7.40 -74.32
N THR O 91 13.49 -7.60 -75.57
CA THR O 91 12.94 -8.66 -76.40
C THR O 91 13.25 -10.02 -75.80
N ALA O 92 12.25 -10.69 -75.27
CA ALA O 92 12.46 -11.98 -74.62
C ALA O 92 11.15 -12.68 -74.28
N VAL O 93 11.28 -13.89 -73.74
CA VAL O 93 10.14 -14.63 -73.21
C VAL O 93 10.03 -14.35 -71.72
N TYR O 94 8.86 -13.85 -71.30
CA TYR O 94 8.66 -13.47 -69.90
C TYR O 94 7.84 -14.51 -69.14
N TYR O 95 8.45 -15.08 -68.11
CA TYR O 95 7.82 -16.12 -67.31
C TYR O 95 7.27 -15.57 -66.00
N CYS O 96 6.00 -15.86 -65.72
CA CYS O 96 5.41 -15.57 -64.43
C CYS O 96 5.80 -16.67 -63.47
N VAL O 97 6.34 -16.31 -62.31
CA VAL O 97 6.98 -17.27 -61.42
C VAL O 97 6.58 -17.14 -59.96
N ARG O 98 6.36 -18.28 -59.31
CA ARG O 98 6.09 -18.33 -57.88
C ARG O 98 7.36 -18.71 -57.13
N GLU O 99 7.68 -17.93 -56.10
CA GLU O 99 8.82 -18.23 -55.26
C GLU O 99 8.38 -19.02 -54.05
N GLY O 100 9.32 -19.71 -53.41
CA GLY O 100 9.00 -20.54 -52.26
C GLY O 100 8.39 -19.72 -51.13
N PRO O 101 7.75 -20.40 -50.17
CA PRO O 101 7.05 -19.73 -49.07
C PRO O 101 7.97 -19.20 -47.98
N ARG O 102 9.25 -19.58 -48.01
CA ARG O 102 10.18 -19.16 -46.98
C ARG O 102 10.76 -17.78 -47.26
N ALA O 103 10.39 -17.22 -48.39
CA ALA O 103 10.96 -15.96 -48.86
C ALA O 103 10.26 -14.75 -48.25
N THR O 104 11.04 -13.78 -47.82
CA THR O 104 10.50 -12.53 -47.30
C THR O 104 11.38 -11.36 -47.75
N GLY O 105 10.75 -10.22 -48.02
CA GLY O 105 11.46 -9.05 -48.51
C GLY O 105 12.51 -8.54 -47.54
N TYR O 106 12.37 -8.90 -46.28
CA TYR O 106 13.26 -8.41 -45.22
C TYR O 106 14.26 -9.46 -44.76
N SER O 107 14.31 -10.59 -45.46
CA SER O 107 15.22 -11.67 -45.09
C SER O 107 15.60 -12.49 -46.32
N MET O 108 16.12 -13.68 -46.08
CA MET O 108 16.58 -14.56 -47.16
C MET O 108 15.43 -14.96 -48.08
N ALA O 109 15.78 -15.22 -49.34
CA ALA O 109 14.81 -15.57 -50.36
C ALA O 109 14.54 -17.07 -50.39
N ASP O 110 13.81 -17.52 -51.41
CA ASP O 110 13.56 -18.94 -51.63
C ASP O 110 13.60 -19.24 -53.12
N VAL O 111 13.36 -20.50 -53.48
CA VAL O 111 13.50 -20.95 -54.86
C VAL O 111 12.26 -20.72 -55.71
N PHE O 112 12.47 -20.70 -57.03
CA PHE O 112 11.37 -20.57 -57.97
C PHE O 112 10.80 -21.94 -58.30
N ASP O 113 9.80 -22.37 -57.54
CA ASP O 113 9.32 -23.74 -57.66
C ASP O 113 8.26 -23.94 -58.73
N ILE O 114 7.62 -22.86 -59.17
CA ILE O 114 6.60 -22.96 -60.21
C ILE O 114 6.77 -21.86 -61.25
N TRP O 115 6.78 -22.27 -62.51
CA TRP O 115 6.97 -21.36 -63.63
C TRP O 115 5.79 -21.39 -64.58
N GLY O 116 5.44 -20.23 -65.13
CA GLY O 116 4.36 -20.13 -66.07
C GLY O 116 4.77 -20.63 -67.44
N GLN O 117 3.81 -20.71 -68.35
CA GLN O 117 4.08 -21.16 -69.71
C GLN O 117 4.98 -20.16 -70.45
N GLY O 118 4.93 -18.91 -70.02
CA GLY O 118 5.72 -17.86 -70.65
C GLY O 118 4.97 -17.18 -71.77
N THR O 119 5.32 -15.93 -72.05
CA THR O 119 4.68 -15.17 -73.11
C THR O 119 5.72 -14.31 -73.83
N MET O 120 5.69 -14.35 -75.16
CA MET O 120 6.68 -13.66 -75.98
C MET O 120 6.44 -12.15 -76.06
N VAL O 121 7.50 -11.38 -75.85
CA VAL O 121 7.48 -9.93 -76.05
C VAL O 121 8.56 -9.58 -77.05
N THR O 122 8.16 -9.01 -78.19
CA THR O 122 9.08 -8.66 -79.26
C THR O 122 9.10 -7.16 -79.50
N VAL O 123 10.25 -6.54 -79.28
CA VAL O 123 10.40 -5.11 -79.53
C VAL O 123 11.10 -4.88 -80.86
N SER O 124 10.36 -4.40 -81.85
CA SER O 124 10.89 -4.18 -83.18
C SER O 124 10.11 -3.08 -83.90
N SER O 125 10.80 -2.36 -84.78
CA SER O 125 10.17 -1.29 -85.54
C SER O 125 9.32 -1.84 -86.68
N ALA O 126 9.56 -3.10 -87.03
CA ALA O 126 8.86 -3.72 -88.15
C ALA O 126 7.42 -4.06 -87.79
N SER O 127 6.53 -3.89 -88.75
CA SER O 127 5.12 -4.18 -88.52
C SER O 127 4.83 -5.66 -88.73
N THR O 128 3.64 -6.09 -88.33
CA THR O 128 3.24 -7.48 -88.45
C THR O 128 3.06 -7.88 -89.90
N LYS O 129 3.42 -9.12 -90.21
CA LYS O 129 3.31 -9.64 -91.57
C LYS O 129 2.93 -11.12 -91.55
N GLY O 130 1.87 -11.46 -92.26
CA GLY O 130 1.43 -12.84 -92.34
C GLY O 130 2.40 -13.66 -93.17
N PRO O 131 2.34 -14.99 -93.04
CA PRO O 131 3.27 -15.86 -93.76
C PRO O 131 2.82 -16.18 -95.19
N SER O 132 3.79 -16.48 -96.05
CA SER O 132 3.51 -17.01 -97.38
C SER O 132 3.87 -18.48 -97.41
N VAL O 133 2.88 -19.34 -97.62
CA VAL O 133 3.07 -20.78 -97.56
C VAL O 133 3.30 -21.37 -98.94
N PHE O 134 4.53 -21.80 -99.20
CA PHE O 134 4.88 -22.47 -100.45
C PHE O 134 5.00 -23.97 -100.23
N PRO O 135 4.50 -24.78 -101.18
CA PRO O 135 4.61 -26.24 -101.03
C PRO O 135 6.02 -26.75 -101.31
N LEU O 136 6.37 -27.88 -100.69
CA LEU O 136 7.64 -28.54 -100.94
C LEU O 136 7.44 -29.93 -101.52
N GLY O 151 6.62 -31.27 -97.75
CA GLY O 151 6.55 -30.36 -96.62
C GLY O 151 6.01 -29.00 -97.03
N CYS O 152 6.08 -28.04 -96.11
CA CYS O 152 5.63 -26.68 -96.37
C CYS O 152 6.71 -25.67 -96.00
N LEU O 153 6.91 -24.69 -96.87
CA LEU O 153 7.85 -23.61 -96.60
C LEU O 153 7.10 -22.35 -96.17
N VAL O 154 7.23 -22.01 -94.89
CA VAL O 154 6.62 -20.80 -94.35
C VAL O 154 7.63 -19.67 -94.39
N LYS O 155 7.42 -18.72 -95.31
CA LYS O 155 8.40 -17.69 -95.59
C LYS O 155 7.85 -16.29 -95.38
N ASP O 156 8.73 -15.37 -94.99
CA ASP O 156 8.40 -13.97 -94.83
C ASP O 156 7.21 -13.74 -93.91
N TYR O 157 7.40 -14.01 -92.62
CA TYR O 157 6.38 -13.75 -91.63
C TYR O 157 6.99 -13.06 -90.42
N PHE O 158 6.17 -12.34 -89.68
CA PHE O 158 6.62 -11.60 -88.52
C PHE O 158 5.42 -11.08 -87.75
N PRO O 159 5.47 -11.11 -86.41
CA PRO O 159 6.52 -11.61 -85.53
C PRO O 159 6.36 -13.09 -85.24
N GLU O 160 7.20 -13.62 -84.35
CA GLU O 160 7.03 -14.97 -83.87
C GLU O 160 5.85 -15.00 -82.90
N PRO O 161 5.31 -16.19 -82.61
CA PRO O 161 5.64 -17.51 -83.15
C PRO O 161 4.67 -17.99 -84.23
N VAL O 162 5.02 -19.13 -84.82
CA VAL O 162 4.14 -19.82 -85.76
C VAL O 162 4.11 -21.30 -85.41
N THR O 163 2.90 -21.88 -85.38
CA THR O 163 2.73 -23.28 -85.05
C THR O 163 2.35 -24.06 -86.29
N VAL O 164 2.89 -25.26 -86.42
CA VAL O 164 2.62 -26.12 -87.58
C VAL O 164 2.13 -27.49 -87.12
N SER O 165 1.11 -27.98 -87.81
CA SER O 165 0.58 -29.32 -87.60
C SER O 165 0.19 -29.90 -88.94
N TRP O 166 0.03 -31.22 -89.00
CA TRP O 166 -0.33 -31.89 -90.24
C TRP O 166 -1.64 -32.65 -90.11
N ASN O 167 -2.56 -32.37 -91.03
CA ASN O 167 -3.87 -33.01 -91.04
C ASN O 167 -4.63 -32.78 -89.73
N SER O 168 -4.57 -31.56 -89.24
CA SER O 168 -5.33 -31.14 -88.06
C SER O 168 -5.00 -31.96 -86.81
N GLY O 169 -3.71 -32.25 -86.61
CA GLY O 169 -3.27 -32.91 -85.41
C GLY O 169 -3.30 -34.43 -85.49
N ALA O 170 -3.31 -34.95 -86.71
CA ALA O 170 -3.33 -36.39 -86.92
C ALA O 170 -1.91 -36.94 -87.00
N LEU O 171 -1.21 -36.57 -88.08
CA LEU O 171 0.17 -37.01 -88.27
C LEU O 171 1.11 -36.32 -87.30
N THR O 172 1.85 -37.11 -86.52
CA THR O 172 2.77 -36.58 -85.53
C THR O 172 4.14 -37.25 -85.65
N SER O 173 4.13 -38.57 -85.73
CA SER O 173 5.36 -39.34 -85.84
C SER O 173 6.12 -39.03 -87.14
N GLY O 174 7.43 -38.88 -87.02
CA GLY O 174 8.28 -38.65 -88.17
C GLY O 174 8.26 -37.22 -88.68
N VAL O 175 7.58 -36.34 -87.96
CA VAL O 175 7.47 -34.94 -88.34
C VAL O 175 8.61 -34.12 -87.73
N HIS O 176 9.21 -33.26 -88.53
CA HIS O 176 10.28 -32.37 -88.08
C HIS O 176 10.07 -30.93 -88.53
N THR O 177 9.68 -30.08 -87.60
CA THR O 177 9.51 -28.65 -87.87
C THR O 177 10.75 -27.89 -87.42
N PHE O 178 11.43 -27.24 -88.36
CA PHE O 178 12.68 -26.56 -88.06
C PHE O 178 12.46 -25.24 -87.35
N PRO O 179 13.44 -24.83 -86.51
CA PRO O 179 13.33 -23.52 -85.89
C PRO O 179 13.36 -22.41 -86.92
N ALA O 180 12.65 -21.32 -86.65
CA ALA O 180 12.60 -20.19 -87.56
C ALA O 180 13.95 -19.50 -87.60
N VAL O 181 14.24 -18.88 -88.73
CA VAL O 181 15.45 -18.08 -88.89
C VAL O 181 15.08 -16.70 -89.39
N LEU O 182 15.71 -15.68 -88.83
CA LEU O 182 15.46 -14.32 -89.23
C LEU O 182 16.25 -14.01 -90.49
N GLN O 183 15.53 -13.69 -91.57
CA GLN O 183 16.17 -13.40 -92.84
C GLN O 183 16.72 -11.98 -92.85
N SER O 184 17.43 -11.64 -93.92
CA SER O 184 18.03 -10.32 -94.05
C SER O 184 16.96 -9.23 -94.09
N SER O 185 15.77 -9.59 -94.55
CA SER O 185 14.67 -8.63 -94.67
C SER O 185 14.04 -8.31 -93.32
N GLY O 186 14.57 -8.90 -92.26
CA GLY O 186 14.05 -8.68 -90.92
C GLY O 186 12.80 -9.50 -90.64
N LEU O 187 12.43 -10.35 -91.60
CA LEU O 187 11.28 -11.23 -91.45
C LEU O 187 11.74 -12.66 -91.24
N TYR O 188 10.93 -13.44 -90.54
CA TYR O 188 11.27 -14.82 -90.21
C TYR O 188 10.91 -15.77 -91.33
N SER O 189 11.59 -16.91 -91.37
CA SER O 189 11.31 -17.96 -92.33
C SER O 189 11.44 -19.31 -91.65
N LEU O 190 10.59 -20.25 -92.05
CA LEU O 190 10.53 -21.55 -91.39
C LEU O 190 10.04 -22.62 -92.36
N SER O 191 10.53 -23.84 -92.19
CA SER O 191 10.14 -24.97 -93.02
C SER O 191 9.77 -26.16 -92.15
N SER O 192 8.71 -26.86 -92.53
CA SER O 192 8.27 -28.05 -91.81
C SER O 192 8.16 -29.24 -92.76
N VAL O 193 8.74 -30.36 -92.36
CA VAL O 193 8.81 -31.54 -93.22
C VAL O 193 8.46 -32.81 -92.46
N VAL O 194 8.10 -33.85 -93.21
CA VAL O 194 7.81 -35.17 -92.63
C VAL O 194 8.16 -36.27 -93.62
N ILE O 207 -1.63 -32.38 -95.79
CA ILE O 207 -1.94 -30.97 -95.57
C ILE O 207 -1.31 -30.48 -94.28
N CYS O 208 -0.65 -29.33 -94.34
CA CYS O 208 -0.03 -28.70 -93.17
C CYS O 208 -0.88 -27.57 -92.61
N ASN O 209 -1.22 -27.65 -91.34
CA ASN O 209 -1.97 -26.59 -90.66
C ASN O 209 -1.05 -25.51 -90.12
N VAL O 210 -1.04 -24.36 -90.79
CA VAL O 210 -0.22 -23.23 -90.38
C VAL O 210 -1.07 -22.22 -89.62
N ASN O 211 -0.54 -21.75 -88.48
CA ASN O 211 -1.26 -20.78 -87.65
C ASN O 211 -0.34 -19.68 -87.14
N HIS O 212 -0.64 -18.45 -87.55
CA HIS O 212 0.09 -17.27 -87.10
C HIS O 212 -0.83 -16.35 -86.31
N LYS O 213 -0.79 -16.47 -84.98
CA LYS O 213 -1.68 -15.70 -84.12
C LYS O 213 -1.49 -14.20 -84.22
N PRO O 214 -0.22 -13.73 -84.21
CA PRO O 214 0.05 -12.28 -84.30
C PRO O 214 -0.62 -11.58 -85.48
N SER O 215 -0.92 -12.32 -86.56
CA SER O 215 -1.62 -11.75 -87.71
C SER O 215 -3.01 -12.36 -87.82
N ASN O 216 -3.38 -13.20 -86.86
CA ASN O 216 -4.66 -13.90 -86.88
C ASN O 216 -4.86 -14.62 -88.21
N THR O 217 -3.77 -15.18 -88.73
CA THR O 217 -3.78 -15.86 -90.02
C THR O 217 -3.76 -17.37 -89.82
N LYS O 218 -4.69 -18.06 -90.48
CA LYS O 218 -4.73 -19.51 -90.48
C LYS O 218 -4.73 -20.03 -91.92
N VAL O 219 -3.73 -20.83 -92.26
CA VAL O 219 -3.59 -21.39 -93.60
C VAL O 219 -3.44 -22.90 -93.56
N ASP O 220 -4.08 -23.57 -94.51
CA ASP O 220 -3.96 -25.02 -94.67
C ASP O 220 -3.59 -25.34 -96.12
N LYS O 221 -2.33 -25.70 -96.33
CA LYS O 221 -1.82 -26.00 -97.68
C LYS O 221 -1.64 -27.50 -97.89
N LYS O 222 -2.18 -28.01 -98.98
CA LYS O 222 -2.02 -29.42 -99.35
C LYS O 222 -0.75 -29.61 -100.18
N VAL O 223 -0.13 -30.77 -100.05
CA VAL O 223 1.15 -31.03 -100.71
C VAL O 223 1.10 -32.29 -101.57
N GLU O 224 1.28 -32.11 -102.88
CA GLU O 224 1.32 -33.21 -103.82
C GLU O 224 1.68 -32.70 -105.22
N PRO O 225 2.45 -33.49 -105.99
CA PRO O 225 2.83 -33.07 -107.34
C PRO O 225 1.78 -33.46 -108.39
N GLU P 1 26.69 -8.04 -56.88
CA GLU P 1 26.01 -8.95 -57.84
C GLU P 1 26.83 -10.21 -58.07
N LEU P 2 26.37 -11.33 -57.51
CA LEU P 2 27.07 -12.59 -57.67
C LEU P 2 26.98 -13.07 -59.10
N VAL P 3 28.10 -13.55 -59.62
CA VAL P 3 28.18 -14.09 -60.97
C VAL P 3 28.35 -15.61 -60.92
N MET P 4 27.34 -16.32 -61.39
CA MET P 4 27.38 -17.77 -61.42
C MET P 4 28.00 -18.24 -62.73
N THR P 5 28.92 -19.20 -62.63
CA THR P 5 29.61 -19.72 -63.81
C THR P 5 29.46 -21.24 -63.91
N GLN P 6 28.85 -21.70 -65.00
CA GLN P 6 28.67 -23.13 -65.23
C GLN P 6 29.68 -23.69 -66.23
N SER P 7 30.03 -24.95 -66.03
CA SER P 7 30.93 -25.66 -66.94
C SER P 7 30.69 -27.16 -66.88
N PRO P 8 30.67 -27.84 -68.03
CA PRO P 8 30.86 -27.31 -69.38
C PRO P 8 29.62 -26.62 -69.92
N ASP P 9 29.76 -25.90 -71.03
CA ASP P 9 28.62 -25.26 -71.66
C ASP P 9 27.77 -26.30 -72.36
N SER P 10 28.43 -27.28 -72.97
CA SER P 10 27.74 -28.37 -73.67
C SER P 10 28.30 -29.70 -73.21
N LEU P 11 27.47 -30.74 -73.28
CA LEU P 11 27.88 -32.07 -72.82
C LEU P 11 27.11 -33.16 -73.54
N ALA P 12 27.84 -34.17 -73.99
CA ALA P 12 27.27 -35.29 -74.74
C ALA P 12 27.69 -36.62 -74.12
N VAL P 13 26.73 -37.36 -73.58
CA VAL P 13 27.01 -38.59 -72.86
C VAL P 13 26.16 -39.73 -73.38
N SER P 14 26.74 -40.93 -73.40
CA SER P 14 26.04 -42.11 -73.87
C SER P 14 24.88 -42.42 -72.93
N LEU P 15 23.81 -42.97 -73.49
CA LEU P 15 22.64 -43.32 -72.72
C LEU P 15 23.02 -44.32 -71.64
N GLY P 16 22.59 -44.05 -70.41
CA GLY P 16 22.84 -44.97 -69.31
C GLY P 16 24.09 -44.60 -68.53
N GLU P 17 24.95 -43.79 -69.14
CA GLU P 17 26.13 -43.30 -68.44
C GLU P 17 25.79 -42.01 -67.72
N ARG P 18 26.63 -41.62 -66.77
CA ARG P 18 26.34 -40.46 -65.93
C ARG P 18 27.00 -39.18 -66.43
N ALA P 19 26.37 -38.06 -66.12
CA ALA P 19 26.84 -36.73 -66.54
C ALA P 19 26.89 -35.77 -65.36
N THR P 20 27.98 -35.01 -65.28
CA THR P 20 28.17 -34.04 -64.19
C THR P 20 28.28 -32.62 -64.71
N ILE P 21 27.63 -31.69 -64.02
CA ILE P 21 27.64 -30.28 -64.38
C ILE P 21 28.10 -29.44 -63.20
N ASN P 22 29.00 -28.50 -63.45
CA ASN P 22 29.55 -27.66 -62.40
C ASN P 22 28.86 -26.32 -62.28
N CYS P 23 29.01 -25.71 -61.11
CA CYS P 23 28.51 -24.36 -60.85
C CYS P 23 29.44 -23.66 -59.89
N LYS P 24 29.83 -22.43 -60.22
CA LYS P 24 30.73 -21.65 -59.37
C LYS P 24 30.21 -20.25 -59.18
N SER P 25 30.08 -19.84 -57.93
CA SER P 25 29.60 -18.50 -57.60
C SER P 25 30.79 -17.60 -57.27
N SER P 26 30.65 -16.32 -57.55
CA SER P 26 31.70 -15.36 -57.25
C SER P 26 31.96 -15.30 -55.76
N GLN P 27 30.93 -15.61 -54.97
CA GLN P 27 30.99 -15.51 -53.52
C GLN P 27 30.30 -16.69 -52.87
N SER P 28 30.61 -16.93 -51.60
CA SER P 28 29.99 -18.02 -50.87
C SER P 28 28.50 -17.77 -50.69
N VAL P 29 27.70 -18.79 -50.97
CA VAL P 29 26.26 -18.70 -50.77
C VAL P 29 25.83 -19.53 -49.57
N LEU P 30 26.78 -19.76 -48.66
CA LEU P 30 26.52 -20.50 -47.44
C LEU P 30 26.02 -19.56 -46.36
N TYR P 31 24.83 -19.84 -45.81
CA TYR P 31 24.28 -19.04 -44.73
C TYR P 31 24.79 -19.60 -43.41
N SER P 32 25.47 -18.76 -42.64
CA SER P 32 26.13 -19.18 -41.41
C SER P 32 25.16 -19.75 -40.39
N SER P 33 24.01 -19.11 -40.25
CA SER P 33 23.02 -19.50 -39.24
C SER P 33 22.42 -20.87 -39.53
N ASN P 34 22.07 -21.10 -40.79
CA ASN P 34 21.43 -22.35 -41.19
C ASN P 34 22.44 -23.41 -41.59
N ASN P 35 23.64 -22.99 -41.93
CA ASN P 35 24.63 -23.87 -42.53
C ASN P 35 24.05 -24.50 -43.79
N LYS P 36 23.15 -23.77 -44.44
CA LYS P 36 22.54 -24.20 -45.70
C LYS P 36 23.08 -23.36 -46.84
N SER P 37 23.48 -24.02 -47.92
CA SER P 37 23.96 -23.33 -49.10
C SER P 37 22.80 -23.01 -50.02
N TYR P 38 22.50 -21.73 -50.17
CA TYR P 38 21.34 -21.29 -50.93
C TYR P 38 21.58 -21.31 -52.43
N LEU P 39 21.37 -22.47 -53.04
CA LEU P 39 21.54 -22.63 -54.47
C LEU P 39 20.53 -23.65 -55.00
N ALA P 40 20.06 -23.43 -56.23
CA ALA P 40 19.03 -24.28 -56.81
C ALA P 40 19.41 -24.69 -58.22
N TRP P 41 18.87 -25.81 -58.67
CA TRP P 41 19.11 -26.33 -60.02
C TRP P 41 17.80 -26.47 -60.78
N TYR P 42 17.81 -26.05 -62.04
CA TYR P 42 16.62 -26.12 -62.88
C TYR P 42 16.89 -26.91 -64.16
N GLN P 43 15.83 -27.48 -64.71
CA GLN P 43 15.88 -28.17 -65.99
C GLN P 43 14.94 -27.51 -66.96
N GLN P 44 15.42 -27.21 -68.16
CA GLN P 44 14.58 -26.60 -69.19
C GLN P 44 14.67 -27.35 -70.51
N LYS P 45 13.58 -28.00 -70.89
CA LYS P 45 13.49 -28.68 -72.17
C LYS P 45 13.03 -27.69 -73.25
N PRO P 46 13.36 -27.98 -74.52
CA PRO P 46 13.02 -27.06 -75.60
C PRO P 46 11.53 -26.72 -75.66
N GLY P 47 11.23 -25.43 -75.74
CA GLY P 47 9.85 -24.98 -75.84
C GLY P 47 9.06 -25.09 -74.56
N GLN P 48 9.75 -25.32 -73.44
CA GLN P 48 9.11 -25.43 -72.14
C GLN P 48 9.77 -24.50 -71.13
N PRO P 49 9.04 -24.12 -70.08
CA PRO P 49 9.64 -23.32 -69.02
C PRO P 49 10.54 -24.15 -68.13
N PRO P 50 11.46 -23.53 -67.39
CA PRO P 50 12.32 -24.27 -66.47
C PRO P 50 11.52 -25.07 -65.45
N LYS P 51 12.12 -26.14 -64.92
CA LYS P 51 11.50 -26.94 -63.88
C LYS P 51 12.49 -27.12 -62.74
N LEU P 52 12.04 -26.87 -61.52
CA LEU P 52 12.92 -26.99 -60.36
C LEU P 52 13.31 -28.44 -60.12
N LEU P 53 14.59 -28.66 -59.88
CA LEU P 53 15.11 -29.99 -59.56
C LEU P 53 15.59 -30.05 -58.13
N ILE P 54 16.53 -29.17 -57.80
CA ILE P 54 17.18 -29.19 -56.49
C ILE P 54 17.07 -27.82 -55.84
N TYR P 55 16.87 -27.81 -54.53
CA TYR P 55 16.97 -26.59 -53.75
C TYR P 55 17.87 -26.83 -52.55
N TRP P 56 18.47 -25.75 -52.04
CA TRP P 56 19.48 -25.84 -50.99
C TRP P 56 20.59 -26.80 -51.42
N ALA P 57 20.91 -26.76 -52.70
CA ALA P 57 22.08 -27.41 -53.29
C ALA P 57 22.01 -28.93 -53.37
N SER P 58 21.37 -29.58 -52.41
CA SER P 58 21.42 -31.04 -52.32
C SER P 58 20.05 -31.71 -52.20
N THR P 59 19.01 -30.93 -51.90
CA THR P 59 17.69 -31.49 -51.62
C THR P 59 16.81 -31.52 -52.86
N ARG P 60 16.38 -32.73 -53.24
CA ARG P 60 15.50 -32.90 -54.39
C ARG P 60 14.10 -32.37 -54.13
N GLU P 61 13.54 -31.67 -55.11
CA GLU P 61 12.15 -31.26 -55.03
C GLU P 61 11.28 -32.50 -55.21
N SER P 62 10.06 -32.43 -54.71
CA SER P 62 9.14 -33.55 -54.82
C SER P 62 8.88 -33.92 -56.27
N GLY P 63 9.00 -35.20 -56.58
CA GLY P 63 8.72 -35.70 -57.92
C GLY P 63 9.96 -35.89 -58.78
N VAL P 64 11.06 -35.25 -58.40
CA VAL P 64 12.31 -35.41 -59.14
C VAL P 64 12.83 -36.83 -58.94
N PRO P 65 13.19 -37.52 -60.05
CA PRO P 65 13.67 -38.90 -59.87
C PRO P 65 14.98 -38.94 -59.09
N ASP P 66 15.24 -40.08 -58.47
CA ASP P 66 16.39 -40.24 -57.59
C ASP P 66 17.72 -40.01 -58.30
N ARG P 67 17.75 -40.21 -59.61
CA ARG P 67 19.00 -40.17 -60.36
C ARG P 67 19.62 -38.77 -60.42
N PHE P 68 18.81 -37.74 -60.17
CA PHE P 68 19.31 -36.38 -60.07
C PHE P 68 19.79 -36.11 -58.66
N SER P 69 20.98 -35.56 -58.51
CA SER P 69 21.49 -35.23 -57.19
C SER P 69 22.54 -34.15 -57.27
N GLY P 70 22.39 -33.13 -56.42
CA GLY P 70 23.33 -32.03 -56.36
C GLY P 70 24.13 -32.12 -55.08
N SER P 71 25.27 -31.42 -55.06
CA SER P 71 26.14 -31.42 -53.90
C SER P 71 27.04 -30.20 -53.91
N GLY P 72 27.80 -30.02 -52.83
CA GLY P 72 28.73 -28.92 -52.73
C GLY P 72 28.28 -27.88 -51.74
N SER P 73 29.12 -26.88 -51.52
CA SER P 73 28.80 -25.78 -50.61
C SER P 73 29.69 -24.58 -50.87
N GLY P 74 29.24 -23.42 -50.40
CA GLY P 74 30.02 -22.20 -50.51
C GLY P 74 30.13 -21.70 -51.94
N THR P 75 31.27 -21.93 -52.57
CA THR P 75 31.53 -21.41 -53.91
C THR P 75 31.24 -22.43 -54.99
N ASP P 76 31.78 -23.63 -54.85
CA ASP P 76 31.65 -24.66 -55.88
C ASP P 76 30.51 -25.63 -55.60
N PHE P 77 29.71 -25.90 -56.63
CA PHE P 77 28.61 -26.85 -56.56
C PHE P 77 28.61 -27.72 -57.81
N THR P 78 27.94 -28.86 -57.73
CA THR P 78 27.88 -29.78 -58.86
C THR P 78 26.54 -30.48 -58.94
N LEU P 79 26.00 -30.59 -60.15
CA LEU P 79 24.82 -31.40 -60.40
C LEU P 79 25.22 -32.66 -61.12
N THR P 80 24.74 -33.80 -60.64
CA THR P 80 25.12 -35.10 -61.18
C THR P 80 23.90 -35.89 -61.63
N ILE P 81 23.95 -36.38 -62.87
CA ILE P 81 22.90 -37.21 -63.43
C ILE P 81 23.42 -38.61 -63.67
N SER P 82 22.97 -39.56 -62.84
CA SER P 82 23.32 -40.97 -63.03
C SER P 82 22.35 -41.65 -64.00
N SER P 83 22.89 -42.34 -65.00
CA SER P 83 22.08 -42.99 -66.02
C SER P 83 21.23 -41.95 -66.76
N LEU P 84 21.79 -41.40 -67.82
CA LEU P 84 21.19 -40.26 -68.52
C LEU P 84 19.78 -40.52 -69.04
N GLN P 85 19.61 -41.60 -69.78
CA GLN P 85 18.34 -41.89 -70.47
C GLN P 85 18.01 -40.80 -71.46
N ALA P 86 16.82 -40.88 -72.05
CA ALA P 86 16.44 -39.98 -73.14
C ALA P 86 15.73 -38.73 -72.64
N GLU P 87 14.95 -38.90 -71.57
CA GLU P 87 14.08 -37.83 -71.09
C GLU P 87 14.84 -36.70 -70.40
N ASP P 88 16.15 -36.86 -70.26
CA ASP P 88 16.97 -35.89 -69.54
C ASP P 88 17.66 -34.91 -70.48
N VAL P 89 17.39 -35.02 -71.77
CA VAL P 89 17.94 -34.08 -72.73
C VAL P 89 17.30 -32.72 -72.50
N ALA P 90 18.10 -31.76 -72.05
CA ALA P 90 17.60 -30.42 -71.75
C ALA P 90 18.74 -29.47 -71.44
N VAL P 91 18.38 -28.23 -71.11
CA VAL P 91 19.35 -27.25 -70.64
C VAL P 91 19.22 -27.12 -69.13
N TYR P 92 20.34 -27.20 -68.43
CA TYR P 92 20.33 -27.18 -66.98
C TYR P 92 20.96 -25.91 -66.43
N TYR P 93 20.18 -25.16 -65.66
CA TYR P 93 20.62 -23.90 -65.08
C TYR P 93 20.79 -24.02 -63.58
N CYS P 94 21.79 -23.34 -63.06
CA CYS P 94 21.97 -23.21 -61.62
C CYS P 94 21.64 -21.78 -61.20
N GLN P 95 21.15 -21.61 -59.98
CA GLN P 95 20.75 -20.30 -59.49
C GLN P 95 21.09 -20.14 -58.03
N GLN P 96 21.57 -18.96 -57.67
CA GLN P 96 21.79 -18.61 -56.27
C GLN P 96 20.68 -17.72 -55.79
N TYR P 97 20.16 -18.00 -54.59
CA TYR P 97 19.18 -17.13 -53.97
C TYR P 97 19.65 -16.77 -52.56
N TYR P 98 20.95 -16.56 -52.44
CA TYR P 98 21.55 -16.13 -51.18
C TYR P 98 21.33 -14.64 -50.98
N SER P 99 21.63 -13.85 -52.01
CA SER P 99 21.48 -12.41 -51.92
C SER P 99 21.00 -11.82 -53.24
N ALA P 100 20.28 -10.72 -53.16
CA ALA P 100 19.75 -10.06 -54.34
C ALA P 100 20.84 -9.25 -55.02
N PRO P 101 20.78 -9.10 -56.35
CA PRO P 101 19.78 -9.68 -57.24
C PRO P 101 20.03 -11.17 -57.50
N LEU P 102 18.98 -11.96 -57.56
CA LEU P 102 19.13 -13.38 -57.84
C LEU P 102 19.65 -13.54 -59.25
N THR P 103 20.66 -14.39 -59.42
CA THR P 103 21.32 -14.55 -60.70
C THR P 103 21.41 -16.02 -61.10
N PHE P 104 21.38 -16.26 -62.41
CA PHE P 104 21.45 -17.61 -62.96
C PHE P 104 22.80 -17.88 -63.60
N GLY P 105 23.14 -19.15 -63.74
CA GLY P 105 24.32 -19.54 -64.48
C GLY P 105 24.01 -19.44 -65.96
N GLY P 106 25.03 -19.65 -66.79
CA GLY P 106 24.86 -19.55 -68.23
C GLY P 106 24.06 -20.72 -68.78
N GLY P 107 23.93 -21.77 -67.98
CA GLY P 107 23.22 -22.95 -68.41
C GLY P 107 24.12 -23.96 -69.09
N THR P 108 23.78 -25.24 -68.95
CA THR P 108 24.53 -26.32 -69.57
C THR P 108 23.59 -27.17 -70.42
N LYS P 109 23.97 -27.41 -71.67
CA LYS P 109 23.17 -28.23 -72.57
C LYS P 109 23.62 -29.68 -72.50
N VAL P 110 22.71 -30.57 -72.12
CA VAL P 110 23.01 -31.99 -72.03
C VAL P 110 22.37 -32.74 -73.18
N GLU P 111 23.20 -33.42 -73.96
CA GLU P 111 22.74 -34.18 -75.12
C GLU P 111 23.20 -35.63 -75.03
N ILE P 112 22.64 -36.47 -75.88
CA ILE P 112 22.94 -37.89 -75.87
C ILE P 112 23.97 -38.22 -76.94
N LYS P 113 24.96 -39.03 -76.57
CA LYS P 113 25.89 -39.57 -77.55
C LYS P 113 25.27 -40.78 -78.22
N ARG P 114 25.29 -40.78 -79.55
CA ARG P 114 24.66 -41.81 -80.33
C ARG P 114 25.65 -42.39 -81.33
N THR P 115 25.38 -43.61 -81.78
CA THR P 115 26.12 -44.19 -82.88
C THR P 115 25.95 -43.28 -84.09
N VAL P 116 26.99 -43.16 -84.90
CA VAL P 116 26.96 -42.30 -86.08
C VAL P 116 25.78 -42.69 -86.96
N ALA P 117 25.14 -41.70 -87.57
CA ALA P 117 24.01 -41.94 -88.46
C ALA P 117 24.05 -41.03 -89.68
N ALA P 118 23.88 -41.65 -90.85
CA ALA P 118 24.00 -40.96 -92.14
C ALA P 118 22.72 -40.19 -92.50
N PRO P 119 22.86 -38.90 -92.83
CA PRO P 119 21.70 -38.07 -93.16
C PRO P 119 20.99 -38.50 -94.44
N SER P 120 19.66 -38.54 -94.40
CA SER P 120 18.86 -38.79 -95.59
C SER P 120 18.60 -37.46 -96.30
N VAL P 121 19.31 -37.24 -97.40
CA VAL P 121 19.30 -35.95 -98.08
C VAL P 121 18.16 -35.88 -99.10
N PHE P 122 17.52 -34.71 -99.17
CA PHE P 122 16.46 -34.45 -100.14
C PHE P 122 16.64 -33.08 -100.76
N PRO P 126 12.25 -24.60 -105.83
CA PRO P 126 11.12 -23.71 -105.52
C PRO P 126 9.84 -24.11 -106.24
N SER P 127 8.70 -23.80 -105.65
CA SER P 127 7.41 -24.16 -106.23
C SER P 127 6.95 -23.11 -107.23
N ASP P 128 5.83 -23.37 -107.88
CA ASP P 128 5.30 -22.45 -108.89
C ASP P 128 4.80 -21.16 -108.25
N GLU P 129 4.13 -21.30 -107.11
CA GLU P 129 3.53 -20.15 -106.43
C GLU P 129 4.58 -19.12 -106.05
N GLN P 130 5.71 -19.59 -105.53
CA GLN P 130 6.79 -18.70 -105.11
C GLN P 130 7.39 -17.94 -106.28
N LEU P 131 7.42 -18.58 -107.45
CA LEU P 131 7.97 -17.95 -108.64
C LEU P 131 7.12 -16.77 -109.07
N LYS P 132 5.82 -16.82 -108.73
CA LYS P 132 4.92 -15.71 -109.03
C LYS P 132 5.20 -14.53 -108.10
N SER P 133 5.91 -14.78 -107.00
CA SER P 133 6.21 -13.74 -106.02
C SER P 133 7.51 -13.00 -106.37
N GLY P 134 8.12 -13.37 -107.49
CA GLY P 134 9.34 -12.71 -107.93
C GLY P 134 10.53 -13.03 -107.05
N THR P 135 10.52 -14.22 -106.45
CA THR P 135 11.62 -14.67 -105.61
C THR P 135 11.83 -16.18 -105.79
N ALA P 136 13.01 -16.66 -105.42
CA ALA P 136 13.33 -18.08 -105.53
C ALA P 136 14.13 -18.56 -104.34
N SER P 137 13.60 -19.56 -103.64
CA SER P 137 14.25 -20.13 -102.46
C SER P 137 14.47 -21.63 -102.63
N VAL P 138 15.74 -22.03 -102.75
CA VAL P 138 16.08 -23.43 -102.86
C VAL P 138 16.33 -23.99 -101.46
N VAL P 139 15.80 -25.19 -101.22
CA VAL P 139 15.91 -25.82 -99.90
C VAL P 139 16.51 -27.21 -100.02
N CYS P 140 17.43 -27.52 -99.10
CA CYS P 140 18.03 -28.85 -99.02
C CYS P 140 17.88 -29.39 -97.61
N LEU P 141 17.28 -30.58 -97.50
CA LEU P 141 16.95 -31.19 -96.22
C LEU P 141 17.87 -32.35 -95.89
N LEU P 142 18.49 -32.28 -94.70
CA LEU P 142 19.29 -33.39 -94.18
C LEU P 142 18.54 -33.98 -92.99
N ASN P 143 17.91 -35.13 -93.19
CA ASN P 143 16.96 -35.67 -92.22
C ASN P 143 17.53 -36.79 -91.35
N ASN P 144 17.34 -36.66 -90.04
CA ASN P 144 17.73 -37.69 -89.07
C ASN P 144 19.18 -38.13 -89.21
N PHE P 145 20.09 -37.36 -88.63
CA PHE P 145 21.51 -37.71 -88.67
C PHE P 145 22.20 -37.37 -87.35
N TYR P 146 23.40 -37.91 -87.17
CA TYR P 146 24.18 -37.64 -85.98
C TYR P 146 25.67 -37.78 -86.32
N PRO P 147 26.53 -36.91 -85.77
CA PRO P 147 26.28 -35.76 -84.89
C PRO P 147 25.78 -34.53 -85.62
N ARG P 148 25.63 -33.44 -84.88
CA ARG P 148 25.13 -32.18 -85.43
C ARG P 148 26.07 -31.64 -86.50
N GLU P 149 27.37 -31.91 -86.36
CA GLU P 149 28.35 -31.34 -87.27
C GLU P 149 28.16 -31.81 -88.71
N ALA P 150 28.24 -30.86 -89.63
CA ALA P 150 28.15 -31.11 -91.06
C ALA P 150 28.02 -29.77 -91.80
N LYS P 155 26.17 -25.36 -104.75
CA LYS P 155 26.85 -25.12 -106.03
C LYS P 155 25.85 -24.91 -107.16
N VAL P 156 25.89 -23.74 -107.77
CA VAL P 156 25.03 -23.41 -108.91
C VAL P 156 25.86 -23.46 -110.18
N ASP P 157 25.52 -24.37 -111.09
CA ASP P 157 26.28 -24.55 -112.33
C ASP P 157 27.75 -24.77 -112.01
N ASN P 158 28.00 -25.61 -111.00
CA ASN P 158 29.36 -25.92 -110.56
C ASN P 158 30.11 -24.67 -110.12
N ALA P 159 29.38 -23.72 -109.53
CA ALA P 159 29.97 -22.52 -108.96
C ALA P 159 29.50 -22.34 -107.52
N LEU P 160 30.45 -22.15 -106.61
CA LEU P 160 30.13 -22.07 -105.19
C LEU P 160 29.53 -20.72 -104.81
N GLN P 161 28.51 -20.75 -103.96
CA GLN P 161 27.84 -19.53 -103.49
C GLN P 161 28.39 -19.10 -102.14
N SER P 162 27.95 -17.94 -101.67
CA SER P 162 28.38 -17.43 -100.38
C SER P 162 27.50 -16.28 -99.89
N GLY P 163 27.08 -16.34 -98.64
CA GLY P 163 26.34 -15.26 -98.01
C GLY P 163 24.89 -15.14 -98.46
N ASN P 164 24.50 -15.93 -99.44
CA ASN P 164 23.15 -15.85 -100.00
C ASN P 164 22.23 -16.95 -99.45
N SER P 165 22.71 -17.69 -98.46
CA SER P 165 21.96 -18.78 -97.86
C SER P 165 22.18 -18.86 -96.37
N GLN P 166 21.30 -19.58 -95.68
CA GLN P 166 21.39 -19.76 -94.24
C GLN P 166 20.71 -21.06 -93.85
N GLU P 167 21.11 -21.63 -92.71
CA GLU P 167 20.63 -22.95 -92.30
C GLU P 167 19.98 -22.94 -90.92
N SER P 168 19.14 -23.94 -90.67
CA SER P 168 18.46 -24.09 -89.40
C SER P 168 18.52 -25.55 -88.96
N VAL P 169 18.80 -25.77 -87.68
CA VAL P 169 18.95 -27.12 -87.13
C VAL P 169 17.94 -27.39 -86.04
N THR P 170 17.30 -28.56 -86.09
CA THR P 170 16.33 -28.94 -85.07
C THR P 170 17.06 -29.36 -83.80
N GLU P 171 16.30 -29.58 -82.75
CA GLU P 171 16.87 -30.10 -81.51
C GLU P 171 17.01 -31.60 -81.64
N GLN P 172 17.83 -32.19 -80.78
CA GLN P 172 18.05 -33.63 -80.79
C GLN P 172 16.72 -34.33 -80.54
N ASP P 173 16.39 -35.28 -81.42
CA ASP P 173 15.13 -35.99 -81.34
C ASP P 173 14.98 -36.67 -79.98
N SER P 174 13.78 -36.58 -79.40
CA SER P 174 13.53 -37.11 -78.06
C SER P 174 13.51 -38.63 -78.05
N LYS P 175 13.43 -39.25 -79.23
CA LYS P 175 13.35 -40.70 -79.32
C LYS P 175 14.65 -41.31 -79.86
N ASP P 176 14.95 -41.03 -81.13
CA ASP P 176 16.11 -41.65 -81.78
C ASP P 176 17.38 -40.82 -81.65
N SER P 177 17.27 -39.63 -81.06
CA SER P 177 18.42 -38.79 -80.78
C SER P 177 19.18 -38.39 -82.04
N THR P 178 18.45 -38.25 -83.15
CA THR P 178 19.04 -37.84 -84.42
C THR P 178 18.70 -36.38 -84.73
N TYR P 179 19.69 -35.62 -85.18
CA TYR P 179 19.47 -34.25 -85.59
C TYR P 179 18.92 -34.19 -87.00
N SER P 180 18.32 -33.05 -87.35
CA SER P 180 17.89 -32.78 -88.71
C SER P 180 18.29 -31.36 -89.06
N LEU P 181 18.68 -31.13 -90.31
CA LEU P 181 19.19 -29.82 -90.73
C LEU P 181 18.56 -29.37 -92.03
N SER P 182 18.18 -28.11 -92.07
CA SER P 182 17.61 -27.50 -93.27
C SER P 182 18.46 -26.30 -93.71
N SER P 183 18.87 -26.32 -94.97
CA SER P 183 19.64 -25.23 -95.54
C SER P 183 18.82 -24.54 -96.62
N THR P 184 18.62 -23.24 -96.45
CA THR P 184 17.78 -22.46 -97.38
C THR P 184 18.62 -21.50 -98.18
N LEU P 185 18.62 -21.69 -99.50
CA LEU P 185 19.30 -20.78 -100.42
C LEU P 185 18.28 -19.87 -101.10
N THR P 186 18.40 -18.57 -100.84
CA THR P 186 17.46 -17.59 -101.35
C THR P 186 18.13 -16.64 -102.35
N LEU P 187 17.54 -16.55 -103.55
CA LEU P 187 18.01 -15.62 -104.58
C LEU P 187 16.83 -15.08 -105.36
N SER P 188 16.99 -13.87 -105.91
CA SER P 188 15.94 -13.25 -106.72
C SER P 188 15.66 -14.11 -107.95
N LYS P 189 14.40 -14.11 -108.39
CA LYS P 189 13.98 -14.94 -109.51
C LYS P 189 14.74 -14.63 -110.79
N ALA P 190 15.31 -13.44 -110.86
CA ALA P 190 16.10 -13.04 -112.02
C ALA P 190 17.33 -13.93 -112.17
N ASP P 191 18.02 -14.16 -111.06
CA ASP P 191 19.24 -14.97 -111.06
C ASP P 191 18.95 -16.46 -111.22
N TYR P 192 17.73 -16.88 -110.85
CA TYR P 192 17.38 -18.29 -110.87
C TYR P 192 17.40 -18.89 -112.28
N GLU P 193 16.77 -18.23 -113.23
CA GLU P 193 16.67 -18.75 -114.59
C GLU P 193 18.00 -18.68 -115.34
N LYS P 194 18.92 -17.84 -114.86
CA LYS P 194 20.21 -17.68 -115.50
C LYS P 194 21.03 -18.98 -115.43
N HIS P 195 20.64 -19.87 -114.52
CA HIS P 195 21.36 -21.12 -114.31
C HIS P 195 20.40 -22.30 -114.36
N LYS P 196 20.83 -23.37 -115.02
CA LYS P 196 19.99 -24.55 -115.22
C LYS P 196 20.27 -25.63 -114.17
N VAL P 197 21.49 -25.64 -113.65
CA VAL P 197 21.93 -26.68 -112.71
C VAL P 197 22.09 -26.14 -111.31
N TYR P 198 21.52 -26.87 -110.34
CA TYR P 198 21.67 -26.54 -108.94
C TYR P 198 22.12 -27.75 -108.14
N ALA P 199 23.32 -27.64 -107.59
CA ALA P 199 23.98 -28.69 -106.83
C ALA P 199 24.15 -28.24 -105.38
N CYS P 200 23.98 -29.17 -104.45
CA CYS P 200 24.07 -28.83 -103.03
C CYS P 200 25.49 -28.98 -102.49
N GLU P 201 25.95 -27.93 -101.82
CA GLU P 201 27.32 -27.84 -101.32
C GLU P 201 27.70 -29.04 -100.44
N HIS P 204 30.37 -34.28 -94.00
CA HIS P 204 30.01 -34.94 -92.75
C HIS P 204 30.95 -36.10 -92.48
N GLN P 205 31.09 -36.48 -91.21
CA GLN P 205 31.96 -37.58 -90.83
C GLN P 205 31.32 -38.96 -91.01
N GLY P 206 29.99 -39.02 -90.97
CA GLY P 206 29.28 -40.28 -91.13
C GLY P 206 29.09 -40.73 -92.57
N LEU P 207 29.65 -39.97 -93.50
CA LEU P 207 29.60 -40.29 -94.93
C LEU P 207 31.02 -40.32 -95.50
N ARG P 208 31.16 -40.95 -96.67
CA ARG P 208 32.46 -41.17 -97.30
C ARG P 208 33.32 -39.91 -97.33
N SER P 214 20.74 -33.05 -106.15
CA SER P 214 20.73 -31.93 -107.09
C SER P 214 19.54 -32.03 -108.04
N PHE P 215 19.47 -31.09 -108.98
CA PHE P 215 18.43 -31.12 -110.00
C PHE P 215 18.80 -30.23 -111.19
N ASN P 216 17.86 -30.06 -112.12
CA ASN P 216 18.10 -29.31 -113.35
C ASN P 216 16.93 -28.38 -113.66
N ARG P 217 16.77 -28.00 -114.93
CA ARG P 217 15.71 -27.10 -115.37
C ARG P 217 15.96 -25.68 -114.88
C1 NAG Q . 10.86 40.15 39.60
C2 NAG Q . 11.67 40.67 40.79
C3 NAG Q . 11.94 39.55 41.77
C4 NAG Q . 10.65 38.82 42.15
C5 NAG Q . 9.91 38.40 40.89
C6 NAG Q . 8.55 37.80 41.18
C7 NAG Q . 13.22 42.57 40.59
C8 NAG Q . 14.55 43.02 40.07
N2 NAG Q . 12.91 41.28 40.35
O3 NAG Q . 12.55 40.10 42.94
O4 NAG Q . 10.93 37.66 42.92
O5 NAG Q . 9.68 39.55 40.06
O6 NAG Q . 7.70 38.75 41.84
O7 NAG Q . 12.47 43.31 41.19
H2 NAG Q . 11.12 41.35 41.25
H3 NAG Q . 12.56 38.91 41.36
H4 NAG Q . 10.08 39.42 42.67
H5 NAG Q . 10.44 37.76 40.39
H61 NAG Q . 8.66 37.02 41.74
H62 NAG Q . 8.13 37.54 40.33
H81 NAG Q . 14.58 42.87 39.10
H82 NAG Q . 15.26 42.52 40.50
H83 NAG Q . 14.66 43.97 40.26
HN2 NAG Q . 13.50 40.77 39.89
HO3 NAG Q . 12.46 40.98 42.93
HO6 NAG Q . 8.01 38.89 42.65
C1 NAG Q . 11.13 37.98 44.30
C2 NAG Q . 10.28 37.06 45.17
C3 NAG Q . 10.51 37.38 46.64
C4 NAG Q . 12.00 37.34 46.97
C5 NAG Q . 12.77 38.24 46.02
C6 NAG Q . 14.26 38.14 46.20
C7 NAG Q . 8.16 36.26 44.17
C8 NAG Q . 8.90 35.03 43.73
N2 NAG Q . 8.87 37.18 44.84
O3 NAG Q . 9.82 36.42 47.43
O4 NAG Q . 12.20 37.77 48.32
O5 NAG Q . 12.50 37.87 44.66
O6 NAG Q . 14.82 37.12 45.37
O7 NAG Q . 6.97 36.41 43.93
H2 NAG Q . 10.57 36.14 45.01
H3 NAG Q . 10.16 38.26 46.84
H4 NAG Q . 12.32 36.42 46.88
H5 NAG Q . 12.49 39.17 46.16
H61 NAG Q . 14.46 37.93 47.13
H62 NAG Q . 14.67 38.99 45.97
H81 NAG Q . 8.29 34.41 43.29
H82 NAG Q . 9.31 34.59 44.51
H83 NAG Q . 9.61 35.28 43.11
HN2 NAG Q . 8.43 37.93 45.12
HO3 NAG Q . 9.83 35.63 47.03
HO6 NAG Q . 14.16 36.71 44.93
C1 BMA Q . 12.17 36.63 49.19
C2 BMA Q . 13.17 36.83 50.33
C3 BMA Q . 13.11 35.67 51.31
C4 BMA Q . 11.67 35.29 51.66
C5 BMA Q . 10.80 35.14 50.40
C6 BMA Q . 9.36 34.88 50.76
O2 BMA Q . 12.83 37.99 51.07
O3 BMA Q . 13.81 35.96 52.51
O4 BMA Q . 11.65 34.08 52.39
O5 BMA Q . 10.88 36.35 49.65
O6 BMA Q . 8.51 35.18 49.66
H2 BMA Q . 14.18 36.93 49.91
H3 BMA Q . 13.60 34.78 50.87
H4 BMA Q . 11.24 36.12 52.26
H5 BMA Q . 11.16 34.30 49.80
H61 BMA Q . 9.10 35.50 51.64
H62 BMA Q . 9.28 33.82 51.06
HO2 BMA Q . 13.04 37.79 51.99
HO4 BMA Q . 11.32 33.41 51.77
C1 MAN Q . 15.11 35.36 52.52
C2 MAN Q . 15.67 35.52 53.93
C3 MAN Q . 15.93 37.00 54.19
C4 MAN Q . 16.83 37.59 53.10
C5 MAN Q . 16.21 37.34 51.72
C6 MAN Q . 17.11 37.75 50.57
O2 MAN Q . 16.97 34.92 54.11
O3 MAN Q . 16.52 37.21 55.48
O4 MAN Q . 16.97 38.98 53.30
O5 MAN Q . 15.95 35.92 51.56
O6 MAN Q . 17.84 36.61 50.16
H2 MAN Q . 14.95 35.13 54.66
H3 MAN Q . 14.98 37.53 54.19
H4 MAN Q . 17.81 37.08 53.13
H5 MAN Q . 15.27 37.90 51.64
H61 MAN Q . 17.78 38.55 50.92
H62 MAN Q . 16.47 38.15 49.77
HO3 MAN Q . 17.35 36.71 55.46
HO4 MAN Q . 16.08 39.34 53.21
HO6 MAN Q . 17.20 35.94 49.87
C1 MAN Q . 16.96 33.49 54.32
C2 MAN Q . 16.33 33.12 55.67
C3 MAN Q . 17.12 33.76 56.80
C4 MAN Q . 18.61 33.38 56.70
C5 MAN Q . 19.15 33.69 55.28
C6 MAN Q . 20.56 33.18 55.08
O2 MAN Q . 16.40 31.71 55.91
O3 MAN Q . 16.61 33.41 58.08
O4 MAN Q . 19.36 34.11 57.65
O5 MAN Q . 18.30 33.05 54.30
O6 MAN Q . 21.44 33.94 55.92
H2 MAN Q . 15.28 33.48 55.69
H3 MAN Q . 17.04 34.86 56.72
H4 MAN Q . 18.71 32.29 56.88
H5 MAN Q . 19.15 34.77 55.14
H61 MAN Q . 20.83 33.30 54.03
H62 MAN Q . 20.59 32.11 55.34
HO2 MAN Q . 17.24 31.38 55.58
HO3 MAN Q . 17.38 33.25 58.63
HO4 MAN Q . 18.71 34.69 58.10
HO6 MAN Q . 20.92 34.66 56.30
C1 MAN Q . 7.18 35.53 50.15
C2 MAN Q . 6.62 34.44 51.08
C3 MAN Q . 6.44 33.18 50.27
C4 MAN Q . 5.49 33.44 49.10
C5 MAN Q . 5.95 34.65 48.25
C6 MAN Q . 4.86 35.10 47.30
O2 MAN Q . 5.32 34.80 51.54
O3 MAN Q . 5.94 32.11 51.08
O4 MAN Q . 5.43 32.28 48.28
O5 MAN Q . 6.30 35.78 49.09
O6 MAN Q . 5.35 35.05 45.96
H2 MAN Q . 7.31 34.27 51.92
H3 MAN Q . 7.40 32.86 49.89
H4 MAN Q . 4.49 33.67 49.51
H5 MAN Q . 6.83 34.34 47.65
H61 MAN Q . 4.55 36.11 47.58
H62 MAN Q . 4.00 34.43 47.44
HO2 MAN Q . 4.90 35.39 50.91
HO3 MAN Q . 5.41 32.52 51.78
HO4 MAN Q . 6.29 32.25 47.82
C1 MAN Q . 5.14 33.76 45.34
C2 MAN Q . 3.66 33.54 44.94
C3 MAN Q . 3.35 32.05 45.00
C4 MAN Q . 4.54 31.24 44.48
C5 MAN Q . 5.75 31.42 45.42
C6 MAN Q . 7.08 31.39 44.68
O2 MAN Q . 3.42 33.96 43.60
O3 MAN Q . 2.17 31.74 44.25
O4 MAN Q . 4.19 29.86 44.42
O5 MAN Q . 5.66 32.70 46.09
O6 MAN Q . 8.11 31.64 45.62
H2 MAN Q . 3.01 34.09 45.65
H3 MAN Q . 3.15 31.77 46.03
H4 MAN Q . 4.82 31.62 43.48
H5 MAN Q . 5.75 30.61 46.15
H61 MAN Q . 7.06 32.15 43.88
H62 MAN Q . 7.18 30.40 44.22
HO2 MAN Q . 2.59 34.46 43.56
HO3 MAN Q . 2.39 30.93 43.75
HO4 MAN Q . 4.33 29.60 43.49
HO6 MAN Q . 7.81 31.32 46.48
C1 NAG R . -27.23 -11.50 -11.25
C2 NAG R . -27.44 -13.00 -11.46
C3 NAG R . -28.56 -13.24 -12.45
C4 NAG R . -29.82 -12.49 -12.03
C5 NAG R . -29.48 -11.02 -11.81
C6 NAG R . -30.65 -10.21 -11.29
C7 NAG R . -25.52 -14.51 -11.17
C8 NAG R . -24.29 -15.08 -11.80
N2 NAG R . -26.21 -13.64 -11.91
O3 NAG R . -28.82 -14.64 -12.52
O4 NAG R . -30.82 -12.59 -13.02
O5 NAG R . -28.44 -10.91 -10.84
O6 NAG R . -31.11 -10.73 -10.05
O7 NAG R . -25.86 -14.82 -10.03
H2 NAG R . -27.69 -13.39 -10.60
H3 NAG R . -28.29 -12.93 -13.33
H4 NAG R . -30.16 -12.87 -11.19
H5 NAG R . -29.18 -10.63 -12.66
H61 NAG R . -31.38 -10.24 -11.94
H62 NAG R . -30.36 -9.29 -11.16
H81 NAG R . -23.69 -14.34 -12.06
H82 NAG R . -24.53 -15.58 -12.60
H83 NAG R . -23.83 -15.66 -11.17
HN2 NAG R . -25.90 -13.44 -12.74
HO3 NAG R . -28.46 -15.04 -11.83
HO6 NAG R . -31.46 -11.53 -10.18
C1 NAG R . -31.54 -13.83 -12.88
C2 NAG R . -33.04 -13.57 -12.85
C3 NAG R . -33.80 -14.88 -12.72
C4 NAG R . -33.38 -15.84 -13.83
C5 NAG R . -31.88 -16.01 -13.83
C6 NAG R . -31.37 -16.85 -14.98
C7 NAG R . -33.70 -11.38 -11.89
C8 NAG R . -33.67 -10.83 -13.29
N2 NAG R . -33.38 -12.67 -11.76
O3 NAG R . -35.20 -14.61 -12.80
O4 NAG R . -34.02 -17.10 -13.64
O5 NAG R . -31.23 -14.73 -13.95
O6 NAG R . -30.87 -16.05 -16.03
O7 NAG R . -33.99 -10.68 -10.93
H2 NAG R . -33.29 -13.14 -13.69
H3 NAG R . -33.60 -15.29 -11.86
H4 NAG R . -33.66 -15.46 -14.69
H5 NAG R . -31.60 -16.43 -12.98
H61 NAG R . -32.11 -17.40 -15.32
H62 NAG R . -30.66 -17.44 -14.66
H81 NAG R . -33.95 -9.89 -13.28
H82 NAG R . -34.28 -11.35 -13.86
H83 NAG R . -32.76 -10.89 -13.64
HN2 NAG R . -33.40 -13.02 -10.91
HO3 NAG R . -35.34 -13.96 -13.38
HO6 NAG R . -31.19 -15.21 -15.94
C1 BMA R . -35.24 -17.12 -14.41
C2 BMA R . -35.46 -18.54 -14.96
C3 BMA R . -36.78 -18.60 -15.73
C4 BMA R . -37.93 -17.92 -14.98
C5 BMA R . -37.52 -16.52 -14.46
C6 BMA R . -38.61 -15.93 -13.61
O2 BMA R . -35.58 -19.46 -13.90
O3 BMA R . -37.16 -19.94 -16.00
O4 BMA R . -39.05 -17.77 -15.84
O5 BMA R . -36.33 -16.66 -13.67
O6 BMA R . -38.08 -14.88 -12.80
H2 BMA R . -34.63 -18.80 -15.62
H3 BMA R . -36.66 -18.11 -16.71
H4 BMA R . -38.18 -18.53 -14.11
H5 BMA R . -37.33 -15.85 -15.31
H61 BMA R . -39.04 -16.73 -12.99
H62 BMA R . -39.39 -15.56 -14.29
HO2 BMA R . -36.28 -20.09 -14.15
HO4 BMA R . -39.10 -16.82 -16.03
C1 MAN R . -36.84 -20.32 -17.36
C2 MAN R . -37.50 -21.67 -17.60
C3 MAN R . -36.81 -22.71 -16.74
C4 MAN R . -35.29 -22.71 -17.00
C5 MAN R . -34.73 -21.30 -16.76
C6 MAN R . -33.27 -21.18 -17.15
O2 MAN R . -37.31 -22.15 -18.94
O3 MAN R . -37.35 -24.02 -16.96
O4 MAN R . -34.66 -23.63 -16.14
O5 MAN R . -35.46 -20.35 -17.58
O6 MAN R . -33.21 -20.76 -18.51
H2 MAN R . -38.56 -21.61 -17.35
H3 MAN R . -36.98 -22.48 -15.69
H4 MAN R . -35.12 -22.98 -18.06
H5 MAN R . -34.83 -21.05 -15.71
H61 MAN R . -32.79 -22.15 -16.99
H62 MAN R . -32.81 -20.45 -16.46
HO3 MAN R . -37.17 -24.21 -17.90
HO4 MAN R . -34.88 -23.33 -15.24
HO6 MAN R . -33.66 -19.90 -18.57
C1 MAN R . -38.16 -21.57 -19.95
C2 MAN R . -39.63 -21.99 -19.73
C3 MAN R . -39.76 -23.50 -19.82
C4 MAN R . -39.17 -24.02 -21.15
C5 MAN R . -37.74 -23.48 -21.34
C6 MAN R . -37.17 -23.82 -22.71
O2 MAN R . -40.48 -21.47 -20.78
O3 MAN R . -41.11 -23.93 -19.67
O4 MAN R . -39.14 -25.44 -21.13
O5 MAN R . -37.73 -22.03 -21.20
O6 MAN R . -36.95 -25.23 -22.76
H2 MAN R . -39.96 -21.63 -18.74
H3 MAN R . -39.19 -23.95 -18.99
H4 MAN R . -39.80 -23.64 -21.98
H5 MAN R . -37.08 -23.93 -20.58
H61 MAN R . -36.22 -23.26 -22.85
H62 MAN R . -37.89 -23.49 -23.46
HO2 MAN R . -40.02 -21.56 -21.62
HO3 MAN R . -41.18 -24.73 -20.23
HO4 MAN R . -39.44 -25.69 -20.25
HO6 MAN R . -37.15 -25.59 -21.88
C1 MAN R . -38.90 -14.70 -11.62
C2 MAN R . -40.38 -14.51 -12.00
C3 MAN R . -40.51 -13.25 -12.81
C4 MAN R . -40.00 -12.05 -12.01
C5 MAN R . -38.57 -12.31 -11.47
C6 MAN R . -38.19 -11.28 -10.41
O2 MAN R . -41.17 -14.30 -10.82
O3 MAN R . -41.85 -13.03 -13.23
O4 MAN R . -39.98 -10.90 -12.84
O5 MAN R . -38.46 -13.62 -10.85
O6 MAN R . -36.99 -10.61 -10.79
H2 MAN R . -40.73 -15.38 -12.56
H3 MAN R . -39.90 -13.35 -13.72
H4 MAN R . -40.67 -11.90 -11.15
H5 MAN R . -37.85 -12.21 -12.29
H61 MAN R . -38.07 -11.81 -9.44
H62 MAN R . -39.04 -10.58 -10.30
HO2 MAN R . -40.61 -13.99 -10.11
HO3 MAN R . -42.41 -13.38 -12.53
HO4 MAN R . -39.22 -11.02 -13.43
C1 MAN R . -37.27 -9.42 -11.55
C2 MAN R . -37.77 -8.27 -10.65
C3 MAN R . -38.63 -7.32 -11.49
C4 MAN R . -38.07 -7.23 -12.91
C5 MAN R . -38.19 -8.58 -13.62
C6 MAN R . -37.10 -8.81 -14.65
O2 MAN R . -36.70 -7.48 -10.15
O3 MAN R . -38.72 -6.03 -10.90
O4 MAN R . -38.79 -6.24 -13.64
O5 MAN R . -38.11 -9.65 -12.66
O6 MAN R . -37.25 -10.13 -15.18
H2 MAN R . -38.36 -8.69 -9.82
H3 MAN R . -39.65 -7.72 -11.54
H4 MAN R . -37.01 -6.96 -12.85
H5 MAN R . -39.17 -8.63 -14.14
H61 MAN R . -36.12 -8.68 -14.17
H62 MAN R . -37.21 -8.04 -15.43
HO2 MAN R . -36.92 -7.16 -9.27
HO3 MAN R . -38.99 -5.44 -11.62
HO4 MAN R . -38.14 -5.58 -13.90
HO6 MAN R . -38.19 -10.34 -15.16
C1 NAG S . 16.15 -18.99 14.17
C2 NAG S . 15.23 -20.18 14.45
C3 NAG S . 14.78 -20.17 15.92
C4 NAG S . 15.98 -20.07 16.84
C5 NAG S . 16.84 -18.87 16.45
C6 NAG S . 18.11 -18.76 17.26
C7 NAG S . 13.90 -21.05 12.58
C8 NAG S . 12.66 -20.90 11.78
N2 NAG S . 14.07 -20.17 13.58
O3 NAG S . 14.05 -21.36 16.19
O4 NAG S . 15.55 -19.91 18.20
O5 NAG S . 17.24 -19.00 15.08
O6 NAG S . 18.93 -19.92 17.10
O7 NAG S . 14.72 -21.94 12.34
H2 NAG S . 15.73 -21.00 14.30
H3 NAG S . 14.20 -19.41 16.07
H4 NAG S . 16.51 -20.88 16.78
H5 NAG S . 16.32 -18.06 16.56
H61 NAG S . 17.89 -18.66 18.20
H62 NAG S . 18.61 -17.97 16.95
H81 NAG S . 12.63 -19.99 11.39
H82 NAG S . 11.88 -21.03 12.34
H83 NAG S . 12.65 -21.56 11.05
HN2 NAG S . 13.43 -19.54 13.70
HO3 NAG S . 14.31 -22.00 15.63
HO6 NAG S . 18.61 -20.58 17.60
C1 NAG S . 15.29 -21.19 18.81
C2 NAG S . 16.09 -21.36 20.09
C3 NAG S . 15.79 -22.70 20.73
C4 NAG S . 14.29 -22.90 20.91
C5 NAG S . 13.57 -22.65 19.59
C6 NAG S . 12.06 -22.70 19.73
C7 NAG S . 18.28 -20.21 20.24
C8 NAG S . 17.60 -19.12 21.01
N2 NAG S . 17.52 -21.23 19.83
O3 NAG S . 16.44 -22.79 21.99
O4 NAG S . 14.02 -24.23 21.33
O5 NAG S . 13.90 -21.35 19.10
O6 NAG S . 11.52 -21.38 19.83
O7 NAG S . 19.49 -20.16 19.99
H2 NAG S . 15.82 -20.65 20.72
H3 NAG S . 16.13 -23.42 20.15
H4 NAG S . 13.97 -22.27 21.59
H5 NAG S . 13.85 -23.33 18.94
H61 NAG S . 11.83 -23.20 20.53
H62 NAG S . 11.68 -23.14 18.94
H81 NAG S . 18.25 -18.45 21.30
H82 NAG S . 17.17 -19.50 21.80
H83 NAG S . 16.92 -18.69 20.45
HN2 NAG S . 17.92 -21.89 19.35
HO3 NAG S . 16.25 -22.06 22.48
HO6 NAG S . 12.12 -20.84 20.18
C1 BMA S . 13.93 -24.29 22.77
C2 BMA S . 12.91 -25.37 23.15
C3 BMA S . 12.83 -25.53 24.66
C4 BMA S . 14.21 -25.58 25.32
C5 BMA S . 15.15 -24.49 24.79
C6 BMA S . 16.56 -24.68 25.30
O2 BMA S . 13.30 -26.63 22.63
O3 BMA S . 12.12 -26.72 25.02
O4 BMA S . 14.08 -25.45 26.73
O5 BMA S . 15.17 -24.54 23.36
O6 BMA S . 17.49 -23.97 24.50
H2 BMA S . 11.92 -25.08 22.74
H3 BMA S . 12.27 -24.69 25.11
H4 BMA S . 14.67 -26.55 25.05
H5 BMA S . 14.78 -23.50 25.13
H61 BMA S . 16.78 -25.75 25.31
H62 BMA S . 16.57 -24.33 26.35
HO2 BMA S . 13.10 -27.28 23.32
HO4 BMA S . 14.54 -24.61 26.95
C1 MAN S . 10.78 -26.45 25.44
C2 MAN S . 10.23 -27.75 26.06
C3 MAN S . 10.13 -28.80 24.97
C4 MAN S . 9.29 -28.27 23.79
C5 MAN S . 9.88 -26.95 23.28
C6 MAN S . 9.02 -26.30 22.21
O2 MAN S . 8.89 -27.61 26.56
O3 MAN S . 9.57 -30.01 25.47
O4 MAN S . 9.27 -29.23 22.75
O5 MAN S . 9.99 -26.01 24.37
O6 MAN S . 8.24 -25.29 22.84
H2 MAN S . 10.92 -28.08 26.84
H3 MAN S . 11.12 -29.04 24.60
H4 MAN S . 8.26 -28.08 24.16
H5 MAN S . 10.87 -27.15 22.85
H61 MAN S . 8.40 -27.06 21.74
H62 MAN S . 9.70 -25.87 21.46
HO3 MAN S . 8.67 -29.78 25.76
HO4 MAN S . 10.21 -29.44 22.58
HO6 MAN S . 8.83 -24.76 23.39
C1 MAN S . 8.75 -26.99 27.84
C2 MAN S . 9.35 -27.86 28.98
C3 MAN S . 8.57 -29.18 29.07
C4 MAN S . 7.06 -28.92 29.20
C5 MAN S . 6.58 -27.98 28.08
C6 MAN S . 5.12 -27.57 28.23
O2 MAN S . 9.19 -27.24 30.26
O3 MAN S . 9.03 -29.99 30.15
O4 MAN S . 6.35 -30.14 29.13
O5 MAN S . 7.39 -26.77 28.07
O6 MAN S . 4.31 -28.74 28.06
H2 MAN S . 10.40 -28.06 28.76
H3 MAN S . 8.74 -29.75 28.15
H4 MAN S . 6.88 -28.41 30.17
H5 MAN S . 6.69 -28.50 27.11
H61 MAN S . 4.89 -26.81 27.48
H62 MAN S . 5.00 -27.14 29.23
HO2 MAN S . 8.31 -26.85 30.31
HO3 MAN S . 8.26 -30.51 30.42
HO4 MAN S . 7.02 -30.81 28.89
HO6 MAN S . 4.89 -29.44 27.72
C1 MAN S . 18.79 -24.58 24.59
C2 MAN S . 19.25 -24.73 26.05
C3 MAN S . 19.38 -23.35 26.64
C4 MAN S . 20.38 -22.51 25.83
C5 MAN S . 20.04 -22.52 24.32
C6 MAN S . 21.19 -21.98 23.50
O2 MAN S . 20.55 -25.31 26.12
O3 MAN S . 19.77 -23.40 28.01
O4 MAN S . 20.37 -21.18 26.31
O5 MAN S . 19.74 -23.86 23.85
O6 MAN S . 20.73 -20.91 22.67
H2 MAN S . 18.51 -25.33 26.60
H3 MAN S . 18.41 -22.85 26.62
H4 MAN S . 21.38 -22.96 25.95
H5 MAN S . 19.16 -21.87 24.16
H61 MAN S . 21.59 -22.82 22.90
H62 MAN S . 21.97 -21.66 24.20
HO2 MAN S . 21.02 -25.15 25.28
HO3 MAN S . 20.28 -24.23 28.10
HO4 MAN S . 19.54 -20.79 25.98
C1 MAN S . 20.87 -19.64 23.34
C2 MAN S . 22.34 -19.15 23.36
C3 MAN S . 22.55 -18.25 24.56
C4 MAN S . 21.30 -17.40 24.80
C5 MAN S . 20.12 -18.31 25.22
C6 MAN S . 18.78 -17.76 24.78
O2 MAN S . 22.64 -18.36 22.21
O3 MAN S . 23.70 -17.42 24.40
O4 MAN S . 21.54 -16.46 25.82
O5 MAN S . 20.27 -19.61 24.62
O6 MAN S . 17.78 -18.70 25.15
H2 MAN S . 23.00 -20.03 23.42
H3 MAN S . 22.73 -18.86 25.45
H4 MAN S . 21.04 -16.89 23.85
H5 MAN S . 20.12 -18.39 26.30
H61 MAN S . 18.80 -17.59 23.69
H62 MAN S . 18.63 -16.79 25.28
HO2 MAN S . 23.58 -18.48 21.98
HO3 MAN S . 23.63 -16.74 25.09
HO4 MAN S . 21.34 -15.59 25.43
HO6 MAN S . 18.11 -19.20 25.91
C1 NAG T . 13.64 -28.39 -35.95
C2 NAG T . 13.61 -29.73 -35.21
C3 NAG T . 14.88 -30.52 -35.51
C4 NAG T . 15.10 -30.64 -37.00
C5 NAG T . 15.08 -29.25 -37.64
C6 NAG T . 15.20 -29.29 -39.14
C7 NAG T . 12.32 -29.92 -33.13
C8 NAG T . 12.33 -29.65 -31.66
N2 NAG T . 13.43 -29.54 -33.79
O3 NAG T . 14.76 -31.81 -34.92
O4 NAG T . 16.37 -31.25 -37.27
O5 NAG T . 13.84 -28.60 -37.33
O6 NAG T . 14.19 -30.11 -39.72
O7 NAG T . 11.38 -30.45 -33.69
H2 NAG T . 12.85 -30.24 -35.56
H3 NAG T . 15.63 -30.06 -35.10
H4 NAG T . 14.40 -31.18 -37.39
H5 NAG T . 15.82 -28.73 -37.27
H61 NAG T . 16.08 -29.64 -39.39
H62 NAG T . 15.10 -28.39 -39.49
H81 NAG T . 12.46 -28.69 -31.50
H82 NAG T . 13.04 -30.16 -31.23
H83 NAG T . 11.47 -29.92 -31.27
HN2 NAG T . 14.11 -29.15 -33.32
HO3 NAG T . 13.91 -31.96 -34.69
HO6 NAG T . 14.35 -30.97 -39.51
C1 NAG T . 16.25 -32.68 -37.21
C2 NAG T . 16.94 -33.30 -38.41
C3 NAG T . 16.85 -34.82 -38.34
C4 NAG T . 17.39 -35.32 -37.01
C5 NAG T . 16.68 -34.60 -35.86
C6 NAG T . 17.26 -34.96 -34.50
C7 NAG T . 16.94 -31.93 -40.48
C8 NAG T . 18.28 -31.40 -40.05
N2 NAG T . 16.37 -32.83 -39.66
O3 NAG T . 17.58 -35.39 -39.41
O4 NAG T . 17.19 -36.72 -36.90
O5 NAG T . 16.82 -33.18 -36.01
O6 NAG T . 18.23 -34.01 -34.10
O7 NAG T . 16.41 -31.56 -41.52
H2 NAG T . 17.88 -33.06 -38.40
H3 NAG T . 15.91 -35.09 -38.42
H4 NAG T . 18.34 -35.13 -36.97
H5 NAG T . 15.73 -34.84 -35.88
H61 NAG T . 17.66 -35.84 -34.55
H62 NAG T . 16.53 -34.97 -33.85
H81 NAG T . 18.63 -30.79 -40.73
H82 NAG T . 18.90 -32.14 -39.92
H83 NAG T . 18.19 -30.91 -39.21
HN2 NAG T . 15.56 -33.15 -39.91
HO3 NAG T . 18.26 -34.86 -39.62
HO6 NAG T . 18.47 -33.51 -34.79
C1 BMA T . 18.35 -37.39 -37.43
C2 BMA T . 18.61 -38.68 -36.65
C3 BMA T . 19.82 -39.41 -37.23
C4 BMA T . 19.79 -39.47 -38.77
C5 BMA T . 19.44 -38.11 -39.39
C6 BMA T . 19.26 -38.23 -40.88
O2 BMA T . 17.50 -39.56 -36.78
O3 BMA T . 19.91 -40.73 -36.71
O4 BMA T . 21.03 -39.92 -39.25
O5 BMA T . 18.24 -37.61 -38.82
O6 BMA T . 18.59 -37.07 -41.39
H2 BMA T . 18.77 -38.42 -35.60
H3 BMA T . 20.74 -38.90 -36.93
H4 BMA T . 18.98 -40.18 -39.05
H5 BMA T . 20.28 -37.40 -39.20
H61 BMA T . 18.68 -39.14 -41.09
H62 BMA T . 20.26 -38.36 -41.34
HO2 BMA T . 17.87 -40.45 -36.80
HO4 BMA T . 21.43 -39.15 -39.70
C1 MAN T . 20.87 -40.82 -35.66
C2 MAN T . 21.06 -42.31 -35.36
C3 MAN T . 19.79 -42.85 -34.71
C4 MAN T . 19.40 -42.00 -33.50
C5 MAN T . 19.26 -40.52 -33.91
C6 MAN T . 19.01 -39.60 -32.74
O2 MAN T . 22.07 -42.56 -34.37
O3 MAN T . 19.92 -44.21 -34.35
O4 MAN T . 18.17 -42.47 -32.97
O5 MAN T . 20.50 -40.10 -34.54
O6 MAN T . 20.26 -39.06 -32.33
H2 MAN T . 21.27 -42.84 -36.29
H3 MAN T . 18.97 -42.79 -35.45
H4 MAN T . 20.21 -42.08 -32.75
H5 MAN T . 18.42 -40.43 -34.62
H61 MAN T . 18.53 -40.18 -31.94
H62 MAN T . 18.32 -38.82 -33.08
HO3 MAN T . 20.66 -44.23 -33.71
HO4 MAN T . 17.52 -42.31 -33.68
HO6 MAN T . 20.67 -38.65 -33.11
C1 MAN T . 23.44 -42.52 -34.84
C2 MAN T . 23.72 -43.68 -35.81
C3 MAN T . 23.49 -45.00 -35.08
C4 MAN T . 24.33 -45.07 -33.79
C5 MAN T . 24.07 -43.82 -32.92
C6 MAN T . 24.97 -43.74 -31.71
O2 MAN T . 25.10 -43.70 -36.21
O3 MAN T . 23.80 -46.11 -35.92
O4 MAN T . 23.98 -46.23 -33.05
O5 MAN T . 24.27 -42.61 -33.72
O6 MAN T . 24.63 -44.80 -30.83
H2 MAN T . 23.06 -43.60 -36.67
H3 MAN T . 22.44 -45.09 -34.82
H4 MAN T . 25.40 -45.07 -34.06
H5 MAN T . 23.03 -43.85 -32.57
H61 MAN T . 24.85 -42.76 -31.24
H62 MAN T . 26.01 -43.82 -32.06
HO2 MAN T . 25.65 -43.47 -35.45
HO3 MAN T . 24.22 -46.76 -35.33
HO4 MAN T . 23.27 -46.65 -33.56
HO6 MAN T . 23.84 -45.23 -31.18
C1 MAN T . 17.90 -37.40 -42.61
C2 MAN T . 18.82 -38.04 -43.64
C3 MAN T . 19.86 -37.03 -44.05
C4 MAN T . 19.18 -35.78 -44.63
C5 MAN T . 18.11 -35.22 -43.65
C6 MAN T . 17.23 -34.20 -44.34
O2 MAN T . 18.12 -38.37 -44.85
O3 MAN T . 20.79 -37.56 -44.99
O4 MAN T . 20.15 -34.77 -44.87
O5 MAN T . 17.25 -36.29 -43.15
O6 MAN T . 17.26 -32.97 -43.61
H2 MAN T . 19.31 -38.94 -43.21
H3 MAN T . 20.44 -36.73 -43.17
H4 MAN T . 18.67 -36.06 -45.56
H5 MAN T . 18.62 -34.72 -42.81
H61 MAN T . 16.21 -34.61 -44.39
H62 MAN T . 17.59 -34.08 -45.36
HO2 MAN T . 17.34 -37.81 -44.91
HO3 MAN T . 20.31 -38.26 -45.45
HO4 MAN T . 20.38 -34.43 -43.99
C1 MAN T . 18.31 -32.10 -44.08
C2 MAN T . 17.95 -31.44 -45.44
C3 MAN T . 19.24 -31.10 -46.17
C4 MAN T . 20.30 -30.64 -45.18
C5 MAN T . 20.71 -31.81 -44.25
C6 MAN T . 21.14 -31.36 -42.87
O2 MAN T . 17.27 -30.20 -45.26
O3 MAN T . 19.04 -30.12 -47.18
O4 MAN T . 21.46 -30.19 -45.87
O5 MAN T . 19.57 -32.71 -44.08
O6 MAN T . 21.40 -32.52 -42.09
H2 MAN T . 17.35 -32.14 -46.03
H3 MAN T . 19.60 -32.00 -46.68
H4 MAN T . 19.88 -29.84 -44.55
H5 MAN T . 21.54 -32.36 -44.71
H61 MAN T . 20.33 -30.75 -42.43
H62 MAN T . 22.03 -30.73 -42.99
HO2 MAN T . 16.63 -30.08 -45.96
HO3 MAN T . 19.92 -29.75 -47.36
HO4 MAN T . 21.58 -29.27 -45.59
HO6 MAN T . 21.66 -33.23 -42.69
#